data_6UYJ
#
_entry.id   6UYJ
#
loop_
_entity.id
_entity.type
_entity.pdbx_description
1 polymer Ubiquitin
2 polymer Ubiquitin
3 polymer 'Proteasomal ubiquitin receptor ADRM1'
4 polymer '26S proteasome non-ATPase regulatory subunit 1'
#
loop_
_entity_poly.entity_id
_entity_poly.type
_entity_poly.pdbx_seq_one_letter_code
_entity_poly.pdbx_strand_id
1 'polypeptide(L)' MQIFVKTLTGKTITLEVEPSDTIENVKAKIQDKEGIPPDQQRLIFAGKQLEDGRTLSDYNIQKESTLHLVLRLRGGD C
2 'polypeptide(L)' MQIFVKTLTGKTITLEVEPSDTIENVKAKIQDKEGIPPDQQRLIFAGRQLEDGRTLSDYNIQKESTLHLVLRLRGG D
3 'polypeptide(L)'
;GPGSMTTSGALFPSLVPGSRGASNKYLVEFRAGKMSLKGTTVTPDKRKGLVYIQQTDDSLIHFCWKDRTSGNVEDDLIIF
PDDCEFKRVPQCPSGRVYVLKFKAGSKRLFFWMQEPKTDQDEEHCRKVNEYLNNPPMPGALGASGSSGHELSAL
;
A
4 'polypeptide(L)' GPGSQEPEPPEPFEYIDD B
#
# COMPACT_ATOMS: atom_id res chain seq x y z
N MET A 1 7.61 33.66 -5.30
CA MET A 1 7.64 32.93 -3.99
C MET A 1 8.81 31.96 -4.01
N GLN A 2 10.01 32.50 -3.97
CA GLN A 2 11.20 31.68 -3.97
C GLN A 2 11.25 30.81 -2.73
N ILE A 3 12.02 29.74 -2.81
CA ILE A 3 12.16 28.81 -1.70
C ILE A 3 13.61 28.38 -1.54
N PHE A 4 14.01 28.08 -0.33
CA PHE A 4 15.38 27.68 -0.07
C PHE A 4 15.53 26.16 -0.15
N VAL A 5 16.44 25.70 -0.99
CA VAL A 5 16.65 24.26 -1.13
C VAL A 5 17.99 23.87 -0.51
N LYS A 6 17.95 23.10 0.57
CA LYS A 6 19.18 22.68 1.23
C LYS A 6 19.66 21.34 0.66
N THR A 7 20.90 21.34 0.17
CA THR A 7 21.49 20.14 -0.40
C THR A 7 22.09 19.25 0.68
N LEU A 8 22.55 18.08 0.28
CA LEU A 8 23.15 17.13 1.21
C LEU A 8 24.37 17.75 1.89
N THR A 9 25.14 18.50 1.12
CA THR A 9 26.34 19.13 1.64
C THR A 9 25.97 20.31 2.56
N GLY A 10 24.69 20.68 2.58
CA GLY A 10 24.24 21.79 3.42
C GLY A 10 24.12 23.07 2.60
N LYS A 11 24.64 23.06 1.37
CA LYS A 11 24.56 24.23 0.51
C LYS A 11 23.11 24.56 0.20
N THR A 12 22.71 25.79 0.46
CA THR A 12 21.33 26.21 0.21
C THR A 12 21.22 26.96 -1.11
N ILE A 13 20.22 26.60 -1.89
CA ILE A 13 20.01 27.21 -3.20
C ILE A 13 18.59 27.75 -3.31
N THR A 14 18.44 29.07 -3.25
CA THR A 14 17.12 29.65 -3.35
C THR A 14 16.63 29.61 -4.79
N LEU A 15 15.42 29.11 -5.00
CA LEU A 15 14.86 29.03 -6.34
C LEU A 15 13.54 29.78 -6.41
N GLU A 16 13.43 30.71 -7.36
CA GLU A 16 12.21 31.47 -7.52
C GLU A 16 11.09 30.61 -8.07
N VAL A 17 10.08 30.37 -7.25
CA VAL A 17 8.95 29.55 -7.65
C VAL A 17 7.63 30.20 -7.26
N GLU A 18 6.55 29.77 -7.89
CA GLU A 18 5.22 30.32 -7.59
C GLU A 18 4.43 29.32 -6.75
N PRO A 19 3.48 29.79 -5.97
CA PRO A 19 2.66 28.89 -5.10
C PRO A 19 1.95 27.80 -5.91
N SER A 20 1.50 28.15 -7.11
CA SER A 20 0.81 27.18 -7.96
C SER A 20 1.82 26.38 -8.80
N ASP A 21 3.11 26.68 -8.63
CA ASP A 21 4.14 25.99 -9.38
C ASP A 21 4.15 24.50 -9.06
N THR A 22 4.29 23.68 -10.09
CA THR A 22 4.31 22.24 -9.91
C THR A 22 5.67 21.77 -9.41
N ILE A 23 5.71 20.55 -8.89
CA ILE A 23 6.95 19.97 -8.37
C ILE A 23 7.95 19.80 -9.51
N GLU A 24 7.45 19.41 -10.68
CA GLU A 24 8.30 19.20 -11.84
C GLU A 24 9.04 20.49 -12.18
N ASN A 25 8.33 21.61 -12.11
CA ASN A 25 8.94 22.90 -12.41
C ASN A 25 10.04 23.21 -11.40
N VAL A 26 9.78 22.90 -10.14
CA VAL A 26 10.76 23.16 -9.09
C VAL A 26 12.02 22.32 -9.30
N LYS A 27 11.83 21.06 -9.66
CA LYS A 27 12.96 20.16 -9.91
C LYS A 27 13.83 20.69 -11.04
N ALA A 28 13.18 21.23 -12.07
CA ALA A 28 13.90 21.79 -13.21
C ALA A 28 14.78 22.93 -12.75
N LYS A 29 14.25 23.76 -11.85
CA LYS A 29 15.02 24.89 -11.35
C LYS A 29 16.28 24.39 -10.68
N ILE A 30 16.14 23.28 -9.95
CA ILE A 30 17.28 22.68 -9.27
C ILE A 30 18.30 22.19 -10.29
N GLN A 31 17.80 21.57 -11.35
CA GLN A 31 18.67 21.04 -12.41
C GLN A 31 19.47 22.15 -13.07
N ASP A 32 18.84 23.30 -13.28
CA ASP A 32 19.50 24.43 -13.91
C ASP A 32 20.33 25.23 -12.91
N LYS A 33 20.46 24.71 -11.69
CA LYS A 33 21.23 25.40 -10.66
C LYS A 33 22.44 24.57 -10.25
N GLU A 34 22.22 23.27 -10.05
CA GLU A 34 23.30 22.38 -9.65
C GLU A 34 23.58 21.32 -10.72
N GLY A 35 22.84 21.39 -11.84
CA GLY A 35 23.04 20.41 -12.89
C GLY A 35 22.50 19.05 -12.46
N ILE A 36 21.62 19.04 -11.46
CA ILE A 36 21.06 17.79 -10.97
C ILE A 36 19.93 17.32 -11.90
N PRO A 37 20.02 16.14 -12.50
CA PRO A 37 18.94 15.64 -13.42
C PRO A 37 17.68 15.23 -12.64
N PRO A 38 16.52 15.32 -13.24
CA PRO A 38 15.23 14.95 -12.57
C PRO A 38 15.26 13.54 -11.99
N ASP A 39 16.10 12.69 -12.55
CA ASP A 39 16.20 11.31 -12.09
C ASP A 39 17.29 11.14 -11.03
N GLN A 40 17.64 12.25 -10.37
CA GLN A 40 18.68 12.20 -9.34
C GLN A 40 18.47 13.31 -8.30
N GLN A 41 17.26 13.38 -7.76
CA GLN A 41 16.94 14.38 -6.75
C GLN A 41 15.56 14.14 -6.16
N ARG A 42 15.45 14.34 -4.85
CA ARG A 42 14.18 14.16 -4.16
C ARG A 42 13.90 15.40 -3.33
N LEU A 43 12.69 15.95 -3.50
CA LEU A 43 12.29 17.14 -2.77
C LEU A 43 11.32 16.77 -1.66
N ILE A 44 11.70 17.06 -0.42
CA ILE A 44 10.84 16.75 0.73
C ILE A 44 10.65 17.99 1.59
N PHE A 45 9.40 18.31 1.90
CA PHE A 45 9.11 19.49 2.71
C PHE A 45 8.17 19.14 3.86
N ALA A 46 8.53 19.54 5.07
CA ALA A 46 7.71 19.26 6.24
C ALA A 46 7.56 17.75 6.44
N GLY A 47 8.54 16.99 5.96
CA GLY A 47 8.49 15.55 6.09
C GLY A 47 7.59 14.91 5.02
N LYS A 48 7.04 15.74 4.13
CA LYS A 48 6.18 15.25 3.08
C LYS A 48 6.91 15.24 1.75
N GLN A 49 6.93 14.09 1.09
CA GLN A 49 7.60 13.97 -0.20
C GLN A 49 6.81 14.69 -1.28
N LEU A 50 7.50 15.50 -2.07
CA LEU A 50 6.84 16.25 -3.14
C LEU A 50 6.70 15.36 -4.37
N GLU A 51 5.52 14.74 -4.51
CA GLU A 51 5.26 13.86 -5.65
C GLU A 51 5.03 14.67 -6.92
N ASP A 52 5.42 14.10 -8.05
CA ASP A 52 5.24 14.77 -9.32
C ASP A 52 3.76 14.99 -9.62
N GLY A 53 3.44 16.18 -10.13
CA GLY A 53 2.06 16.52 -10.45
C GLY A 53 1.46 17.43 -9.37
N ARG A 54 2.08 17.45 -8.19
CA ARG A 54 1.62 18.29 -7.10
C ARG A 54 2.16 19.70 -7.25
N THR A 55 1.77 20.58 -6.35
CA THR A 55 2.22 21.96 -6.38
C THR A 55 2.82 22.36 -5.04
N LEU A 56 3.52 23.47 -5.01
CA LEU A 56 4.14 23.92 -3.77
C LEU A 56 3.06 24.22 -2.73
N SER A 57 1.97 24.81 -3.16
CA SER A 57 0.87 25.14 -2.25
C SER A 57 0.27 23.87 -1.66
N ASP A 58 0.34 22.76 -2.41
CA ASP A 58 -0.20 21.50 -1.93
C ASP A 58 0.51 21.06 -0.67
N TYR A 59 1.77 21.43 -0.56
CA TYR A 59 2.58 21.08 0.60
C TYR A 59 2.73 22.26 1.55
N ASN A 60 1.90 23.28 1.37
CA ASN A 60 1.96 24.47 2.21
C ASN A 60 3.35 25.06 2.18
N ILE A 61 3.93 25.13 0.99
CA ILE A 61 5.28 25.69 0.83
C ILE A 61 5.18 27.16 0.45
N GLN A 62 5.55 28.02 1.40
CA GLN A 62 5.51 29.46 1.17
C GLN A 62 6.89 29.97 0.77
N LYS A 63 7.01 31.28 0.64
CA LYS A 63 8.28 31.88 0.24
C LYS A 63 9.33 31.64 1.33
N GLU A 64 10.59 31.54 0.93
CA GLU A 64 11.68 31.33 1.87
C GLU A 64 11.44 30.07 2.70
N SER A 65 10.98 29.00 2.03
CA SER A 65 10.73 27.74 2.71
C SER A 65 11.89 26.79 2.46
N THR A 66 12.43 26.24 3.55
CA THR A 66 13.55 25.31 3.44
C THR A 66 13.05 23.94 3.00
N LEU A 67 13.65 23.40 1.94
CA LEU A 67 13.27 22.10 1.42
C LEU A 67 14.45 21.13 1.50
N HIS A 68 14.15 19.88 1.82
CA HIS A 68 15.19 18.87 1.93
C HIS A 68 15.47 18.25 0.55
N LEU A 69 16.70 18.43 0.08
CA LEU A 69 17.10 17.89 -1.22
C LEU A 69 18.01 16.69 -1.02
N VAL A 70 17.61 15.56 -1.59
CA VAL A 70 18.41 14.34 -1.47
C VAL A 70 18.81 13.82 -2.84
N LEU A 71 20.09 13.50 -2.99
CA LEU A 71 20.58 13.01 -4.27
C LEU A 71 20.85 11.50 -4.20
N ARG A 72 20.55 10.81 -5.29
CA ARG A 72 20.75 9.37 -5.33
C ARG A 72 22.23 9.05 -5.56
N LEU A 73 22.97 8.95 -4.45
CA LEU A 73 24.39 8.65 -4.55
C LEU A 73 24.63 7.26 -5.11
N ARG A 74 23.88 6.29 -4.60
CA ARG A 74 24.01 4.92 -5.08
C ARG A 74 23.63 4.83 -6.55
N GLY A 75 22.60 5.58 -6.92
CA GLY A 75 22.13 5.60 -8.29
C GLY A 75 21.25 4.39 -8.59
N GLY A 76 20.81 3.70 -7.53
CA GLY A 76 19.96 2.53 -7.68
C GLY A 76 20.64 1.47 -8.55
N ASP A 77 19.90 0.95 -9.52
CA ASP A 77 20.45 -0.07 -10.41
C ASP A 77 20.89 0.55 -11.73
N MET B 1 -25.58 -4.81 -4.81
CA MET B 1 -24.38 -5.40 -4.14
C MET B 1 -23.59 -4.29 -3.45
N GLN B 2 -24.10 -3.85 -2.31
CA GLN B 2 -23.44 -2.81 -1.55
C GLN B 2 -22.07 -3.27 -1.08
N ILE B 3 -21.23 -2.32 -0.72
CA ILE B 3 -19.88 -2.64 -0.27
C ILE B 3 -19.46 -1.67 0.83
N PHE B 4 -18.80 -2.19 1.85
CA PHE B 4 -18.37 -1.37 2.98
C PHE B 4 -17.03 -0.71 2.69
N VAL B 5 -17.00 0.61 2.71
CA VAL B 5 -15.76 1.32 2.45
C VAL B 5 -15.12 1.79 3.74
N LYS B 6 -14.01 1.15 4.12
CA LYS B 6 -13.34 1.51 5.35
C LYS B 6 -12.33 2.64 5.10
N THR B 7 -12.53 3.75 5.78
CA THR B 7 -11.65 4.91 5.63
C THR B 7 -10.39 4.72 6.46
N LEU B 8 -9.43 5.61 6.26
CA LEU B 8 -8.18 5.52 6.99
C LEU B 8 -8.41 5.77 8.48
N THR B 9 -9.52 6.44 8.79
CA THR B 9 -9.85 6.72 10.18
C THR B 9 -10.66 5.57 10.79
N GLY B 10 -10.92 4.54 9.99
CA GLY B 10 -11.69 3.40 10.47
C GLY B 10 -13.18 3.57 10.19
N LYS B 11 -13.57 4.77 9.72
CA LYS B 11 -14.97 5.03 9.42
C LYS B 11 -15.40 4.22 8.21
N THR B 12 -16.35 3.30 8.43
CA THR B 12 -16.83 2.45 7.35
C THR B 12 -18.07 3.06 6.69
N ILE B 13 -18.12 3.00 5.37
CA ILE B 13 -19.23 3.57 4.63
C ILE B 13 -19.77 2.57 3.60
N THR B 14 -20.93 1.99 3.87
CA THR B 14 -21.50 1.03 2.95
C THR B 14 -22.22 1.74 1.81
N LEU B 15 -21.84 1.41 0.58
CA LEU B 15 -22.46 2.03 -0.58
C LEU B 15 -23.08 0.98 -1.50
N GLU B 16 -24.36 1.14 -1.77
CA GLU B 16 -25.08 0.20 -2.65
C GLU B 16 -24.54 0.29 -4.08
N VAL B 17 -23.84 -0.75 -4.51
CA VAL B 17 -23.27 -0.76 -5.85
C VAL B 17 -23.57 -2.09 -6.54
N GLU B 18 -23.41 -2.12 -7.86
CA GLU B 18 -23.66 -3.34 -8.62
C GLU B 18 -22.33 -3.90 -9.13
N PRO B 19 -22.22 -5.20 -9.28
CA PRO B 19 -20.95 -5.83 -9.76
C PRO B 19 -20.46 -5.24 -11.07
N SER B 20 -21.38 -5.00 -11.99
CA SER B 20 -21.04 -4.42 -13.29
C SER B 20 -20.60 -2.96 -13.14
N ASP B 21 -20.96 -2.35 -12.03
CA ASP B 21 -20.60 -0.96 -11.79
C ASP B 21 -19.08 -0.78 -11.84
N THR B 22 -18.64 0.27 -12.50
CA THR B 22 -17.20 0.54 -12.63
C THR B 22 -16.66 1.17 -11.35
N ILE B 23 -15.34 1.20 -11.23
CA ILE B 23 -14.71 1.77 -10.05
C ILE B 23 -14.97 3.27 -10.01
N GLU B 24 -14.97 3.90 -11.18
CA GLU B 24 -15.20 5.34 -11.26
C GLU B 24 -16.55 5.69 -10.64
N ASN B 25 -17.57 4.89 -10.96
CA ASN B 25 -18.90 5.14 -10.42
C ASN B 25 -18.88 4.98 -8.90
N VAL B 26 -18.17 3.97 -8.43
CA VAL B 26 -18.08 3.73 -6.99
C VAL B 26 -17.42 4.90 -6.28
N LYS B 27 -16.35 5.44 -6.88
CA LYS B 27 -15.64 6.56 -6.28
C LYS B 27 -16.57 7.75 -6.11
N ALA B 28 -17.41 7.98 -7.12
CA ALA B 28 -18.36 9.08 -7.07
C ALA B 28 -19.33 8.89 -5.91
N LYS B 29 -19.74 7.65 -5.69
CA LYS B 29 -20.67 7.36 -4.62
C LYS B 29 -20.05 7.78 -3.30
N ILE B 30 -18.75 7.54 -3.17
CA ILE B 30 -18.04 7.94 -1.96
C ILE B 30 -18.04 9.46 -1.83
N GLN B 31 -17.89 10.14 -2.95
CA GLN B 31 -17.88 11.60 -2.94
C GLN B 31 -19.21 12.11 -2.38
N ASP B 32 -20.31 11.54 -2.85
CA ASP B 32 -21.63 11.97 -2.37
C ASP B 32 -21.82 11.65 -0.88
N LYS B 33 -21.25 10.53 -0.44
CA LYS B 33 -21.38 10.11 0.97
C LYS B 33 -20.28 10.68 1.86
N GLU B 34 -19.31 11.39 1.28
CA GLU B 34 -18.21 11.95 2.07
C GLU B 34 -17.74 13.25 1.47
N GLY B 35 -17.43 13.21 0.18
CA GLY B 35 -16.96 14.40 -0.51
C GLY B 35 -15.55 14.21 -1.02
N ILE B 36 -15.06 12.98 -1.01
CA ILE B 36 -13.72 12.71 -1.47
C ILE B 36 -13.70 12.57 -2.99
N PRO B 37 -12.96 13.40 -3.71
CA PRO B 37 -12.88 13.30 -5.19
C PRO B 37 -12.01 12.12 -5.62
N PRO B 38 -12.10 11.72 -6.85
CA PRO B 38 -11.31 10.57 -7.39
C PRO B 38 -9.81 10.80 -7.28
N ASP B 39 -9.40 12.04 -7.44
CA ASP B 39 -7.98 12.39 -7.36
C ASP B 39 -7.42 12.09 -5.97
N GLN B 40 -8.21 12.40 -4.94
CA GLN B 40 -7.79 12.18 -3.56
C GLN B 40 -8.25 10.81 -3.07
N GLN B 41 -9.22 10.23 -3.77
CA GLN B 41 -9.76 8.94 -3.39
C GLN B 41 -9.09 7.80 -4.14
N ARG B 42 -8.66 6.79 -3.40
CA ARG B 42 -8.02 5.63 -4.00
C ARG B 42 -8.61 4.36 -3.41
N LEU B 43 -9.49 3.71 -4.17
CA LEU B 43 -10.12 2.47 -3.71
C LEU B 43 -9.21 1.29 -3.96
N ILE B 44 -8.99 0.47 -2.94
CA ILE B 44 -8.13 -0.69 -3.07
C ILE B 44 -8.83 -1.95 -2.55
N PHE B 45 -8.81 -3.02 -3.35
CA PHE B 45 -9.46 -4.27 -2.95
C PHE B 45 -8.74 -5.46 -3.58
N ALA B 46 -8.88 -6.63 -2.95
CA ALA B 46 -8.24 -7.85 -3.43
C ALA B 46 -6.73 -7.76 -3.26
N GLY B 47 -6.29 -6.89 -2.37
CA GLY B 47 -4.86 -6.72 -2.11
C GLY B 47 -4.22 -5.83 -3.17
N ARG B 48 -5.00 -5.41 -4.16
CA ARG B 48 -4.48 -4.56 -5.22
C ARG B 48 -5.37 -3.34 -5.41
N GLN B 49 -4.74 -2.24 -5.78
CA GLN B 49 -5.48 -1.01 -6.00
C GLN B 49 -6.35 -1.12 -7.24
N LEU B 50 -7.55 -0.56 -7.14
CA LEU B 50 -8.48 -0.61 -8.26
C LEU B 50 -8.05 0.34 -9.37
N GLU B 51 -8.29 -0.06 -10.61
CA GLU B 51 -7.90 0.78 -11.75
C GLU B 51 -8.86 1.97 -11.92
N ASP B 52 -9.99 1.74 -12.58
CA ASP B 52 -10.97 2.81 -12.80
C ASP B 52 -12.16 2.28 -13.63
N GLY B 53 -11.89 2.06 -14.92
CA GLY B 53 -12.92 1.56 -15.83
C GLY B 53 -13.32 0.13 -15.48
N ARG B 54 -12.47 -0.55 -14.71
CA ARG B 54 -12.75 -1.93 -14.31
C ARG B 54 -14.05 -2.01 -13.53
N THR B 55 -14.67 -3.19 -13.55
CA THR B 55 -15.92 -3.39 -12.83
C THR B 55 -15.66 -4.01 -11.47
N LEU B 56 -16.64 -3.97 -10.58
CA LEU B 56 -16.48 -4.55 -9.26
C LEU B 56 -16.26 -6.05 -9.35
N SER B 57 -16.99 -6.69 -10.26
CA SER B 57 -16.86 -8.13 -10.44
C SER B 57 -15.44 -8.49 -10.91
N ASP B 58 -14.76 -7.53 -11.52
CA ASP B 58 -13.40 -7.75 -12.00
C ASP B 58 -12.48 -8.09 -10.83
N TYR B 59 -12.71 -7.42 -9.71
CA TYR B 59 -11.90 -7.63 -8.52
C TYR B 59 -12.59 -8.59 -7.54
N ASN B 60 -13.59 -9.32 -8.04
CA ASN B 60 -14.31 -10.25 -7.20
C ASN B 60 -14.88 -9.54 -5.98
N ILE B 61 -15.37 -8.32 -6.19
CA ILE B 61 -15.94 -7.54 -5.10
C ILE B 61 -17.41 -7.92 -4.92
N GLN B 62 -17.67 -8.71 -3.88
CA GLN B 62 -19.04 -9.15 -3.59
C GLN B 62 -19.74 -8.19 -2.64
N LYS B 63 -20.98 -8.49 -2.34
CA LYS B 63 -21.74 -7.63 -1.45
C LYS B 63 -21.07 -7.59 -0.08
N GLU B 64 -21.24 -6.46 0.60
CA GLU B 64 -20.65 -6.27 1.92
C GLU B 64 -19.12 -6.39 1.87
N SER B 65 -18.55 -6.28 0.68
CA SER B 65 -17.11 -6.35 0.52
C SER B 65 -16.46 -5.14 1.17
N THR B 66 -15.48 -5.38 2.02
CA THR B 66 -14.80 -4.27 2.69
C THR B 66 -13.68 -3.73 1.81
N LEU B 67 -13.93 -2.57 1.22
CA LEU B 67 -12.94 -1.95 0.35
C LEU B 67 -12.08 -0.98 1.15
N HIS B 68 -10.81 -0.92 0.82
CA HIS B 68 -9.90 -0.03 1.54
C HIS B 68 -9.84 1.33 0.85
N LEU B 69 -10.16 2.39 1.60
CA LEU B 69 -10.13 3.73 1.06
C LEU B 69 -8.84 4.44 1.47
N VAL B 70 -8.06 4.82 0.48
CA VAL B 70 -6.79 5.52 0.73
C VAL B 70 -6.92 6.96 0.29
N LEU B 71 -6.56 7.88 1.18
CA LEU B 71 -6.65 9.30 0.88
C LEU B 71 -5.27 9.91 0.70
N ARG B 72 -5.11 10.76 -0.31
CA ARG B 72 -3.83 11.40 -0.58
C ARG B 72 -3.61 12.56 0.38
N LEU B 73 -2.65 13.44 0.05
CA LEU B 73 -2.37 14.59 0.90
C LEU B 73 -3.56 15.52 0.92
N ARG B 74 -3.81 16.12 2.09
CA ARG B 74 -4.93 17.04 2.25
C ARG B 74 -4.46 18.48 2.11
N GLY B 75 -3.38 18.68 1.37
CA GLY B 75 -2.83 20.01 1.18
C GLY B 75 -1.82 20.35 2.29
N GLY B 76 -1.50 19.37 3.13
CA GLY B 76 -0.54 19.59 4.20
C GLY B 76 0.38 18.38 4.36
N ASN C 24 12.46 3.42 1.14
CA ASN C 24 11.39 2.53 1.67
C ASN C 24 12.02 1.23 2.17
N LYS C 25 12.26 1.16 3.47
CA LYS C 25 12.85 -0.03 4.07
C LYS C 25 11.87 -1.20 4.00
N TYR C 26 12.39 -2.41 3.97
CA TYR C 26 11.55 -3.58 3.91
C TYR C 26 11.24 -4.08 5.31
N LEU C 27 9.97 -4.23 5.59
CA LEU C 27 9.53 -4.69 6.88
C LEU C 27 9.96 -6.14 7.08
N VAL C 28 9.88 -6.93 6.01
CA VAL C 28 10.28 -8.34 6.09
C VAL C 28 10.86 -8.78 4.76
N GLU C 29 11.60 -9.87 4.80
CA GLU C 29 12.20 -10.40 3.59
C GLU C 29 12.86 -11.74 3.86
N PHE C 30 12.43 -12.74 3.11
CA PHE C 30 13.00 -14.08 3.26
C PHE C 30 12.87 -14.85 1.95
N ARG C 31 13.72 -15.86 1.77
CA ARG C 31 13.69 -16.65 0.55
C ARG C 31 12.48 -17.57 0.53
N ALA C 32 11.64 -17.41 -0.47
CA ALA C 32 10.47 -18.25 -0.61
C ALA C 32 10.05 -18.34 -2.06
N GLY C 33 9.54 -19.50 -2.44
CA GLY C 33 9.10 -19.73 -3.81
C GLY C 33 7.58 -19.87 -3.86
N LYS C 34 7.00 -19.56 -5.01
CA LYS C 34 5.56 -19.66 -5.18
C LYS C 34 5.14 -21.06 -5.61
N MET C 35 3.88 -21.41 -5.36
CA MET C 35 3.38 -22.74 -5.72
C MET C 35 2.12 -22.59 -6.59
N SER C 36 1.60 -23.71 -7.11
CA SER C 36 0.40 -23.66 -7.94
C SER C 36 -0.64 -24.64 -7.42
N LEU C 37 -1.81 -24.13 -7.08
CA LEU C 37 -2.87 -24.99 -6.59
C LEU C 37 -3.96 -25.13 -7.65
N LYS C 38 -4.16 -26.35 -8.10
CA LYS C 38 -5.18 -26.62 -9.10
C LYS C 38 -6.13 -27.70 -8.59
N GLY C 39 -7.41 -27.35 -8.49
CA GLY C 39 -8.41 -28.29 -8.01
C GLY C 39 -8.21 -28.54 -6.52
N THR C 40 -7.41 -29.55 -6.19
CA THR C 40 -7.12 -29.88 -4.79
C THR C 40 -5.69 -30.34 -4.63
N THR C 41 -4.83 -29.97 -5.58
CA THR C 41 -3.43 -30.37 -5.51
C THR C 41 -2.52 -29.14 -5.54
N VAL C 42 -1.58 -29.09 -4.60
CA VAL C 42 -0.64 -27.98 -4.53
C VAL C 42 0.73 -28.43 -4.99
N THR C 43 1.24 -27.80 -6.04
CA THR C 43 2.55 -28.15 -6.56
C THR C 43 3.51 -26.96 -6.46
N PRO C 44 4.65 -27.09 -5.81
CA PRO C 44 5.60 -25.94 -5.69
C PRO C 44 6.28 -25.59 -7.01
N ASP C 45 6.47 -24.30 -7.24
CA ASP C 45 7.11 -23.83 -8.45
C ASP C 45 8.61 -23.69 -8.21
N LYS C 46 9.41 -24.22 -9.12
CA LYS C 46 10.85 -24.15 -8.99
C LYS C 46 11.34 -22.70 -9.14
N ARG C 47 10.44 -21.78 -9.51
CA ARG C 47 10.83 -20.40 -9.66
C ARG C 47 11.02 -19.77 -8.28
N LYS C 48 12.13 -20.13 -7.65
CA LYS C 48 12.44 -19.62 -6.32
C LYS C 48 12.36 -18.12 -6.34
N GLY C 49 11.74 -17.54 -5.31
CA GLY C 49 11.61 -16.10 -5.24
C GLY C 49 12.00 -15.57 -3.88
N LEU C 50 11.55 -14.35 -3.59
CA LEU C 50 11.82 -13.73 -2.31
C LEU C 50 10.57 -13.04 -1.83
N VAL C 51 10.12 -13.37 -0.64
CA VAL C 51 8.93 -12.74 -0.11
C VAL C 51 9.33 -11.62 0.83
N TYR C 52 9.11 -10.40 0.40
CA TYR C 52 9.46 -9.27 1.24
C TYR C 52 8.32 -8.25 1.31
N ILE C 53 8.28 -7.50 2.40
CA ILE C 53 7.25 -6.51 2.64
C ILE C 53 7.84 -5.14 2.81
N GLN C 54 7.17 -4.13 2.25
CA GLN C 54 7.66 -2.76 2.38
C GLN C 54 6.48 -1.80 2.53
N GLN C 55 6.67 -0.80 3.36
CA GLN C 55 5.63 0.18 3.58
C GLN C 55 5.96 1.48 2.87
N THR C 56 5.01 1.97 2.11
CA THR C 56 5.23 3.21 1.38
C THR C 56 4.84 4.42 2.20
N ASP C 57 5.13 5.59 1.66
CA ASP C 57 4.80 6.83 2.35
C ASP C 57 3.28 6.95 2.48
N ASP C 58 2.55 6.09 1.78
CA ASP C 58 1.10 6.12 1.85
C ASP C 58 0.61 5.30 3.04
N SER C 59 1.54 4.68 3.78
CA SER C 59 1.19 3.86 4.92
C SER C 59 0.52 2.58 4.49
N LEU C 60 0.74 2.23 3.23
CA LEU C 60 0.19 1.02 2.67
C LEU C 60 1.28 -0.01 2.60
N ILE C 61 1.00 -1.17 3.16
CA ILE C 61 1.97 -2.24 3.16
C ILE C 61 1.94 -2.93 1.82
N HIS C 62 3.10 -3.06 1.22
CA HIS C 62 3.21 -3.69 -0.08
C HIS C 62 3.78 -5.10 0.04
N PHE C 63 2.98 -6.08 -0.37
CA PHE C 63 3.42 -7.46 -0.34
C PHE C 63 3.97 -7.80 -1.70
N CYS C 64 5.28 -7.95 -1.79
CA CYS C 64 5.91 -8.23 -3.06
C CYS C 64 6.66 -9.55 -3.08
N TRP C 65 6.57 -10.21 -4.22
CA TRP C 65 7.26 -11.48 -4.43
C TRP C 65 8.13 -11.34 -5.68
N LYS C 66 9.43 -11.41 -5.48
CA LYS C 66 10.35 -11.27 -6.59
C LYS C 66 10.95 -12.60 -6.95
N ASP C 67 11.19 -12.79 -8.25
CA ASP C 67 11.78 -14.04 -8.71
C ASP C 67 13.29 -13.99 -8.49
N ARG C 68 13.85 -15.04 -7.90
CA ARG C 68 15.28 -15.09 -7.64
C ARG C 68 16.06 -15.27 -8.93
N THR C 69 15.37 -15.73 -9.96
CA THR C 69 15.99 -15.96 -11.25
C THR C 69 16.59 -14.69 -11.84
N SER C 70 15.83 -13.61 -11.76
CA SER C 70 16.29 -12.32 -12.28
C SER C 70 16.40 -11.30 -11.15
N GLY C 71 15.83 -11.64 -10.00
CA GLY C 71 15.85 -10.75 -8.86
C GLY C 71 14.90 -9.57 -9.07
N ASN C 72 13.92 -9.76 -9.94
CA ASN C 72 12.94 -8.72 -10.23
C ASN C 72 11.63 -8.99 -9.49
N VAL C 73 10.93 -7.92 -9.11
CA VAL C 73 9.67 -8.07 -8.41
C VAL C 73 8.55 -8.49 -9.37
N GLU C 74 8.22 -9.77 -9.33
CA GLU C 74 7.17 -10.31 -10.19
C GLU C 74 5.79 -9.91 -9.68
N ASP C 75 5.64 -9.87 -8.36
CA ASP C 75 4.35 -9.53 -7.76
C ASP C 75 4.48 -8.36 -6.77
N ASP C 76 3.41 -7.56 -6.68
CA ASP C 76 3.39 -6.41 -5.77
C ASP C 76 1.95 -5.99 -5.46
N LEU C 77 1.42 -6.47 -4.34
CA LEU C 77 0.05 -6.14 -3.96
C LEU C 77 0.00 -5.54 -2.57
N ILE C 78 -0.72 -4.44 -2.43
CA ILE C 78 -0.86 -3.80 -1.14
C ILE C 78 -1.79 -4.61 -0.25
N ILE C 79 -1.35 -4.89 0.95
CA ILE C 79 -2.16 -5.66 1.87
C ILE C 79 -2.50 -4.83 3.11
N PHE C 80 -3.79 -4.65 3.32
CA PHE C 80 -4.29 -3.87 4.47
C PHE C 80 -4.38 -4.74 5.71
N PRO C 81 -4.43 -4.15 6.87
CA PRO C 81 -4.54 -4.90 8.14
C PRO C 81 -5.82 -5.75 8.16
N ASP C 82 -5.71 -6.96 8.68
CA ASP C 82 -6.82 -7.89 8.75
C ASP C 82 -7.34 -8.22 7.34
N ASP C 83 -6.58 -7.84 6.31
CA ASP C 83 -6.98 -8.12 4.93
C ASP C 83 -6.53 -9.51 4.52
N CYS C 84 -5.45 -10.00 5.13
CA CYS C 84 -4.95 -11.32 4.80
C CYS C 84 -4.38 -11.99 6.04
N GLU C 85 -4.19 -13.29 5.94
CA GLU C 85 -3.64 -14.06 7.05
C GLU C 85 -2.51 -14.96 6.58
N PHE C 86 -1.34 -14.80 7.17
CA PHE C 86 -0.19 -15.62 6.80
C PHE C 86 -0.07 -16.76 7.80
N LYS C 87 -0.16 -18.00 7.29
CA LYS C 87 -0.09 -19.17 8.16
C LYS C 87 0.54 -20.35 7.46
N ARG C 88 0.89 -21.38 8.24
CA ARG C 88 1.49 -22.57 7.67
C ARG C 88 0.40 -23.51 7.16
N VAL C 89 0.78 -24.43 6.28
CA VAL C 89 -0.18 -25.38 5.74
C VAL C 89 0.10 -26.78 6.29
N PRO C 90 -0.57 -27.20 7.34
CA PRO C 90 -0.36 -28.55 7.93
C PRO C 90 -1.06 -29.64 7.13
N GLN C 91 -0.69 -29.78 5.87
CA GLN C 91 -1.27 -30.81 5.01
C GLN C 91 -0.21 -31.83 4.61
N CYS C 92 0.98 -31.34 4.29
CA CYS C 92 2.08 -32.20 3.88
C CYS C 92 3.34 -31.89 4.69
N PRO C 93 3.44 -32.40 5.89
CA PRO C 93 4.64 -32.15 6.76
C PRO C 93 5.90 -32.75 6.15
N SER C 94 6.94 -31.94 6.09
CA SER C 94 8.23 -32.36 5.54
C SER C 94 9.15 -31.16 5.36
N GLY C 95 8.58 -30.06 4.89
CA GLY C 95 9.36 -28.85 4.66
C GLY C 95 8.66 -27.62 5.25
N ARG C 96 8.88 -26.46 4.64
CA ARG C 96 8.27 -25.23 5.11
C ARG C 96 7.31 -24.68 4.07
N VAL C 97 6.01 -24.83 4.33
CA VAL C 97 4.99 -24.34 3.42
C VAL C 97 4.02 -23.41 4.13
N TYR C 98 3.84 -22.22 3.56
CA TYR C 98 2.93 -21.23 4.14
C TYR C 98 1.93 -20.75 3.09
N VAL C 99 0.76 -20.33 3.56
CA VAL C 99 -0.27 -19.85 2.65
C VAL C 99 -0.79 -18.49 3.10
N LEU C 100 -1.04 -17.62 2.13
CA LEU C 100 -1.56 -16.31 2.43
C LEU C 100 -3.06 -16.32 2.16
N LYS C 101 -3.84 -16.11 3.22
CA LYS C 101 -5.29 -16.14 3.09
C LYS C 101 -5.84 -14.74 3.11
N PHE C 102 -6.29 -14.28 1.96
CA PHE C 102 -6.87 -12.97 1.88
C PHE C 102 -8.24 -13.02 2.49
N LYS C 103 -8.35 -12.46 3.68
CA LYS C 103 -9.61 -12.47 4.39
C LYS C 103 -10.67 -11.74 3.59
N ALA C 104 -10.27 -10.66 2.92
CA ALA C 104 -11.21 -9.88 2.13
C ALA C 104 -11.02 -10.09 0.63
N GLY C 105 -9.82 -10.50 0.25
CA GLY C 105 -9.52 -10.73 -1.17
C GLY C 105 -10.14 -12.04 -1.67
N SER C 106 -10.53 -12.90 -0.74
CA SER C 106 -11.13 -14.18 -1.10
C SER C 106 -10.17 -15.01 -1.95
N LYS C 107 -8.88 -14.64 -1.92
CA LYS C 107 -7.86 -15.35 -2.69
C LYS C 107 -6.84 -15.99 -1.75
N ARG C 108 -6.24 -17.08 -2.20
CA ARG C 108 -5.23 -17.76 -1.40
C ARG C 108 -3.95 -17.98 -2.21
N LEU C 109 -2.81 -17.71 -1.58
CA LEU C 109 -1.52 -17.89 -2.24
C LEU C 109 -0.70 -18.93 -1.49
N PHE C 110 0.13 -19.67 -2.21
CA PHE C 110 0.95 -20.70 -1.61
C PHE C 110 2.44 -20.38 -1.78
N PHE C 111 3.21 -20.53 -0.70
CA PHE C 111 4.63 -20.27 -0.74
C PHE C 111 5.39 -21.30 0.06
N TRP C 112 6.67 -21.46 -0.28
CA TRP C 112 7.51 -22.40 0.44
C TRP C 112 8.86 -21.76 0.73
N MET C 113 9.36 -21.94 1.95
CA MET C 113 10.63 -21.35 2.35
C MET C 113 11.80 -22.06 1.70
N GLN C 114 12.71 -21.27 1.13
CA GLN C 114 13.90 -21.79 0.49
C GLN C 114 15.14 -21.54 1.34
N GLU C 115 14.96 -20.96 2.52
CA GLU C 115 16.10 -20.69 3.39
C GLU C 115 16.70 -22.01 3.92
N PRO C 116 18.00 -22.12 4.05
CA PRO C 116 18.64 -23.37 4.55
C PRO C 116 18.34 -23.63 6.02
N LYS C 117 18.10 -22.56 6.78
CA LYS C 117 17.81 -22.70 8.20
C LYS C 117 16.49 -22.05 8.52
N THR C 118 15.74 -22.68 9.41
CA THR C 118 14.44 -22.14 9.82
C THR C 118 14.57 -21.39 11.13
N ASP C 119 15.81 -21.14 11.56
CA ASP C 119 16.04 -20.44 12.80
C ASP C 119 15.32 -19.10 12.79
N GLN C 120 15.04 -18.58 11.60
CA GLN C 120 14.35 -17.30 11.46
C GLN C 120 13.03 -17.46 10.71
N ASP C 121 12.64 -18.70 10.42
CA ASP C 121 11.40 -18.96 9.69
C ASP C 121 10.20 -18.47 10.49
N GLU C 122 10.18 -18.77 11.77
CA GLU C 122 9.09 -18.36 12.63
C GLU C 122 9.02 -16.84 12.74
N GLU C 123 10.17 -16.22 12.86
CA GLU C 123 10.24 -14.78 12.97
C GLU C 123 9.71 -14.12 11.70
N HIS C 124 10.11 -14.66 10.55
CA HIS C 124 9.67 -14.12 9.28
C HIS C 124 8.18 -14.29 9.16
N CYS C 125 7.72 -15.44 9.60
CA CYS C 125 6.30 -15.74 9.57
C CYS C 125 5.55 -14.80 10.49
N ARG C 126 6.12 -14.52 11.65
CA ARG C 126 5.49 -13.62 12.60
C ARG C 126 5.47 -12.20 12.07
N LYS C 127 6.59 -11.78 11.48
CA LYS C 127 6.70 -10.45 10.92
C LYS C 127 5.73 -10.29 9.76
N VAL C 128 5.60 -11.32 8.94
CA VAL C 128 4.69 -11.23 7.81
C VAL C 128 3.28 -10.92 8.32
N ASN C 129 2.82 -11.67 9.31
CA ASN C 129 1.50 -11.45 9.87
C ASN C 129 1.42 -10.09 10.55
N GLU C 130 2.49 -9.72 11.24
CA GLU C 130 2.49 -8.44 11.96
C GLU C 130 2.56 -7.26 11.02
N TYR C 131 3.15 -7.47 9.85
CA TYR C 131 3.26 -6.37 8.88
C TYR C 131 2.03 -6.29 8.00
N LEU C 132 1.37 -7.42 7.82
CA LEU C 132 0.16 -7.45 7.01
C LEU C 132 -1.10 -7.28 7.85
N ASN C 133 -0.97 -7.48 9.16
CA ASN C 133 -2.12 -7.32 10.04
C ASN C 133 -1.90 -6.16 11.00
N ASN C 134 -0.63 -5.82 11.21
CA ASN C 134 -0.31 -4.71 12.11
C ASN C 134 0.74 -3.78 11.49
N PRO C 135 0.36 -3.02 10.51
CA PRO C 135 1.29 -2.07 9.81
C PRO C 135 1.89 -1.04 10.78
N PRO C 136 3.08 -0.56 10.48
CA PRO C 136 3.77 0.45 11.35
C PRO C 136 2.85 1.61 11.73
N GLN D 5 23.98 -26.21 0.31
CA GLN D 5 23.90 -24.74 0.15
C GLN D 5 22.46 -24.28 0.35
N GLU D 6 21.55 -24.79 -0.49
CA GLU D 6 20.15 -24.43 -0.38
C GLU D 6 19.27 -25.68 -0.35
N PRO D 7 18.11 -25.61 0.28
CA PRO D 7 17.17 -26.75 0.38
C PRO D 7 16.39 -26.96 -0.91
N GLU D 8 16.06 -28.21 -1.20
CA GLU D 8 15.30 -28.54 -2.41
C GLU D 8 13.81 -28.32 -2.17
N PRO D 9 13.04 -28.05 -3.20
CA PRO D 9 11.58 -27.81 -3.06
C PRO D 9 10.83 -29.09 -2.63
N PRO D 10 9.72 -28.95 -1.93
CA PRO D 10 8.91 -30.12 -1.46
C PRO D 10 8.13 -30.79 -2.59
N GLU D 11 7.66 -32.01 -2.35
CA GLU D 11 6.90 -32.73 -3.36
C GLU D 11 5.42 -32.27 -3.35
N PRO D 12 4.71 -32.45 -4.44
CA PRO D 12 3.27 -32.05 -4.53
C PRO D 12 2.40 -32.83 -3.54
N PHE D 13 1.30 -32.22 -3.10
CA PHE D 13 0.40 -32.85 -2.14
C PHE D 13 -1.03 -32.35 -2.30
N GLU D 14 -1.97 -33.08 -1.72
CA GLU D 14 -3.37 -32.70 -1.81
C GLU D 14 -3.72 -31.71 -0.72
N TYR D 15 -4.44 -30.66 -1.10
CA TYR D 15 -4.86 -29.63 -0.16
C TYR D 15 -6.37 -29.55 -0.08
N ILE D 16 -6.88 -29.53 1.13
CA ILE D 16 -8.32 -29.46 1.32
C ILE D 16 -8.64 -28.38 2.34
N ASP D 17 -9.55 -27.49 1.98
CA ASP D 17 -9.90 -26.41 2.88
C ASP D 17 -10.80 -26.93 4.00
N ASP D 18 -10.17 -27.46 5.04
CA ASP D 18 -10.92 -28.00 6.18
C ASP D 18 -11.33 -26.87 7.12
N MET A 1 2.66 13.77 22.90
CA MET A 1 3.53 13.81 21.69
C MET A 1 3.78 15.26 21.29
N GLN A 2 4.56 15.96 22.08
CA GLN A 2 4.87 17.35 21.82
C GLN A 2 5.61 17.48 20.49
N ILE A 3 5.56 18.66 19.92
CA ILE A 3 6.21 18.90 18.63
C ILE A 3 6.90 20.26 18.65
N PHE A 4 8.00 20.37 17.91
CA PHE A 4 8.75 21.61 17.87
C PHE A 4 8.28 22.49 16.72
N VAL A 5 7.82 23.69 17.04
CA VAL A 5 7.36 24.60 16.00
C VAL A 5 8.36 25.73 15.80
N LYS A 6 9.04 25.72 14.66
CA LYS A 6 10.03 26.76 14.39
C LYS A 6 9.39 27.96 13.71
N THR A 7 9.60 29.14 14.29
CA THR A 7 9.05 30.37 13.74
C THR A 7 9.98 30.99 12.71
N LEU A 8 9.52 32.06 12.08
CA LEU A 8 10.31 32.72 11.05
C LEU A 8 11.58 33.29 11.67
N THR A 9 11.47 33.79 12.89
CA THR A 9 12.61 34.36 13.58
C THR A 9 13.62 33.28 13.95
N GLY A 10 13.22 32.02 13.81
CA GLY A 10 14.10 30.90 14.15
C GLY A 10 13.79 30.35 15.53
N LYS A 11 12.99 31.09 16.30
CA LYS A 11 12.62 30.65 17.64
C LYS A 11 11.77 29.38 17.55
N THR A 12 12.17 28.36 18.29
CA THR A 12 11.45 27.09 18.29
C THR A 12 10.58 26.99 19.54
N ILE A 13 9.31 26.63 19.34
CA ILE A 13 8.37 26.52 20.44
C ILE A 13 7.78 25.11 20.48
N THR A 14 8.04 24.38 21.56
CA THR A 14 7.50 23.04 21.69
C THR A 14 6.08 23.07 22.23
N LEU A 15 5.18 22.35 21.57
CA LEU A 15 3.79 22.32 22.01
C LEU A 15 3.35 20.88 22.25
N GLU A 16 2.89 20.58 23.47
CA GLU A 16 2.43 19.24 23.79
C GLU A 16 1.16 18.90 23.04
N VAL A 17 1.27 17.96 22.11
CA VAL A 17 0.11 17.55 21.33
C VAL A 17 0.04 16.03 21.23
N GLU A 18 -1.14 15.51 20.87
CA GLU A 18 -1.31 14.07 20.74
C GLU A 18 -1.35 13.68 19.26
N PRO A 19 -0.98 12.46 18.94
CA PRO A 19 -0.98 11.98 17.53
C PRO A 19 -2.35 12.14 16.87
N SER A 20 -3.41 11.95 17.64
CA SER A 20 -4.77 12.08 17.13
C SER A 20 -5.23 13.54 17.16
N ASP A 21 -4.41 14.41 17.74
CA ASP A 21 -4.76 15.82 17.84
C ASP A 21 -4.97 16.42 16.45
N THR A 22 -6.01 17.23 16.32
CA THR A 22 -6.31 17.87 15.04
C THR A 22 -5.37 19.05 14.80
N ILE A 23 -5.28 19.45 13.54
CA ILE A 23 -4.40 20.56 13.17
C ILE A 23 -4.89 21.85 13.81
N GLU A 24 -6.21 22.03 13.85
CA GLU A 24 -6.77 23.22 14.45
C GLU A 24 -6.36 23.33 15.91
N ASN A 25 -6.36 22.20 16.60
CA ASN A 25 -5.98 22.19 18.02
C ASN A 25 -4.53 22.64 18.16
N VAL A 26 -3.68 22.17 17.27
CA VAL A 26 -2.26 22.55 17.32
C VAL A 26 -2.10 24.05 17.09
N LYS A 27 -2.85 24.58 16.13
CA LYS A 27 -2.78 26.01 15.83
C LYS A 27 -3.15 26.84 17.04
N ALA A 28 -4.15 26.40 17.77
CA ALA A 28 -4.58 27.10 18.97
C ALA A 28 -3.46 27.14 20.00
N LYS A 29 -2.73 26.03 20.10
CA LYS A 29 -1.62 25.95 21.04
C LYS A 29 -0.60 27.02 20.69
N ILE A 30 -0.39 27.21 19.40
CA ILE A 30 0.56 28.23 18.92
C ILE A 30 0.06 29.62 19.27
N GLN A 31 -1.25 29.83 19.13
CA GLN A 31 -1.85 31.13 19.43
C GLN A 31 -1.60 31.52 20.88
N ASP A 32 -1.68 30.55 21.78
CA ASP A 32 -1.46 30.81 23.19
C ASP A 32 0.01 31.19 23.47
N LYS A 33 0.93 30.35 22.99
CA LYS A 33 2.36 30.60 23.20
C LYS A 33 2.83 31.88 22.53
N GLU A 34 2.37 32.11 21.31
CA GLU A 34 2.75 33.29 20.55
C GLU A 34 1.51 34.00 20.04
N GLY A 35 1.59 35.30 19.90
CA GLY A 35 0.45 36.08 19.41
C GLY A 35 0.27 35.88 17.90
N ILE A 36 0.14 34.63 17.47
CA ILE A 36 -0.03 34.35 16.06
C ILE A 36 -1.47 33.87 15.79
N PRO A 37 -2.26 34.61 15.06
CA PRO A 37 -3.67 34.22 14.78
C PRO A 37 -3.75 33.01 13.84
N PRO A 38 -4.81 32.24 13.91
CA PRO A 38 -4.98 31.04 13.04
C PRO A 38 -4.77 31.35 11.56
N ASP A 39 -5.24 32.52 11.13
CA ASP A 39 -5.09 32.93 9.73
C ASP A 39 -3.62 33.05 9.36
N GLN A 40 -2.82 33.58 10.27
CA GLN A 40 -1.39 33.74 10.04
C GLN A 40 -0.63 32.49 10.44
N GLN A 41 -1.29 31.55 11.10
CA GLN A 41 -0.65 30.31 11.52
C GLN A 41 -0.55 29.32 10.37
N ARG A 42 0.52 29.41 9.58
CA ARG A 42 0.71 28.49 8.48
C ARG A 42 1.67 27.38 8.91
N LEU A 43 1.12 26.19 9.15
CA LEU A 43 1.92 25.08 9.58
C LEU A 43 2.28 24.18 8.40
N ILE A 44 3.57 23.99 8.16
CA ILE A 44 4.01 23.14 7.06
C ILE A 44 5.01 22.10 7.56
N PHE A 45 4.71 20.84 7.35
CA PHE A 45 5.60 19.76 7.80
C PHE A 45 6.21 19.06 6.60
N ALA A 46 7.53 19.17 6.45
CA ALA A 46 8.24 18.53 5.36
C ALA A 46 7.57 18.85 4.02
N GLY A 47 7.32 20.13 3.76
CA GLY A 47 6.70 20.54 2.51
C GLY A 47 5.26 20.05 2.44
N LYS A 48 4.64 19.88 3.59
CA LYS A 48 3.26 19.41 3.64
C LYS A 48 2.40 20.34 4.49
N GLN A 49 1.61 21.18 3.82
CA GLN A 49 0.74 22.11 4.53
C GLN A 49 -0.26 21.35 5.38
N LEU A 50 -0.40 21.77 6.64
CA LEU A 50 -1.33 21.10 7.55
C LEU A 50 -2.73 21.70 7.40
N GLU A 51 -3.49 21.14 6.46
CA GLU A 51 -4.85 21.60 6.23
C GLU A 51 -5.79 21.12 7.32
N ASP A 52 -6.77 21.96 7.67
CA ASP A 52 -7.72 21.61 8.71
C ASP A 52 -8.47 20.33 8.36
N GLY A 53 -9.14 19.75 9.35
CA GLY A 53 -9.88 18.51 9.13
C GLY A 53 -8.96 17.29 9.15
N ARG A 54 -7.70 17.51 9.54
CA ARG A 54 -6.72 16.44 9.61
C ARG A 54 -6.07 16.40 10.98
N THR A 55 -5.25 15.37 11.21
CA THR A 55 -4.56 15.22 12.49
C THR A 55 -3.06 15.13 12.28
N LEU A 56 -2.32 15.20 13.39
CA LEU A 56 -0.86 15.14 13.30
C LEU A 56 -0.43 13.80 12.68
N SER A 57 -1.11 12.73 13.07
CA SER A 57 -0.78 11.41 12.54
C SER A 57 -1.01 11.35 11.03
N ASP A 58 -1.97 12.13 10.55
CA ASP A 58 -2.28 12.16 9.11
C ASP A 58 -1.08 12.65 8.32
N TYR A 59 -0.27 13.48 8.96
CA TYR A 59 0.92 14.02 8.31
C TYR A 59 2.19 13.28 8.79
N ASN A 60 1.99 12.15 9.46
CA ASN A 60 3.12 11.37 9.96
C ASN A 60 3.99 12.22 10.87
N ILE A 61 3.35 13.04 11.69
CA ILE A 61 4.07 13.91 12.62
C ILE A 61 4.26 13.21 13.97
N GLN A 62 5.53 13.00 14.34
CA GLN A 62 5.84 12.33 15.59
C GLN A 62 6.28 13.34 16.65
N LYS A 63 6.62 12.83 17.83
CA LYS A 63 7.03 13.69 18.92
C LYS A 63 8.34 14.39 18.53
N GLU A 64 8.54 15.60 19.04
CA GLU A 64 9.74 16.37 18.76
C GLU A 64 9.88 16.64 17.26
N SER A 65 8.78 16.51 16.53
CA SER A 65 8.80 16.78 15.10
C SER A 65 8.86 18.28 14.84
N THR A 66 9.81 18.68 14.01
CA THR A 66 9.97 20.10 13.68
C THR A 66 8.96 20.52 12.62
N LEU A 67 8.25 21.61 12.89
CA LEU A 67 7.25 22.12 11.97
C LEU A 67 7.61 23.52 11.52
N HIS A 68 7.30 23.83 10.26
CA HIS A 68 7.61 25.14 9.72
C HIS A 68 6.43 26.10 9.93
N LEU A 69 6.65 27.12 10.76
CA LEU A 69 5.61 28.09 11.05
C LEU A 69 5.85 29.36 10.25
N VAL A 70 4.89 29.71 9.42
CA VAL A 70 4.99 30.91 8.60
C VAL A 70 3.87 31.88 8.96
N LEU A 71 4.24 33.16 9.15
CA LEU A 71 3.27 34.17 9.51
C LEU A 71 2.82 34.93 8.27
N ARG A 72 1.51 35.19 8.19
CA ARG A 72 0.96 35.91 7.05
C ARG A 72 0.80 37.39 7.38
N LEU A 73 1.35 38.24 6.52
CA LEU A 73 1.26 39.68 6.73
C LEU A 73 0.38 40.33 5.66
N ARG A 74 -0.43 41.28 6.08
CA ARG A 74 -1.33 41.97 5.15
C ARG A 74 -0.51 42.74 4.11
N GLY A 75 0.56 43.38 4.56
CA GLY A 75 1.41 44.15 3.65
C GLY A 75 2.04 43.23 2.60
N GLY A 76 2.48 42.06 3.03
CA GLY A 76 3.09 41.11 2.12
C GLY A 76 2.12 40.67 1.02
N ASP A 77 0.86 40.46 1.42
CA ASP A 77 -0.16 40.05 0.47
C ASP A 77 -1.41 40.90 0.63
N MET B 1 -25.97 -4.58 -5.43
CA MET B 1 -24.83 -5.24 -4.73
C MET B 1 -23.98 -4.20 -4.02
N GLN B 2 -24.51 -3.68 -2.92
CA GLN B 2 -23.80 -2.69 -2.14
C GLN B 2 -22.48 -3.25 -1.66
N ILE B 3 -21.56 -2.35 -1.32
CA ILE B 3 -20.24 -2.76 -0.85
C ILE B 3 -19.82 -1.88 0.32
N PHE B 4 -19.12 -2.48 1.27
CA PHE B 4 -18.67 -1.76 2.45
C PHE B 4 -17.33 -1.09 2.20
N VAL B 5 -17.25 0.22 2.40
CA VAL B 5 -16.01 0.94 2.19
C VAL B 5 -15.42 1.37 3.53
N LYS B 6 -14.37 0.70 3.97
CA LYS B 6 -13.75 1.04 5.25
C LYS B 6 -12.76 2.19 5.08
N THR B 7 -12.91 3.20 5.91
CA THR B 7 -12.03 4.37 5.86
C THR B 7 -10.80 4.15 6.74
N LEU B 8 -9.86 5.07 6.62
CA LEU B 8 -8.62 4.97 7.38
C LEU B 8 -8.90 5.14 8.87
N THR B 9 -9.95 5.89 9.18
CA THR B 9 -10.32 6.13 10.57
C THR B 9 -11.06 4.92 11.15
N GLY B 10 -11.44 3.98 10.27
CA GLY B 10 -12.17 2.79 10.71
C GLY B 10 -13.65 2.89 10.38
N LYS B 11 -14.11 4.09 10.01
CA LYS B 11 -15.51 4.28 9.66
C LYS B 11 -15.84 3.53 8.39
N THR B 12 -16.86 2.68 8.46
CA THR B 12 -17.28 1.89 7.29
C THR B 12 -18.47 2.56 6.60
N ILE B 13 -18.40 2.62 5.28
CA ILE B 13 -19.45 3.27 4.50
C ILE B 13 -19.96 2.33 3.41
N THR B 14 -21.18 1.82 3.55
CA THR B 14 -21.74 0.93 2.55
C THR B 14 -22.37 1.72 1.41
N LEU B 15 -22.00 1.38 0.18
CA LEU B 15 -22.54 2.08 -0.98
C LEU B 15 -23.19 1.09 -1.95
N GLU B 16 -24.44 1.35 -2.31
CA GLU B 16 -25.16 0.49 -3.24
C GLU B 16 -24.52 0.54 -4.62
N VAL B 17 -23.93 -0.56 -5.07
CA VAL B 17 -23.28 -0.59 -6.37
C VAL B 17 -23.68 -1.86 -7.11
N GLU B 18 -23.38 -1.91 -8.41
CA GLU B 18 -23.70 -3.09 -9.20
C GLU B 18 -22.42 -3.80 -9.63
N PRO B 19 -22.49 -5.08 -9.89
CA PRO B 19 -21.30 -5.88 -10.30
C PRO B 19 -20.70 -5.37 -11.60
N SER B 20 -21.53 -4.74 -12.43
CA SER B 20 -21.07 -4.21 -13.71
C SER B 20 -20.57 -2.76 -13.57
N ASP B 21 -20.85 -2.14 -12.43
CA ASP B 21 -20.43 -0.75 -12.21
C ASP B 21 -18.92 -0.64 -12.23
N THR B 22 -18.43 0.46 -12.79
CA THR B 22 -17.00 0.69 -12.89
C THR B 22 -16.45 1.25 -11.58
N ILE B 23 -15.14 1.19 -11.44
CA ILE B 23 -14.49 1.69 -10.24
C ILE B 23 -14.75 3.18 -10.11
N GLU B 24 -14.76 3.89 -11.23
CA GLU B 24 -15.02 5.31 -11.22
C GLU B 24 -16.38 5.58 -10.60
N ASN B 25 -17.36 4.74 -10.92
CA ASN B 25 -18.70 4.91 -10.37
C ASN B 25 -18.66 4.78 -8.86
N VAL B 26 -17.89 3.82 -8.37
CA VAL B 26 -17.78 3.62 -6.93
C VAL B 26 -17.14 4.84 -6.27
N LYS B 27 -16.09 5.38 -6.90
CA LYS B 27 -15.40 6.54 -6.35
C LYS B 27 -16.36 7.72 -6.23
N ALA B 28 -17.21 7.89 -7.22
CA ALA B 28 -18.19 8.96 -7.20
C ALA B 28 -19.14 8.78 -6.04
N LYS B 29 -19.51 7.54 -5.76
CA LYS B 29 -20.41 7.28 -4.65
C LYS B 29 -19.78 7.76 -3.35
N ILE B 30 -18.47 7.53 -3.23
CA ILE B 30 -17.75 7.98 -2.04
C ILE B 30 -17.78 9.49 -1.96
N GLN B 31 -17.61 10.14 -3.09
CA GLN B 31 -17.63 11.58 -3.09
C GLN B 31 -18.99 12.05 -2.58
N ASP B 32 -20.05 11.51 -3.16
CA ASP B 32 -21.41 11.89 -2.77
C ASP B 32 -21.67 11.65 -1.28
N LYS B 33 -20.92 10.74 -0.66
CA LYS B 33 -21.12 10.42 0.75
C LYS B 33 -20.17 11.17 1.69
N GLU B 34 -18.88 10.92 1.51
CA GLU B 34 -17.86 11.53 2.36
C GLU B 34 -17.43 12.87 1.80
N GLY B 35 -17.57 13.04 0.49
CA GLY B 35 -17.15 14.28 -0.13
C GLY B 35 -15.68 14.20 -0.55
N ILE B 36 -15.12 13.00 -0.52
CA ILE B 36 -13.73 12.85 -0.89
C ILE B 36 -13.57 12.80 -2.42
N PRO B 37 -12.80 13.70 -3.01
CA PRO B 37 -12.60 13.70 -4.49
C PRO B 37 -12.07 12.35 -4.99
N PRO B 38 -12.39 11.96 -6.20
CA PRO B 38 -11.93 10.65 -6.76
C PRO B 38 -10.42 10.48 -6.66
N ASP B 39 -9.67 11.54 -6.95
CA ASP B 39 -8.22 11.47 -6.88
C ASP B 39 -7.74 11.36 -5.44
N GLN B 40 -8.38 12.11 -4.54
CA GLN B 40 -8.03 12.11 -3.13
C GLN B 40 -8.24 10.73 -2.52
N GLN B 41 -9.33 10.07 -2.92
CA GLN B 41 -9.62 8.75 -2.38
C GLN B 41 -9.13 7.66 -3.34
N ARG B 42 -8.72 6.54 -2.77
CA ARG B 42 -8.24 5.42 -3.56
C ARG B 42 -8.91 4.14 -3.09
N LEU B 43 -9.53 3.43 -4.02
CA LEU B 43 -10.22 2.18 -3.70
C LEU B 43 -9.28 0.99 -3.86
N ILE B 44 -9.11 0.22 -2.80
CA ILE B 44 -8.24 -0.94 -2.85
C ILE B 44 -8.97 -2.17 -2.33
N PHE B 45 -8.98 -3.24 -3.12
CA PHE B 45 -9.66 -4.47 -2.72
C PHE B 45 -8.87 -5.69 -3.15
N ALA B 46 -8.99 -6.77 -2.38
CA ALA B 46 -8.27 -8.01 -2.69
C ALA B 46 -6.77 -7.77 -2.64
N GLY B 47 -6.37 -6.71 -1.95
CA GLY B 47 -4.96 -6.37 -1.82
C GLY B 47 -4.45 -5.65 -3.08
N ARG B 48 -5.34 -5.44 -4.04
CA ARG B 48 -4.95 -4.78 -5.28
C ARG B 48 -5.65 -3.43 -5.41
N GLN B 49 -4.91 -2.45 -5.92
CA GLN B 49 -5.49 -1.13 -6.10
C GLN B 49 -6.41 -1.13 -7.31
N LEU B 50 -7.69 -0.82 -7.06
CA LEU B 50 -8.67 -0.81 -8.12
C LEU B 50 -8.50 0.42 -9.01
N GLU B 51 -7.79 0.24 -10.12
CA GLU B 51 -7.56 1.33 -11.05
C GLU B 51 -8.81 1.59 -11.88
N ASP B 52 -8.85 2.75 -12.52
CA ASP B 52 -9.99 3.11 -13.36
C ASP B 52 -10.06 2.24 -14.61
N GLY B 53 -11.23 2.16 -15.21
CA GLY B 53 -11.41 1.34 -16.41
C GLY B 53 -11.66 -0.12 -16.06
N ARG B 54 -12.06 -0.36 -14.82
CA ARG B 54 -12.34 -1.72 -14.36
C ARG B 54 -13.71 -1.80 -13.72
N THR B 55 -14.24 -3.01 -13.60
CA THR B 55 -15.56 -3.20 -12.99
C THR B 55 -15.44 -3.95 -11.67
N LEU B 56 -16.46 -3.85 -10.83
CA LEU B 56 -16.44 -4.52 -9.54
C LEU B 56 -16.31 -6.03 -9.72
N SER B 57 -17.02 -6.57 -10.70
CA SER B 57 -16.97 -8.00 -10.96
C SER B 57 -15.57 -8.41 -11.38
N ASP B 58 -14.80 -7.46 -11.92
CA ASP B 58 -13.44 -7.73 -12.35
C ASP B 58 -12.57 -8.13 -11.16
N TYR B 59 -12.83 -7.50 -10.02
CA TYR B 59 -12.08 -7.79 -8.81
C TYR B 59 -12.83 -8.78 -7.92
N ASN B 60 -13.86 -9.42 -8.48
CA ASN B 60 -14.64 -10.39 -7.72
C ASN B 60 -15.22 -9.74 -6.47
N ILE B 61 -15.68 -8.50 -6.61
CA ILE B 61 -16.26 -7.78 -5.49
C ILE B 61 -17.74 -8.09 -5.39
N GLN B 62 -18.10 -8.85 -4.36
CA GLN B 62 -19.49 -9.23 -4.13
C GLN B 62 -20.16 -8.25 -3.17
N LYS B 63 -21.43 -8.49 -2.87
CA LYS B 63 -22.17 -7.64 -1.96
C LYS B 63 -21.52 -7.65 -0.58
N GLU B 64 -21.57 -6.51 0.10
CA GLU B 64 -21.01 -6.39 1.44
C GLU B 64 -19.50 -6.66 1.43
N SER B 65 -18.85 -6.22 0.36
CA SER B 65 -17.41 -6.40 0.23
C SER B 65 -16.67 -5.24 0.88
N THR B 66 -15.78 -5.56 1.82
CA THR B 66 -15.03 -4.53 2.51
C THR B 66 -13.88 -4.03 1.64
N LEU B 67 -13.85 -2.73 1.40
CA LEU B 67 -12.81 -2.13 0.57
C LEU B 67 -11.99 -1.15 1.39
N HIS B 68 -10.68 -1.10 1.12
CA HIS B 68 -9.81 -0.20 1.84
C HIS B 68 -9.78 1.15 1.13
N LEU B 69 -10.12 2.21 1.87
CA LEU B 69 -10.13 3.55 1.29
C LEU B 69 -8.90 4.31 1.77
N VAL B 70 -7.96 4.56 0.86
CA VAL B 70 -6.73 5.28 1.20
C VAL B 70 -6.88 6.74 0.81
N LEU B 71 -6.48 7.64 1.71
CA LEU B 71 -6.59 9.07 1.45
C LEU B 71 -5.21 9.67 1.21
N ARG B 72 -5.14 10.69 0.36
CA ARG B 72 -3.88 11.34 0.04
C ARG B 72 -4.02 12.85 0.19
N LEU B 73 -2.89 13.52 0.46
CA LEU B 73 -2.90 14.97 0.62
C LEU B 73 -2.00 15.62 -0.42
N ARG B 74 -2.53 16.61 -1.13
CA ARG B 74 -1.77 17.31 -2.16
C ARG B 74 -0.47 17.87 -1.57
N GLY B 75 0.62 17.73 -2.33
CA GLY B 75 1.92 18.23 -1.86
C GLY B 75 2.77 17.09 -1.33
N GLY B 76 3.68 17.41 -0.41
CA GLY B 76 4.56 16.39 0.16
C GLY B 76 3.90 15.72 1.39
N ASN C 24 10.09 3.68 2.18
CA ASN C 24 10.39 2.61 1.16
C ASN C 24 11.28 1.55 1.80
N LYS C 25 11.16 1.39 3.11
CA LYS C 25 11.94 0.40 3.84
C LYS C 25 11.30 -0.97 3.74
N TYR C 26 12.13 -2.02 3.74
CA TYR C 26 11.62 -3.37 3.66
C TYR C 26 11.37 -3.91 5.05
N LEU C 27 10.11 -4.10 5.37
CA LEU C 27 9.73 -4.60 6.66
C LEU C 27 10.22 -6.03 6.84
N VAL C 28 10.14 -6.81 5.78
CA VAL C 28 10.58 -8.20 5.84
C VAL C 28 11.12 -8.65 4.48
N GLU C 29 11.86 -9.74 4.50
CA GLU C 29 12.43 -10.28 3.27
C GLU C 29 13.12 -11.60 3.52
N PHE C 30 12.68 -12.62 2.80
CA PHE C 30 13.28 -13.94 2.93
C PHE C 30 13.06 -14.76 1.66
N ARG C 31 13.92 -15.75 1.45
CA ARG C 31 13.82 -16.59 0.25
C ARG C 31 12.63 -17.52 0.34
N ALA C 32 11.75 -17.44 -0.65
CA ALA C 32 10.58 -18.29 -0.69
C ALA C 32 10.08 -18.43 -2.12
N GLY C 33 9.59 -19.62 -2.45
CA GLY C 33 9.07 -19.88 -3.78
C GLY C 33 7.55 -20.01 -3.73
N LYS C 34 6.90 -19.71 -4.84
CA LYS C 34 5.44 -19.78 -4.90
C LYS C 34 4.97 -21.15 -5.39
N MET C 35 3.67 -21.39 -5.30
CA MET C 35 3.11 -22.67 -5.74
C MET C 35 1.82 -22.44 -6.54
N SER C 36 1.25 -23.51 -7.09
CA SER C 36 0.02 -23.39 -7.86
C SER C 36 -1.04 -24.33 -7.30
N LEU C 37 -2.20 -23.76 -6.95
CA LEU C 37 -3.28 -24.58 -6.42
C LEU C 37 -4.37 -24.74 -7.46
N LYS C 38 -4.61 -25.99 -7.84
CA LYS C 38 -5.63 -26.30 -8.82
C LYS C 38 -6.66 -27.26 -8.22
N GLY C 39 -7.87 -26.76 -7.98
CA GLY C 39 -8.92 -27.59 -7.39
C GLY C 39 -8.64 -27.83 -5.91
N THR C 40 -7.88 -28.89 -5.64
CA THR C 40 -7.53 -29.24 -4.26
C THR C 40 -6.11 -29.78 -4.19
N THR C 41 -5.29 -29.43 -5.18
CA THR C 41 -3.90 -29.89 -5.21
C THR C 41 -2.95 -28.71 -5.34
N VAL C 42 -1.93 -28.68 -4.49
CA VAL C 42 -0.95 -27.61 -4.51
C VAL C 42 0.38 -28.12 -5.04
N THR C 43 0.87 -27.52 -6.12
CA THR C 43 2.14 -27.93 -6.69
C THR C 43 3.19 -26.83 -6.52
N PRO C 44 4.37 -27.14 -6.06
CA PRO C 44 5.45 -26.12 -5.85
C PRO C 44 6.02 -25.58 -7.17
N ASP C 45 6.36 -24.29 -7.18
CA ASP C 45 6.94 -23.68 -8.36
C ASP C 45 8.45 -23.59 -8.21
N LYS C 46 9.15 -24.19 -9.15
CA LYS C 46 10.61 -24.19 -9.11
C LYS C 46 11.17 -22.77 -9.25
N ARG C 47 10.30 -21.83 -9.64
CA ARG C 47 10.72 -20.45 -9.79
C ARG C 47 10.94 -19.82 -8.42
N LYS C 48 12.04 -20.20 -7.77
CA LYS C 48 12.35 -19.68 -6.45
C LYS C 48 12.35 -18.16 -6.48
N GLY C 49 11.73 -17.54 -5.47
CA GLY C 49 11.69 -16.09 -5.42
C GLY C 49 12.04 -15.58 -4.03
N LEU C 50 11.54 -14.42 -3.70
CA LEU C 50 11.80 -13.80 -2.41
C LEU C 50 10.55 -13.08 -1.94
N VAL C 51 10.10 -13.42 -0.75
CA VAL C 51 8.91 -12.77 -0.21
C VAL C 51 9.33 -11.64 0.69
N TYR C 52 9.13 -10.42 0.24
CA TYR C 52 9.52 -9.27 1.05
C TYR C 52 8.37 -8.27 1.16
N ILE C 53 8.39 -7.50 2.25
CA ILE C 53 7.38 -6.50 2.50
C ILE C 53 8.01 -5.13 2.64
N GLN C 54 7.35 -4.11 2.08
CA GLN C 54 7.88 -2.74 2.17
C GLN C 54 6.72 -1.75 2.35
N GLN C 55 6.96 -0.74 3.15
CA GLN C 55 5.94 0.28 3.39
C GLN C 55 6.28 1.55 2.66
N THR C 56 5.31 2.05 1.90
CA THR C 56 5.51 3.26 1.14
C THR C 56 5.17 4.49 1.96
N ASP C 57 5.47 5.66 1.40
CA ASP C 57 5.18 6.91 2.08
C ASP C 57 3.68 7.07 2.25
N ASP C 58 2.91 6.20 1.57
CA ASP C 58 1.46 6.25 1.67
C ASP C 58 0.98 5.47 2.90
N SER C 59 1.93 4.87 3.63
CA SER C 59 1.59 4.09 4.81
C SER C 59 0.88 2.79 4.43
N LEU C 60 1.06 2.39 3.18
CA LEU C 60 0.46 1.17 2.67
C LEU C 60 1.53 0.11 2.58
N ILE C 61 1.26 -1.04 3.16
CA ILE C 61 2.22 -2.11 3.14
C ILE C 61 2.13 -2.83 1.81
N HIS C 62 3.27 -2.99 1.17
CA HIS C 62 3.33 -3.63 -0.13
C HIS C 62 3.90 -5.04 0.01
N PHE C 63 3.08 -6.03 -0.32
CA PHE C 63 3.51 -7.42 -0.27
C PHE C 63 3.91 -7.85 -1.67
N CYS C 64 5.20 -8.00 -1.89
CA CYS C 64 5.67 -8.38 -3.22
C CYS C 64 6.51 -9.64 -3.22
N TRP C 65 6.38 -10.38 -4.31
CA TRP C 65 7.13 -11.62 -4.51
C TRP C 65 8.00 -11.48 -5.75
N LYS C 66 9.30 -11.44 -5.53
CA LYS C 66 10.26 -11.28 -6.59
C LYS C 66 10.92 -12.60 -6.95
N ASP C 67 11.01 -12.88 -8.24
CA ASP C 67 11.64 -14.12 -8.69
C ASP C 67 13.15 -14.00 -8.55
N ARG C 68 13.78 -15.06 -8.08
CA ARG C 68 15.23 -15.08 -7.92
C ARG C 68 15.92 -15.33 -9.26
N THR C 69 15.15 -15.82 -10.22
CA THR C 69 15.69 -16.09 -11.54
C THR C 69 16.24 -14.83 -12.20
N SER C 70 15.47 -13.75 -12.12
CA SER C 70 15.88 -12.49 -12.71
C SER C 70 16.03 -11.43 -11.63
N GLY C 71 15.46 -11.72 -10.47
CA GLY C 71 15.53 -10.79 -9.34
C GLY C 71 14.55 -9.64 -9.52
N ASN C 72 13.53 -9.85 -10.33
CA ASN C 72 12.52 -8.83 -10.58
C ASN C 72 11.26 -9.10 -9.76
N VAL C 73 10.52 -8.05 -9.44
CA VAL C 73 9.31 -8.19 -8.66
C VAL C 73 8.17 -8.67 -9.56
N GLU C 74 7.86 -9.96 -9.46
CA GLU C 74 6.80 -10.55 -10.26
C GLU C 74 5.43 -10.16 -9.70
N ASP C 75 5.34 -10.11 -8.37
CA ASP C 75 4.07 -9.78 -7.72
C ASP C 75 4.25 -8.62 -6.74
N ASP C 76 3.22 -7.78 -6.62
CA ASP C 76 3.28 -6.63 -5.71
C ASP C 76 1.86 -6.15 -5.39
N LEU C 77 1.34 -6.52 -4.22
CA LEU C 77 -0.01 -6.12 -3.83
C LEU C 77 -0.01 -5.47 -2.47
N ILE C 78 -0.79 -4.40 -2.31
CA ILE C 78 -0.85 -3.72 -1.04
C ILE C 78 -1.72 -4.50 -0.07
N ILE C 79 -1.20 -4.79 1.11
CA ILE C 79 -1.96 -5.55 2.08
C ILE C 79 -2.29 -4.69 3.30
N PHE C 80 -3.57 -4.62 3.62
CA PHE C 80 -4.03 -3.85 4.76
C PHE C 80 -4.21 -4.74 6.00
N PRO C 81 -4.21 -4.17 7.17
CA PRO C 81 -4.39 -4.93 8.43
C PRO C 81 -5.71 -5.70 8.42
N ASP C 82 -5.67 -6.93 8.93
CA ASP C 82 -6.85 -7.78 8.99
C ASP C 82 -7.37 -8.10 7.57
N ASP C 83 -6.56 -7.80 6.55
CA ASP C 83 -6.94 -8.05 5.17
C ASP C 83 -6.40 -9.40 4.70
N CYS C 84 -5.20 -9.74 5.16
CA CYS C 84 -4.58 -11.00 4.78
C CYS C 84 -3.95 -11.69 5.98
N GLU C 85 -3.96 -13.01 5.95
CA GLU C 85 -3.42 -13.79 7.04
C GLU C 85 -2.31 -14.70 6.56
N PHE C 86 -1.17 -14.64 7.23
CA PHE C 86 -0.03 -15.48 6.89
C PHE C 86 0.06 -16.60 7.91
N LYS C 87 -0.09 -17.83 7.44
CA LYS C 87 -0.05 -18.99 8.33
C LYS C 87 0.70 -20.14 7.69
N ARG C 88 1.02 -21.15 8.49
CA ARG C 88 1.73 -22.33 7.99
C ARG C 88 0.74 -23.32 7.39
N VAL C 89 1.26 -24.22 6.55
CA VAL C 89 0.39 -25.23 5.92
C VAL C 89 0.77 -26.63 6.40
N PRO C 90 0.17 -27.09 7.48
CA PRO C 90 0.46 -28.44 8.04
C PRO C 90 -0.30 -29.53 7.28
N GLN C 91 -0.03 -29.63 5.98
CA GLN C 91 -0.67 -30.65 5.15
C GLN C 91 0.35 -31.64 4.63
N CYS C 92 1.48 -31.14 4.15
CA CYS C 92 2.53 -32.00 3.63
C CYS C 92 3.82 -31.79 4.40
N PRO C 93 4.10 -32.61 5.40
CA PRO C 93 5.35 -32.47 6.21
C PRO C 93 6.59 -32.85 5.40
N SER C 94 7.59 -31.98 5.41
CA SER C 94 8.84 -32.21 4.68
C SER C 94 9.68 -30.95 4.63
N GLY C 95 9.01 -29.80 4.66
CA GLY C 95 9.70 -28.52 4.60
C GLY C 95 8.84 -27.39 5.16
N ARG C 96 9.31 -26.15 4.99
CA ARG C 96 8.56 -24.99 5.48
C ARG C 96 7.60 -24.50 4.41
N VAL C 97 6.30 -24.66 4.69
CA VAL C 97 5.26 -24.23 3.76
C VAL C 97 4.27 -23.31 4.46
N TYR C 98 4.00 -22.17 3.83
CA TYR C 98 3.06 -21.20 4.39
C TYR C 98 2.02 -20.79 3.34
N VAL C 99 0.86 -20.34 3.80
CA VAL C 99 -0.20 -19.94 2.89
C VAL C 99 -0.73 -18.56 3.26
N LEU C 100 -0.87 -17.70 2.26
CA LEU C 100 -1.38 -16.36 2.49
C LEU C 100 -2.85 -16.35 2.09
N LYS C 101 -3.73 -16.03 3.04
CA LYS C 101 -5.16 -16.02 2.74
C LYS C 101 -5.73 -14.63 2.96
N PHE C 102 -6.46 -14.13 1.98
CA PHE C 102 -7.05 -12.82 2.08
C PHE C 102 -8.42 -12.93 2.75
N LYS C 103 -8.54 -12.33 3.92
CA LYS C 103 -9.77 -12.39 4.68
C LYS C 103 -10.91 -11.78 3.89
N ALA C 104 -10.59 -10.77 3.10
CA ALA C 104 -11.61 -10.11 2.29
C ALA C 104 -11.35 -10.29 0.80
N GLY C 105 -10.12 -10.63 0.46
CA GLY C 105 -9.73 -10.84 -0.94
C GLY C 105 -10.26 -12.16 -1.48
N SER C 106 -10.60 -13.08 -0.58
CA SER C 106 -11.12 -14.38 -0.98
C SER C 106 -10.10 -15.12 -1.86
N LYS C 107 -8.83 -14.82 -1.65
CA LYS C 107 -7.76 -15.45 -2.43
C LYS C 107 -6.79 -16.16 -1.49
N ARG C 108 -6.18 -17.24 -1.98
CA ARG C 108 -5.22 -17.99 -1.17
C ARG C 108 -3.96 -18.28 -1.98
N LEU C 109 -2.81 -17.99 -1.40
CA LEU C 109 -1.53 -18.23 -2.09
C LEU C 109 -0.68 -19.17 -1.25
N PHE C 110 0.14 -19.97 -1.92
CA PHE C 110 1.00 -20.92 -1.21
C PHE C 110 2.47 -20.62 -1.50
N PHE C 111 3.29 -20.64 -0.45
CA PHE C 111 4.71 -20.37 -0.61
C PHE C 111 5.53 -21.32 0.24
N TRP C 112 6.77 -21.56 -0.19
CA TRP C 112 7.66 -22.42 0.56
C TRP C 112 8.99 -21.71 0.78
N MET C 113 9.51 -21.77 2.00
CA MET C 113 10.76 -21.09 2.30
C MET C 113 11.95 -21.87 1.78
N GLN C 114 12.91 -21.13 1.23
CA GLN C 114 14.12 -21.75 0.70
C GLN C 114 15.26 -21.58 1.71
N GLU C 115 14.96 -21.09 2.89
CA GLU C 115 15.98 -20.88 3.90
C GLU C 115 16.49 -22.24 4.43
N PRO C 116 17.78 -22.43 4.55
CA PRO C 116 18.35 -23.73 5.05
C PRO C 116 18.05 -23.96 6.53
N LYS C 117 17.85 -22.88 7.28
CA LYS C 117 17.56 -22.98 8.70
C LYS C 117 16.22 -22.35 9.02
N THR C 118 15.50 -22.96 9.95
CA THR C 118 14.21 -22.44 10.35
C THR C 118 14.34 -21.44 11.50
N ASP C 119 15.58 -21.22 11.94
CA ASP C 119 15.84 -20.29 13.02
C ASP C 119 15.36 -18.90 12.65
N GLN C 120 15.17 -18.68 11.35
CA GLN C 120 14.70 -17.38 10.88
C GLN C 120 13.34 -17.50 10.21
N ASP C 121 12.97 -18.73 9.84
CA ASP C 121 11.69 -18.97 9.19
C ASP C 121 10.55 -18.57 10.10
N GLU C 122 10.66 -18.89 11.38
CA GLU C 122 9.62 -18.56 12.33
C GLU C 122 9.48 -17.04 12.47
N GLU C 123 10.62 -16.37 12.51
CA GLU C 123 10.64 -14.93 12.65
C GLU C 123 10.03 -14.27 11.43
N HIS C 124 10.36 -14.78 10.26
CA HIS C 124 9.85 -14.24 9.02
C HIS C 124 8.35 -14.38 9.00
N CYS C 125 7.89 -15.53 9.47
CA CYS C 125 6.48 -15.81 9.53
C CYS C 125 5.80 -14.82 10.46
N ARG C 126 6.43 -14.58 11.61
CA ARG C 126 5.85 -13.65 12.58
C ARG C 126 5.85 -12.23 12.04
N LYS C 127 6.96 -11.85 11.41
CA LYS C 127 7.09 -10.52 10.86
C LYS C 127 6.09 -10.30 9.74
N VAL C 128 5.92 -11.30 8.89
CA VAL C 128 4.96 -11.15 7.80
C VAL C 128 3.58 -10.84 8.36
N ASN C 129 3.16 -11.60 9.36
CA ASN C 129 1.85 -11.36 9.96
C ASN C 129 1.80 -10.01 10.65
N GLU C 130 2.90 -9.64 11.31
CA GLU C 130 2.93 -8.39 12.03
C GLU C 130 3.01 -7.20 11.08
N TYR C 131 3.48 -7.43 9.87
CA TYR C 131 3.60 -6.36 8.90
C TYR C 131 2.33 -6.23 8.07
N LEU C 132 1.62 -7.34 7.93
CA LEU C 132 0.40 -7.34 7.14
C LEU C 132 -0.82 -7.19 8.03
N ASN C 133 -0.65 -7.41 9.33
CA ASN C 133 -1.76 -7.28 10.27
C ASN C 133 -1.48 -6.20 11.28
N ASN C 134 -0.21 -5.83 11.43
CA ASN C 134 0.15 -4.80 12.40
C ASN C 134 1.14 -3.82 11.80
N PRO C 135 0.72 -3.06 10.83
CA PRO C 135 1.60 -2.07 10.15
C PRO C 135 1.96 -0.90 11.06
N PRO C 136 3.08 -0.26 10.82
CA PRO C 136 3.54 0.90 11.63
C PRO C 136 2.77 2.17 11.31
N GLN D 5 23.85 -26.60 0.52
CA GLN D 5 23.87 -25.11 0.59
C GLN D 5 22.44 -24.59 0.74
N GLU D 6 21.53 -25.14 -0.07
CA GLU D 6 20.14 -24.71 -0.01
C GLU D 6 19.20 -25.92 0.10
N PRO D 7 18.06 -25.74 0.73
CA PRO D 7 17.07 -26.85 0.90
C PRO D 7 16.29 -27.12 -0.39
N GLU D 8 15.96 -28.38 -0.62
CA GLU D 8 15.20 -28.73 -1.82
C GLU D 8 13.74 -28.34 -1.67
N PRO D 9 13.05 -28.12 -2.77
CA PRO D 9 11.60 -27.73 -2.73
C PRO D 9 10.70 -28.90 -2.31
N PRO D 10 9.51 -28.61 -1.83
CA PRO D 10 8.54 -29.64 -1.39
C PRO D 10 7.93 -30.41 -2.56
N GLU D 11 7.03 -31.33 -2.27
CA GLU D 11 6.39 -32.13 -3.30
C GLU D 11 4.89 -31.83 -3.36
N PRO D 12 4.25 -32.12 -4.47
CA PRO D 12 2.78 -31.88 -4.63
C PRO D 12 1.95 -32.57 -3.55
N PHE D 13 0.90 -31.90 -3.09
CA PHE D 13 0.04 -32.46 -2.05
C PHE D 13 -1.36 -31.88 -2.15
N GLU D 14 -2.32 -32.53 -1.48
CA GLU D 14 -3.70 -32.06 -1.50
C GLU D 14 -3.92 -31.02 -0.41
N TYR D 15 -4.69 -29.98 -0.74
CA TYR D 15 -4.99 -28.92 0.21
C TYR D 15 -6.49 -28.72 0.33
N ILE D 16 -6.96 -28.70 1.56
CA ILE D 16 -8.39 -28.51 1.81
C ILE D 16 -8.59 -27.44 2.86
N ASP D 17 -9.41 -26.46 2.54
CA ASP D 17 -9.64 -25.38 3.49
C ASP D 17 -10.55 -25.85 4.61
N ASP D 18 -9.94 -26.50 5.60
CA ASP D 18 -10.70 -27.00 6.74
C ASP D 18 -10.93 -25.90 7.77
N MET A 1 8.09 16.45 18.59
CA MET A 1 8.77 16.59 17.28
C MET A 1 8.62 18.01 16.79
N GLN A 2 9.36 18.91 17.41
CA GLN A 2 9.32 20.30 17.03
C GLN A 2 9.79 20.47 15.60
N ILE A 3 9.45 21.60 15.01
CA ILE A 3 9.82 21.87 13.64
C ILE A 3 10.30 23.30 13.51
N PHE A 4 11.14 23.55 12.51
CA PHE A 4 11.68 24.89 12.31
C PHE A 4 10.88 25.65 11.27
N VAL A 5 10.37 26.82 11.63
CA VAL A 5 9.60 27.62 10.68
C VAL A 5 10.37 28.88 10.29
N LYS A 6 10.77 28.96 9.02
CA LYS A 6 11.50 30.12 8.54
C LYS A 6 10.53 31.20 8.09
N THR A 7 10.74 32.43 8.55
CA THR A 7 9.89 33.54 8.18
C THR A 7 10.41 34.24 6.94
N LEU A 8 9.68 35.24 6.48
CA LEU A 8 10.07 35.99 5.30
C LEU A 8 11.43 36.65 5.54
N THR A 9 11.62 37.12 6.76
CA THR A 9 12.86 37.78 7.13
C THR A 9 13.99 36.76 7.35
N GLY A 10 13.64 35.47 7.32
CA GLY A 10 14.63 34.42 7.52
C GLY A 10 14.66 33.98 8.99
N LYS A 11 13.95 34.70 9.85
CA LYS A 11 13.92 34.35 11.26
C LYS A 11 13.29 32.96 11.42
N THR A 12 13.95 32.08 12.15
CA THR A 12 13.43 30.74 12.33
C THR A 12 12.79 30.60 13.70
N ILE A 13 11.59 30.04 13.70
CA ILE A 13 10.83 29.86 14.93
C ILE A 13 10.52 28.38 15.15
N THR A 14 11.18 27.75 16.12
CA THR A 14 10.94 26.34 16.38
C THR A 14 9.62 26.17 17.14
N LEU A 15 8.77 25.27 16.64
CA LEU A 15 7.49 25.03 17.30
C LEU A 15 7.33 23.55 17.62
N GLU A 16 7.09 23.24 18.89
CA GLU A 16 6.93 21.85 19.31
C GLU A 16 5.63 21.27 18.77
N VAL A 17 5.77 20.28 17.90
CA VAL A 17 4.61 19.64 17.30
C VAL A 17 4.79 18.12 17.27
N GLU A 18 3.69 17.41 17.05
CA GLU A 18 3.76 15.95 16.96
C GLU A 18 3.58 15.52 15.50
N PRO A 19 4.09 14.37 15.14
CA PRO A 19 3.98 13.87 13.73
C PRO A 19 2.53 13.81 13.27
N SER A 20 1.64 13.46 14.19
CA SER A 20 0.22 13.36 13.87
C SER A 20 -0.47 14.73 13.93
N ASP A 21 0.26 15.74 14.38
CA ASP A 21 -0.29 17.08 14.49
C ASP A 21 -0.76 17.60 13.13
N THR A 22 -1.95 18.19 13.10
CA THR A 22 -2.51 18.71 11.86
C THR A 22 -1.87 20.05 11.50
N ILE A 23 -2.05 20.45 10.24
CA ILE A 23 -1.49 21.69 9.76
C ILE A 23 -2.12 22.87 10.51
N GLU A 24 -3.41 22.78 10.76
CA GLU A 24 -4.12 23.84 11.47
C GLU A 24 -3.50 24.07 12.84
N ASN A 25 -3.17 22.99 13.53
CA ASN A 25 -2.56 23.09 14.85
C ASN A 25 -1.22 23.80 14.76
N VAL A 26 -0.46 23.46 13.73
CA VAL A 26 0.85 24.06 13.53
C VAL A 26 0.73 25.56 13.29
N LYS A 27 -0.25 25.95 12.47
CA LYS A 27 -0.46 27.36 12.18
C LYS A 27 -0.79 28.13 13.45
N ALA A 28 -1.59 27.50 14.32
CA ALA A 28 -1.95 28.15 15.58
C ALA A 28 -0.71 28.42 16.41
N LYS A 29 0.21 27.46 16.42
CA LYS A 29 1.45 27.62 17.18
C LYS A 29 2.19 28.83 16.66
N ILE A 30 2.18 28.97 15.34
CA ILE A 30 2.84 30.10 14.70
C ILE A 30 2.16 31.40 15.11
N GLN A 31 0.84 31.37 15.18
CA GLN A 31 0.07 32.55 15.55
C GLN A 31 0.46 33.02 16.96
N ASP A 32 0.67 32.08 17.86
CA ASP A 32 1.05 32.42 19.23
C ASP A 32 2.44 33.08 19.27
N LYS A 33 3.39 32.53 18.52
CA LYS A 33 4.76 33.06 18.50
C LYS A 33 4.86 34.40 17.77
N GLU A 34 4.14 34.51 16.67
CA GLU A 34 4.15 35.74 15.87
C GLU A 34 2.74 36.15 15.52
N GLY A 35 2.53 37.45 15.25
CA GLY A 35 1.20 37.93 14.90
C GLY A 35 0.83 37.49 13.48
N ILE A 36 0.69 36.19 13.30
CA ILE A 36 0.34 35.63 12.00
C ILE A 36 -1.02 34.92 12.11
N PRO A 37 -2.10 35.55 11.72
CA PRO A 37 -3.45 34.91 11.82
C PRO A 37 -3.61 33.75 10.84
N PRO A 38 -4.41 32.76 11.16
CA PRO A 38 -4.63 31.58 10.28
C PRO A 38 -4.96 31.97 8.84
N ASP A 39 -5.50 33.18 8.67
CA ASP A 39 -5.84 33.65 7.33
C ASP A 39 -4.66 34.40 6.71
N GLN A 40 -3.45 34.00 7.07
CA GLN A 40 -2.25 34.65 6.54
C GLN A 40 -1.00 33.83 6.86
N GLN A 41 -1.17 32.50 6.92
CA GLN A 41 -0.03 31.62 7.21
C GLN A 41 0.14 30.59 6.10
N ARG A 42 1.05 30.86 5.17
CA ARG A 42 1.30 29.92 4.09
C ARG A 42 2.49 29.05 4.44
N LEU A 43 2.22 27.79 4.76
CA LEU A 43 3.28 26.85 5.13
C LEU A 43 3.58 25.91 3.97
N ILE A 44 4.83 25.93 3.51
CA ILE A 44 5.22 25.06 2.40
C ILE A 44 6.48 24.27 2.77
N PHE A 45 6.42 22.95 2.58
CA PHE A 45 7.56 22.10 2.90
C PHE A 45 8.05 21.33 1.66
N ALA A 46 9.29 21.58 1.27
CA ALA A 46 9.86 20.93 0.10
C ALA A 46 9.02 21.19 -1.15
N GLY A 47 8.40 22.37 -1.20
CA GLY A 47 7.56 22.74 -2.34
C GLY A 47 6.15 22.15 -2.22
N LYS A 48 5.91 21.41 -1.15
CA LYS A 48 4.61 20.80 -0.92
C LYS A 48 3.79 21.70 0.01
N GLN A 49 2.73 22.29 -0.53
CA GLN A 49 1.90 23.17 0.27
C GLN A 49 1.20 22.38 1.37
N LEU A 50 1.30 22.86 2.61
CA LEU A 50 0.68 22.19 3.74
C LEU A 50 -0.82 22.44 3.76
N GLU A 51 -1.57 21.60 3.06
CA GLU A 51 -3.02 21.75 2.98
C GLU A 51 -3.70 21.41 4.32
N ASP A 52 -4.69 22.21 4.68
CA ASP A 52 -5.41 22.00 5.92
C ASP A 52 -6.07 20.62 5.90
N GLY A 53 -6.14 20.00 7.07
CA GLY A 53 -6.74 18.68 7.20
C GLY A 53 -5.68 17.59 7.17
N ARG A 54 -4.48 17.94 6.70
CA ARG A 54 -3.38 16.97 6.65
C ARG A 54 -2.54 17.05 7.91
N THR A 55 -1.64 16.09 8.06
CA THR A 55 -0.76 16.05 9.22
C THR A 55 0.68 16.28 8.82
N LEU A 56 1.54 16.53 9.79
CA LEU A 56 2.94 16.78 9.49
C LEU A 56 3.58 15.55 8.84
N SER A 57 3.21 14.37 9.33
CA SER A 57 3.76 13.13 8.78
C SER A 57 3.36 12.95 7.32
N ASP A 58 2.22 13.52 6.93
CA ASP A 58 1.75 13.42 5.55
C ASP A 58 2.75 14.07 4.61
N TYR A 59 3.36 15.14 5.07
CA TYR A 59 4.35 15.87 4.28
C TYR A 59 5.76 15.42 4.62
N ASN A 60 5.89 14.29 5.32
CA ASN A 60 7.19 13.78 5.70
C ASN A 60 7.96 14.83 6.49
N ILE A 61 7.24 15.53 7.37
CA ILE A 61 7.86 16.56 8.19
C ILE A 61 8.31 15.94 9.50
N GLN A 62 9.63 15.85 9.68
CA GLN A 62 10.19 15.28 10.90
C GLN A 62 10.62 16.39 11.84
N LYS A 63 11.33 16.03 12.90
CA LYS A 63 11.78 17.02 13.85
C LYS A 63 12.77 17.98 13.20
N GLU A 64 12.73 19.24 13.63
CA GLU A 64 13.64 20.24 13.12
C GLU A 64 13.53 20.36 11.60
N SER A 65 12.29 20.31 11.11
CA SER A 65 12.05 20.43 9.67
C SER A 65 11.82 21.88 9.30
N THR A 66 12.63 22.40 8.40
CA THR A 66 12.51 23.78 7.97
C THR A 66 11.28 23.95 7.09
N LEU A 67 10.42 24.90 7.45
CA LEU A 67 9.20 25.16 6.69
C LEU A 67 9.22 26.58 6.15
N HIS A 68 8.61 26.77 4.98
CA HIS A 68 8.57 28.09 4.37
C HIS A 68 7.29 28.81 4.78
N LEU A 69 7.44 29.88 5.56
CA LEU A 69 6.30 30.66 6.00
C LEU A 69 6.19 31.93 5.18
N VAL A 70 5.06 32.09 4.49
CA VAL A 70 4.85 33.27 3.66
C VAL A 70 3.60 34.02 4.12
N LEU A 71 3.73 35.32 4.25
CA LEU A 71 2.63 36.15 4.70
C LEU A 71 1.99 36.88 3.52
N ARG A 72 0.66 36.84 3.47
CA ARG A 72 -0.07 37.50 2.39
C ARG A 72 -0.31 38.98 2.74
N LEU A 73 -0.11 39.86 1.77
CA LEU A 73 -0.32 41.28 2.00
C LEU A 73 -1.56 41.76 1.24
N ARG A 74 -2.54 42.24 1.99
CA ARG A 74 -3.78 42.73 1.40
C ARG A 74 -4.40 41.65 0.50
N GLY A 75 -4.32 40.41 0.95
CA GLY A 75 -4.88 39.30 0.17
C GLY A 75 -6.40 39.39 0.12
N GLY A 76 -6.98 38.96 -0.99
CA GLY A 76 -8.43 38.99 -1.16
C GLY A 76 -8.81 38.88 -2.63
N ASP A 77 -10.09 39.04 -2.92
CA ASP A 77 -10.57 38.96 -4.29
C ASP A 77 -11.80 39.83 -4.48
N MET B 1 -25.86 -4.41 -3.83
CA MET B 1 -24.64 -5.00 -3.23
C MET B 1 -23.77 -3.89 -2.67
N GLN B 2 -24.23 -3.30 -1.57
CA GLN B 2 -23.50 -2.23 -0.93
C GLN B 2 -22.15 -2.72 -0.46
N ILE B 3 -21.24 -1.80 -0.26
CA ILE B 3 -19.89 -2.15 0.19
C ILE B 3 -19.43 -1.13 1.23
N PHE B 4 -18.60 -1.59 2.16
CA PHE B 4 -18.12 -0.71 3.23
C PHE B 4 -16.81 -0.05 2.84
N VAL B 5 -16.82 1.26 2.67
CA VAL B 5 -15.60 1.96 2.30
C VAL B 5 -14.94 2.56 3.53
N LYS B 6 -13.81 1.99 3.94
CA LYS B 6 -13.12 2.48 5.11
C LYS B 6 -12.02 3.47 4.73
N THR B 7 -12.13 4.69 5.26
CA THR B 7 -11.15 5.73 4.97
C THR B 7 -9.91 5.58 5.82
N LEU B 8 -8.91 6.40 5.53
CA LEU B 8 -7.66 6.35 6.25
C LEU B 8 -7.90 6.63 7.73
N THR B 9 -8.85 7.51 7.99
CA THR B 9 -9.20 7.88 9.35
C THR B 9 -9.90 6.73 10.07
N GLY B 10 -10.28 5.70 9.31
CA GLY B 10 -10.96 4.55 9.89
C GLY B 10 -12.48 4.66 9.75
N LYS B 11 -12.96 5.83 9.32
CA LYS B 11 -14.39 6.03 9.14
C LYS B 11 -14.90 5.11 8.03
N THR B 12 -15.93 4.33 8.33
CA THR B 12 -16.48 3.41 7.33
C THR B 12 -17.75 3.99 6.71
N ILE B 13 -17.81 3.94 5.39
CA ILE B 13 -18.93 4.49 4.65
C ILE B 13 -19.55 3.44 3.72
N THR B 14 -20.74 2.95 4.05
CA THR B 14 -21.37 1.96 3.20
C THR B 14 -22.01 2.62 1.98
N LEU B 15 -21.68 2.12 0.79
CA LEU B 15 -22.24 2.66 -0.44
C LEU B 15 -22.93 1.57 -1.24
N GLU B 16 -24.22 1.76 -1.51
CA GLU B 16 -24.98 0.79 -2.27
C GLU B 16 -24.50 0.70 -3.72
N VAL B 17 -23.93 -0.44 -4.08
CA VAL B 17 -23.43 -0.62 -5.44
C VAL B 17 -23.83 -2.00 -5.97
N GLU B 18 -23.77 -2.16 -7.30
CA GLU B 18 -24.11 -3.44 -7.91
C GLU B 18 -22.85 -4.18 -8.33
N PRO B 19 -22.87 -5.48 -8.41
CA PRO B 19 -21.67 -6.28 -8.79
C PRO B 19 -21.12 -5.85 -10.15
N SER B 20 -22.01 -5.54 -11.08
CA SER B 20 -21.60 -5.10 -12.41
C SER B 20 -21.19 -3.62 -12.41
N ASP B 21 -21.45 -2.94 -11.28
CA ASP B 21 -21.12 -1.51 -11.18
C ASP B 21 -19.63 -1.29 -11.41
N THR B 22 -19.31 -0.27 -12.21
CA THR B 22 -17.93 0.06 -12.51
C THR B 22 -17.26 0.76 -11.34
N ILE B 23 -15.93 0.77 -11.34
CA ILE B 23 -15.18 1.39 -10.27
C ILE B 23 -15.45 2.90 -10.25
N GLU B 24 -15.56 3.47 -11.44
CA GLU B 24 -15.82 4.90 -11.55
C GLU B 24 -17.12 5.26 -10.83
N ASN B 25 -18.14 4.43 -11.03
CA ASN B 25 -19.43 4.67 -10.40
C ASN B 25 -19.31 4.63 -8.88
N VAL B 26 -18.54 3.66 -8.40
CA VAL B 26 -18.34 3.50 -6.96
C VAL B 26 -17.66 4.73 -6.39
N LYS B 27 -16.65 5.22 -7.10
CA LYS B 27 -15.92 6.39 -6.67
C LYS B 27 -16.85 7.59 -6.58
N ALA B 28 -17.77 7.70 -7.54
CA ALA B 28 -18.71 8.81 -7.55
C ALA B 28 -19.55 8.81 -6.28
N LYS B 29 -19.98 7.63 -5.86
CA LYS B 29 -20.77 7.52 -4.65
C LYS B 29 -19.96 8.05 -3.48
N ILE B 30 -18.68 7.76 -3.49
CA ILE B 30 -17.78 8.24 -2.43
C ILE B 30 -17.67 9.75 -2.48
N GLN B 31 -17.60 10.29 -3.69
CA GLN B 31 -17.47 11.74 -3.87
C GLN B 31 -18.68 12.44 -3.23
N ASP B 32 -19.86 11.85 -3.39
CA ASP B 32 -21.08 12.43 -2.82
C ASP B 32 -21.07 12.38 -1.30
N LYS B 33 -20.81 11.21 -0.72
CA LYS B 33 -20.80 11.07 0.75
C LYS B 33 -19.69 11.88 1.40
N GLU B 34 -18.52 11.86 0.78
CA GLU B 34 -17.37 12.58 1.30
C GLU B 34 -16.77 13.45 0.22
N GLY B 35 -16.22 14.59 0.60
CA GLY B 35 -15.62 15.48 -0.38
C GLY B 35 -14.26 14.94 -0.82
N ILE B 36 -14.28 13.75 -1.42
CA ILE B 36 -13.04 13.13 -1.90
C ILE B 36 -13.06 13.11 -3.43
N PRO B 37 -12.29 13.96 -4.08
CA PRO B 37 -12.25 13.99 -5.58
C PRO B 37 -11.84 12.65 -6.17
N PRO B 38 -12.22 12.36 -7.38
CA PRO B 38 -11.88 11.07 -8.05
C PRO B 38 -10.38 10.82 -8.12
N ASP B 39 -9.61 11.90 -8.17
CA ASP B 39 -8.16 11.76 -8.21
C ASP B 39 -7.57 11.55 -6.81
N GLN B 40 -8.40 11.73 -5.78
CA GLN B 40 -7.95 11.55 -4.40
C GLN B 40 -8.35 10.17 -3.89
N GLN B 41 -9.63 9.86 -4.01
CA GLN B 41 -10.15 8.56 -3.54
C GLN B 41 -9.58 7.41 -4.35
N ARG B 42 -8.82 6.55 -3.68
CA ARG B 42 -8.22 5.39 -4.32
C ARG B 42 -8.80 4.12 -3.69
N LEU B 43 -9.71 3.49 -4.42
CA LEU B 43 -10.34 2.27 -3.92
C LEU B 43 -9.42 1.07 -4.11
N ILE B 44 -9.21 0.30 -3.04
CA ILE B 44 -8.34 -0.86 -3.14
C ILE B 44 -8.99 -2.09 -2.47
N PHE B 45 -9.00 -3.21 -3.19
CA PHE B 45 -9.61 -4.44 -2.68
C PHE B 45 -8.92 -5.67 -3.27
N ALA B 46 -9.04 -6.80 -2.57
CA ALA B 46 -8.43 -8.05 -3.01
C ALA B 46 -6.91 -7.97 -2.93
N GLY B 47 -6.41 -7.03 -2.13
CA GLY B 47 -4.99 -6.86 -1.97
C GLY B 47 -4.41 -5.99 -3.09
N ARG B 48 -5.23 -5.63 -4.07
CA ARG B 48 -4.77 -4.81 -5.18
C ARG B 48 -5.69 -3.62 -5.40
N GLN B 49 -5.11 -2.54 -5.89
CA GLN B 49 -5.87 -1.34 -6.14
C GLN B 49 -6.82 -1.53 -7.32
N LEU B 50 -8.02 -0.96 -7.22
CA LEU B 50 -9.02 -1.10 -8.27
C LEU B 50 -8.76 -0.12 -9.41
N GLU B 51 -8.40 -0.67 -10.58
CA GLU B 51 -8.12 0.16 -11.75
C GLU B 51 -9.42 0.69 -12.36
N ASP B 52 -9.41 1.95 -12.76
CA ASP B 52 -10.60 2.54 -13.36
C ASP B 52 -11.00 1.75 -14.60
N GLY B 53 -12.31 1.75 -14.88
CA GLY B 53 -12.82 1.03 -16.03
C GLY B 53 -13.20 -0.41 -15.67
N ARG B 54 -12.76 -0.86 -14.49
CA ARG B 54 -13.07 -2.21 -14.04
C ARG B 54 -14.43 -2.24 -13.34
N THR B 55 -14.80 -3.42 -12.86
CA THR B 55 -16.07 -3.60 -12.17
C THR B 55 -15.85 -4.24 -10.81
N LEU B 56 -16.84 -4.13 -9.94
CA LEU B 56 -16.70 -4.71 -8.61
C LEU B 56 -16.55 -6.22 -8.69
N SER B 57 -17.30 -6.85 -9.59
CA SER B 57 -17.24 -8.29 -9.76
C SER B 57 -15.85 -8.74 -10.24
N ASP B 58 -15.17 -7.86 -10.95
CA ASP B 58 -13.82 -8.18 -11.43
C ASP B 58 -12.89 -8.44 -10.26
N TYR B 59 -13.12 -7.71 -9.18
CA TYR B 59 -12.30 -7.85 -7.98
C TYR B 59 -12.98 -8.75 -6.95
N ASN B 60 -14.02 -9.46 -7.37
CA ASN B 60 -14.74 -10.35 -6.46
C ASN B 60 -15.22 -9.59 -5.24
N ILE B 61 -15.68 -8.36 -5.46
CA ILE B 61 -16.18 -7.53 -4.38
C ILE B 61 -17.65 -7.84 -4.12
N GLN B 62 -17.92 -8.52 -3.03
CA GLN B 62 -19.29 -8.90 -2.67
C GLN B 62 -19.90 -7.84 -1.75
N LYS B 63 -21.17 -8.03 -1.42
CA LYS B 63 -21.84 -7.09 -0.55
C LYS B 63 -21.12 -7.03 0.80
N GLU B 64 -21.19 -5.87 1.43
CA GLU B 64 -20.55 -5.67 2.73
C GLU B 64 -19.04 -5.85 2.66
N SER B 65 -18.48 -5.90 1.45
CA SER B 65 -17.03 -6.04 1.30
C SER B 65 -16.37 -4.74 1.73
N THR B 66 -15.28 -4.86 2.48
CA THR B 66 -14.58 -3.67 2.95
C THR B 66 -13.57 -3.24 1.89
N LEU B 67 -13.73 -2.02 1.40
CA LEU B 67 -12.85 -1.47 0.40
C LEU B 67 -12.02 -0.36 1.02
N HIS B 68 -10.70 -0.48 0.91
CA HIS B 68 -9.81 0.51 1.47
C HIS B 68 -9.81 1.78 0.62
N LEU B 69 -9.94 2.92 1.27
CA LEU B 69 -9.94 4.19 0.55
C LEU B 69 -8.68 4.97 0.91
N VAL B 70 -7.84 5.20 -0.10
CA VAL B 70 -6.59 5.94 0.12
C VAL B 70 -6.74 7.34 -0.43
N LEU B 71 -6.41 8.34 0.38
CA LEU B 71 -6.54 9.72 -0.05
C LEU B 71 -5.19 10.25 -0.56
N ARG B 72 -5.19 10.75 -1.78
CA ARG B 72 -3.96 11.28 -2.37
C ARG B 72 -3.86 12.79 -2.17
N LEU B 73 -2.66 13.27 -1.90
CA LEU B 73 -2.45 14.70 -1.70
C LEU B 73 -2.43 15.42 -3.04
N ARG B 74 -3.18 16.51 -3.14
CA ARG B 74 -3.25 17.26 -4.38
C ARG B 74 -1.88 17.88 -4.71
N GLY B 75 -1.50 17.80 -5.98
CA GLY B 75 -0.21 18.33 -6.41
C GLY B 75 0.93 17.35 -6.12
N GLY B 76 0.59 16.18 -5.58
CA GLY B 76 1.61 15.18 -5.25
C GLY B 76 2.02 15.29 -3.80
N ASN C 24 9.39 3.54 2.76
CA ASN C 24 9.88 2.57 1.75
C ASN C 24 10.76 1.52 2.42
N LYS C 25 10.54 1.33 3.71
CA LYS C 25 11.31 0.35 4.47
C LYS C 25 10.70 -1.03 4.30
N TYR C 26 11.54 -2.07 4.38
CA TYR C 26 11.06 -3.43 4.24
C TYR C 26 10.70 -3.99 5.60
N LEU C 27 9.42 -4.22 5.81
CA LEU C 27 8.96 -4.75 7.07
C LEU C 27 9.45 -6.17 7.26
N VAL C 28 9.49 -6.93 6.18
CA VAL C 28 9.97 -8.32 6.26
C VAL C 28 10.61 -8.72 4.95
N GLU C 29 11.38 -9.78 4.99
CA GLU C 29 12.04 -10.27 3.79
C GLU C 29 12.76 -11.58 4.07
N PHE C 30 12.39 -12.59 3.30
CA PHE C 30 13.01 -13.91 3.44
C PHE C 30 12.96 -14.70 2.14
N ARG C 31 13.83 -15.70 2.01
CA ARG C 31 13.86 -16.48 0.80
C ARG C 31 12.70 -17.47 0.75
N ALA C 32 11.86 -17.32 -0.26
CA ALA C 32 10.72 -18.21 -0.41
C ALA C 32 10.31 -18.29 -1.88
N GLY C 33 9.87 -19.46 -2.29
CA GLY C 33 9.44 -19.67 -3.67
C GLY C 33 7.93 -19.82 -3.72
N LYS C 34 7.37 -19.57 -4.90
CA LYS C 34 5.92 -19.66 -5.09
C LYS C 34 5.51 -21.05 -5.59
N MET C 35 4.26 -21.43 -5.34
CA MET C 35 3.78 -22.74 -5.78
C MET C 35 2.55 -22.54 -6.68
N SER C 36 2.09 -23.63 -7.32
CA SER C 36 0.93 -23.53 -8.19
C SER C 36 -0.15 -24.51 -7.73
N LEU C 37 -1.31 -23.98 -7.39
CA LEU C 37 -2.40 -24.82 -6.96
C LEU C 37 -3.45 -24.92 -8.05
N LYS C 38 -3.67 -26.14 -8.53
CA LYS C 38 -4.66 -26.38 -9.57
C LYS C 38 -5.65 -27.43 -9.08
N GLY C 39 -6.92 -27.04 -8.98
CA GLY C 39 -7.93 -27.97 -8.51
C GLY C 39 -7.73 -28.25 -7.02
N THR C 40 -7.09 -29.37 -6.73
CA THR C 40 -6.82 -29.74 -5.35
C THR C 40 -5.38 -30.24 -5.18
N THR C 41 -4.51 -29.84 -6.10
CA THR C 41 -3.11 -30.26 -6.04
C THR C 41 -2.18 -29.04 -6.03
N VAL C 42 -1.24 -29.03 -5.10
CA VAL C 42 -0.29 -27.93 -4.99
C VAL C 42 1.09 -28.40 -5.42
N THR C 43 1.68 -27.72 -6.39
CA THR C 43 3.00 -28.08 -6.88
C THR C 43 3.95 -26.88 -6.76
N PRO C 44 5.03 -26.96 -6.00
CA PRO C 44 5.97 -25.82 -5.85
C PRO C 44 6.77 -25.54 -7.12
N ASP C 45 7.10 -24.27 -7.33
CA ASP C 45 7.87 -23.88 -8.49
C ASP C 45 9.33 -23.67 -8.10
N LYS C 46 10.22 -24.09 -8.98
CA LYS C 46 11.65 -23.94 -8.72
C LYS C 46 12.08 -22.48 -8.81
N ARG C 47 11.17 -21.60 -9.25
CA ARG C 47 11.49 -20.19 -9.35
C ARG C 47 11.63 -19.61 -7.96
N LYS C 48 12.78 -19.87 -7.34
CA LYS C 48 13.03 -19.38 -5.99
C LYS C 48 12.89 -17.87 -5.99
N GLY C 49 12.19 -17.35 -5.00
CA GLY C 49 12.00 -15.91 -4.91
C GLY C 49 12.28 -15.40 -3.51
N LEU C 50 11.79 -14.20 -3.26
CA LEU C 50 11.96 -13.58 -1.97
C LEU C 50 10.64 -12.96 -1.56
N VAL C 51 10.14 -13.34 -0.40
CA VAL C 51 8.90 -12.76 0.06
C VAL C 51 9.22 -11.62 0.99
N TYR C 52 8.95 -10.40 0.55
CA TYR C 52 9.24 -9.25 1.39
C TYR C 52 8.07 -8.29 1.45
N ILE C 53 8.02 -7.55 2.55
CA ILE C 53 6.95 -6.59 2.79
C ILE C 53 7.54 -5.21 2.92
N GLN C 54 6.90 -4.23 2.30
CA GLN C 54 7.37 -2.86 2.35
C GLN C 54 6.22 -1.89 2.57
N GLN C 55 6.37 -1.00 3.53
CA GLN C 55 5.34 -0.03 3.82
C GLN C 55 5.69 1.30 3.18
N THR C 56 4.77 1.80 2.39
CA THR C 56 4.98 3.07 1.73
C THR C 56 4.61 4.23 2.62
N ASP C 57 4.92 5.43 2.14
CA ASP C 57 4.61 6.63 2.90
C ASP C 57 3.09 6.78 3.01
N ASP C 58 2.35 5.97 2.26
CA ASP C 58 0.89 6.03 2.32
C ASP C 58 0.36 5.11 3.42
N SER C 59 1.28 4.43 4.12
CA SER C 59 0.91 3.52 5.19
C SER C 59 0.24 2.27 4.62
N LEU C 60 0.51 2.02 3.35
CA LEU C 60 -0.01 0.86 2.67
C LEU C 60 1.06 -0.19 2.64
N ILE C 61 0.74 -1.36 3.18
CA ILE C 61 1.70 -2.43 3.22
C ILE C 61 1.74 -3.12 1.88
N HIS C 62 2.92 -3.14 1.30
CA HIS C 62 3.10 -3.76 0.00
C HIS C 62 3.67 -5.16 0.13
N PHE C 63 2.88 -6.15 -0.26
CA PHE C 63 3.31 -7.53 -0.21
C PHE C 63 3.83 -7.91 -1.58
N CYS C 64 5.14 -8.08 -1.71
CA CYS C 64 5.69 -8.40 -3.01
C CYS C 64 6.59 -9.63 -3.01
N TRP C 65 6.48 -10.39 -4.08
CA TRP C 65 7.28 -11.58 -4.28
C TRP C 65 8.20 -11.36 -5.45
N LYS C 66 9.48 -11.38 -5.17
CA LYS C 66 10.49 -11.15 -6.18
C LYS C 66 11.19 -12.43 -6.57
N ASP C 67 11.33 -12.64 -7.86
CA ASP C 67 11.99 -13.84 -8.36
C ASP C 67 13.50 -13.67 -8.23
N ARG C 68 14.14 -14.65 -7.64
CA ARG C 68 15.60 -14.59 -7.46
C ARG C 68 16.31 -14.80 -8.79
N THR C 69 15.59 -15.37 -9.74
CA THR C 69 16.14 -15.64 -11.06
C THR C 69 16.57 -14.36 -11.76
N SER C 70 15.75 -13.32 -11.70
CA SER C 70 16.08 -12.05 -12.33
C SER C 70 16.23 -10.97 -11.27
N GLY C 71 15.74 -11.26 -10.07
CA GLY C 71 15.82 -10.32 -8.97
C GLY C 71 14.82 -9.19 -9.16
N ASN C 72 13.80 -9.44 -9.98
CA ASN C 72 12.77 -8.45 -10.24
C ASN C 72 11.50 -8.80 -9.46
N VAL C 73 10.78 -7.78 -9.03
CA VAL C 73 9.55 -8.02 -8.28
C VAL C 73 8.46 -8.52 -9.22
N GLU C 74 8.22 -9.82 -9.18
CA GLU C 74 7.21 -10.43 -10.03
C GLU C 74 5.82 -10.10 -9.53
N ASP C 75 5.65 -10.06 -8.21
CA ASP C 75 4.34 -9.77 -7.63
C ASP C 75 4.44 -8.62 -6.62
N ASP C 76 3.38 -7.78 -6.57
CA ASP C 76 3.35 -6.65 -5.65
C ASP C 76 1.90 -6.23 -5.39
N LEU C 77 1.35 -6.62 -4.24
CA LEU C 77 -0.04 -6.26 -3.90
C LEU C 77 -0.11 -5.62 -2.54
N ILE C 78 -0.89 -4.55 -2.44
CA ILE C 78 -1.05 -3.86 -1.17
C ILE C 78 -2.01 -4.62 -0.28
N ILE C 79 -1.55 -4.98 0.90
CA ILE C 79 -2.40 -5.73 1.82
C ILE C 79 -2.78 -4.87 3.04
N PHE C 80 -4.06 -4.88 3.35
CA PHE C 80 -4.60 -4.10 4.47
C PHE C 80 -4.72 -4.96 5.73
N PRO C 81 -4.79 -4.37 6.89
CA PRO C 81 -4.93 -5.13 8.16
C PRO C 81 -6.17 -6.01 8.14
N ASP C 82 -6.03 -7.22 8.67
CA ASP C 82 -7.13 -8.17 8.70
C ASP C 82 -7.60 -8.54 7.29
N ASP C 83 -6.83 -8.16 6.27
CA ASP C 83 -7.19 -8.45 4.89
C ASP C 83 -6.64 -9.80 4.46
N CYS C 84 -5.60 -10.26 5.13
CA CYS C 84 -5.01 -11.55 4.79
C CYS C 84 -4.45 -12.22 6.03
N GLU C 85 -4.17 -13.50 5.90
CA GLU C 85 -3.63 -14.28 7.00
C GLU C 85 -2.52 -15.21 6.54
N PHE C 86 -1.38 -15.12 7.20
CA PHE C 86 -0.24 -15.97 6.87
C PHE C 86 -0.23 -17.17 7.81
N LYS C 87 -0.30 -18.37 7.25
CA LYS C 87 -0.33 -19.57 8.07
C LYS C 87 0.41 -20.72 7.40
N ARG C 88 0.74 -21.74 8.18
CA ARG C 88 1.45 -22.89 7.66
C ARG C 88 0.46 -23.92 7.13
N VAL C 89 0.91 -24.77 6.22
CA VAL C 89 0.05 -25.80 5.66
C VAL C 89 0.50 -27.18 6.12
N PRO C 90 0.01 -27.65 7.24
CA PRO C 90 0.39 -29.00 7.77
C PRO C 90 -0.37 -30.12 7.05
N GLN C 91 -0.17 -30.22 5.74
CA GLN C 91 -0.83 -31.26 4.97
C GLN C 91 0.20 -32.25 4.43
N CYS C 92 1.26 -31.72 3.84
CA CYS C 92 2.32 -32.57 3.28
C CYS C 92 3.63 -32.37 4.04
N PRO C 93 4.00 -33.28 4.92
CA PRO C 93 5.27 -33.16 5.68
C PRO C 93 6.49 -33.42 4.80
N SER C 94 7.46 -32.52 4.87
CA SER C 94 8.69 -32.62 4.08
C SER C 94 9.46 -31.31 4.13
N GLY C 95 8.74 -30.21 4.20
CA GLY C 95 9.39 -28.89 4.25
C GLY C 95 8.45 -27.84 4.83
N ARG C 96 8.94 -26.60 4.89
CA ARG C 96 8.14 -25.50 5.43
C ARG C 96 7.31 -24.86 4.33
N VAL C 97 6.00 -25.09 4.40
CA VAL C 97 5.07 -24.53 3.41
C VAL C 97 4.05 -23.64 4.10
N TYR C 98 3.91 -22.42 3.60
CA TYR C 98 2.97 -21.46 4.15
C TYR C 98 2.02 -20.96 3.07
N VAL C 99 0.83 -20.57 3.49
CA VAL C 99 -0.16 -20.08 2.55
C VAL C 99 -0.75 -18.76 3.02
N LEU C 100 -0.96 -17.85 2.07
CA LEU C 100 -1.53 -16.56 2.40
C LEU C 100 -3.02 -16.61 2.12
N LYS C 101 -3.82 -16.33 3.13
CA LYS C 101 -5.27 -16.38 3.00
C LYS C 101 -5.85 -14.99 3.04
N PHE C 102 -6.35 -14.53 1.92
CA PHE C 102 -6.96 -13.23 1.88
C PHE C 102 -8.30 -13.30 2.57
N LYS C 103 -8.37 -12.76 3.78
CA LYS C 103 -9.60 -12.78 4.52
C LYS C 103 -10.70 -12.04 3.77
N ALA C 104 -10.32 -10.94 3.12
CA ALA C 104 -11.31 -10.15 2.39
C ALA C 104 -11.30 -10.49 0.90
N GLY C 105 -10.21 -11.07 0.43
CA GLY C 105 -10.10 -11.43 -0.98
C GLY C 105 -10.27 -12.93 -1.17
N SER C 106 -10.97 -13.33 -2.22
CA SER C 106 -11.18 -14.75 -2.47
C SER C 106 -9.98 -15.33 -3.21
N LYS C 107 -8.78 -15.12 -2.66
CA LYS C 107 -7.57 -15.61 -3.28
C LYS C 107 -6.59 -16.14 -2.22
N ARG C 108 -5.88 -17.20 -2.58
CA ARG C 108 -4.91 -17.80 -1.69
C ARG C 108 -3.57 -18.01 -2.41
N LEU C 109 -2.48 -17.72 -1.73
CA LEU C 109 -1.15 -17.88 -2.32
C LEU C 109 -0.36 -18.95 -1.57
N PHE C 110 0.51 -19.65 -2.27
CA PHE C 110 1.31 -20.69 -1.64
C PHE C 110 2.80 -20.38 -1.74
N PHE C 111 3.52 -20.55 -0.63
CA PHE C 111 4.95 -20.31 -0.60
C PHE C 111 5.68 -21.36 0.19
N TRP C 112 6.95 -21.52 -0.11
CA TRP C 112 7.77 -22.48 0.59
C TRP C 112 9.09 -21.83 0.99
N MET C 113 9.54 -22.11 2.20
CA MET C 113 10.77 -21.53 2.72
C MET C 113 12.00 -22.14 2.04
N GLN C 114 12.86 -21.27 1.54
CA GLN C 114 14.09 -21.70 0.88
C GLN C 114 15.31 -21.47 1.76
N GLU C 115 15.13 -20.83 2.90
CA GLU C 115 16.25 -20.56 3.80
C GLU C 115 16.85 -21.87 4.32
N PRO C 116 18.14 -21.92 4.54
CA PRO C 116 18.82 -23.16 5.04
C PRO C 116 18.52 -23.43 6.52
N LYS C 117 18.23 -22.38 7.26
CA LYS C 117 17.94 -22.54 8.69
C LYS C 117 16.53 -22.06 8.99
N THR C 118 15.86 -22.77 9.89
CA THR C 118 14.51 -22.39 10.28
C THR C 118 14.53 -21.58 11.56
N ASP C 119 15.73 -21.16 11.97
CA ASP C 119 15.87 -20.38 13.18
C ASP C 119 15.10 -19.07 13.06
N GLN C 120 14.79 -18.67 11.84
CA GLN C 120 14.05 -17.44 11.61
C GLN C 120 12.80 -17.67 10.75
N ASP C 121 12.51 -18.94 10.47
CA ASP C 121 11.35 -19.27 9.65
C ASP C 121 10.07 -18.80 10.31
N GLU C 122 9.92 -19.15 11.57
CA GLU C 122 8.72 -18.78 12.32
C GLU C 122 8.64 -17.27 12.49
N GLU C 123 9.77 -16.67 12.77
CA GLU C 123 9.83 -15.24 12.96
C GLU C 123 9.39 -14.50 11.72
N HIS C 124 9.88 -14.94 10.57
CA HIS C 124 9.53 -14.32 9.31
C HIS C 124 8.06 -14.51 9.05
N CYS C 125 7.60 -15.70 9.37
CA CYS C 125 6.20 -16.04 9.20
C CYS C 125 5.34 -15.17 10.10
N ARG C 126 5.80 -14.96 11.33
CA ARG C 126 5.06 -14.13 12.28
C ARG C 126 5.05 -12.70 11.83
N LYS C 127 6.19 -12.23 11.35
CA LYS C 127 6.30 -10.87 10.86
C LYS C 127 5.41 -10.67 9.64
N VAL C 128 5.30 -11.68 8.80
CA VAL C 128 4.48 -11.57 7.61
C VAL C 128 3.04 -11.25 7.96
N ASN C 129 2.46 -12.00 8.92
CA ASN C 129 1.07 -11.76 9.29
C ASN C 129 0.97 -10.59 10.24
N GLU C 130 2.01 -10.40 11.03
CA GLU C 130 2.03 -9.30 11.96
C GLU C 130 2.09 -7.96 11.27
N TYR C 131 2.83 -7.87 10.17
CA TYR C 131 2.93 -6.61 9.46
C TYR C 131 1.71 -6.40 8.56
N LEU C 132 1.19 -7.50 8.03
CA LEU C 132 0.04 -7.42 7.14
C LEU C 132 -1.25 -7.23 7.92
N ASN C 133 -1.25 -7.70 9.17
CA ASN C 133 -2.44 -7.57 10.01
C ASN C 133 -2.21 -6.52 11.08
N ASN C 134 -0.95 -6.27 11.40
CA ASN C 134 -0.63 -5.28 12.42
C ASN C 134 0.57 -4.45 12.03
N PRO C 135 0.44 -3.65 11.01
CA PRO C 135 1.53 -2.78 10.51
C PRO C 135 1.84 -1.62 11.45
N PRO C 136 3.00 -1.02 11.33
CA PRO C 136 3.41 0.13 12.19
C PRO C 136 2.71 1.43 11.82
N GLN D 5 23.72 -26.54 1.58
CA GLN D 5 23.08 -25.45 0.79
C GLN D 5 21.61 -25.34 1.19
N GLU D 6 20.87 -24.50 0.46
CA GLU D 6 19.46 -24.31 0.76
C GLU D 6 18.64 -25.55 0.37
N PRO D 7 17.55 -25.84 1.07
CA PRO D 7 16.70 -27.02 0.76
C PRO D 7 15.91 -26.87 -0.54
N GLU D 8 15.71 -27.97 -1.23
CA GLU D 8 14.96 -27.95 -2.49
C GLU D 8 13.46 -27.93 -2.20
N PRO D 9 12.66 -27.55 -3.16
CA PRO D 9 11.17 -27.49 -3.00
C PRO D 9 10.57 -28.87 -2.65
N PRO D 10 9.48 -28.91 -1.92
CA PRO D 10 8.82 -30.19 -1.54
C PRO D 10 8.10 -30.84 -2.73
N GLU D 11 7.80 -32.13 -2.59
CA GLU D 11 7.11 -32.86 -3.67
C GLU D 11 5.64 -32.45 -3.74
N PRO D 12 5.00 -32.62 -4.89
CA PRO D 12 3.55 -32.26 -5.06
C PRO D 12 2.66 -32.99 -4.07
N PHE D 13 1.58 -32.34 -3.66
CA PHE D 13 0.66 -32.93 -2.71
C PHE D 13 -0.75 -32.37 -2.89
N GLU D 14 -1.73 -33.07 -2.35
CA GLU D 14 -3.11 -32.62 -2.45
C GLU D 14 -3.46 -31.66 -1.32
N TYR D 15 -4.18 -30.60 -1.67
CA TYR D 15 -4.58 -29.59 -0.70
C TYR D 15 -6.09 -29.58 -0.58
N ILE D 16 -6.58 -29.69 0.65
CA ILE D 16 -8.01 -29.69 0.88
C ILE D 16 -8.32 -28.73 2.02
N ASP D 17 -9.16 -27.75 1.73
CA ASP D 17 -9.51 -26.78 2.76
C ASP D 17 -10.60 -27.35 3.67
N ASP D 18 -10.18 -28.11 4.67
CA ASP D 18 -11.13 -28.70 5.61
C ASP D 18 -11.79 -27.62 6.45
N MET A 1 5.48 20.92 -18.41
CA MET A 1 4.27 21.42 -17.70
C MET A 1 4.68 22.53 -16.76
N GLN A 2 5.05 23.66 -17.33
CA GLN A 2 5.46 24.80 -16.55
C GLN A 2 4.34 25.22 -15.63
N ILE A 3 4.68 25.94 -14.58
CA ILE A 3 3.69 26.40 -13.62
C ILE A 3 4.00 27.81 -13.19
N PHE A 4 2.96 28.61 -13.00
CA PHE A 4 3.12 29.99 -12.60
C PHE A 4 3.23 30.09 -11.08
N VAL A 5 4.31 30.69 -10.59
CA VAL A 5 4.48 30.84 -9.16
C VAL A 5 4.36 32.32 -8.79
N LYS A 6 3.31 32.66 -8.06
CA LYS A 6 3.10 34.04 -7.67
C LYS A 6 3.62 34.25 -6.24
N THR A 7 4.59 35.15 -6.12
CA THR A 7 5.19 35.42 -4.83
C THR A 7 4.86 36.82 -4.35
N LEU A 8 5.34 37.15 -3.16
CA LEU A 8 5.11 38.46 -2.58
C LEU A 8 5.33 39.55 -3.62
N THR A 9 4.77 40.73 -3.36
CA THR A 9 4.87 41.86 -4.29
C THR A 9 4.13 41.55 -5.60
N GLY A 10 3.39 40.45 -5.63
CA GLY A 10 2.64 40.08 -6.83
C GLY A 10 3.58 39.69 -7.96
N LYS A 11 4.75 39.16 -7.61
CA LYS A 11 5.73 38.76 -8.62
C LYS A 11 5.44 37.36 -9.11
N THR A 12 5.02 37.24 -10.37
CA THR A 12 4.72 35.94 -10.95
C THR A 12 5.91 35.40 -11.74
N ILE A 13 6.26 34.16 -11.48
CA ILE A 13 7.39 33.53 -12.15
C ILE A 13 7.02 32.13 -12.62
N THR A 14 6.96 31.92 -13.94
CA THR A 14 6.61 30.62 -14.48
C THR A 14 7.86 29.74 -14.57
N LEU A 15 7.75 28.52 -14.08
CA LEU A 15 8.87 27.59 -14.10
C LEU A 15 8.50 26.29 -14.80
N GLU A 16 9.29 25.92 -15.81
CA GLU A 16 9.05 24.69 -16.56
C GLU A 16 9.25 23.45 -15.68
N VAL A 17 8.17 22.74 -15.38
CA VAL A 17 8.26 21.56 -14.55
C VAL A 17 7.44 20.42 -15.14
N GLU A 18 7.69 19.20 -14.70
CA GLU A 18 6.95 18.05 -15.18
C GLU A 18 5.93 17.59 -14.14
N PRO A 19 4.86 16.95 -14.54
CA PRO A 19 3.81 16.49 -13.59
C PRO A 19 4.39 15.61 -12.49
N SER A 20 5.37 14.78 -12.85
CA SER A 20 6.02 13.89 -11.90
C SER A 20 7.06 14.63 -11.06
N ASP A 21 7.34 15.89 -11.42
CA ASP A 21 8.32 16.69 -10.70
C ASP A 21 7.98 16.77 -9.22
N THR A 22 8.99 16.59 -8.39
CA THR A 22 8.80 16.64 -6.94
C THR A 22 8.70 18.09 -6.45
N ILE A 23 8.15 18.26 -5.25
CA ILE A 23 8.01 19.59 -4.67
C ILE A 23 9.37 20.22 -4.42
N GLU A 24 10.30 19.40 -3.92
CA GLU A 24 11.64 19.90 -3.65
C GLU A 24 12.27 20.45 -4.93
N ASN A 25 11.98 19.80 -6.05
CA ASN A 25 12.50 20.24 -7.34
C ASN A 25 11.93 21.61 -7.69
N VAL A 26 10.65 21.79 -7.43
CA VAL A 26 9.99 23.04 -7.72
C VAL A 26 10.57 24.16 -6.87
N LYS A 27 10.83 23.87 -5.60
CA LYS A 27 11.40 24.87 -4.70
C LYS A 27 12.77 25.33 -5.21
N ALA A 28 13.56 24.39 -5.69
CA ALA A 28 14.88 24.73 -6.22
C ALA A 28 14.76 25.67 -7.41
N LYS A 29 13.78 25.41 -8.25
CA LYS A 29 13.55 26.24 -9.42
C LYS A 29 13.27 27.67 -8.98
N ILE A 30 12.52 27.79 -7.89
CA ILE A 30 12.19 29.09 -7.34
C ILE A 30 13.43 29.78 -6.80
N GLN A 31 14.29 28.98 -6.17
CA GLN A 31 15.52 29.52 -5.60
C GLN A 31 16.38 30.19 -6.68
N ASP A 32 16.43 29.57 -7.85
CA ASP A 32 17.21 30.13 -8.95
C ASP A 32 16.56 31.40 -9.50
N LYS A 33 15.23 31.37 -9.65
CA LYS A 33 14.50 32.52 -10.18
C LYS A 33 14.56 33.72 -9.25
N GLU A 34 14.41 33.47 -7.96
CA GLU A 34 14.44 34.53 -6.96
C GLU A 34 15.26 34.09 -5.76
N GLY A 35 15.81 35.05 -5.03
CA GLY A 35 16.61 34.74 -3.86
C GLY A 35 15.72 34.32 -2.69
N ILE A 36 14.90 33.29 -2.91
CA ILE A 36 14.03 32.81 -1.84
C ILE A 36 14.52 31.45 -1.35
N PRO A 37 15.11 31.37 -0.18
CA PRO A 37 15.61 30.07 0.36
C PRO A 37 14.48 29.05 0.52
N PRO A 38 14.78 27.78 0.46
CA PRO A 38 13.73 26.72 0.59
C PRO A 38 12.88 26.89 1.84
N ASP A 39 13.50 27.27 2.94
CA ASP A 39 12.78 27.48 4.19
C ASP A 39 11.76 28.60 4.04
N GLN A 40 12.15 29.65 3.31
CA GLN A 40 11.26 30.78 3.08
C GLN A 40 10.36 30.55 1.87
N GLN A 41 10.59 29.45 1.14
CA GLN A 41 9.78 29.15 -0.03
C GLN A 41 8.56 28.34 0.35
N ARG A 42 7.54 29.01 0.90
CA ARG A 42 6.32 28.30 1.28
C ARG A 42 5.42 28.20 0.05
N LEU A 43 5.30 26.99 -0.50
CA LEU A 43 4.48 26.79 -1.69
C LEU A 43 3.11 26.25 -1.33
N ILE A 44 2.07 27.01 -1.66
CA ILE A 44 0.70 26.58 -1.37
C ILE A 44 -0.15 26.63 -2.63
N PHE A 45 -0.81 25.52 -2.95
CA PHE A 45 -1.64 25.44 -4.14
C PHE A 45 -3.03 24.90 -3.80
N ALA A 46 -4.07 25.61 -4.24
CA ALA A 46 -5.44 25.20 -3.97
C ALA A 46 -5.69 25.15 -2.47
N GLY A 47 -4.94 25.95 -1.72
CA GLY A 47 -5.10 25.98 -0.26
C GLY A 47 -4.38 24.82 0.41
N LYS A 48 -3.69 24.01 -0.38
CA LYS A 48 -2.96 22.86 0.17
C LYS A 48 -1.46 23.13 0.12
N GLN A 49 -0.80 23.00 1.27
CA GLN A 49 0.64 23.22 1.33
C GLN A 49 1.38 22.08 0.65
N LEU A 50 2.35 22.43 -0.19
CA LEU A 50 3.12 21.41 -0.91
C LEU A 50 4.15 20.78 0.01
N GLU A 51 3.84 19.58 0.48
CA GLU A 51 4.74 18.86 1.38
C GLU A 51 5.95 18.29 0.63
N ASP A 52 7.12 18.38 1.24
CA ASP A 52 8.33 17.87 0.62
C ASP A 52 8.21 16.37 0.39
N GLY A 53 8.66 15.92 -0.79
CA GLY A 53 8.59 14.50 -1.13
C GLY A 53 7.40 14.21 -2.06
N ARG A 54 6.45 15.14 -2.12
CA ARG A 54 5.29 14.98 -2.98
C ARG A 54 5.62 15.42 -4.40
N THR A 55 4.63 15.33 -5.28
CA THR A 55 4.83 15.70 -6.67
C THR A 55 3.74 16.69 -7.10
N LEU A 56 3.95 17.35 -8.22
CA LEU A 56 2.97 18.32 -8.69
C LEU A 56 1.65 17.62 -8.99
N SER A 57 1.72 16.43 -9.56
CA SER A 57 0.51 15.67 -9.88
C SER A 57 -0.26 15.30 -8.61
N ASP A 58 0.46 15.17 -7.50
CA ASP A 58 -0.19 14.83 -6.23
C ASP A 58 -1.18 15.92 -5.85
N TYR A 59 -0.84 17.14 -6.17
CA TYR A 59 -1.69 18.28 -5.86
C TYR A 59 -2.54 18.68 -7.07
N ASN A 60 -2.59 17.82 -8.08
CA ASN A 60 -3.37 18.12 -9.28
C ASN A 60 -2.92 19.44 -9.88
N ILE A 61 -1.60 19.65 -9.91
CA ILE A 61 -1.05 20.87 -10.47
C ILE A 61 -0.77 20.68 -11.95
N GLN A 62 -1.57 21.35 -12.78
CA GLN A 62 -1.41 21.25 -14.23
C GLN A 62 -0.53 22.37 -14.74
N LYS A 63 -0.38 22.45 -16.06
CA LYS A 63 0.45 23.48 -16.65
C LYS A 63 -0.18 24.86 -16.41
N GLU A 64 0.67 25.87 -16.29
CA GLU A 64 0.22 27.23 -16.07
C GLU A 64 -0.64 27.32 -14.81
N SER A 65 -0.22 26.63 -13.75
CA SER A 65 -0.95 26.66 -12.49
C SER A 65 -0.37 27.72 -11.58
N THR A 66 -1.23 28.63 -11.12
CA THR A 66 -0.78 29.70 -10.24
C THR A 66 -0.56 29.15 -8.83
N LEU A 67 0.61 29.44 -8.27
CA LEU A 67 0.96 28.97 -6.94
C LEU A 67 1.13 30.14 -5.99
N HIS A 68 0.87 29.91 -4.71
CA HIS A 68 1.01 30.96 -3.72
C HIS A 68 2.31 30.79 -2.95
N LEU A 69 3.24 31.73 -3.15
CA LEU A 69 4.53 31.66 -2.47
C LEU A 69 4.60 32.67 -1.34
N VAL A 70 4.98 32.21 -0.15
CA VAL A 70 5.07 33.10 1.00
C VAL A 70 6.45 33.04 1.62
N LEU A 71 6.97 34.21 1.96
CA LEU A 71 8.30 34.33 2.56
C LEU A 71 8.20 34.45 4.08
N ARG A 72 9.25 34.02 4.78
CA ARG A 72 9.25 34.09 6.24
C ARG A 72 10.03 35.32 6.71
N LEU A 73 9.40 36.10 7.59
CA LEU A 73 10.04 37.30 8.11
C LEU A 73 10.14 37.23 9.63
N ARG A 74 11.20 37.83 10.18
CA ARG A 74 11.41 37.83 11.62
C ARG A 74 10.25 38.54 12.33
N GLY A 75 9.83 39.68 11.78
CA GLY A 75 8.73 40.43 12.37
C GLY A 75 8.32 41.58 11.45
N GLY A 76 7.23 42.26 11.82
CA GLY A 76 6.74 43.37 11.02
C GLY A 76 5.41 43.89 11.58
N ASP A 77 4.84 44.88 10.89
CA ASP A 77 3.57 45.46 11.34
C ASP A 77 2.40 44.82 10.59
N MET B 1 -26.01 -4.74 -4.23
CA MET B 1 -24.77 -5.32 -3.62
C MET B 1 -23.94 -4.21 -3.01
N GLN B 2 -24.43 -3.69 -1.89
CA GLN B 2 -23.73 -2.61 -1.21
C GLN B 2 -22.37 -3.07 -0.74
N ILE B 3 -21.51 -2.11 -0.48
CA ILE B 3 -20.15 -2.39 -0.03
C ILE B 3 -19.74 -1.34 1.00
N PHE B 4 -18.93 -1.74 1.96
CA PHE B 4 -18.49 -0.81 3.00
C PHE B 4 -17.13 -0.23 2.65
N VAL B 5 -17.05 1.09 2.59
CA VAL B 5 -15.79 1.75 2.27
C VAL B 5 -15.17 2.35 3.52
N LYS B 6 -14.06 1.78 3.98
CA LYS B 6 -13.41 2.31 5.17
C LYS B 6 -12.26 3.22 4.78
N THR B 7 -12.19 4.39 5.41
CA THR B 7 -11.13 5.34 5.12
C THR B 7 -9.92 5.09 5.98
N LEU B 8 -8.91 5.93 5.82
CA LEU B 8 -7.69 5.80 6.59
C LEU B 8 -8.00 5.97 8.06
N THR B 9 -8.92 6.88 8.35
CA THR B 9 -9.34 7.14 9.72
C THR B 9 -10.20 6.01 10.26
N GLY B 10 -10.60 5.08 9.39
CA GLY B 10 -11.44 3.95 9.80
C GLY B 10 -12.92 4.24 9.56
N LYS B 11 -13.25 5.46 9.16
CA LYS B 11 -14.64 5.80 8.89
C LYS B 11 -15.19 4.89 7.81
N THR B 12 -16.26 4.16 8.13
CA THR B 12 -16.84 3.22 7.17
C THR B 12 -18.08 3.83 6.51
N ILE B 13 -18.14 3.71 5.19
CA ILE B 13 -19.25 4.26 4.43
C ILE B 13 -19.86 3.20 3.51
N THR B 14 -21.05 2.73 3.84
CA THR B 14 -21.70 1.72 3.01
C THR B 14 -22.36 2.37 1.80
N LEU B 15 -22.06 1.84 0.63
CA LEU B 15 -22.62 2.38 -0.61
C LEU B 15 -23.29 1.28 -1.41
N GLU B 16 -24.55 1.49 -1.77
CA GLU B 16 -25.27 0.49 -2.55
C GLU B 16 -24.76 0.45 -3.98
N VAL B 17 -24.16 -0.66 -4.35
CA VAL B 17 -23.62 -0.82 -5.69
C VAL B 17 -23.98 -2.18 -6.26
N GLU B 18 -23.84 -2.33 -7.57
CA GLU B 18 -24.13 -3.61 -8.21
C GLU B 18 -22.84 -4.25 -8.71
N PRO B 19 -22.82 -5.54 -8.88
CA PRO B 19 -21.61 -6.27 -9.35
C PRO B 19 -21.12 -5.72 -10.69
N SER B 20 -22.07 -5.35 -11.55
CA SER B 20 -21.73 -4.81 -12.86
C SER B 20 -21.29 -3.35 -12.76
N ASP B 21 -21.45 -2.75 -11.58
CA ASP B 21 -21.07 -1.36 -11.38
C ASP B 21 -19.60 -1.15 -11.68
N THR B 22 -19.29 -0.06 -12.37
CA THR B 22 -17.89 0.24 -12.73
C THR B 22 -17.14 0.83 -11.55
N ILE B 23 -15.80 0.78 -11.61
CA ILE B 23 -14.99 1.33 -10.53
C ILE B 23 -15.21 2.84 -10.41
N GLU B 24 -15.25 3.52 -11.55
CA GLU B 24 -15.47 4.96 -11.55
C GLU B 24 -16.80 5.30 -10.89
N ASN B 25 -17.78 4.43 -11.08
CA ASN B 25 -19.10 4.65 -10.50
C ASN B 25 -19.03 4.60 -8.98
N VAL B 26 -18.28 3.64 -8.46
CA VAL B 26 -18.13 3.48 -7.03
C VAL B 26 -17.46 4.72 -6.43
N LYS B 27 -16.43 5.21 -7.09
CA LYS B 27 -15.73 6.39 -6.59
C LYS B 27 -16.69 7.58 -6.54
N ALA B 28 -17.55 7.68 -7.53
CA ALA B 28 -18.53 8.78 -7.57
C ALA B 28 -19.43 8.69 -6.35
N LYS B 29 -19.79 7.47 -5.97
CA LYS B 29 -20.65 7.27 -4.82
C LYS B 29 -19.96 7.84 -3.59
N ILE B 30 -18.65 7.68 -3.55
CA ILE B 30 -17.86 8.23 -2.44
C ILE B 30 -17.98 9.76 -2.42
N GLN B 31 -17.96 10.37 -3.60
CA GLN B 31 -18.07 11.83 -3.67
C GLN B 31 -19.41 12.28 -3.06
N ASP B 32 -20.48 11.60 -3.40
CA ASP B 32 -21.80 11.96 -2.87
C ASP B 32 -21.87 11.79 -1.36
N LYS B 33 -21.24 10.72 -0.85
CA LYS B 33 -21.25 10.44 0.60
C LYS B 33 -20.10 11.10 1.35
N GLU B 34 -19.18 11.75 0.66
CA GLU B 34 -18.04 12.38 1.33
C GLU B 34 -17.59 13.62 0.59
N GLY B 35 -17.46 13.50 -0.72
CA GLY B 35 -17.03 14.61 -1.54
C GLY B 35 -15.59 14.45 -2.00
N ILE B 36 -15.01 13.27 -1.75
CA ILE B 36 -13.64 13.04 -2.16
C ILE B 36 -13.63 12.68 -3.65
N PRO B 37 -12.94 13.42 -4.48
CA PRO B 37 -12.91 13.12 -5.94
C PRO B 37 -12.13 11.83 -6.22
N PRO B 38 -12.38 11.19 -7.33
CA PRO B 38 -11.70 9.91 -7.69
C PRO B 38 -10.18 10.02 -7.60
N ASP B 39 -9.63 11.17 -7.95
CA ASP B 39 -8.18 11.36 -7.88
C ASP B 39 -7.71 11.35 -6.42
N GLN B 40 -8.42 12.10 -5.57
CA GLN B 40 -8.08 12.19 -4.16
C GLN B 40 -8.22 10.84 -3.44
N GLN B 41 -9.26 10.11 -3.77
CA GLN B 41 -9.49 8.80 -3.12
C GLN B 41 -9.00 7.67 -3.99
N ARG B 42 -8.60 6.58 -3.35
CA ARG B 42 -8.15 5.42 -4.07
C ARG B 42 -8.80 4.17 -3.49
N LEU B 43 -9.58 3.48 -4.32
CA LEU B 43 -10.27 2.27 -3.87
C LEU B 43 -9.34 1.08 -4.01
N ILE B 44 -9.09 0.38 -2.92
CA ILE B 44 -8.21 -0.78 -2.95
C ILE B 44 -8.91 -2.00 -2.38
N PHE B 45 -8.85 -3.11 -3.12
CA PHE B 45 -9.50 -4.35 -2.69
C PHE B 45 -8.80 -5.57 -3.30
N ALA B 46 -8.94 -6.71 -2.63
CA ALA B 46 -8.32 -7.95 -3.11
C ALA B 46 -6.80 -7.88 -2.98
N GLY B 47 -6.32 -6.95 -2.15
CA GLY B 47 -4.89 -6.79 -1.94
C GLY B 47 -4.27 -5.90 -3.02
N ARG B 48 -5.05 -5.54 -4.03
CA ARG B 48 -4.56 -4.70 -5.11
C ARG B 48 -5.44 -3.49 -5.29
N GLN B 49 -4.84 -2.40 -5.73
CA GLN B 49 -5.58 -1.17 -5.95
C GLN B 49 -6.46 -1.29 -7.19
N LEU B 50 -7.69 -0.81 -7.08
CA LEU B 50 -8.63 -0.86 -8.19
C LEU B 50 -8.42 0.31 -9.14
N GLU B 51 -7.95 0.01 -10.35
CA GLU B 51 -7.73 1.04 -11.34
C GLU B 51 -9.06 1.49 -11.92
N ASP B 52 -9.04 2.50 -12.79
CA ASP B 52 -10.26 3.01 -13.40
C ASP B 52 -10.86 1.96 -14.33
N GLY B 53 -12.13 2.15 -14.67
CA GLY B 53 -12.82 1.21 -15.54
C GLY B 53 -13.16 -0.05 -14.75
N ARG B 54 -13.24 -1.18 -15.44
CA ARG B 54 -13.55 -2.45 -14.79
C ARG B 54 -14.82 -2.34 -13.95
N THR B 55 -15.18 -3.45 -13.34
CA THR B 55 -16.38 -3.49 -12.50
C THR B 55 -16.06 -4.15 -11.17
N LEU B 56 -17.01 -4.08 -10.25
CA LEU B 56 -16.79 -4.67 -8.94
C LEU B 56 -16.59 -6.18 -9.06
N SER B 57 -17.35 -6.81 -9.94
CA SER B 57 -17.23 -8.25 -10.15
C SER B 57 -15.86 -8.61 -10.72
N ASP B 58 -15.25 -7.68 -11.45
CA ASP B 58 -13.94 -7.93 -12.04
C ASP B 58 -12.91 -8.15 -10.94
N TYR B 59 -13.16 -7.55 -9.79
CA TYR B 59 -12.26 -7.68 -8.65
C TYR B 59 -12.82 -8.64 -7.61
N ASN B 60 -13.83 -9.43 -8.00
CA ASN B 60 -14.43 -10.39 -7.08
C ASN B 60 -14.94 -9.68 -5.83
N ILE B 61 -15.53 -8.49 -6.02
CA ILE B 61 -16.07 -7.74 -4.90
C ILE B 61 -17.52 -8.14 -4.65
N GLN B 62 -17.76 -8.70 -3.47
CA GLN B 62 -19.10 -9.14 -3.11
C GLN B 62 -19.81 -8.15 -2.20
N LYS B 63 -21.05 -8.43 -1.88
CA LYS B 63 -21.82 -7.55 -1.01
C LYS B 63 -21.13 -7.42 0.34
N GLU B 64 -21.32 -6.29 0.98
CA GLU B 64 -20.73 -6.01 2.27
C GLU B 64 -19.20 -6.09 2.21
N SER B 65 -18.64 -6.06 1.00
CA SER B 65 -17.20 -6.09 0.85
C SER B 65 -16.61 -4.83 1.47
N THR B 66 -15.52 -4.98 2.21
CA THR B 66 -14.90 -3.82 2.84
C THR B 66 -13.76 -3.30 1.96
N LEU B 67 -14.01 -2.16 1.33
CA LEU B 67 -13.02 -1.54 0.45
C LEU B 67 -12.17 -0.54 1.23
N HIS B 68 -10.96 -0.29 0.74
CA HIS B 68 -10.08 0.66 1.42
C HIS B 68 -9.99 1.96 0.64
N LEU B 69 -10.30 3.06 1.32
CA LEU B 69 -10.25 4.38 0.70
C LEU B 69 -8.95 5.08 1.11
N VAL B 70 -7.92 4.93 0.28
CA VAL B 70 -6.63 5.54 0.57
C VAL B 70 -6.59 6.95 0.02
N LEU B 71 -6.19 7.91 0.85
CA LEU B 71 -6.13 9.30 0.44
C LEU B 71 -4.71 9.65 -0.02
N ARG B 72 -4.61 10.34 -1.15
CA ARG B 72 -3.29 10.70 -1.68
C ARG B 72 -2.56 11.64 -0.73
N LEU B 73 -3.30 12.59 -0.15
CA LEU B 73 -2.70 13.54 0.78
C LEU B 73 -3.63 13.77 1.97
N ARG B 74 -3.09 13.63 3.18
CA ARG B 74 -3.89 13.83 4.38
C ARG B 74 -4.27 15.30 4.50
N GLY B 75 -5.53 15.55 4.83
CA GLY B 75 -6.01 16.92 4.97
C GLY B 75 -6.72 17.39 3.71
N GLY B 76 -6.54 16.67 2.61
CA GLY B 76 -7.19 17.05 1.36
C GLY B 76 -6.17 17.28 0.25
N ASN C 24 12.52 2.80 0.51
CA ASN C 24 11.55 2.31 1.52
C ASN C 24 12.11 1.09 2.23
N LYS C 25 12.14 1.13 3.56
CA LYS C 25 12.67 0.02 4.34
C LYS C 25 11.73 -1.17 4.25
N TYR C 26 12.29 -2.37 4.27
CA TYR C 26 11.49 -3.58 4.18
C TYR C 26 11.17 -4.09 5.58
N LEU C 27 9.89 -4.28 5.83
CA LEU C 27 9.44 -4.77 7.10
C LEU C 27 9.87 -6.21 7.30
N VAL C 28 9.83 -6.98 6.21
CA VAL C 28 10.25 -8.38 6.29
C VAL C 28 10.87 -8.80 4.98
N GLU C 29 11.63 -9.87 5.01
CA GLU C 29 12.27 -10.37 3.80
C GLU C 29 12.96 -11.70 4.06
N PHE C 30 12.56 -12.70 3.31
CA PHE C 30 13.17 -14.02 3.43
C PHE C 30 13.08 -14.78 2.11
N ARG C 31 13.96 -15.75 1.93
CA ARG C 31 13.97 -16.53 0.70
C ARG C 31 12.83 -17.53 0.70
N ALA C 32 11.96 -17.44 -0.30
CA ALA C 32 10.83 -18.35 -0.39
C ALA C 32 10.39 -18.49 -1.84
N GLY C 33 9.96 -19.70 -2.19
CA GLY C 33 9.49 -19.97 -3.53
C GLY C 33 7.97 -20.07 -3.53
N LYS C 34 7.37 -19.72 -4.67
CA LYS C 34 5.91 -19.75 -4.79
C LYS C 34 5.44 -21.07 -5.41
N MET C 35 4.18 -21.43 -5.16
CA MET C 35 3.62 -22.67 -5.69
C MET C 35 2.40 -22.36 -6.54
N SER C 36 1.86 -23.37 -7.22
CA SER C 36 0.67 -23.16 -8.05
C SER C 36 -0.45 -24.08 -7.61
N LEU C 37 -1.58 -23.50 -7.26
CA LEU C 37 -2.71 -24.30 -6.83
C LEU C 37 -3.78 -24.33 -7.91
N LYS C 38 -4.07 -25.53 -8.39
CA LYS C 38 -5.09 -25.71 -9.41
C LYS C 38 -6.16 -26.65 -8.90
N GLY C 39 -7.35 -26.12 -8.67
CA GLY C 39 -8.44 -26.93 -8.14
C GLY C 39 -8.16 -27.29 -6.69
N THR C 40 -7.71 -28.52 -6.47
CA THR C 40 -7.38 -28.97 -5.13
C THR C 40 -5.98 -29.56 -5.06
N THR C 41 -5.13 -29.20 -6.03
CA THR C 41 -3.76 -29.71 -6.04
C THR C 41 -2.76 -28.56 -6.04
N VAL C 42 -1.79 -28.63 -5.13
CA VAL C 42 -0.77 -27.60 -5.02
C VAL C 42 0.57 -28.15 -5.51
N THR C 43 1.16 -27.48 -6.49
CA THR C 43 2.44 -27.93 -7.02
C THR C 43 3.53 -26.88 -6.74
N PRO C 44 4.69 -27.28 -6.29
CA PRO C 44 5.79 -26.31 -5.99
C PRO C 44 6.45 -25.77 -7.26
N ASP C 45 6.83 -24.50 -7.22
CA ASP C 45 7.49 -23.89 -8.37
C ASP C 45 8.96 -23.71 -8.07
N LYS C 46 9.80 -24.13 -9.00
CA LYS C 46 11.23 -24.03 -8.82
C LYS C 46 11.70 -22.59 -8.94
N ARG C 47 10.80 -21.67 -9.31
CA ARG C 47 11.18 -20.27 -9.43
C ARG C 47 11.35 -19.70 -8.04
N LYS C 48 12.46 -20.05 -7.40
CA LYS C 48 12.73 -19.57 -6.05
C LYS C 48 12.70 -18.05 -6.04
N GLY C 49 11.98 -17.48 -5.10
CA GLY C 49 11.88 -16.04 -5.01
C GLY C 49 12.25 -15.53 -3.64
N LEU C 50 11.80 -14.32 -3.36
CA LEU C 50 12.05 -13.70 -2.08
C LEU C 50 10.77 -13.04 -1.63
N VAL C 51 10.31 -13.39 -0.44
CA VAL C 51 9.11 -12.78 0.06
C VAL C 51 9.47 -11.66 1.00
N TYR C 52 9.21 -10.43 0.58
CA TYR C 52 9.53 -9.30 1.42
C TYR C 52 8.35 -8.31 1.49
N ILE C 53 8.33 -7.55 2.56
CA ILE C 53 7.27 -6.59 2.80
C ILE C 53 7.85 -5.21 3.01
N GLN C 54 7.19 -4.20 2.46
CA GLN C 54 7.66 -2.82 2.61
C GLN C 54 6.49 -1.89 2.80
N GLN C 55 6.67 -0.91 3.65
CA GLN C 55 5.63 0.06 3.91
C GLN C 55 5.97 1.38 3.27
N THR C 56 5.03 1.89 2.49
CA THR C 56 5.24 3.16 1.81
C THR C 56 4.80 4.32 2.67
N ASP C 57 5.11 5.52 2.19
CA ASP C 57 4.75 6.72 2.90
C ASP C 57 3.24 6.84 3.02
N ASP C 58 2.52 6.00 2.28
CA ASP C 58 1.07 6.02 2.34
C ASP C 58 0.56 5.13 3.48
N SER C 59 1.50 4.51 4.21
CA SER C 59 1.15 3.63 5.31
C SER C 59 0.47 2.38 4.79
N LEU C 60 0.72 2.08 3.52
CA LEU C 60 0.17 0.91 2.89
C LEU C 60 1.26 -0.15 2.83
N ILE C 61 0.98 -1.31 3.37
CA ILE C 61 1.96 -2.38 3.37
C ILE C 61 1.94 -3.05 2.02
N HIS C 62 3.11 -3.13 1.40
CA HIS C 62 3.22 -3.73 0.09
C HIS C 62 3.82 -5.13 0.19
N PHE C 63 3.01 -6.12 -0.19
CA PHE C 63 3.47 -7.50 -0.17
C PHE C 63 4.05 -7.84 -1.53
N CYS C 64 5.36 -8.00 -1.59
CA CYS C 64 6.00 -8.27 -2.87
C CYS C 64 6.77 -9.59 -2.87
N TRP C 65 6.72 -10.24 -4.03
CA TRP C 65 7.42 -11.48 -4.24
C TRP C 65 8.33 -11.33 -5.45
N LYS C 66 9.62 -11.38 -5.21
CA LYS C 66 10.60 -11.21 -6.27
C LYS C 66 11.26 -12.52 -6.63
N ASP C 67 11.31 -12.82 -7.92
CA ASP C 67 11.95 -14.04 -8.37
C ASP C 67 13.46 -13.91 -8.23
N ARG C 68 14.09 -14.91 -7.64
CA ARG C 68 15.55 -14.89 -7.47
C ARG C 68 16.25 -15.10 -8.81
N THR C 69 15.51 -15.64 -9.77
CA THR C 69 16.05 -15.90 -11.09
C THR C 69 16.53 -14.63 -11.77
N SER C 70 15.73 -13.58 -11.70
CA SER C 70 16.08 -12.30 -12.33
C SER C 70 16.24 -11.24 -11.25
N GLY C 71 15.75 -11.53 -10.06
CA GLY C 71 15.83 -10.60 -8.95
C GLY C 71 14.86 -9.43 -9.16
N ASN C 72 13.85 -9.65 -10.01
CA ASN C 72 12.86 -8.63 -10.29
C ASN C 72 11.58 -8.93 -9.52
N VAL C 73 10.89 -7.89 -9.08
CA VAL C 73 9.67 -8.07 -8.33
C VAL C 73 8.55 -8.51 -9.26
N GLU C 74 8.22 -9.80 -9.20
CA GLU C 74 7.16 -10.34 -10.03
C GLU C 74 5.78 -10.01 -9.47
N ASP C 75 5.69 -9.92 -8.14
CA ASP C 75 4.40 -9.63 -7.52
C ASP C 75 4.50 -8.43 -6.57
N ASP C 76 3.41 -7.65 -6.50
CA ASP C 76 3.36 -6.48 -5.63
C ASP C 76 1.91 -6.11 -5.31
N LEU C 77 1.42 -6.53 -4.14
CA LEU C 77 0.05 -6.23 -3.76
C LEU C 77 0.00 -5.59 -2.38
N ILE C 78 -0.77 -4.53 -2.25
CA ILE C 78 -0.90 -3.86 -0.97
C ILE C 78 -1.83 -4.65 -0.07
N ILE C 79 -1.37 -4.96 1.14
CA ILE C 79 -2.16 -5.72 2.07
C ILE C 79 -2.54 -4.88 3.28
N PHE C 80 -3.84 -4.77 3.53
CA PHE C 80 -4.34 -4.00 4.67
C PHE C 80 -4.47 -4.87 5.91
N PRO C 81 -4.59 -4.27 7.06
CA PRO C 81 -4.74 -5.03 8.33
C PRO C 81 -5.95 -5.96 8.29
N ASP C 82 -5.79 -7.15 8.85
CA ASP C 82 -6.88 -8.12 8.87
C ASP C 82 -7.30 -8.49 7.45
N ASP C 83 -6.50 -8.12 6.46
CA ASP C 83 -6.83 -8.44 5.07
C ASP C 83 -6.24 -9.80 4.68
N CYS C 84 -5.09 -10.13 5.24
CA CYS C 84 -4.44 -11.41 4.93
C CYS C 84 -3.95 -12.12 6.18
N GLU C 85 -3.89 -13.45 6.09
CA GLU C 85 -3.42 -14.26 7.19
C GLU C 85 -2.29 -15.18 6.73
N PHE C 86 -1.19 -15.17 7.47
CA PHE C 86 -0.05 -16.01 7.13
C PHE C 86 -0.04 -17.23 8.06
N LYS C 87 -0.15 -18.42 7.48
CA LYS C 87 -0.18 -19.63 8.29
C LYS C 87 0.53 -20.79 7.61
N ARG C 88 0.79 -21.84 8.37
CA ARG C 88 1.45 -23.02 7.82
C ARG C 88 0.41 -23.98 7.27
N VAL C 89 0.83 -24.88 6.38
CA VAL C 89 -0.09 -25.85 5.80
C VAL C 89 0.31 -27.27 6.23
N PRO C 90 -0.22 -27.75 7.34
CA PRO C 90 0.10 -29.10 7.84
C PRO C 90 -0.73 -30.18 7.15
N GLN C 91 -0.59 -30.26 5.82
CA GLN C 91 -1.31 -31.26 5.04
C GLN C 91 -0.34 -32.25 4.43
N CYS C 92 0.72 -31.74 3.82
CA CYS C 92 1.71 -32.59 3.19
C CYS C 92 3.06 -32.50 3.91
N PRO C 93 3.39 -33.43 4.77
CA PRO C 93 4.69 -33.40 5.49
C PRO C 93 5.86 -33.74 4.57
N SER C 94 6.88 -32.89 4.60
CA SER C 94 8.06 -33.08 3.77
C SER C 94 8.93 -31.83 3.84
N GLY C 95 8.29 -30.68 3.93
CA GLY C 95 9.02 -29.41 3.99
C GLY C 95 8.16 -28.30 4.58
N ARG C 96 8.76 -27.13 4.75
CA ARG C 96 8.04 -26.00 5.31
C ARG C 96 7.20 -25.31 4.24
N VAL C 97 5.88 -25.38 4.41
CA VAL C 97 4.97 -24.76 3.47
C VAL C 97 4.01 -23.82 4.19
N TYR C 98 3.97 -22.57 3.74
CA TYR C 98 3.09 -21.58 4.31
C TYR C 98 2.09 -21.08 3.27
N VAL C 99 0.93 -20.65 3.71
CA VAL C 99 -0.09 -20.16 2.81
C VAL C 99 -0.62 -18.82 3.27
N LEU C 100 -0.78 -17.90 2.34
CA LEU C 100 -1.30 -16.59 2.67
C LEU C 100 -2.75 -16.54 2.22
N LYS C 101 -3.66 -16.34 3.17
CA LYS C 101 -5.07 -16.30 2.83
C LYS C 101 -5.64 -14.93 3.07
N PHE C 102 -6.37 -14.44 2.09
CA PHE C 102 -6.98 -13.13 2.20
C PHE C 102 -8.30 -13.25 2.92
N LYS C 103 -8.38 -12.62 4.08
CA LYS C 103 -9.58 -12.67 4.88
C LYS C 103 -10.74 -12.06 4.15
N ALA C 104 -10.47 -11.00 3.39
CA ALA C 104 -11.55 -10.33 2.65
C ALA C 104 -11.33 -10.46 1.15
N GLY C 105 -10.08 -10.65 0.77
CA GLY C 105 -9.74 -10.79 -0.66
C GLY C 105 -10.25 -12.11 -1.22
N SER C 106 -10.19 -13.16 -0.40
CA SER C 106 -10.61 -14.50 -0.79
C SER C 106 -9.50 -15.21 -1.58
N LYS C 107 -8.44 -14.48 -1.89
CA LYS C 107 -7.30 -15.03 -2.62
C LYS C 107 -6.42 -15.85 -1.68
N ARG C 108 -5.78 -16.87 -2.21
CA ARG C 108 -4.89 -17.69 -1.40
C ARG C 108 -3.57 -17.95 -2.15
N LEU C 109 -2.47 -17.77 -1.45
CA LEU C 109 -1.15 -17.98 -2.06
C LEU C 109 -0.37 -19.04 -1.27
N PHE C 110 0.53 -19.73 -1.96
CA PHE C 110 1.32 -20.76 -1.30
C PHE C 110 2.83 -20.49 -1.46
N PHE C 111 3.58 -20.69 -0.38
CA PHE C 111 5.02 -20.48 -0.40
C PHE C 111 5.75 -21.56 0.39
N TRP C 112 7.03 -21.69 0.11
CA TRP C 112 7.84 -22.68 0.81
C TRP C 112 9.20 -22.07 1.18
N MET C 113 9.69 -22.37 2.37
CA MET C 113 10.95 -21.81 2.82
C MET C 113 12.08 -22.19 1.89
N GLN C 114 12.85 -21.19 1.51
CA GLN C 114 13.97 -21.38 0.61
C GLN C 114 15.28 -20.94 1.27
N GLU C 115 15.20 -20.47 2.52
CA GLU C 115 16.40 -20.04 3.23
C GLU C 115 17.21 -21.25 3.69
N PRO C 116 18.52 -21.15 3.74
CA PRO C 116 19.38 -22.29 4.18
C PRO C 116 19.06 -22.73 5.61
N LYS C 117 18.80 -21.76 6.47
CA LYS C 117 18.50 -22.05 7.87
C LYS C 117 17.10 -21.61 8.22
N THR C 118 16.45 -22.38 9.08
CA THR C 118 15.10 -22.06 9.53
C THR C 118 15.13 -21.41 10.90
N ASP C 119 16.31 -21.01 11.34
CA ASP C 119 16.47 -20.38 12.65
C ASP C 119 15.57 -19.15 12.76
N GLN C 120 15.16 -18.61 11.63
CA GLN C 120 14.30 -17.43 11.62
C GLN C 120 13.01 -17.70 10.83
N ASP C 121 12.71 -18.97 10.63
CA ASP C 121 11.52 -19.36 9.88
C ASP C 121 10.28 -18.87 10.59
N GLU C 122 10.25 -19.08 11.89
CA GLU C 122 9.10 -18.67 12.68
C GLU C 122 9.02 -17.17 12.82
N GLU C 123 10.17 -16.52 12.90
CA GLU C 123 10.24 -15.09 13.03
C GLU C 123 9.69 -14.41 11.78
N HIS C 124 10.09 -14.92 10.63
CA HIS C 124 9.65 -14.39 9.36
C HIS C 124 8.16 -14.60 9.23
N CYS C 125 7.72 -15.75 9.68
CA CYS C 125 6.30 -16.08 9.66
C CYS C 125 5.53 -15.10 10.52
N ARG C 126 6.05 -14.84 11.71
CA ARG C 126 5.39 -13.92 12.62
C ARG C 126 5.40 -12.52 12.04
N LYS C 127 6.55 -12.13 11.49
CA LYS C 127 6.70 -10.81 10.90
C LYS C 127 5.76 -10.62 9.72
N VAL C 128 5.61 -11.66 8.92
CA VAL C 128 4.76 -11.58 7.74
C VAL C 128 3.32 -11.24 8.13
N ASN C 129 2.77 -11.93 9.12
CA ASN C 129 1.40 -11.65 9.51
C ASN C 129 1.33 -10.44 10.40
N GLU C 130 2.43 -10.16 11.07
CA GLU C 130 2.49 -9.02 11.95
C GLU C 130 2.47 -7.71 11.18
N TYR C 131 3.20 -7.62 10.08
CA TYR C 131 3.21 -6.39 9.32
C TYR C 131 1.96 -6.28 8.45
N LEU C 132 1.50 -7.42 7.94
CA LEU C 132 0.32 -7.45 7.09
C LEU C 132 -0.94 -7.18 7.90
N ASN C 133 -0.99 -7.68 9.13
CA ASN C 133 -2.15 -7.47 9.96
C ASN C 133 -1.93 -6.32 10.92
N ASN C 134 -0.67 -6.08 11.27
CA ASN C 134 -0.35 -5.01 12.18
C ASN C 134 0.82 -4.16 11.66
N PRO C 135 0.56 -3.32 10.70
CA PRO C 135 1.60 -2.42 10.09
C PRO C 135 2.25 -1.51 11.14
N PRO C 136 3.46 -1.06 10.89
CA PRO C 136 4.19 -0.18 11.84
C PRO C 136 3.32 0.99 12.32
N GLN D 5 23.97 -25.99 2.00
CA GLN D 5 23.43 -25.53 0.68
C GLN D 5 21.97 -25.14 0.84
N GLU D 6 21.35 -24.74 -0.27
CA GLU D 6 19.95 -24.33 -0.23
C GLU D 6 19.03 -25.55 -0.04
N PRO D 7 17.90 -25.38 0.59
CA PRO D 7 16.93 -26.50 0.82
C PRO D 7 16.17 -26.88 -0.45
N GLU D 8 15.84 -28.16 -0.57
CA GLU D 8 15.10 -28.64 -1.75
C GLU D 8 13.65 -28.18 -1.69
N PRO D 9 13.01 -27.99 -2.81
CA PRO D 9 11.58 -27.54 -2.86
C PRO D 9 10.60 -28.65 -2.47
N PRO D 10 9.42 -28.32 -2.01
CA PRO D 10 8.39 -29.32 -1.61
C PRO D 10 7.97 -30.21 -2.79
N GLU D 11 6.91 -30.99 -2.57
CA GLU D 11 6.40 -31.88 -3.62
C GLU D 11 4.89 -31.70 -3.79
N PRO D 12 4.35 -32.04 -4.94
CA PRO D 12 2.88 -31.89 -5.20
C PRO D 12 2.03 -32.62 -4.16
N PHE D 13 0.93 -31.99 -3.76
CA PHE D 13 0.04 -32.58 -2.77
C PHE D 13 -1.36 -31.98 -2.89
N GLU D 14 -2.34 -32.65 -2.28
CA GLU D 14 -3.71 -32.16 -2.32
C GLU D 14 -3.96 -31.15 -1.20
N TYR D 15 -4.66 -30.07 -1.53
CA TYR D 15 -5.00 -29.03 -0.56
C TYR D 15 -6.50 -28.93 -0.44
N ILE D 16 -6.97 -28.95 0.79
CA ILE D 16 -8.39 -28.85 1.05
C ILE D 16 -8.63 -27.84 2.14
N ASP D 17 -9.56 -26.94 1.92
CA ASP D 17 -9.84 -25.92 2.93
C ASP D 17 -10.52 -26.55 4.13
N ASP D 18 -9.70 -27.08 5.04
CA ASP D 18 -10.23 -27.71 6.25
C ASP D 18 -10.09 -26.75 7.44
N MET A 1 9.63 19.98 -19.00
CA MET A 1 8.82 20.90 -18.15
C MET A 1 9.65 21.34 -16.96
N GLN A 2 10.56 22.26 -17.20
CA GLN A 2 11.41 22.77 -16.14
C GLN A 2 10.59 23.50 -15.09
N ILE A 3 11.17 23.67 -13.91
CA ILE A 3 10.49 24.35 -12.81
C ILE A 3 11.47 25.21 -12.04
N PHE A 4 10.99 26.35 -11.55
CA PHE A 4 11.84 27.25 -10.81
C PHE A 4 11.85 26.89 -9.33
N VAL A 5 13.04 26.64 -8.79
CA VAL A 5 13.16 26.30 -7.38
C VAL A 5 13.80 27.45 -6.61
N LYS A 6 13.01 28.14 -5.80
CA LYS A 6 13.54 29.26 -5.04
C LYS A 6 14.08 28.79 -3.69
N THR A 7 15.35 29.11 -3.43
CA THR A 7 15.98 28.71 -2.18
C THR A 7 15.49 29.61 -1.03
N LEU A 8 16.17 29.54 0.09
CA LEU A 8 15.78 30.34 1.25
C LEU A 8 15.81 31.82 0.89
N THR A 9 16.67 32.17 -0.06
CA THR A 9 16.79 33.56 -0.48
C THR A 9 16.09 33.77 -1.82
N GLY A 10 16.18 34.98 -2.33
CA GLY A 10 15.54 35.30 -3.62
C GLY A 10 16.15 34.45 -4.74
N LYS A 11 17.33 33.90 -4.50
CA LYS A 11 17.99 33.07 -5.51
C LYS A 11 17.05 31.97 -5.98
N THR A 12 16.93 31.85 -7.31
CA THR A 12 16.06 30.85 -7.90
C THR A 12 16.85 29.97 -8.88
N ILE A 13 16.58 28.67 -8.85
CA ILE A 13 17.27 27.73 -9.72
C ILE A 13 16.25 26.92 -10.53
N THR A 14 16.22 27.15 -11.85
CA THR A 14 15.30 26.42 -12.70
C THR A 14 15.89 25.05 -13.07
N LEU A 15 15.11 24.00 -12.88
CA LEU A 15 15.58 22.66 -13.19
C LEU A 15 14.66 21.98 -14.19
N GLU A 16 15.25 21.40 -15.23
CA GLU A 16 14.47 20.71 -16.25
C GLU A 16 13.91 19.40 -15.73
N VAL A 17 12.59 19.34 -15.62
CA VAL A 17 11.94 18.13 -15.13
C VAL A 17 10.73 17.79 -15.99
N GLU A 18 10.21 16.58 -15.84
CA GLU A 18 9.04 16.15 -16.60
C GLU A 18 7.82 16.08 -15.69
N PRO A 19 6.63 16.26 -16.22
CA PRO A 19 5.38 16.22 -15.41
C PRO A 19 5.26 14.90 -14.63
N SER A 20 5.68 13.80 -15.26
CA SER A 20 5.61 12.49 -14.61
C SER A 20 6.80 12.26 -13.68
N ASP A 21 7.77 13.18 -13.73
CA ASP A 21 8.96 13.07 -12.90
C ASP A 21 8.57 13.01 -11.42
N THR A 22 9.23 12.12 -10.68
CA THR A 22 8.95 11.98 -9.26
C THR A 22 9.65 13.08 -8.47
N ILE A 23 9.22 13.26 -7.23
CA ILE A 23 9.80 14.28 -6.36
C ILE A 23 11.25 13.94 -6.07
N GLU A 24 11.54 12.66 -5.91
CA GLU A 24 12.91 12.23 -5.63
C GLU A 24 13.84 12.68 -6.75
N ASN A 25 13.39 12.51 -7.99
CA ASN A 25 14.21 12.91 -9.13
C ASN A 25 14.46 14.42 -9.13
N VAL A 26 13.42 15.17 -8.80
CA VAL A 26 13.54 16.62 -8.74
C VAL A 26 14.55 17.04 -7.68
N LYS A 27 14.47 16.40 -6.52
CA LYS A 27 15.37 16.73 -5.42
C LYS A 27 16.82 16.49 -5.82
N ALA A 28 17.05 15.41 -6.55
CA ALA A 28 18.39 15.09 -7.00
C ALA A 28 18.93 16.20 -7.89
N LYS A 29 18.05 16.73 -8.73
CA LYS A 29 18.46 17.81 -9.62
C LYS A 29 18.93 18.99 -8.80
N ILE A 30 18.22 19.26 -7.71
CA ILE A 30 18.58 20.36 -6.82
C ILE A 30 19.93 20.09 -6.17
N GLN A 31 20.15 18.85 -5.78
CA GLN A 31 21.41 18.49 -5.14
C GLN A 31 22.58 18.78 -6.09
N ASP A 32 22.43 18.40 -7.36
CA ASP A 32 23.50 18.62 -8.33
C ASP A 32 23.61 20.10 -8.74
N LYS A 33 22.56 20.87 -8.47
CA LYS A 33 22.55 22.28 -8.82
C LYS A 33 22.84 23.17 -7.62
N GLU A 34 22.96 22.57 -6.43
CA GLU A 34 23.23 23.35 -5.22
C GLU A 34 24.03 22.52 -4.24
N GLY A 35 23.60 21.29 -4.05
CA GLY A 35 24.26 20.39 -3.12
C GLY A 35 23.38 20.09 -1.92
N ILE A 36 22.15 20.62 -1.93
CA ILE A 36 21.27 20.37 -0.82
C ILE A 36 20.90 18.88 -0.75
N PRO A 37 21.26 18.18 0.31
CA PRO A 37 20.92 16.74 0.46
C PRO A 37 19.40 16.50 0.48
N PRO A 38 18.93 15.36 0.01
CA PRO A 38 17.48 15.07 -0.01
C PRO A 38 16.81 15.27 1.35
N ASP A 39 17.53 14.93 2.42
CA ASP A 39 16.99 15.07 3.77
C ASP A 39 16.74 16.55 4.10
N GLN A 40 17.67 17.41 3.66
CA GLN A 40 17.54 18.84 3.91
C GLN A 40 16.73 19.52 2.81
N GLN A 41 16.35 18.76 1.79
CA GLN A 41 15.58 19.32 0.69
C GLN A 41 14.09 19.33 1.01
N ARG A 42 13.57 20.49 1.37
CA ARG A 42 12.16 20.62 1.66
C ARG A 42 11.46 21.36 0.53
N LEU A 43 10.76 20.62 -0.33
CA LEU A 43 10.07 21.22 -1.46
C LEU A 43 8.59 21.39 -1.17
N ILE A 44 8.12 22.64 -1.20
CA ILE A 44 6.71 22.92 -0.95
C ILE A 44 6.13 23.75 -2.09
N PHE A 45 5.01 23.29 -2.65
CA PHE A 45 4.37 24.01 -3.74
C PHE A 45 2.90 24.25 -3.47
N ALA A 46 2.46 25.50 -3.57
CA ALA A 46 1.06 25.83 -3.30
C ALA A 46 0.67 25.46 -1.88
N GLY A 47 1.64 25.45 -0.98
CA GLY A 47 1.38 25.10 0.41
C GLY A 47 1.33 23.60 0.62
N LYS A 48 1.56 22.84 -0.46
CA LYS A 48 1.54 21.39 -0.39
C LYS A 48 2.96 20.84 -0.45
N GLN A 49 3.37 20.15 0.62
CA GLN A 49 4.71 19.58 0.66
C GLN A 49 4.81 18.42 -0.31
N LEU A 50 5.82 18.46 -1.17
CA LEU A 50 6.01 17.41 -2.15
C LEU A 50 6.57 16.16 -1.48
N GLU A 51 5.68 15.22 -1.18
CA GLU A 51 6.08 13.98 -0.52
C GLU A 51 6.85 13.08 -1.47
N ASP A 52 7.80 12.33 -0.93
CA ASP A 52 8.60 11.42 -1.75
C ASP A 52 7.72 10.32 -2.33
N GLY A 53 7.96 10.01 -3.60
CA GLY A 53 7.17 8.98 -4.28
C GLY A 53 6.09 9.60 -5.16
N ARG A 54 5.78 10.88 -4.91
CA ARG A 54 4.78 11.59 -5.69
C ARG A 54 5.38 12.12 -6.97
N THR A 55 4.55 12.71 -7.83
CA THR A 55 5.03 13.27 -9.09
C THR A 55 4.70 14.75 -9.18
N LEU A 56 5.33 15.45 -10.10
CA LEU A 56 5.08 16.87 -10.25
C LEU A 56 3.63 17.13 -10.63
N SER A 57 3.09 16.28 -11.51
CA SER A 57 1.70 16.42 -11.94
C SER A 57 0.74 16.21 -10.77
N ASP A 58 1.18 15.45 -9.77
CA ASP A 58 0.33 15.18 -8.61
C ASP A 58 0.05 16.47 -7.86
N TYR A 59 0.98 17.40 -7.94
CA TYR A 59 0.84 18.69 -7.27
C TYR A 59 0.47 19.79 -8.26
N ASN A 60 0.07 19.40 -9.46
CA ASN A 60 -0.31 20.38 -10.48
C ASN A 60 0.85 21.33 -10.75
N ILE A 61 2.07 20.79 -10.78
CA ILE A 61 3.25 21.60 -11.04
C ILE A 61 3.54 21.64 -12.54
N GLN A 62 3.28 22.79 -13.14
CA GLN A 62 3.52 22.97 -14.57
C GLN A 62 4.91 23.52 -14.81
N LYS A 63 5.21 23.86 -16.07
CA LYS A 63 6.52 24.39 -16.40
C LYS A 63 6.71 25.77 -15.77
N GLU A 64 7.95 26.10 -15.45
CA GLU A 64 8.26 27.40 -14.85
C GLU A 64 7.44 27.62 -13.57
N SER A 65 7.30 26.56 -12.79
CA SER A 65 6.55 26.66 -11.53
C SER A 65 7.50 26.95 -10.38
N THR A 66 7.21 27.99 -9.62
CA THR A 66 8.06 28.37 -8.50
C THR A 66 7.82 27.42 -7.32
N LEU A 67 8.90 26.88 -6.79
CA LEU A 67 8.81 25.94 -5.66
C LEU A 67 9.55 26.50 -4.46
N HIS A 68 9.05 26.20 -3.27
CA HIS A 68 9.68 26.69 -2.05
C HIS A 68 10.67 25.66 -1.51
N LEU A 69 11.95 26.00 -1.55
CA LEU A 69 13.00 25.11 -1.06
C LEU A 69 13.50 25.61 0.29
N VAL A 70 13.39 24.75 1.28
CA VAL A 70 13.84 25.11 2.63
C VAL A 70 14.89 24.12 3.10
N LEU A 71 15.93 24.64 3.73
CA LEU A 71 17.02 23.80 4.22
C LEU A 71 16.91 23.60 5.72
N ARG A 72 17.13 22.37 6.17
CA ARG A 72 17.04 22.07 7.60
C ARG A 72 18.23 22.67 8.36
N LEU A 73 17.95 23.14 9.58
CA LEU A 73 19.00 23.74 10.40
C LEU A 73 20.05 22.71 10.79
N ARG A 74 19.60 21.49 11.09
CA ARG A 74 20.52 20.43 11.48
C ARG A 74 21.33 20.84 12.71
N GLY A 75 20.79 21.77 13.49
CA GLY A 75 21.46 22.25 14.68
C GLY A 75 21.65 21.11 15.68
N GLY A 76 20.62 20.28 15.83
CA GLY A 76 20.69 19.15 16.74
C GLY A 76 21.00 19.62 18.16
N ASP A 77 21.98 18.98 18.79
CA ASP A 77 22.37 19.35 20.15
C ASP A 77 22.98 20.75 20.16
N MET B 1 -26.04 -4.59 -5.12
CA MET B 1 -24.84 -5.22 -4.49
C MET B 1 -23.99 -4.13 -3.86
N GLN B 2 -24.47 -3.60 -2.75
CA GLN B 2 -23.75 -2.56 -2.05
C GLN B 2 -22.41 -3.09 -1.56
N ILE B 3 -21.51 -2.17 -1.24
CA ILE B 3 -20.19 -2.54 -0.77
C ILE B 3 -19.77 -1.63 0.36
N PHE B 4 -19.14 -2.21 1.36
CA PHE B 4 -18.68 -1.46 2.51
C PHE B 4 -17.33 -0.81 2.23
N VAL B 5 -17.27 0.50 2.33
CA VAL B 5 -16.02 1.21 2.07
C VAL B 5 -15.46 1.78 3.38
N LYS B 6 -14.51 1.09 3.97
CA LYS B 6 -13.92 1.54 5.22
C LYS B 6 -12.79 2.54 4.96
N THR B 7 -12.93 3.72 5.55
CA THR B 7 -11.93 4.77 5.39
C THR B 7 -10.81 4.62 6.39
N LEU B 8 -9.78 5.45 6.25
CA LEU B 8 -8.64 5.39 7.15
C LEU B 8 -9.08 5.75 8.57
N THR B 9 -10.17 6.49 8.67
CA THR B 9 -10.69 6.90 9.97
C THR B 9 -11.32 5.71 10.70
N GLY B 10 -11.57 4.62 9.96
CA GLY B 10 -12.17 3.44 10.55
C GLY B 10 -13.68 3.37 10.26
N LYS B 11 -14.24 4.50 9.84
CA LYS B 11 -15.67 4.54 9.52
C LYS B 11 -15.95 3.77 8.25
N THR B 12 -17.07 3.06 8.21
CA THR B 12 -17.44 2.27 7.04
C THR B 12 -18.55 2.95 6.26
N ILE B 13 -18.36 3.03 4.94
CA ILE B 13 -19.34 3.67 4.08
C ILE B 13 -19.91 2.66 3.09
N THR B 14 -21.10 2.16 3.35
CA THR B 14 -21.72 1.19 2.46
C THR B 14 -22.41 1.93 1.31
N LEU B 15 -22.02 1.61 0.08
CA LEU B 15 -22.62 2.27 -1.07
C LEU B 15 -23.24 1.25 -2.01
N GLU B 16 -24.49 1.48 -2.39
CA GLU B 16 -25.18 0.56 -3.29
C GLU B 16 -24.56 0.60 -4.68
N VAL B 17 -23.98 -0.52 -5.09
CA VAL B 17 -23.35 -0.62 -6.39
C VAL B 17 -23.70 -1.94 -7.06
N GLU B 18 -23.23 -2.12 -8.29
CA GLU B 18 -23.50 -3.35 -9.03
C GLU B 18 -22.18 -3.99 -9.49
N PRO B 19 -22.17 -5.27 -9.73
CA PRO B 19 -20.94 -5.99 -10.16
C PRO B 19 -20.34 -5.38 -11.43
N SER B 20 -21.21 -5.07 -12.39
CA SER B 20 -20.76 -4.48 -13.65
C SER B 20 -20.34 -3.02 -13.45
N ASP B 21 -20.71 -2.46 -12.31
CA ASP B 21 -20.37 -1.08 -12.01
C ASP B 21 -18.86 -0.87 -12.06
N THR B 22 -18.44 0.25 -12.63
CA THR B 22 -17.02 0.56 -12.74
C THR B 22 -16.49 1.13 -11.43
N ILE B 23 -15.18 1.09 -11.27
CA ILE B 23 -14.54 1.62 -10.06
C ILE B 23 -14.78 3.12 -9.95
N GLU B 24 -14.67 3.82 -11.08
CA GLU B 24 -14.88 5.26 -11.09
C GLU B 24 -16.29 5.59 -10.58
N ASN B 25 -17.25 4.73 -10.90
CA ASN B 25 -18.62 4.94 -10.45
C ASN B 25 -18.71 4.83 -8.94
N VAL B 26 -18.03 3.83 -8.40
CA VAL B 26 -18.03 3.61 -6.96
C VAL B 26 -17.41 4.81 -6.24
N LYS B 27 -16.32 5.33 -6.80
CA LYS B 27 -15.65 6.47 -6.20
C LYS B 27 -16.59 7.67 -6.15
N ALA B 28 -17.38 7.85 -7.19
CA ALA B 28 -18.34 8.95 -7.23
C ALA B 28 -19.33 8.82 -6.09
N LYS B 29 -19.75 7.60 -5.80
CA LYS B 29 -20.69 7.38 -4.71
C LYS B 29 -20.06 7.85 -3.41
N ILE B 30 -18.77 7.59 -3.26
CA ILE B 30 -18.03 8.02 -2.07
C ILE B 30 -18.02 9.54 -1.98
N GLN B 31 -17.83 10.19 -3.13
CA GLN B 31 -17.79 11.64 -3.16
C GLN B 31 -19.12 12.22 -2.66
N ASP B 32 -20.23 11.60 -3.07
CA ASP B 32 -21.55 12.05 -2.66
C ASP B 32 -21.70 11.97 -1.14
N LYS B 33 -21.20 10.88 -0.55
CA LYS B 33 -21.29 10.71 0.89
C LYS B 33 -20.24 11.55 1.61
N GLU B 34 -19.01 11.07 1.58
CA GLU B 34 -17.90 11.78 2.20
C GLU B 34 -17.38 12.85 1.27
N GLY B 35 -16.81 13.90 1.83
CA GLY B 35 -16.25 14.97 1.02
C GLY B 35 -14.85 14.59 0.52
N ILE B 36 -14.76 13.41 -0.11
CA ILE B 36 -13.48 12.95 -0.62
C ILE B 36 -13.47 13.04 -2.15
N PRO B 37 -12.64 13.87 -2.73
CA PRO B 37 -12.57 14.01 -4.22
C PRO B 37 -11.93 12.79 -4.88
N PRO B 38 -12.22 12.53 -6.14
CA PRO B 38 -11.66 11.35 -6.86
C PRO B 38 -10.13 11.32 -6.82
N ASP B 39 -9.51 12.48 -6.69
CA ASP B 39 -8.06 12.56 -6.64
C ASP B 39 -7.52 12.29 -5.24
N GLN B 40 -8.43 12.06 -4.28
CA GLN B 40 -8.04 11.78 -2.90
C GLN B 40 -8.42 10.36 -2.52
N GLN B 41 -9.68 9.98 -2.81
CA GLN B 41 -10.17 8.64 -2.48
C GLN B 41 -9.52 7.59 -3.37
N ARG B 42 -8.97 6.56 -2.74
CA ARG B 42 -8.33 5.48 -3.47
C ARG B 42 -8.92 4.15 -3.01
N LEU B 43 -9.80 3.59 -3.83
CA LEU B 43 -10.45 2.32 -3.49
C LEU B 43 -9.48 1.16 -3.71
N ILE B 44 -9.28 0.35 -2.67
CA ILE B 44 -8.39 -0.78 -2.77
C ILE B 44 -9.07 -2.05 -2.25
N PHE B 45 -9.01 -3.13 -3.03
CA PHE B 45 -9.64 -4.38 -2.64
C PHE B 45 -8.90 -5.57 -3.26
N ALA B 46 -9.02 -6.73 -2.62
CA ALA B 46 -8.36 -7.95 -3.11
C ALA B 46 -6.85 -7.86 -2.93
N GLY B 47 -6.43 -6.99 -2.01
CA GLY B 47 -5.00 -6.82 -1.75
C GLY B 47 -4.36 -5.92 -2.79
N ARG B 48 -5.15 -5.43 -3.74
CA ARG B 48 -4.62 -4.57 -4.78
C ARG B 48 -5.54 -3.40 -5.03
N GLN B 49 -4.96 -2.28 -5.43
CA GLN B 49 -5.74 -1.10 -5.68
C GLN B 49 -6.64 -1.29 -6.91
N LEU B 50 -7.80 -0.65 -6.89
CA LEU B 50 -8.75 -0.78 -8.00
C LEU B 50 -8.39 0.17 -9.13
N GLU B 51 -8.07 -0.40 -10.29
CA GLU B 51 -7.71 0.40 -11.45
C GLU B 51 -8.95 1.02 -12.09
N ASP B 52 -8.84 2.29 -12.49
CA ASP B 52 -9.96 2.97 -13.11
C ASP B 52 -10.33 2.29 -14.43
N GLY B 53 -11.63 2.24 -14.72
CA GLY B 53 -12.11 1.61 -15.95
C GLY B 53 -12.48 0.15 -15.71
N ARG B 54 -12.03 -0.41 -14.59
CA ARG B 54 -12.34 -1.80 -14.27
C ARG B 54 -13.71 -1.90 -13.59
N THR B 55 -14.25 -3.12 -13.55
CA THR B 55 -15.55 -3.33 -12.93
C THR B 55 -15.37 -4.00 -11.57
N LEU B 56 -16.46 -4.10 -10.82
CA LEU B 56 -16.39 -4.72 -9.50
C LEU B 56 -16.19 -6.22 -9.61
N SER B 57 -16.85 -6.83 -10.58
CA SER B 57 -16.74 -8.26 -10.78
C SER B 57 -15.30 -8.64 -11.13
N ASP B 58 -14.56 -7.70 -11.71
CA ASP B 58 -13.17 -7.94 -12.09
C ASP B 58 -12.34 -8.23 -10.84
N TYR B 59 -12.65 -7.53 -9.76
CA TYR B 59 -11.94 -7.71 -8.50
C TYR B 59 -12.68 -8.68 -7.58
N ASN B 60 -13.68 -9.37 -8.11
CA ASN B 60 -14.46 -10.30 -7.31
C ASN B 60 -15.04 -9.62 -6.09
N ILE B 61 -15.51 -8.38 -6.28
CA ILE B 61 -16.10 -7.63 -5.18
C ILE B 61 -17.56 -7.98 -5.04
N GLN B 62 -17.89 -8.69 -3.95
CA GLN B 62 -19.26 -9.10 -3.70
C GLN B 62 -19.97 -8.09 -2.81
N LYS B 63 -21.25 -8.36 -2.55
CA LYS B 63 -22.02 -7.46 -1.71
C LYS B 63 -21.41 -7.39 -0.32
N GLU B 64 -21.51 -6.22 0.30
CA GLU B 64 -20.97 -5.99 1.64
C GLU B 64 -19.46 -6.16 1.67
N SER B 65 -18.83 -6.17 0.50
CA SER B 65 -17.38 -6.29 0.41
C SER B 65 -16.71 -5.11 1.06
N THR B 66 -15.69 -5.37 1.87
CA THR B 66 -14.98 -4.29 2.56
C THR B 66 -13.82 -3.80 1.71
N LEU B 67 -13.82 -2.50 1.40
CA LEU B 67 -12.77 -1.90 0.60
C LEU B 67 -12.05 -0.83 1.39
N HIS B 68 -10.75 -0.71 1.17
CA HIS B 68 -9.96 0.29 1.89
C HIS B 68 -9.92 1.60 1.11
N LEU B 69 -10.23 2.70 1.80
CA LEU B 69 -10.21 4.01 1.15
C LEU B 69 -8.97 4.78 1.59
N VAL B 70 -7.97 4.82 0.70
CA VAL B 70 -6.73 5.53 0.99
C VAL B 70 -6.87 6.99 0.59
N LEU B 71 -6.47 7.90 1.47
CA LEU B 71 -6.56 9.32 1.18
C LEU B 71 -5.20 9.85 0.72
N ARG B 72 -5.21 10.63 -0.35
CA ARG B 72 -3.97 11.19 -0.89
C ARG B 72 -4.14 12.66 -1.24
N LEU B 73 -3.02 13.33 -1.50
CA LEU B 73 -3.07 14.75 -1.83
C LEU B 73 -3.80 14.98 -3.15
N ARG B 74 -4.49 16.11 -3.23
CA ARG B 74 -5.25 16.47 -4.43
C ARG B 74 -4.30 16.80 -5.57
N GLY B 75 -4.87 17.07 -6.74
CA GLY B 75 -4.07 17.40 -7.90
C GLY B 75 -3.22 18.65 -7.64
N GLY B 76 -3.81 19.62 -6.96
CA GLY B 76 -3.11 20.85 -6.65
C GLY B 76 -2.11 20.62 -5.51
N ASN C 24 11.49 2.36 -0.44
CA ASN C 24 11.07 2.51 0.98
C ASN C 24 11.75 1.45 1.83
N LYS C 25 11.41 1.41 3.11
CA LYS C 25 11.99 0.44 4.03
C LYS C 25 11.29 -0.91 3.88
N TYR C 26 12.06 -1.98 3.98
CA TYR C 26 11.50 -3.32 3.87
C TYR C 26 11.19 -3.86 5.24
N LEU C 27 9.91 -4.09 5.49
CA LEU C 27 9.48 -4.61 6.76
C LEU C 27 9.97 -6.05 6.94
N VAL C 28 9.98 -6.80 5.85
CA VAL C 28 10.45 -8.19 5.92
C VAL C 28 11.04 -8.62 4.58
N GLU C 29 11.79 -9.70 4.61
CA GLU C 29 12.41 -10.20 3.38
C GLU C 29 13.10 -11.53 3.63
N PHE C 30 12.69 -12.53 2.87
CA PHE C 30 13.28 -13.85 3.00
C PHE C 30 13.11 -14.65 1.72
N ARG C 31 13.94 -15.68 1.55
CA ARG C 31 13.88 -16.50 0.35
C ARG C 31 12.72 -17.49 0.43
N ALA C 32 11.80 -17.37 -0.50
CA ALA C 32 10.65 -18.26 -0.55
C ALA C 32 10.17 -18.41 -1.99
N GLY C 33 9.80 -19.63 -2.35
CA GLY C 33 9.31 -19.89 -3.70
C GLY C 33 7.80 -20.04 -3.71
N LYS C 34 7.18 -19.69 -4.83
CA LYS C 34 5.73 -19.79 -4.97
C LYS C 34 5.31 -21.17 -5.46
N MET C 35 4.08 -21.57 -5.15
CA MET C 35 3.56 -22.87 -5.56
C MET C 35 2.29 -22.68 -6.39
N SER C 36 1.78 -23.76 -6.99
CA SER C 36 0.58 -23.68 -7.80
C SER C 36 -0.49 -24.61 -7.26
N LEU C 37 -1.67 -24.06 -7.00
CA LEU C 37 -2.76 -24.88 -6.50
C LEU C 37 -3.81 -25.08 -7.58
N LYS C 38 -4.03 -26.33 -7.93
CA LYS C 38 -5.03 -26.66 -8.95
C LYS C 38 -6.10 -27.55 -8.34
N GLY C 39 -7.29 -26.99 -8.14
CA GLY C 39 -8.39 -27.75 -7.55
C GLY C 39 -8.13 -27.98 -6.07
N THR C 40 -7.55 -29.13 -5.75
CA THR C 40 -7.24 -29.47 -4.36
C THR C 40 -5.82 -30.01 -4.25
N THR C 41 -4.98 -29.70 -5.22
CA THR C 41 -3.59 -30.17 -5.21
C THR C 41 -2.63 -29.00 -5.32
N VAL C 42 -1.63 -28.98 -4.43
CA VAL C 42 -0.64 -27.91 -4.44
C VAL C 42 0.71 -28.45 -4.88
N THR C 43 1.30 -27.83 -5.90
CA THR C 43 2.59 -28.26 -6.41
C THR C 43 3.62 -27.14 -6.28
N PRO C 44 4.84 -27.45 -5.86
CA PRO C 44 5.90 -26.40 -5.71
C PRO C 44 6.45 -25.95 -7.05
N ASP C 45 6.75 -24.65 -7.15
CA ASP C 45 7.31 -24.09 -8.36
C ASP C 45 8.80 -23.85 -8.18
N LYS C 46 9.57 -24.22 -9.18
CA LYS C 46 11.02 -24.07 -9.12
C LYS C 46 11.40 -22.60 -9.27
N ARG C 47 10.42 -21.73 -9.56
CA ARG C 47 10.70 -20.32 -9.73
C ARG C 47 10.86 -19.68 -8.36
N LYS C 48 11.86 -20.12 -7.61
CA LYS C 48 12.12 -19.60 -6.29
C LYS C 48 12.30 -18.09 -6.34
N GLY C 49 11.64 -17.40 -5.43
CA GLY C 49 11.71 -15.95 -5.39
C GLY C 49 12.09 -15.45 -4.01
N LEU C 50 11.64 -14.24 -3.71
CA LEU C 50 11.92 -13.62 -2.43
C LEU C 50 10.65 -12.93 -1.95
N VAL C 51 10.21 -13.28 -0.75
CA VAL C 51 9.03 -12.65 -0.20
C VAL C 51 9.44 -11.52 0.71
N TYR C 52 9.22 -10.31 0.25
CA TYR C 52 9.59 -9.16 1.07
C TYR C 52 8.44 -8.16 1.16
N ILE C 53 8.42 -7.43 2.26
CA ILE C 53 7.38 -6.44 2.49
C ILE C 53 7.98 -5.07 2.66
N GLN C 54 7.31 -4.05 2.10
CA GLN C 54 7.80 -2.69 2.21
C GLN C 54 6.63 -1.74 2.42
N GLN C 55 6.84 -0.72 3.23
CA GLN C 55 5.80 0.25 3.51
C GLN C 55 6.09 1.56 2.80
N THR C 56 5.12 2.03 2.05
CA THR C 56 5.28 3.27 1.32
C THR C 56 4.91 4.47 2.16
N ASP C 57 5.18 5.65 1.63
CA ASP C 57 4.86 6.88 2.33
C ASP C 57 3.35 6.99 2.52
N ASP C 58 2.60 6.13 1.83
CA ASP C 58 1.16 6.14 1.95
C ASP C 58 0.70 5.27 3.12
N SER C 59 1.67 4.71 3.86
CA SER C 59 1.38 3.86 5.00
C SER C 59 0.68 2.58 4.56
N LEU C 60 0.88 2.25 3.29
CA LEU C 60 0.31 1.05 2.72
C LEU C 60 1.40 0.00 2.64
N ILE C 61 1.13 -1.15 3.21
CA ILE C 61 2.11 -2.22 3.19
C ILE C 61 2.04 -2.92 1.85
N HIS C 62 3.18 -3.04 1.22
CA HIS C 62 3.25 -3.66 -0.09
C HIS C 62 3.83 -5.07 0.01
N PHE C 63 3.02 -6.06 -0.36
CA PHE C 63 3.47 -7.45 -0.33
C PHE C 63 3.98 -7.81 -1.71
N CYS C 64 5.29 -7.95 -1.84
CA CYS C 64 5.88 -8.25 -3.13
C CYS C 64 6.67 -9.55 -3.14
N TRP C 65 6.58 -10.23 -4.27
CA TRP C 65 7.28 -11.48 -4.49
C TRP C 65 8.13 -11.35 -5.74
N LYS C 66 9.43 -11.35 -5.56
CA LYS C 66 10.36 -11.20 -6.68
C LYS C 66 11.01 -12.52 -7.00
N ASP C 67 11.03 -12.86 -8.27
CA ASP C 67 11.66 -14.11 -8.69
C ASP C 67 13.17 -14.00 -8.56
N ARG C 68 13.80 -15.07 -8.08
CA ARG C 68 15.26 -15.07 -7.93
C ARG C 68 15.93 -15.36 -9.26
N THR C 69 15.17 -15.91 -10.20
CA THR C 69 15.69 -16.24 -11.50
C THR C 69 16.19 -15.00 -12.23
N SER C 70 15.40 -13.94 -12.20
CA SER C 70 15.77 -12.69 -12.84
C SER C 70 15.92 -11.59 -11.81
N GLY C 71 15.42 -11.84 -10.60
CA GLY C 71 15.50 -10.85 -9.54
C GLY C 71 14.52 -9.72 -9.79
N ASN C 72 13.47 -10.00 -10.55
CA ASN C 72 12.47 -8.99 -10.87
C ASN C 72 11.21 -9.19 -10.02
N VAL C 73 10.59 -8.09 -9.63
CA VAL C 73 9.37 -8.18 -8.84
C VAL C 73 8.21 -8.62 -9.72
N GLU C 74 7.78 -9.86 -9.52
CA GLU C 74 6.68 -10.40 -10.30
C GLU C 74 5.34 -10.11 -9.65
N ASP C 75 5.36 -9.94 -8.33
CA ASP C 75 4.12 -9.66 -7.60
C ASP C 75 4.25 -8.42 -6.72
N ASP C 76 3.18 -7.65 -6.63
CA ASP C 76 3.16 -6.44 -5.80
C ASP C 76 1.73 -6.05 -5.43
N LEU C 77 1.28 -6.49 -4.26
CA LEU C 77 -0.09 -6.18 -3.82
C LEU C 77 -0.08 -5.56 -2.44
N ILE C 78 -0.85 -4.48 -2.28
CA ILE C 78 -0.94 -3.80 -1.00
C ILE C 78 -1.83 -4.58 -0.05
N ILE C 79 -1.31 -4.87 1.12
CA ILE C 79 -2.07 -5.63 2.10
C ILE C 79 -2.45 -4.75 3.29
N PHE C 80 -3.75 -4.64 3.53
CA PHE C 80 -4.25 -3.85 4.64
C PHE C 80 -4.50 -4.71 5.87
N PRO C 81 -4.64 -4.11 7.03
CA PRO C 81 -4.88 -4.85 8.29
C PRO C 81 -6.10 -5.76 8.18
N ASP C 82 -5.97 -6.97 8.70
CA ASP C 82 -7.07 -7.94 8.67
C ASP C 82 -7.48 -8.28 7.23
N ASP C 83 -6.67 -7.87 6.26
CA ASP C 83 -6.97 -8.15 4.86
C ASP C 83 -6.38 -9.48 4.44
N CYS C 84 -5.21 -9.82 5.00
CA CYS C 84 -4.55 -11.05 4.65
C CYS C 84 -3.91 -11.71 5.87
N GLU C 85 -3.92 -13.03 5.88
CA GLU C 85 -3.35 -13.78 6.99
C GLU C 85 -2.28 -14.76 6.51
N PHE C 86 -1.14 -14.75 7.19
CA PHE C 86 -0.04 -15.64 6.85
C PHE C 86 0.00 -16.77 7.85
N LYS C 87 -0.17 -17.99 7.37
CA LYS C 87 -0.20 -19.15 8.25
C LYS C 87 0.47 -20.35 7.60
N ARG C 88 0.74 -21.37 8.40
CA ARG C 88 1.38 -22.58 7.88
C ARG C 88 0.32 -23.56 7.41
N VAL C 89 0.74 -24.52 6.58
CA VAL C 89 -0.19 -25.51 6.06
C VAL C 89 0.16 -26.90 6.59
N PRO C 90 -0.37 -27.29 7.73
CA PRO C 90 -0.09 -28.61 8.32
C PRO C 90 -0.93 -29.71 7.67
N GLN C 91 -0.76 -29.88 6.37
CA GLN C 91 -1.49 -30.90 5.64
C GLN C 91 -0.53 -31.96 5.09
N CYS C 92 0.63 -31.51 4.62
CA CYS C 92 1.62 -32.41 4.08
C CYS C 92 2.93 -32.28 4.85
N PRO C 93 3.10 -33.02 5.93
CA PRO C 93 4.36 -32.94 6.73
C PRO C 93 5.55 -33.45 5.94
N SER C 94 6.63 -32.66 5.94
CA SER C 94 7.86 -33.02 5.24
C SER C 94 8.80 -31.83 5.18
N GLY C 95 8.23 -30.65 4.93
CA GLY C 95 9.04 -29.44 4.83
C GLY C 95 8.34 -28.24 5.46
N ARG C 96 8.60 -27.06 4.93
CA ARG C 96 7.99 -25.84 5.44
C ARG C 96 7.14 -25.18 4.37
N VAL C 97 5.83 -25.30 4.51
CA VAL C 97 4.91 -24.71 3.54
C VAL C 97 3.96 -23.73 4.23
N TYR C 98 3.91 -22.51 3.71
CA TYR C 98 3.04 -21.47 4.26
C TYR C 98 2.02 -21.03 3.22
N VAL C 99 0.88 -20.53 3.70
CA VAL C 99 -0.16 -20.09 2.80
C VAL C 99 -0.68 -18.73 3.23
N LEU C 100 -0.82 -17.84 2.26
CA LEU C 100 -1.33 -16.50 2.54
C LEU C 100 -2.78 -16.43 2.08
N LYS C 101 -3.68 -16.10 2.99
CA LYS C 101 -5.09 -16.04 2.65
C LYS C 101 -5.64 -14.65 2.84
N PHE C 102 -6.39 -14.17 1.86
CA PHE C 102 -6.99 -12.86 1.96
C PHE C 102 -8.34 -12.97 2.64
N LYS C 103 -8.45 -12.38 3.81
CA LYS C 103 -9.68 -12.44 4.58
C LYS C 103 -10.82 -11.82 3.80
N ALA C 104 -10.50 -10.80 3.02
CA ALA C 104 -11.52 -10.12 2.22
C ALA C 104 -11.30 -10.35 0.73
N GLY C 105 -10.06 -10.66 0.37
CA GLY C 105 -9.70 -10.90 -1.04
C GLY C 105 -10.19 -12.26 -1.52
N SER C 106 -10.34 -13.20 -0.59
CA SER C 106 -10.80 -14.56 -0.93
C SER C 106 -9.74 -15.31 -1.74
N LYS C 107 -8.56 -14.73 -1.90
CA LYS C 107 -7.48 -15.35 -2.64
C LYS C 107 -6.52 -16.08 -1.71
N ARG C 108 -5.93 -17.16 -2.21
CA ARG C 108 -4.98 -17.92 -1.41
C ARG C 108 -3.68 -18.14 -2.18
N LEU C 109 -2.55 -17.90 -1.51
CA LEU C 109 -1.26 -18.09 -2.14
C LEU C 109 -0.45 -19.10 -1.36
N PHE C 110 0.39 -19.86 -2.06
CA PHE C 110 1.20 -20.88 -1.40
C PHE C 110 2.69 -20.61 -1.59
N PHE C 111 3.45 -20.77 -0.50
CA PHE C 111 4.89 -20.54 -0.56
C PHE C 111 5.65 -21.59 0.22
N TRP C 112 6.89 -21.81 -0.18
CA TRP C 112 7.74 -22.77 0.50
C TRP C 112 9.10 -22.14 0.83
N MET C 113 9.58 -22.39 2.06
CA MET C 113 10.84 -21.83 2.49
C MET C 113 11.96 -22.27 1.58
N GLN C 114 12.89 -21.35 1.33
CA GLN C 114 14.04 -21.62 0.50
C GLN C 114 15.32 -21.17 1.19
N GLU C 115 15.20 -20.67 2.43
CA GLU C 115 16.38 -20.21 3.15
C GLU C 115 17.19 -21.38 3.71
N PRO C 116 18.47 -21.20 3.93
CA PRO C 116 19.35 -22.29 4.46
C PRO C 116 18.93 -22.79 5.83
N LYS C 117 18.55 -21.86 6.71
CA LYS C 117 18.15 -22.21 8.06
C LYS C 117 16.74 -21.71 8.35
N THR C 118 16.02 -22.47 9.16
CA THR C 118 14.65 -22.10 9.51
C THR C 118 14.63 -21.29 10.80
N ASP C 119 15.80 -21.08 11.39
CA ASP C 119 15.89 -20.32 12.63
C ASP C 119 15.33 -18.93 12.43
N GLN C 120 15.22 -18.50 11.18
CA GLN C 120 14.68 -17.18 10.89
C GLN C 120 13.39 -17.29 10.08
N ASP C 121 13.16 -18.46 9.48
CA ASP C 121 11.97 -18.67 8.69
C ASP C 121 10.72 -18.50 9.53
N GLU C 122 10.75 -19.03 10.75
CA GLU C 122 9.60 -18.93 11.65
C GLU C 122 9.32 -17.48 12.02
N GLU C 123 10.38 -16.72 12.25
CA GLU C 123 10.26 -15.33 12.61
C GLU C 123 9.72 -14.53 11.43
N HIS C 124 10.18 -14.86 10.23
CA HIS C 124 9.75 -14.18 9.03
C HIS C 124 8.27 -14.39 8.87
N CYS C 125 7.84 -15.59 9.17
CA CYS C 125 6.44 -15.93 9.07
C CYS C 125 5.65 -15.03 10.01
N ARG C 126 6.15 -14.89 11.24
CA ARG C 126 5.47 -14.05 12.21
C ARG C 126 5.48 -12.60 11.77
N LYS C 127 6.62 -12.16 11.24
CA LYS C 127 6.76 -10.78 10.77
C LYS C 127 5.87 -10.51 9.58
N VAL C 128 5.73 -11.50 8.70
CA VAL C 128 4.90 -11.33 7.51
C VAL C 128 3.48 -10.97 7.88
N ASN C 129 2.89 -11.71 8.80
CA ASN C 129 1.51 -11.42 9.18
C ASN C 129 1.44 -10.22 10.11
N GLU C 130 2.52 -10.01 10.84
CA GLU C 130 2.57 -8.90 11.77
C GLU C 130 2.64 -7.57 11.04
N TYR C 131 3.37 -7.52 9.94
CA TYR C 131 3.50 -6.28 9.20
C TYR C 131 2.29 -6.04 8.31
N LEU C 132 1.70 -7.13 7.83
CA LEU C 132 0.53 -7.04 6.96
C LEU C 132 -0.74 -6.82 7.77
N ASN C 133 -0.74 -7.30 9.01
CA ASN C 133 -1.91 -7.14 9.85
C ASN C 133 -1.67 -6.06 10.89
N ASN C 134 -0.41 -5.87 11.25
CA ASN C 134 -0.06 -4.85 12.24
C ASN C 134 1.12 -4.02 11.77
N PRO C 135 0.91 -3.17 10.81
CA PRO C 135 1.98 -2.28 10.25
C PRO C 135 2.60 -1.37 11.32
N PRO C 136 3.84 -0.96 11.15
CA PRO C 136 4.53 -0.08 12.13
C PRO C 136 4.07 1.37 12.02
N GLN D 5 23.46 -24.79 -1.66
CA GLN D 5 23.48 -23.62 -0.73
C GLN D 5 22.10 -23.41 -0.13
N GLU D 6 21.07 -23.91 -0.81
CA GLU D 6 19.70 -23.76 -0.31
C GLU D 6 18.99 -25.12 -0.28
N PRO D 7 18.02 -25.28 0.59
CA PRO D 7 17.26 -26.56 0.70
C PRO D 7 16.36 -26.81 -0.51
N GLU D 8 16.15 -28.09 -0.82
CA GLU D 8 15.31 -28.46 -1.96
C GLU D 8 13.84 -28.20 -1.66
N PRO D 9 13.04 -27.96 -2.67
CA PRO D 9 11.58 -27.68 -2.48
C PRO D 9 10.81 -28.94 -2.04
N PRO D 10 9.63 -28.76 -1.50
CA PRO D 10 8.77 -29.89 -1.04
C PRO D 10 8.20 -30.69 -2.20
N GLU D 11 7.26 -31.59 -1.91
CA GLU D 11 6.66 -32.42 -2.94
C GLU D 11 5.16 -32.14 -3.05
N PRO D 12 4.54 -32.45 -4.17
CA PRO D 12 3.09 -32.21 -4.39
C PRO D 12 2.23 -32.87 -3.32
N PHE D 13 1.16 -32.20 -2.92
CA PHE D 13 0.26 -32.74 -1.90
C PHE D 13 -1.14 -32.15 -2.03
N GLU D 14 -2.11 -32.77 -1.37
CA GLU D 14 -3.49 -32.29 -1.41
C GLU D 14 -3.71 -31.20 -0.37
N TYR D 15 -4.46 -30.17 -0.75
CA TYR D 15 -4.78 -29.07 0.14
C TYR D 15 -6.28 -28.89 0.24
N ILE D 16 -6.79 -28.97 1.46
CA ILE D 16 -8.20 -28.82 1.66
C ILE D 16 -8.46 -27.85 2.80
N ASP D 17 -9.19 -26.79 2.51
CA ASP D 17 -9.48 -25.81 3.54
C ASP D 17 -10.39 -26.40 4.61
N ASP D 18 -9.77 -27.10 5.57
CA ASP D 18 -10.54 -27.71 6.66
C ASP D 18 -11.45 -28.80 6.12
N MET A 1 7.38 24.03 -18.55
CA MET A 1 6.45 24.46 -17.47
C MET A 1 7.26 24.98 -16.28
N GLN A 2 6.70 25.95 -15.59
CA GLN A 2 7.36 26.56 -14.43
C GLN A 2 6.34 27.06 -13.45
N ILE A 3 6.80 27.46 -12.28
CA ILE A 3 5.92 27.96 -11.24
C ILE A 3 6.59 29.10 -10.49
N PHE A 4 5.80 30.05 -10.02
CA PHE A 4 6.34 31.20 -9.30
C PHE A 4 6.22 30.98 -7.80
N VAL A 5 7.35 30.81 -7.13
CA VAL A 5 7.32 30.61 -5.69
C VAL A 5 7.48 31.93 -4.97
N LYS A 6 6.42 32.37 -4.31
CA LYS A 6 6.46 33.63 -3.58
C LYS A 6 6.96 33.41 -2.16
N THR A 7 8.05 34.07 -1.80
CA THR A 7 8.62 33.93 -0.47
C THR A 7 7.77 34.65 0.56
N LEU A 8 8.29 34.77 1.78
CA LEU A 8 7.57 35.44 2.85
C LEU A 8 7.29 36.90 2.47
N THR A 9 8.08 37.41 1.53
CA THR A 9 7.92 38.80 1.09
C THR A 9 7.46 38.84 -0.36
N GLY A 10 7.45 40.03 -0.93
CA GLY A 10 7.04 40.20 -2.33
C GLY A 10 7.98 39.45 -3.28
N LYS A 11 9.18 39.13 -2.79
CA LYS A 11 10.15 38.42 -3.62
C LYS A 11 9.55 37.12 -4.15
N THR A 12 9.70 36.91 -5.46
CA THR A 12 9.17 35.71 -6.10
C THR A 12 10.26 35.02 -6.91
N ILE A 13 10.29 33.69 -6.85
CA ILE A 13 11.29 32.93 -7.56
C ILE A 13 10.63 31.92 -8.51
N THR A 14 10.76 32.16 -9.81
CA THR A 14 10.18 31.27 -10.81
C THR A 14 11.09 30.08 -11.06
N LEU A 15 10.53 28.87 -10.98
CA LEU A 15 11.32 27.66 -11.19
C LEU A 15 10.67 26.79 -12.25
N GLU A 16 11.49 26.29 -13.18
CA GLU A 16 11.00 25.43 -14.24
C GLU A 16 10.74 24.03 -13.71
N VAL A 17 9.51 23.59 -13.81
CA VAL A 17 9.12 22.28 -13.34
C VAL A 17 8.17 21.58 -14.32
N GLU A 18 7.80 20.34 -14.01
CA GLU A 18 6.89 19.60 -14.87
C GLU A 18 5.67 19.16 -14.09
N PRO A 19 4.56 18.94 -14.76
CA PRO A 19 3.30 18.52 -14.09
C PRO A 19 3.45 17.20 -13.32
N SER A 20 4.37 16.36 -13.78
CA SER A 20 4.59 15.07 -13.12
C SER A 20 5.67 15.16 -12.06
N ASP A 21 6.38 16.29 -12.00
CA ASP A 21 7.44 16.45 -11.00
C ASP A 21 6.87 16.36 -9.59
N THR A 22 7.63 15.71 -8.72
CA THR A 22 7.20 15.55 -7.33
C THR A 22 7.44 16.82 -6.54
N ILE A 23 6.75 16.95 -5.42
CA ILE A 23 6.90 18.14 -4.58
C ILE A 23 8.32 18.20 -4.02
N GLU A 24 8.87 17.04 -3.67
CA GLU A 24 10.22 16.98 -3.14
C GLU A 24 11.21 17.58 -4.13
N ASN A 25 11.03 17.27 -5.40
CA ASN A 25 11.90 17.80 -6.44
C ASN A 25 11.79 19.32 -6.50
N VAL A 26 10.57 19.81 -6.35
CA VAL A 26 10.34 21.25 -6.36
C VAL A 26 11.08 21.92 -5.21
N LYS A 27 11.01 21.31 -4.03
CA LYS A 27 11.68 21.86 -2.86
C LYS A 27 13.18 21.98 -3.09
N ALA A 28 13.75 20.98 -3.75
CA ALA A 28 15.18 20.99 -4.03
C ALA A 28 15.54 22.17 -4.92
N LYS A 29 14.67 22.45 -5.89
CA LYS A 29 14.90 23.57 -6.81
C LYS A 29 14.96 24.86 -6.02
N ILE A 30 14.11 24.96 -5.01
CA ILE A 30 14.07 26.14 -4.14
C ILE A 30 15.35 26.23 -3.32
N GLN A 31 15.83 25.07 -2.87
CA GLN A 31 17.03 25.02 -2.05
C GLN A 31 18.22 25.62 -2.81
N ASP A 32 18.28 25.35 -4.11
CA ASP A 32 19.37 25.87 -4.94
C ASP A 32 19.25 27.40 -5.10
N LYS A 33 18.07 27.87 -5.49
CA LYS A 33 17.86 29.31 -5.71
C LYS A 33 18.03 30.09 -4.41
N GLU A 34 17.53 29.54 -3.33
CA GLU A 34 17.61 30.18 -2.03
C GLU A 34 18.07 29.19 -0.98
N GLY A 35 18.79 29.67 0.02
CA GLY A 35 19.26 28.81 1.09
C GLY A 35 18.13 28.43 2.04
N ILE A 36 17.10 27.79 1.49
CA ILE A 36 15.97 27.38 2.30
C ILE A 36 15.95 25.86 2.42
N PRO A 37 16.35 25.32 3.54
CA PRO A 37 16.37 23.83 3.75
C PRO A 37 14.99 23.19 3.58
N PRO A 38 14.92 21.96 3.15
CA PRO A 38 13.61 21.26 2.95
C PRO A 38 12.70 21.37 4.18
N ASP A 39 13.31 21.29 5.37
CA ASP A 39 12.54 21.39 6.60
C ASP A 39 11.87 22.76 6.71
N GLN A 40 12.58 23.79 6.28
CA GLN A 40 12.06 25.15 6.34
C GLN A 40 11.29 25.50 5.05
N GLN A 41 11.28 24.58 4.09
CA GLN A 41 10.58 24.84 2.83
C GLN A 41 9.13 24.38 2.91
N ARG A 42 8.25 25.31 3.26
CA ARG A 42 6.83 25.00 3.33
C ARG A 42 6.13 25.47 2.07
N LEU A 43 5.71 24.53 1.23
CA LEU A 43 5.04 24.88 -0.01
C LEU A 43 3.54 24.63 0.09
N ILE A 44 2.77 25.71 -0.09
CA ILE A 44 1.31 25.60 -0.05
C ILE A 44 0.69 26.25 -1.27
N PHE A 45 -0.07 25.47 -2.04
CA PHE A 45 -0.70 25.99 -3.24
C PHE A 45 -1.76 27.02 -2.90
N ALA A 46 -2.61 26.69 -1.93
CA ALA A 46 -3.68 27.57 -1.51
C ALA A 46 -4.44 26.95 -0.35
N GLY A 47 -3.87 27.03 0.85
CA GLY A 47 -4.51 26.44 2.02
C GLY A 47 -4.23 24.94 2.08
N LYS A 48 -3.47 24.44 1.10
CA LYS A 48 -3.14 23.01 1.06
C LYS A 48 -1.63 22.82 0.96
N GLN A 49 -1.10 22.01 1.87
CA GLN A 49 0.33 21.71 1.89
C GLN A 49 0.67 20.70 0.81
N LEU A 50 1.85 20.83 0.24
CA LEU A 50 2.28 19.92 -0.82
C LEU A 50 3.13 18.79 -0.24
N GLU A 51 2.59 17.56 -0.28
CA GLU A 51 3.31 16.41 0.25
C GLU A 51 4.40 15.96 -0.73
N ASP A 52 5.48 15.42 -0.19
CA ASP A 52 6.59 14.97 -1.03
C ASP A 52 6.15 13.82 -1.94
N GLY A 53 5.35 12.92 -1.41
CA GLY A 53 4.87 11.79 -2.19
C GLY A 53 3.87 12.24 -3.26
N ARG A 54 3.43 13.50 -3.17
CA ARG A 54 2.48 14.02 -4.13
C ARG A 54 3.21 14.69 -5.31
N THR A 55 2.46 14.96 -6.37
CA THR A 55 3.03 15.58 -7.56
C THR A 55 2.38 16.94 -7.79
N LEU A 56 2.99 17.75 -8.66
CA LEU A 56 2.46 19.07 -8.94
C LEU A 56 1.06 18.97 -9.55
N SER A 57 0.86 17.99 -10.43
CA SER A 57 -0.43 17.80 -11.06
C SER A 57 -1.49 17.42 -10.02
N ASP A 58 -1.03 16.85 -8.90
CA ASP A 58 -1.94 16.44 -7.84
C ASP A 58 -2.69 17.64 -7.29
N TYR A 59 -2.02 18.78 -7.25
CA TYR A 59 -2.62 20.00 -6.74
C TYR A 59 -3.09 20.89 -7.88
N ASN A 60 -3.23 20.32 -9.07
CA ASN A 60 -3.67 21.08 -10.23
C ASN A 60 -2.74 22.27 -10.48
N ILE A 61 -1.45 22.06 -10.25
CA ILE A 61 -0.46 23.12 -10.47
C ILE A 61 -0.05 23.15 -11.93
N GLN A 62 -0.35 24.26 -12.59
CA GLN A 62 -0.02 24.42 -14.01
C GLN A 62 1.11 25.42 -14.19
N LYS A 63 1.44 25.70 -15.43
CA LYS A 63 2.51 26.63 -15.72
C LYS A 63 2.20 28.00 -15.09
N GLU A 64 3.24 28.67 -14.63
CA GLU A 64 3.10 29.98 -14.00
C GLU A 64 2.23 29.89 -12.74
N SER A 65 2.20 28.71 -12.14
CA SER A 65 1.44 28.51 -10.92
C SER A 65 2.15 29.17 -9.74
N THR A 66 1.45 30.06 -9.05
CA THR A 66 2.03 30.74 -7.91
C THR A 66 1.87 29.89 -6.65
N LEU A 67 2.98 29.67 -5.94
CA LEU A 67 2.95 28.87 -4.72
C LEU A 67 3.38 29.71 -3.53
N HIS A 68 2.85 29.38 -2.35
CA HIS A 68 3.20 30.12 -1.14
C HIS A 68 4.34 29.42 -0.40
N LEU A 69 5.46 30.14 -0.24
CA LEU A 69 6.62 29.59 0.45
C LEU A 69 6.75 30.22 1.83
N VAL A 70 6.79 29.38 2.85
CA VAL A 70 6.91 29.86 4.21
C VAL A 70 8.16 29.27 4.86
N LEU A 71 8.94 30.13 5.52
CA LEU A 71 10.18 29.69 6.16
C LEU A 71 9.99 29.62 7.67
N ARG A 72 10.48 28.56 8.29
CA ARG A 72 10.36 28.40 9.73
C ARG A 72 11.35 29.30 10.46
N LEU A 73 10.94 29.79 11.64
CA LEU A 73 11.80 30.67 12.43
C LEU A 73 12.17 29.99 13.74
N ARG A 74 13.47 29.95 14.03
CA ARG A 74 13.93 29.34 15.26
C ARG A 74 13.96 30.38 16.38
N GLY A 75 13.16 30.13 17.41
CA GLY A 75 13.09 31.06 18.54
C GLY A 75 12.22 32.26 18.23
N GLY A 76 12.23 33.24 19.13
CA GLY A 76 11.43 34.44 18.94
C GLY A 76 12.19 35.46 18.08
N ASP A 77 11.55 36.62 17.85
CA ASP A 77 12.17 37.66 17.05
C ASP A 77 11.54 39.02 17.38
N MET B 1 -25.88 -4.92 -4.58
CA MET B 1 -24.65 -5.53 -4.01
C MET B 1 -23.80 -4.44 -3.38
N GLN B 2 -24.22 -3.98 -2.22
CA GLN B 2 -23.48 -2.95 -1.51
C GLN B 2 -22.12 -3.45 -1.07
N ILE B 3 -21.23 -2.52 -0.78
CA ILE B 3 -19.88 -2.87 -0.36
C ILE B 3 -19.40 -1.93 0.74
N PHE B 4 -18.71 -2.48 1.72
CA PHE B 4 -18.20 -1.68 2.83
C PHE B 4 -16.89 -1.02 2.45
N VAL B 5 -16.83 0.30 2.54
CA VAL B 5 -15.59 1.01 2.19
C VAL B 5 -14.92 1.51 3.45
N LYS B 6 -13.79 0.89 3.79
CA LYS B 6 -13.05 1.30 4.97
C LYS B 6 -12.23 2.55 4.67
N THR B 7 -12.58 3.65 5.33
CA THR B 7 -11.85 4.90 5.13
C THR B 7 -10.47 4.80 5.73
N LEU B 8 -9.69 5.86 5.55
CA LEU B 8 -8.33 5.90 6.08
C LEU B 8 -8.31 5.46 7.54
N THR B 9 -9.43 5.63 8.23
CA THR B 9 -9.54 5.23 9.62
C THR B 9 -10.44 4.00 9.73
N GLY B 10 -10.70 3.57 10.97
CA GLY B 10 -11.54 2.40 11.19
C GLY B 10 -12.95 2.63 10.65
N LYS B 11 -13.32 3.89 10.47
CA LYS B 11 -14.65 4.21 9.97
C LYS B 11 -14.92 3.49 8.65
N THR B 12 -16.09 2.88 8.55
CA THR B 12 -16.46 2.14 7.34
C THR B 12 -17.76 2.67 6.76
N ILE B 13 -17.80 2.80 5.43
CA ILE B 13 -18.99 3.32 4.76
C ILE B 13 -19.50 2.33 3.71
N THR B 14 -20.68 1.77 3.95
CA THR B 14 -21.25 0.82 3.00
C THR B 14 -22.00 1.57 1.91
N LEU B 15 -21.67 1.27 0.65
CA LEU B 15 -22.30 1.93 -0.48
C LEU B 15 -22.99 0.90 -1.37
N GLU B 16 -24.24 1.14 -1.71
CA GLU B 16 -24.98 0.23 -2.56
C GLU B 16 -24.47 0.29 -4.00
N VAL B 17 -23.91 -0.81 -4.46
CA VAL B 17 -23.38 -0.87 -5.82
C VAL B 17 -23.78 -2.17 -6.50
N GLU B 18 -23.65 -2.22 -7.81
CA GLU B 18 -23.99 -3.43 -8.56
C GLU B 18 -22.73 -4.15 -9.02
N PRO B 19 -22.79 -5.44 -9.22
CA PRO B 19 -21.62 -6.24 -9.67
C PRO B 19 -21.00 -5.68 -10.95
N SER B 20 -21.85 -5.19 -11.85
CA SER B 20 -21.37 -4.63 -13.11
C SER B 20 -20.92 -3.18 -12.93
N ASP B 21 -21.17 -2.62 -11.75
CA ASP B 21 -20.79 -1.24 -11.47
C ASP B 21 -19.29 -1.05 -11.62
N THR B 22 -18.91 0.06 -12.25
CA THR B 22 -17.49 0.35 -12.47
C THR B 22 -16.87 0.95 -11.22
N ILE B 23 -15.55 0.93 -11.15
CA ILE B 23 -14.83 1.47 -10.01
C ILE B 23 -15.07 2.97 -9.91
N GLU B 24 -15.12 3.64 -11.06
CA GLU B 24 -15.35 5.07 -11.10
C GLU B 24 -16.68 5.41 -10.44
N ASN B 25 -17.71 4.63 -10.75
CA ASN B 25 -19.03 4.85 -10.16
C ASN B 25 -18.97 4.69 -8.65
N VAL B 26 -18.22 3.70 -8.20
CA VAL B 26 -18.10 3.44 -6.77
C VAL B 26 -17.43 4.64 -6.08
N LYS B 27 -16.39 5.19 -6.72
CA LYS B 27 -15.68 6.33 -6.15
C LYS B 27 -16.63 7.51 -5.98
N ALA B 28 -17.51 7.70 -6.96
CA ALA B 28 -18.47 8.79 -6.90
C ALA B 28 -19.38 8.63 -5.70
N LYS B 29 -19.78 7.38 -5.43
CA LYS B 29 -20.65 7.11 -4.30
C LYS B 29 -19.95 7.55 -3.01
N ILE B 30 -18.64 7.31 -2.96
CA ILE B 30 -17.87 7.71 -1.79
C ILE B 30 -17.88 9.22 -1.63
N GLN B 31 -17.77 9.93 -2.76
CA GLN B 31 -17.77 11.39 -2.73
C GLN B 31 -19.09 11.91 -2.17
N ASP B 32 -20.18 11.25 -2.53
CA ASP B 32 -21.50 11.66 -2.05
C ASP B 32 -21.58 11.54 -0.53
N LYS B 33 -21.02 10.46 0.01
CA LYS B 33 -21.05 10.24 1.46
C LYS B 33 -20.02 11.12 2.17
N GLU B 34 -18.76 10.85 1.90
CA GLU B 34 -17.67 11.61 2.51
C GLU B 34 -17.19 12.70 1.58
N GLY B 35 -16.50 13.69 2.12
CA GLY B 35 -15.99 14.78 1.30
C GLY B 35 -14.72 14.34 0.56
N ILE B 36 -14.82 13.23 -0.18
CA ILE B 36 -13.68 12.73 -0.92
C ILE B 36 -13.91 12.93 -2.42
N PRO B 37 -13.22 13.87 -3.05
CA PRO B 37 -13.40 14.13 -4.51
C PRO B 37 -12.85 12.99 -5.37
N PRO B 38 -13.41 12.77 -6.55
CA PRO B 38 -12.95 11.68 -7.45
C PRO B 38 -11.45 11.69 -7.69
N ASP B 39 -10.83 12.83 -7.44
CA ASP B 39 -9.39 12.96 -7.63
C ASP B 39 -8.65 12.67 -6.32
N GLN B 40 -9.32 11.98 -5.40
CA GLN B 40 -8.72 11.66 -4.11
C GLN B 40 -9.33 10.38 -3.54
N GLN B 41 -9.83 9.51 -4.43
CA GLN B 41 -10.44 8.26 -3.98
C GLN B 41 -9.69 7.07 -4.56
N ARG B 42 -8.76 6.53 -3.77
CA ARG B 42 -8.00 5.38 -4.22
C ARG B 42 -8.64 4.10 -3.70
N LEU B 43 -9.40 3.44 -4.56
CA LEU B 43 -10.08 2.20 -4.18
C LEU B 43 -9.15 1.01 -4.37
N ILE B 44 -8.91 0.27 -3.30
CA ILE B 44 -8.02 -0.89 -3.38
C ILE B 44 -8.70 -2.13 -2.81
N PHE B 45 -8.65 -3.23 -3.55
CA PHE B 45 -9.28 -4.47 -3.11
C PHE B 45 -8.57 -5.69 -3.72
N ALA B 46 -8.72 -6.85 -3.07
CA ALA B 46 -8.08 -8.07 -3.54
C ALA B 46 -6.57 -8.01 -3.37
N GLY B 47 -6.11 -7.09 -2.51
CA GLY B 47 -4.69 -6.95 -2.26
C GLY B 47 -4.04 -6.04 -3.30
N ARG B 48 -4.80 -5.64 -4.31
CA ARG B 48 -4.27 -4.78 -5.35
C ARG B 48 -5.20 -3.60 -5.60
N GLN B 49 -4.61 -2.48 -5.99
CA GLN B 49 -5.39 -1.29 -6.24
C GLN B 49 -6.29 -1.49 -7.45
N LEU B 50 -7.52 -0.98 -7.37
CA LEU B 50 -8.49 -1.14 -8.45
C LEU B 50 -8.24 -0.10 -9.54
N GLU B 51 -8.04 -0.57 -10.76
CA GLU B 51 -7.80 0.34 -11.87
C GLU B 51 -9.11 0.98 -12.33
N ASP B 52 -9.04 2.27 -12.66
CA ASP B 52 -10.23 2.99 -13.11
C ASP B 52 -10.73 2.40 -14.43
N GLY B 53 -12.05 2.28 -14.55
CA GLY B 53 -12.65 1.72 -15.75
C GLY B 53 -12.98 0.24 -15.57
N ARG B 54 -12.47 -0.37 -14.49
CA ARG B 54 -12.75 -1.77 -14.21
C ARG B 54 -14.11 -1.93 -13.56
N THR B 55 -14.53 -3.17 -13.40
CA THR B 55 -15.83 -3.45 -12.78
C THR B 55 -15.63 -4.20 -11.46
N LEU B 56 -16.62 -4.12 -10.58
CA LEU B 56 -16.52 -4.79 -9.29
C LEU B 56 -16.40 -6.30 -9.48
N SER B 57 -17.17 -6.83 -10.43
CA SER B 57 -17.13 -8.26 -10.71
C SER B 57 -15.76 -8.66 -11.21
N ASP B 58 -15.03 -7.71 -11.78
CA ASP B 58 -13.70 -7.97 -12.31
C ASP B 58 -12.76 -8.41 -11.19
N TYR B 59 -12.93 -7.80 -10.03
CA TYR B 59 -12.10 -8.12 -8.87
C TYR B 59 -12.82 -9.08 -7.93
N ASN B 60 -13.90 -9.69 -8.42
CA ASN B 60 -14.67 -10.63 -7.60
C ASN B 60 -15.14 -9.95 -6.32
N ILE B 61 -15.54 -8.69 -6.44
CA ILE B 61 -16.02 -7.94 -5.28
C ILE B 61 -17.49 -8.23 -5.06
N GLN B 62 -17.77 -9.05 -4.04
CA GLN B 62 -19.14 -9.42 -3.72
C GLN B 62 -19.75 -8.43 -2.74
N LYS B 63 -21.00 -8.65 -2.38
CA LYS B 63 -21.69 -7.76 -1.45
C LYS B 63 -20.96 -7.73 -0.11
N GLU B 64 -21.07 -6.62 0.59
CA GLU B 64 -20.43 -6.47 1.90
C GLU B 64 -18.91 -6.67 1.79
N SER B 65 -18.32 -6.12 0.74
CA SER B 65 -16.88 -6.23 0.53
C SER B 65 -16.15 -5.08 1.20
N THR B 66 -15.24 -5.40 2.09
CA THR B 66 -14.48 -4.38 2.80
C THR B 66 -13.36 -3.83 1.92
N LEU B 67 -13.70 -2.84 1.10
CA LEU B 67 -12.73 -2.21 0.22
C LEU B 67 -11.86 -1.25 1.01
N HIS B 68 -10.65 -1.01 0.53
CA HIS B 68 -9.73 -0.11 1.21
C HIS B 68 -9.70 1.24 0.51
N LEU B 69 -10.01 2.30 1.25
CA LEU B 69 -10.01 3.65 0.68
C LEU B 69 -8.77 4.42 1.14
N VAL B 70 -7.97 4.86 0.19
CA VAL B 70 -6.76 5.61 0.51
C VAL B 70 -6.87 7.04 -0.03
N LEU B 71 -6.55 8.01 0.82
CA LEU B 71 -6.65 9.41 0.45
C LEU B 71 -5.26 9.96 0.11
N ARG B 72 -5.10 10.50 -1.10
CA ARG B 72 -3.82 11.04 -1.50
C ARG B 72 -3.43 12.22 -0.62
N LEU B 73 -4.40 13.05 -0.29
CA LEU B 73 -4.16 14.22 0.55
C LEU B 73 -4.94 14.12 1.85
N ARG B 74 -4.40 13.35 2.80
CA ARG B 74 -5.05 13.18 4.09
C ARG B 74 -5.20 14.51 4.81
N GLY B 75 -4.12 15.29 4.79
CA GLY B 75 -4.14 16.60 5.45
C GLY B 75 -4.69 17.67 4.51
N GLY B 76 -4.68 18.91 4.97
CA GLY B 76 -5.18 20.03 4.17
C GLY B 76 -4.63 19.98 2.74
N ASN C 24 12.46 3.76 1.46
CA ASN C 24 11.39 2.77 1.78
C ASN C 24 12.02 1.48 2.32
N LYS C 25 12.19 1.42 3.63
CA LYS C 25 12.77 0.25 4.27
C LYS C 25 11.82 -0.93 4.19
N TYR C 26 12.38 -2.13 4.07
CA TYR C 26 11.57 -3.32 3.97
C TYR C 26 11.21 -3.83 5.36
N LEU C 27 9.92 -4.03 5.57
CA LEU C 27 9.44 -4.51 6.85
C LEU C 27 9.89 -5.95 7.05
N VAL C 28 9.92 -6.72 5.97
CA VAL C 28 10.36 -8.11 6.08
C VAL C 28 10.99 -8.55 4.77
N GLU C 29 11.76 -9.63 4.83
CA GLU C 29 12.40 -10.15 3.64
C GLU C 29 13.09 -11.48 3.93
N PHE C 30 12.70 -12.50 3.18
CA PHE C 30 13.31 -13.81 3.35
C PHE C 30 13.19 -14.63 2.07
N ARG C 31 14.08 -15.60 1.91
CA ARG C 31 14.06 -16.44 0.72
C ARG C 31 12.91 -17.43 0.78
N ALA C 32 12.00 -17.33 -0.18
CA ALA C 32 10.87 -18.24 -0.24
C ALA C 32 10.43 -18.44 -1.68
N GLY C 33 9.98 -19.65 -1.99
CA GLY C 33 9.52 -19.95 -3.33
C GLY C 33 8.00 -20.07 -3.36
N LYS C 34 7.40 -19.72 -4.48
CA LYS C 34 5.95 -19.76 -4.63
C LYS C 34 5.51 -21.11 -5.20
N MET C 35 4.22 -21.42 -5.07
CA MET C 35 3.70 -22.69 -5.57
C MET C 35 2.53 -22.43 -6.53
N SER C 36 2.00 -23.49 -7.14
CA SER C 36 0.87 -23.34 -8.06
C SER C 36 -0.31 -24.17 -7.58
N LEU C 37 -1.44 -23.49 -7.36
CA LEU C 37 -2.63 -24.19 -6.91
C LEU C 37 -3.66 -24.26 -8.03
N LYS C 38 -3.99 -25.47 -8.45
CA LYS C 38 -4.97 -25.67 -9.49
C LYS C 38 -6.13 -26.53 -8.98
N GLY C 39 -7.31 -25.93 -8.90
CA GLY C 39 -8.49 -26.63 -8.41
C GLY C 39 -8.39 -26.83 -6.89
N THR C 40 -7.75 -27.91 -6.48
CA THR C 40 -7.57 -28.20 -5.07
C THR C 40 -6.23 -28.90 -4.81
N THR C 41 -5.29 -28.71 -5.74
CA THR C 41 -3.98 -29.32 -5.61
C THR C 41 -2.89 -28.26 -5.67
N VAL C 42 -1.99 -28.28 -4.70
CA VAL C 42 -0.89 -27.32 -4.66
C VAL C 42 0.41 -28.00 -5.04
N THR C 43 1.06 -27.49 -6.09
CA THR C 43 2.31 -28.06 -6.54
C THR C 43 3.45 -27.04 -6.37
N PRO C 44 4.50 -27.37 -5.65
CA PRO C 44 5.65 -26.43 -5.44
C PRO C 44 6.25 -25.97 -6.76
N ASP C 45 6.66 -24.70 -6.79
CA ASP C 45 7.26 -24.14 -8.00
C ASP C 45 8.76 -23.92 -7.77
N LYS C 46 9.55 -24.37 -8.73
CA LYS C 46 11.00 -24.24 -8.65
C LYS C 46 11.42 -22.78 -8.81
N ARG C 47 10.47 -21.89 -9.13
CA ARG C 47 10.77 -20.49 -9.31
C ARG C 47 11.06 -19.86 -7.95
N LYS C 48 12.21 -20.18 -7.38
CA LYS C 48 12.58 -19.64 -6.08
C LYS C 48 12.61 -18.13 -6.14
N GLY C 49 12.04 -17.48 -5.14
CA GLY C 49 12.02 -16.02 -5.11
C GLY C 49 12.36 -15.50 -3.72
N LEU C 50 11.88 -14.30 -3.44
CA LEU C 50 12.12 -13.68 -2.15
C LEU C 50 10.86 -12.95 -1.72
N VAL C 51 10.37 -13.28 -0.53
CA VAL C 51 9.18 -12.63 -0.03
C VAL C 51 9.56 -11.48 0.88
N TYR C 52 9.36 -10.27 0.40
CA TYR C 52 9.70 -9.11 1.23
C TYR C 52 8.54 -8.12 1.26
N ILE C 53 8.47 -7.35 2.34
CA ILE C 53 7.42 -6.37 2.54
C ILE C 53 8.00 -4.98 2.70
N GLN C 54 7.32 -4.00 2.11
CA GLN C 54 7.78 -2.62 2.21
C GLN C 54 6.58 -1.67 2.35
N GLN C 55 6.73 -0.66 3.19
CA GLN C 55 5.67 0.31 3.39
C GLN C 55 5.99 1.60 2.68
N THR C 56 5.03 2.07 1.91
CA THR C 56 5.22 3.30 1.16
C THR C 56 4.82 4.51 1.98
N ASP C 57 5.10 5.69 1.43
CA ASP C 57 4.75 6.93 2.11
C ASP C 57 3.24 7.04 2.24
N ASP C 58 2.51 6.15 1.56
CA ASP C 58 1.06 6.16 1.63
C ASP C 58 0.58 5.34 2.83
N SER C 59 1.53 4.77 3.59
CA SER C 59 1.20 3.97 4.75
C SER C 59 0.55 2.66 4.34
N LEU C 60 0.75 2.29 3.08
CA LEU C 60 0.21 1.07 2.55
C LEU C 60 1.31 0.04 2.46
N ILE C 61 1.07 -1.12 3.05
CA ILE C 61 2.06 -2.17 3.04
C ILE C 61 2.03 -2.87 1.70
N HIS C 62 3.20 -3.00 1.10
CA HIS C 62 3.31 -3.64 -0.20
C HIS C 62 3.88 -5.04 -0.07
N PHE C 63 3.08 -6.04 -0.44
CA PHE C 63 3.54 -7.42 -0.38
C PHE C 63 4.11 -7.79 -1.75
N CYS C 64 5.43 -7.91 -1.82
CA CYS C 64 6.07 -8.20 -3.09
C CYS C 64 6.83 -9.52 -3.07
N TRP C 65 6.80 -10.19 -4.22
CA TRP C 65 7.50 -11.45 -4.40
C TRP C 65 8.40 -11.34 -5.61
N LYS C 66 9.70 -11.34 -5.37
CA LYS C 66 10.68 -11.21 -6.42
C LYS C 66 11.31 -12.55 -6.74
N ASP C 67 11.45 -12.84 -8.01
CA ASP C 67 12.07 -14.10 -8.42
C ASP C 67 13.58 -14.03 -8.23
N ARG C 68 14.17 -15.12 -7.75
CA ARG C 68 15.61 -15.17 -7.53
C ARG C 68 16.34 -15.41 -8.85
N THR C 69 15.62 -15.92 -9.85
CA THR C 69 16.19 -16.20 -11.14
C THR C 69 16.73 -14.94 -11.80
N SER C 70 15.94 -13.88 -11.77
CA SER C 70 16.36 -12.62 -12.38
C SER C 70 16.46 -11.54 -11.31
N GLY C 71 15.93 -11.82 -10.13
CA GLY C 71 15.97 -10.86 -9.03
C GLY C 71 15.00 -9.72 -9.30
N ASN C 72 13.98 -9.98 -10.11
CA ASN C 72 12.99 -8.95 -10.43
C ASN C 72 11.70 -9.17 -9.65
N VAL C 73 11.02 -8.09 -9.31
CA VAL C 73 9.77 -8.20 -8.57
C VAL C 73 8.65 -8.66 -9.49
N GLU C 74 8.29 -9.93 -9.37
CA GLU C 74 7.24 -10.51 -10.19
C GLU C 74 5.87 -10.21 -9.62
N ASP C 75 5.80 -10.07 -8.29
CA ASP C 75 4.53 -9.80 -7.64
C ASP C 75 4.62 -8.56 -6.73
N ASP C 76 3.54 -7.78 -6.70
CA ASP C 76 3.48 -6.57 -5.87
C ASP C 76 2.03 -6.20 -5.58
N LEU C 77 1.55 -6.54 -4.39
CA LEU C 77 0.17 -6.25 -4.03
C LEU C 77 0.10 -5.62 -2.64
N ILE C 78 -0.62 -4.51 -2.55
CA ILE C 78 -0.77 -3.83 -1.28
C ILE C 78 -1.72 -4.59 -0.38
N ILE C 79 -1.28 -4.83 0.85
CA ILE C 79 -2.11 -5.56 1.81
C ILE C 79 -2.45 -4.67 3.00
N PHE C 80 -3.74 -4.44 3.20
CA PHE C 80 -4.21 -3.62 4.31
C PHE C 80 -4.35 -4.44 5.59
N PRO C 81 -4.45 -3.78 6.73
CA PRO C 81 -4.60 -4.49 8.03
C PRO C 81 -5.82 -5.40 8.04
N ASP C 82 -5.65 -6.60 8.56
CA ASP C 82 -6.74 -7.57 8.63
C ASP C 82 -7.25 -7.94 7.24
N ASP C 83 -6.50 -7.55 6.20
CA ASP C 83 -6.88 -7.86 4.83
C ASP C 83 -6.43 -9.25 4.44
N CYS C 84 -5.39 -9.74 5.10
CA CYS C 84 -4.88 -11.08 4.80
C CYS C 84 -4.32 -11.73 6.05
N GLU C 85 -4.04 -13.02 5.94
CA GLU C 85 -3.51 -13.78 7.06
C GLU C 85 -2.40 -14.73 6.60
N PHE C 86 -1.28 -14.73 7.32
CA PHE C 86 -0.17 -15.61 7.02
C PHE C 86 -0.18 -16.77 7.99
N LYS C 87 -0.35 -17.98 7.46
CA LYS C 87 -0.42 -19.16 8.32
C LYS C 87 0.28 -20.35 7.68
N ARG C 88 0.55 -21.37 8.49
CA ARG C 88 1.21 -22.57 8.00
C ARG C 88 0.19 -23.52 7.39
N VAL C 89 0.66 -24.44 6.55
CA VAL C 89 -0.24 -25.40 5.91
C VAL C 89 0.07 -26.83 6.38
N PRO C 90 -0.54 -27.26 7.45
CA PRO C 90 -0.33 -28.63 7.99
C PRO C 90 -1.16 -29.67 7.24
N GLN C 91 -0.92 -29.78 5.94
CA GLN C 91 -1.63 -30.74 5.12
C GLN C 91 -0.68 -31.79 4.58
N CYS C 92 0.44 -31.35 4.03
CA CYS C 92 1.42 -32.27 3.48
C CYS C 92 2.71 -32.25 4.30
N PRO C 93 2.94 -33.23 5.14
CA PRO C 93 4.18 -33.28 5.96
C PRO C 93 5.40 -33.62 5.12
N SER C 94 6.45 -32.82 5.26
CA SER C 94 7.70 -33.02 4.51
C SER C 94 8.60 -31.80 4.62
N GLY C 95 7.98 -30.62 4.66
CA GLY C 95 8.75 -29.38 4.75
C GLY C 95 7.89 -28.25 5.30
N ARG C 96 8.49 -27.05 5.41
CA ARG C 96 7.77 -25.90 5.93
C ARG C 96 7.05 -25.17 4.81
N VAL C 97 5.72 -25.19 4.88
CA VAL C 97 4.89 -24.53 3.86
C VAL C 97 3.88 -23.59 4.50
N TYR C 98 3.83 -22.35 4.00
CA TYR C 98 2.89 -21.36 4.51
C TYR C 98 1.96 -20.88 3.40
N VAL C 99 0.81 -20.36 3.79
CA VAL C 99 -0.16 -19.88 2.82
C VAL C 99 -0.70 -18.52 3.25
N LEU C 100 -0.82 -17.62 2.28
CA LEU C 100 -1.34 -16.29 2.55
C LEU C 100 -2.78 -16.23 2.07
N LYS C 101 -3.70 -15.92 2.96
CA LYS C 101 -5.11 -15.87 2.60
C LYS C 101 -5.65 -14.47 2.82
N PHE C 102 -6.41 -13.96 1.85
CA PHE C 102 -6.96 -12.63 1.97
C PHE C 102 -8.29 -12.69 2.71
N LYS C 103 -8.31 -12.10 3.90
CA LYS C 103 -9.51 -12.11 4.71
C LYS C 103 -10.62 -11.38 3.97
N ALA C 104 -10.26 -10.31 3.27
CA ALA C 104 -11.26 -9.54 2.55
C ALA C 104 -11.47 -10.08 1.14
N GLY C 105 -10.48 -10.79 0.61
CA GLY C 105 -10.59 -11.35 -0.72
C GLY C 105 -10.73 -12.86 -0.67
N SER C 106 -10.62 -13.49 -1.84
CA SER C 106 -10.73 -14.94 -1.91
C SER C 106 -9.46 -15.54 -2.51
N LYS C 107 -8.41 -14.73 -2.61
CA LYS C 107 -7.15 -15.19 -3.17
C LYS C 107 -6.28 -15.86 -2.11
N ARG C 108 -5.59 -16.92 -2.51
CA ARG C 108 -4.71 -17.63 -1.59
C ARG C 108 -3.38 -17.94 -2.27
N LEU C 109 -2.29 -17.58 -1.59
CA LEU C 109 -0.96 -17.81 -2.13
C LEU C 109 -0.23 -18.86 -1.29
N PHE C 110 0.66 -19.61 -1.92
CA PHE C 110 1.40 -20.65 -1.21
C PHE C 110 2.90 -20.43 -1.34
N PHE C 111 3.62 -20.56 -0.22
CA PHE C 111 5.05 -20.38 -0.23
C PHE C 111 5.75 -21.45 0.59
N TRP C 112 6.99 -21.73 0.22
CA TRP C 112 7.78 -22.72 0.95
C TRP C 112 9.14 -22.15 1.32
N MET C 113 9.55 -22.38 2.57
CA MET C 113 10.83 -21.87 3.05
C MET C 113 11.96 -22.28 2.12
N GLN C 114 12.81 -21.32 1.81
CA GLN C 114 13.96 -21.56 0.94
C GLN C 114 15.26 -21.31 1.70
N GLU C 115 15.16 -20.80 2.92
CA GLU C 115 16.36 -20.50 3.70
C GLU C 115 16.97 -21.80 4.24
N PRO C 116 18.27 -21.84 4.43
CA PRO C 116 18.95 -23.06 4.95
C PRO C 116 18.45 -23.46 6.34
N LYS C 117 18.23 -22.45 7.19
CA LYS C 117 17.76 -22.71 8.55
C LYS C 117 16.44 -21.99 8.80
N THR C 118 15.61 -22.60 9.63
CA THR C 118 14.32 -22.00 9.95
C THR C 118 14.39 -21.22 11.25
N ASP C 119 15.60 -21.04 11.77
CA ASP C 119 15.79 -20.30 13.01
C ASP C 119 15.25 -18.88 12.87
N GLN C 120 15.11 -18.43 11.63
CA GLN C 120 14.59 -17.09 11.38
C GLN C 120 13.33 -17.14 10.52
N ASP C 121 13.10 -18.29 9.89
CA ASP C 121 11.93 -18.46 9.03
C ASP C 121 10.65 -18.30 9.84
N GLU C 122 10.65 -18.84 11.05
CA GLU C 122 9.47 -18.75 11.90
C GLU C 122 9.16 -17.29 12.25
N GLU C 123 10.20 -16.54 12.53
CA GLU C 123 10.05 -15.14 12.87
C GLU C 123 9.56 -14.35 11.67
N HIS C 124 10.08 -14.69 10.50
CA HIS C 124 9.70 -14.03 9.27
C HIS C 124 8.22 -14.22 9.05
N CYS C 125 7.76 -15.42 9.35
CA CYS C 125 6.36 -15.73 9.21
C CYS C 125 5.53 -14.85 10.14
N ARG C 126 6.04 -14.66 11.35
CA ARG C 126 5.34 -13.83 12.31
C ARG C 126 5.35 -12.37 11.86
N LYS C 127 6.49 -11.94 11.32
CA LYS C 127 6.63 -10.58 10.84
C LYS C 127 5.76 -10.33 9.62
N VAL C 128 5.63 -11.33 8.76
CA VAL C 128 4.83 -11.18 7.56
C VAL C 128 3.39 -10.82 7.91
N ASN C 129 2.79 -11.55 8.84
CA ASN C 129 1.41 -11.25 9.20
C ASN C 129 1.33 -10.05 10.12
N GLU C 130 2.41 -9.82 10.84
CA GLU C 130 2.46 -8.70 11.75
C GLU C 130 2.50 -7.38 11.01
N TYR C 131 3.23 -7.34 9.89
CA TYR C 131 3.33 -6.10 9.13
C TYR C 131 2.12 -5.92 8.22
N LEU C 132 1.56 -7.04 7.77
CA LEU C 132 0.41 -7.00 6.88
C LEU C 132 -0.88 -6.82 7.67
N ASN C 133 -0.84 -7.14 8.96
CA ASN C 133 -2.03 -6.99 9.80
C ASN C 133 -1.79 -5.92 10.86
N ASN C 134 -0.52 -5.61 11.11
CA ASN C 134 -0.18 -4.63 12.11
C ASN C 134 1.06 -3.84 11.70
N PRO C 135 0.92 -2.98 10.75
CA PRO C 135 2.07 -2.15 10.25
C PRO C 135 2.47 -1.05 11.23
N PRO C 136 3.65 -0.51 11.10
CA PRO C 136 4.16 0.56 12.00
C PRO C 136 3.42 1.88 11.81
N GLN D 5 23.66 -26.51 1.16
CA GLN D 5 22.95 -25.59 0.25
C GLN D 5 21.52 -25.37 0.74
N GLU D 6 20.73 -24.64 -0.04
CA GLU D 6 19.35 -24.37 0.34
C GLU D 6 18.50 -25.64 0.20
N PRO D 7 17.43 -25.75 0.96
CA PRO D 7 16.53 -26.93 0.92
C PRO D 7 15.74 -27.00 -0.38
N GLU D 8 15.46 -28.21 -0.84
CA GLU D 8 14.71 -28.39 -2.08
C GLU D 8 13.21 -28.17 -1.86
N PRO D 9 12.48 -27.80 -2.88
CA PRO D 9 11.01 -27.56 -2.76
C PRO D 9 10.24 -28.83 -2.33
N PRO D 10 9.14 -28.68 -1.63
CA PRO D 10 8.30 -29.85 -1.19
C PRO D 10 7.78 -30.66 -2.39
N GLU D 11 6.65 -31.34 -2.20
CA GLU D 11 6.06 -32.12 -3.28
C GLU D 11 4.57 -31.78 -3.44
N PRO D 12 4.00 -32.05 -4.59
CA PRO D 12 2.54 -31.75 -4.86
C PRO D 12 1.62 -32.43 -3.84
N PHE D 13 0.59 -31.72 -3.43
CA PHE D 13 -0.37 -32.27 -2.46
C PHE D 13 -1.72 -31.58 -2.58
N GLU D 14 -2.74 -32.17 -1.98
CA GLU D 14 -4.09 -31.60 -2.03
C GLU D 14 -4.28 -30.57 -0.92
N TYR D 15 -4.92 -29.44 -1.27
CA TYR D 15 -5.18 -28.39 -0.31
C TYR D 15 -6.66 -28.13 -0.22
N ILE D 16 -7.21 -28.24 0.98
CA ILE D 16 -8.62 -28.01 1.16
C ILE D 16 -8.85 -27.08 2.34
N ASP D 17 -9.51 -25.96 2.10
CA ASP D 17 -9.75 -25.01 3.17
C ASP D 17 -10.79 -25.55 4.14
N ASP D 18 -10.32 -26.37 5.08
CA ASP D 18 -11.21 -26.94 6.08
C ASP D 18 -10.71 -26.65 7.49
N MET A 1 -0.84 25.67 -15.86
CA MET A 1 -2.00 25.79 -14.92
C MET A 1 -1.66 26.83 -13.86
N GLN A 2 -1.71 28.08 -14.26
CA GLN A 2 -1.42 29.16 -13.35
C GLN A 2 -2.46 29.17 -12.23
N ILE A 3 -2.10 29.78 -11.12
CA ILE A 3 -2.99 29.84 -9.98
C ILE A 3 -2.92 31.22 -9.33
N PHE A 4 -4.06 31.70 -8.88
CA PHE A 4 -4.12 33.01 -8.26
C PHE A 4 -3.75 32.92 -6.78
N VAL A 5 -2.76 33.70 -6.36
CA VAL A 5 -2.35 33.68 -4.97
C VAL A 5 -2.68 35.02 -4.32
N LYS A 6 -3.54 34.99 -3.30
CA LYS A 6 -3.91 36.22 -2.61
C LYS A 6 -2.97 36.49 -1.45
N THR A 7 -2.31 37.64 -1.50
CA THR A 7 -1.37 38.01 -0.44
C THR A 7 -2.12 38.52 0.78
N LEU A 8 -1.38 38.70 1.87
CA LEU A 8 -1.97 39.17 3.10
C LEU A 8 -2.59 40.54 2.90
N THR A 9 -1.89 41.39 2.16
CA THR A 9 -2.38 42.73 1.89
C THR A 9 -3.57 42.69 0.92
N GLY A 10 -3.84 41.51 0.34
CA GLY A 10 -4.94 41.37 -0.58
C GLY A 10 -4.45 41.38 -2.03
N LYS A 11 -3.20 41.78 -2.24
CA LYS A 11 -2.65 41.80 -3.59
C LYS A 11 -2.62 40.39 -4.16
N THR A 12 -3.26 40.18 -5.29
CA THR A 12 -3.32 38.86 -5.90
C THR A 12 -2.28 38.72 -7.01
N ILE A 13 -1.54 37.62 -6.98
CA ILE A 13 -0.51 37.37 -7.97
C ILE A 13 -0.66 36.00 -8.61
N THR A 14 -1.14 35.96 -9.85
CA THR A 14 -1.30 34.70 -10.54
C THR A 14 0.07 34.17 -10.93
N LEU A 15 0.34 32.93 -10.58
CA LEU A 15 1.63 32.33 -10.89
C LEU A 15 1.47 31.09 -11.77
N GLU A 16 2.14 31.09 -12.92
CA GLU A 16 2.06 29.95 -13.84
C GLU A 16 2.68 28.70 -13.21
N VAL A 17 1.83 27.73 -12.86
CA VAL A 17 2.32 26.50 -12.27
C VAL A 17 1.68 25.31 -12.96
N GLU A 18 2.21 24.11 -12.70
CA GLU A 18 1.67 22.90 -13.28
C GLU A 18 1.07 22.03 -12.20
N PRO A 19 0.13 21.18 -12.53
CA PRO A 19 -0.51 20.28 -11.53
C PRO A 19 0.52 19.41 -10.81
N SER A 20 1.62 19.11 -11.50
CA SER A 20 2.67 18.28 -10.92
C SER A 20 3.66 19.10 -10.10
N ASP A 21 3.60 20.43 -10.23
CA ASP A 21 4.53 21.28 -9.48
C ASP A 21 4.28 21.17 -7.99
N THR A 22 5.36 21.22 -7.22
CA THR A 22 5.27 21.12 -5.77
C THR A 22 4.96 22.47 -5.14
N ILE A 23 4.52 22.45 -3.89
CA ILE A 23 4.20 23.66 -3.17
C ILE A 23 5.44 24.53 -3.06
N GLU A 24 6.60 23.88 -2.91
CA GLU A 24 7.85 24.62 -2.78
C GLU A 24 8.06 25.50 -4.01
N ASN A 25 7.79 24.95 -5.19
CA ASN A 25 7.95 25.70 -6.42
C ASN A 25 7.01 26.89 -6.45
N VAL A 26 5.79 26.67 -5.99
CA VAL A 26 4.79 27.72 -5.95
C VAL A 26 5.22 28.86 -5.02
N LYS A 27 5.74 28.50 -3.86
CA LYS A 27 6.18 29.50 -2.90
C LYS A 27 7.31 30.35 -3.48
N ALA A 28 8.21 29.71 -4.21
CA ALA A 28 9.31 30.43 -4.84
C ALA A 28 8.76 31.46 -5.81
N LYS A 29 7.71 31.08 -6.54
CA LYS A 29 7.09 31.98 -7.50
C LYS A 29 6.61 33.21 -6.77
N ILE A 30 6.09 33.00 -5.56
CA ILE A 30 5.60 34.11 -4.74
C ILE A 30 6.77 35.01 -4.38
N GLN A 31 7.92 34.41 -4.10
CA GLN A 31 9.09 35.19 -3.75
C GLN A 31 9.46 36.13 -4.89
N ASP A 32 9.49 35.62 -6.11
CA ASP A 32 9.84 36.46 -7.26
C ASP A 32 8.83 37.60 -7.43
N LYS A 33 7.55 37.28 -7.30
CA LYS A 33 6.48 38.25 -7.47
C LYS A 33 6.40 39.26 -6.32
N GLU A 34 6.86 38.85 -5.14
CA GLU A 34 6.78 39.74 -3.97
C GLU A 34 8.06 39.69 -3.17
N GLY A 35 8.46 38.50 -2.79
CA GLY A 35 9.69 38.33 -2.01
C GLY A 35 9.38 37.69 -0.66
N ILE A 36 8.16 37.20 -0.50
CA ILE A 36 7.77 36.57 0.75
C ILE A 36 8.39 35.16 0.82
N PRO A 37 9.19 34.86 1.81
CA PRO A 37 9.80 33.51 1.92
C PRO A 37 8.75 32.46 2.28
N PRO A 38 9.04 31.20 2.04
CA PRO A 38 8.09 30.10 2.32
C PRO A 38 7.61 30.07 3.77
N ASP A 39 8.54 30.34 4.68
CA ASP A 39 8.22 30.37 6.11
C ASP A 39 7.20 31.46 6.39
N GLN A 40 7.32 32.57 5.70
CA GLN A 40 6.41 33.70 5.88
C GLN A 40 5.34 33.70 4.80
N GLN A 41 5.10 32.55 4.18
CA GLN A 41 4.10 32.46 3.13
C GLN A 41 2.90 31.65 3.59
N ARG A 42 3.17 30.50 4.20
CA ARG A 42 2.11 29.59 4.68
C ARG A 42 0.91 29.61 3.72
N LEU A 43 1.04 28.90 2.61
CA LEU A 43 -0.02 28.86 1.60
C LEU A 43 -1.11 27.86 2.00
N ILE A 44 -2.36 28.30 1.92
CA ILE A 44 -3.49 27.44 2.26
C ILE A 44 -4.53 27.46 1.14
N PHE A 45 -4.97 26.27 0.73
CA PHE A 45 -5.97 26.17 -0.34
C PHE A 45 -7.12 25.26 0.07
N ALA A 46 -8.35 25.75 -0.09
CA ALA A 46 -9.53 24.98 0.26
C ALA A 46 -9.51 24.62 1.75
N GLY A 47 -8.84 25.45 2.54
CA GLY A 47 -8.77 25.21 3.98
C GLY A 47 -7.69 24.17 4.31
N LYS A 48 -6.97 23.70 3.29
CA LYS A 48 -5.93 22.71 3.51
C LYS A 48 -4.56 23.38 3.41
N GLN A 49 -3.74 23.19 4.44
CA GLN A 49 -2.40 23.77 4.44
C GLN A 49 -1.53 23.07 3.40
N LEU A 50 -0.82 23.86 2.60
CA LEU A 50 0.03 23.31 1.56
C LEU A 50 1.37 22.87 2.16
N GLU A 51 1.49 21.58 2.46
CA GLU A 51 2.71 21.05 3.04
C GLU A 51 3.81 20.94 1.98
N ASP A 52 5.03 21.28 2.37
CA ASP A 52 6.15 21.21 1.45
C ASP A 52 6.36 19.77 0.98
N GLY A 53 6.60 19.61 -0.32
CA GLY A 53 6.80 18.28 -0.90
C GLY A 53 5.54 17.77 -1.60
N ARG A 54 4.39 18.38 -1.28
CA ARG A 54 3.14 17.99 -1.91
C ARG A 54 2.99 18.67 -3.26
N THR A 55 2.18 18.09 -4.12
CA THR A 55 1.95 18.65 -5.44
C THR A 55 0.64 19.44 -5.46
N LEU A 56 0.47 20.30 -6.45
CA LEU A 56 -0.76 21.08 -6.54
C LEU A 56 -1.96 20.16 -6.72
N SER A 57 -1.78 19.11 -7.50
CA SER A 57 -2.86 18.15 -7.73
C SER A 57 -3.24 17.46 -6.41
N ASP A 58 -2.31 17.45 -5.46
CA ASP A 58 -2.57 16.83 -4.16
C ASP A 58 -3.72 17.53 -3.46
N TYR A 59 -3.75 18.85 -3.60
CA TYR A 59 -4.78 19.67 -2.98
C TYR A 59 -5.91 19.98 -3.96
N ASN A 60 -5.94 19.26 -5.07
CA ASN A 60 -6.98 19.48 -6.07
C ASN A 60 -6.96 20.92 -6.54
N ILE A 61 -5.75 21.46 -6.71
CA ILE A 61 -5.59 22.84 -7.16
C ILE A 61 -5.59 22.90 -8.68
N GLN A 62 -6.58 23.59 -9.23
CA GLN A 62 -6.70 23.72 -10.68
C GLN A 62 -6.20 25.07 -11.14
N LYS A 63 -6.44 25.39 -12.41
CA LYS A 63 -6.00 26.66 -12.95
C LYS A 63 -6.82 27.80 -12.35
N GLU A 64 -6.22 28.99 -12.29
CA GLU A 64 -6.89 30.16 -11.75
C GLU A 64 -7.49 29.85 -10.39
N SER A 65 -6.76 29.08 -9.59
CA SER A 65 -7.22 28.74 -8.25
C SER A 65 -6.75 29.77 -7.23
N THR A 66 -7.69 30.34 -6.49
CA THR A 66 -7.34 31.34 -5.49
C THR A 66 -6.73 30.67 -4.27
N LEU A 67 -5.59 31.18 -3.83
CA LEU A 67 -4.90 30.63 -2.67
C LEU A 67 -4.78 31.68 -1.57
N HIS A 68 -4.64 31.22 -0.33
CA HIS A 68 -4.51 32.13 0.80
C HIS A 68 -3.07 32.17 1.29
N LEU A 69 -2.48 33.36 1.27
CA LEU A 69 -1.10 33.52 1.72
C LEU A 69 -1.07 34.04 3.15
N VAL A 70 -0.50 33.25 4.05
CA VAL A 70 -0.42 33.65 5.46
C VAL A 70 1.02 33.99 5.83
N LEU A 71 1.19 35.19 6.40
CA LEU A 71 2.51 35.65 6.78
C LEU A 71 2.87 35.15 8.17
N ARG A 72 4.15 34.85 8.37
CA ARG A 72 4.61 34.36 9.66
C ARG A 72 5.26 35.48 10.47
N LEU A 73 4.71 35.75 11.65
CA LEU A 73 5.24 36.79 12.51
C LEU A 73 5.62 36.21 13.88
N ARG A 74 6.83 36.51 14.32
CA ARG A 74 7.30 36.00 15.61
C ARG A 74 6.52 36.65 16.75
N GLY A 75 6.31 35.89 17.82
CA GLY A 75 5.57 36.39 18.97
C GLY A 75 6.51 36.69 20.14
N GLY A 76 6.20 37.75 20.88
CA GLY A 76 7.03 38.13 22.02
C GLY A 76 6.78 37.21 23.20
N ASP A 77 7.63 37.33 24.22
CA ASP A 77 7.50 36.51 25.41
C ASP A 77 7.40 37.38 26.66
N MET B 1 -25.79 -4.85 -4.34
CA MET B 1 -24.54 -5.42 -3.76
C MET B 1 -23.71 -4.30 -3.19
N GLN B 2 -24.17 -3.77 -2.07
CA GLN B 2 -23.46 -2.70 -1.41
C GLN B 2 -22.11 -3.18 -0.93
N ILE B 3 -21.24 -2.23 -0.66
CA ILE B 3 -19.90 -2.54 -0.21
C ILE B 3 -19.48 -1.56 0.88
N PHE B 4 -18.74 -2.06 1.87
CA PHE B 4 -18.30 -1.23 2.97
C PHE B 4 -16.96 -0.56 2.65
N VAL B 5 -16.94 0.76 2.64
CA VAL B 5 -15.70 1.47 2.35
C VAL B 5 -15.08 2.01 3.63
N LYS B 6 -13.99 1.40 4.06
CA LYS B 6 -13.33 1.83 5.29
C LYS B 6 -12.30 2.91 4.99
N THR B 7 -12.48 4.07 5.61
CA THR B 7 -11.57 5.19 5.40
C THR B 7 -10.33 5.03 6.25
N LEU B 8 -9.36 5.92 6.03
CA LEU B 8 -8.12 5.88 6.77
C LEU B 8 -8.39 6.06 8.26
N THR B 9 -9.34 6.93 8.56
CA THR B 9 -9.70 7.22 9.94
C THR B 9 -10.46 6.04 10.56
N GLY B 10 -10.81 5.05 9.74
CA GLY B 10 -11.54 3.89 10.22
C GLY B 10 -13.05 4.07 10.05
N LYS B 11 -13.44 5.13 9.35
CA LYS B 11 -14.86 5.39 9.12
C LYS B 11 -15.37 4.54 7.96
N THR B 12 -16.26 3.60 8.27
CA THR B 12 -16.82 2.71 7.26
C THR B 12 -18.02 3.36 6.59
N ILE B 13 -18.06 3.29 5.27
CA ILE B 13 -19.14 3.89 4.49
C ILE B 13 -19.71 2.87 3.51
N THR B 14 -20.92 2.37 3.78
CA THR B 14 -21.52 1.40 2.88
C THR B 14 -22.14 2.10 1.69
N LEU B 15 -21.79 1.63 0.49
CA LEU B 15 -22.34 2.20 -0.72
C LEU B 15 -23.02 1.14 -1.57
N GLU B 16 -24.28 1.35 -1.89
CA GLU B 16 -25.02 0.39 -2.71
C GLU B 16 -24.48 0.39 -4.13
N VAL B 17 -23.90 -0.73 -4.52
CA VAL B 17 -23.37 -0.87 -5.86
C VAL B 17 -23.74 -2.21 -6.46
N GLU B 18 -23.61 -2.33 -7.77
CA GLU B 18 -23.91 -3.58 -8.45
C GLU B 18 -22.64 -4.24 -8.95
N PRO B 19 -22.64 -5.52 -9.11
CA PRO B 19 -21.43 -6.25 -9.58
C PRO B 19 -20.99 -5.79 -10.97
N SER B 20 -21.94 -5.31 -11.76
CA SER B 20 -21.63 -4.84 -13.11
C SER B 20 -21.20 -3.37 -13.12
N ASP B 21 -21.37 -2.68 -11.99
CA ASP B 21 -20.98 -1.28 -11.91
C ASP B 21 -19.48 -1.13 -12.12
N THR B 22 -19.09 -0.05 -12.78
CA THR B 22 -17.68 0.21 -13.04
C THR B 22 -16.99 0.77 -11.82
N ILE B 23 -15.66 0.71 -11.81
CA ILE B 23 -14.89 1.22 -10.68
C ILE B 23 -15.11 2.73 -10.56
N GLU B 24 -15.16 3.41 -11.70
CA GLU B 24 -15.36 4.85 -11.71
C GLU B 24 -16.68 5.20 -11.02
N ASN B 25 -17.72 4.41 -11.28
CA ASN B 25 -19.02 4.64 -10.68
C ASN B 25 -18.94 4.52 -9.17
N VAL B 26 -18.19 3.53 -8.70
CA VAL B 26 -18.04 3.32 -7.28
C VAL B 26 -17.35 4.51 -6.63
N LYS B 27 -16.30 5.01 -7.26
CA LYS B 27 -15.58 6.16 -6.74
C LYS B 27 -16.50 7.37 -6.62
N ALA B 28 -17.35 7.54 -7.62
CA ALA B 28 -18.29 8.66 -7.62
C ALA B 28 -19.22 8.57 -6.42
N LYS B 29 -19.66 7.36 -6.11
CA LYS B 29 -20.55 7.16 -4.98
C LYS B 29 -19.88 7.65 -3.70
N ILE B 30 -18.59 7.33 -3.60
CA ILE B 30 -17.82 7.75 -2.44
C ILE B 30 -17.73 9.27 -2.39
N GLN B 31 -17.50 9.87 -3.56
CA GLN B 31 -17.38 11.32 -3.65
C GLN B 31 -18.65 12.00 -3.17
N ASP B 32 -19.79 11.43 -3.52
CA ASP B 32 -21.07 11.99 -3.11
C ASP B 32 -21.40 11.63 -1.65
N LYS B 33 -20.45 11.01 -0.95
CA LYS B 33 -20.67 10.63 0.44
C LYS B 33 -19.74 11.42 1.36
N GLU B 34 -18.44 11.37 1.06
CA GLU B 34 -17.46 12.08 1.87
C GLU B 34 -16.91 13.30 1.14
N GLY B 35 -17.37 13.55 -0.08
CA GLY B 35 -16.88 14.68 -0.83
C GLY B 35 -15.45 14.43 -1.31
N ILE B 36 -15.04 13.16 -1.33
CA ILE B 36 -13.70 12.81 -1.78
C ILE B 36 -13.65 12.77 -3.31
N PRO B 37 -12.83 13.59 -3.95
CA PRO B 37 -12.74 13.61 -5.44
C PRO B 37 -12.01 12.38 -5.99
N PRO B 38 -12.27 11.98 -7.21
CA PRO B 38 -11.61 10.78 -7.82
C PRO B 38 -10.09 10.86 -7.74
N ASP B 39 -9.55 12.05 -7.97
CA ASP B 39 -8.11 12.25 -7.92
C ASP B 39 -7.58 11.93 -6.52
N GLN B 40 -8.33 12.33 -5.51
CA GLN B 40 -7.93 12.10 -4.12
C GLN B 40 -8.62 10.88 -3.55
N GLN B 41 -8.89 9.89 -4.39
CA GLN B 41 -9.56 8.68 -3.94
C GLN B 41 -8.91 7.44 -4.55
N ARG B 42 -8.40 6.56 -3.68
CA ARG B 42 -7.79 5.33 -4.14
C ARG B 42 -8.46 4.15 -3.48
N LEU B 43 -9.15 3.33 -4.27
CA LEU B 43 -9.85 2.18 -3.73
C LEU B 43 -8.97 0.95 -3.88
N ILE B 44 -8.77 0.21 -2.79
CA ILE B 44 -7.94 -0.99 -2.83
C ILE B 44 -8.68 -2.18 -2.26
N PHE B 45 -8.69 -3.29 -3.02
CA PHE B 45 -9.39 -4.50 -2.58
C PHE B 45 -8.68 -5.76 -3.08
N ALA B 46 -8.83 -6.85 -2.33
CA ALA B 46 -8.20 -8.12 -2.68
C ALA B 46 -6.69 -8.03 -2.51
N GLY B 47 -6.24 -7.01 -1.79
CA GLY B 47 -4.81 -6.82 -1.55
C GLY B 47 -4.18 -5.98 -2.66
N ARG B 48 -4.89 -5.84 -3.77
CA ARG B 48 -4.38 -5.05 -4.88
C ARG B 48 -5.21 -3.81 -5.09
N GLN B 49 -4.56 -2.73 -5.51
CA GLN B 49 -5.26 -1.48 -5.73
C GLN B 49 -6.15 -1.58 -6.96
N LEU B 50 -7.34 -1.02 -6.87
CA LEU B 50 -8.28 -1.05 -7.97
C LEU B 50 -8.09 0.14 -8.89
N GLU B 51 -7.67 -0.15 -10.12
CA GLU B 51 -7.47 0.92 -11.10
C GLU B 51 -8.81 1.43 -11.60
N ASP B 52 -8.78 2.23 -12.65
CA ASP B 52 -10.02 2.77 -13.22
C ASP B 52 -10.68 1.74 -14.14
N GLY B 53 -11.82 2.13 -14.72
CA GLY B 53 -12.54 1.23 -15.60
C GLY B 53 -12.92 -0.04 -14.84
N ARG B 54 -12.93 -1.17 -15.55
CA ARG B 54 -13.27 -2.45 -14.93
C ARG B 54 -14.57 -2.36 -14.14
N THR B 55 -14.95 -3.48 -13.53
CA THR B 55 -16.18 -3.54 -12.76
C THR B 55 -15.92 -4.22 -11.41
N LEU B 56 -16.88 -4.13 -10.51
CA LEU B 56 -16.71 -4.75 -9.20
C LEU B 56 -16.54 -6.26 -9.33
N SER B 57 -17.30 -6.86 -10.24
CA SER B 57 -17.21 -8.31 -10.46
C SER B 57 -15.83 -8.70 -10.99
N ASP B 58 -15.18 -7.78 -11.69
CA ASP B 58 -13.86 -8.05 -12.25
C ASP B 58 -12.87 -8.33 -11.13
N TYR B 59 -13.11 -7.70 -9.99
CA TYR B 59 -12.25 -7.87 -8.83
C TYR B 59 -12.85 -8.83 -7.81
N ASN B 60 -13.90 -9.56 -8.22
CA ASN B 60 -14.55 -10.49 -7.31
C ASN B 60 -15.02 -9.77 -6.05
N ILE B 61 -15.55 -8.56 -6.23
CA ILE B 61 -16.04 -7.78 -5.11
C ILE B 61 -17.51 -8.10 -4.87
N GLN B 62 -17.78 -8.82 -3.78
CA GLN B 62 -19.13 -9.20 -3.42
C GLN B 62 -19.74 -8.16 -2.49
N LYS B 63 -20.96 -8.43 -2.04
CA LYS B 63 -21.64 -7.50 -1.15
C LYS B 63 -20.93 -7.47 0.20
N GLU B 64 -21.00 -6.33 0.88
CA GLU B 64 -20.37 -6.15 2.18
C GLU B 64 -18.86 -6.35 2.09
N SER B 65 -18.23 -5.74 1.09
CA SER B 65 -16.79 -5.85 0.93
C SER B 65 -16.11 -4.67 1.58
N THR B 66 -15.19 -4.94 2.51
CA THR B 66 -14.48 -3.88 3.19
C THR B 66 -13.39 -3.31 2.29
N LEU B 67 -13.80 -2.43 1.38
CA LEU B 67 -12.86 -1.81 0.47
C LEU B 67 -12.01 -0.81 1.24
N HIS B 68 -10.73 -0.75 0.92
CA HIS B 68 -9.84 0.17 1.62
C HIS B 68 -9.73 1.47 0.85
N LEU B 69 -10.05 2.57 1.52
CA LEU B 69 -9.97 3.88 0.88
C LEU B 69 -8.73 4.61 1.36
N VAL B 70 -7.88 4.96 0.40
CA VAL B 70 -6.64 5.65 0.69
C VAL B 70 -6.70 7.07 0.12
N LEU B 71 -6.35 8.05 0.95
CA LEU B 71 -6.39 9.45 0.55
C LEU B 71 -4.98 9.96 0.32
N ARG B 72 -4.80 10.79 -0.71
CA ARG B 72 -3.47 11.33 -1.01
C ARG B 72 -2.96 12.18 0.16
N LEU B 73 -3.85 12.97 0.75
CA LEU B 73 -3.48 13.82 1.88
C LEU B 73 -4.34 13.50 3.09
N ARG B 74 -3.70 13.12 4.18
CA ARG B 74 -4.44 12.81 5.39
C ARG B 74 -5.11 14.06 5.94
N GLY B 75 -6.34 13.89 6.44
CA GLY B 75 -7.08 15.02 6.97
C GLY B 75 -7.99 15.65 5.91
N GLY B 76 -7.80 15.27 4.65
CA GLY B 76 -8.64 15.80 3.58
C GLY B 76 -7.79 16.53 2.54
N ASN C 24 12.46 2.61 0.45
CA ASN C 24 11.57 2.45 1.62
C ASN C 24 12.10 1.34 2.52
N LYS C 25 11.58 1.27 3.74
CA LYS C 25 12.00 0.24 4.68
C LYS C 25 11.25 -1.06 4.44
N TYR C 26 11.99 -2.18 4.52
CA TYR C 26 11.40 -3.48 4.32
C TYR C 26 11.09 -4.10 5.67
N LEU C 27 9.81 -4.33 5.91
CA LEU C 27 9.36 -4.89 7.16
C LEU C 27 9.83 -6.34 7.28
N VAL C 28 9.83 -7.05 6.17
CA VAL C 28 10.29 -8.45 6.20
C VAL C 28 10.89 -8.82 4.85
N GLU C 29 11.66 -9.89 4.84
CA GLU C 29 12.27 -10.34 3.61
C GLU C 29 12.97 -11.67 3.81
N PHE C 30 12.55 -12.65 3.03
CA PHE C 30 13.15 -13.98 3.09
C PHE C 30 12.99 -14.71 1.76
N ARG C 31 13.86 -15.68 1.51
CA ARG C 31 13.78 -16.43 0.26
C ARG C 31 12.63 -17.42 0.29
N ALA C 32 11.73 -17.31 -0.68
CA ALA C 32 10.60 -18.21 -0.76
C ALA C 32 10.11 -18.31 -2.20
N GLY C 33 9.63 -19.49 -2.56
CA GLY C 33 9.11 -19.70 -3.90
C GLY C 33 7.60 -19.87 -3.84
N LYS C 34 6.91 -19.55 -4.93
CA LYS C 34 5.47 -19.67 -4.95
C LYS C 34 5.03 -21.06 -5.41
N MET C 35 3.73 -21.31 -5.37
CA MET C 35 3.19 -22.60 -5.79
C MET C 35 1.89 -22.39 -6.57
N SER C 36 1.34 -23.45 -7.15
CA SER C 36 0.10 -23.34 -7.90
C SER C 36 -0.95 -24.27 -7.32
N LEU C 37 -2.11 -23.74 -7.01
CA LEU C 37 -3.17 -24.57 -6.45
C LEU C 37 -4.27 -24.77 -7.48
N LYS C 38 -4.46 -26.03 -7.88
CA LYS C 38 -5.49 -26.37 -8.84
C LYS C 38 -6.48 -27.35 -8.22
N GLY C 39 -7.71 -26.89 -8.00
CA GLY C 39 -8.73 -27.74 -7.39
C GLY C 39 -8.42 -27.95 -5.92
N THR C 40 -7.60 -28.95 -5.62
CA THR C 40 -7.21 -29.23 -4.24
C THR C 40 -5.78 -29.75 -4.19
N THR C 41 -4.99 -29.45 -5.23
CA THR C 41 -3.61 -29.89 -5.27
C THR C 41 -2.67 -28.70 -5.43
N VAL C 42 -1.66 -28.64 -4.58
CA VAL C 42 -0.70 -27.54 -4.63
C VAL C 42 0.65 -28.04 -5.15
N THR C 43 1.13 -27.42 -6.22
CA THR C 43 2.41 -27.81 -6.80
C THR C 43 3.43 -26.69 -6.62
N PRO C 44 4.64 -26.98 -6.18
CA PRO C 44 5.69 -25.93 -5.98
C PRO C 44 6.22 -25.35 -7.29
N ASP C 45 6.57 -24.07 -7.25
CA ASP C 45 7.11 -23.40 -8.42
C ASP C 45 8.63 -23.28 -8.30
N LYS C 46 9.34 -23.92 -9.21
CA LYS C 46 10.79 -23.88 -9.19
C LYS C 46 11.31 -22.45 -9.28
N ARG C 47 10.44 -21.51 -9.67
CA ARG C 47 10.87 -20.13 -9.77
C ARG C 47 11.06 -19.57 -8.37
N LYS C 48 12.23 -19.84 -7.80
CA LYS C 48 12.53 -19.38 -6.45
C LYS C 48 12.44 -17.87 -6.42
N GLY C 49 11.83 -17.33 -5.37
CA GLY C 49 11.69 -15.89 -5.27
C GLY C 49 12.08 -15.38 -3.90
N LEU C 50 11.59 -14.19 -3.59
CA LEU C 50 11.85 -13.57 -2.31
C LEU C 50 10.58 -12.92 -1.82
N VAL C 51 10.17 -13.28 -0.62
CA VAL C 51 8.97 -12.69 -0.06
C VAL C 51 9.37 -11.58 0.87
N TYR C 52 9.07 -10.35 0.48
CA TYR C 52 9.42 -9.23 1.34
C TYR C 52 8.27 -8.25 1.47
N ILE C 53 8.27 -7.51 2.57
CA ILE C 53 7.24 -6.54 2.87
C ILE C 53 7.87 -5.16 3.04
N GLN C 54 7.21 -4.15 2.48
CA GLN C 54 7.71 -2.79 2.58
C GLN C 54 6.56 -1.82 2.87
N GLN C 55 6.76 -0.94 3.82
CA GLN C 55 5.73 0.03 4.17
C GLN C 55 6.05 1.37 3.56
N THR C 56 5.10 1.91 2.83
CA THR C 56 5.27 3.20 2.20
C THR C 56 4.91 4.33 3.14
N ASP C 57 5.21 5.54 2.70
CA ASP C 57 4.92 6.71 3.50
C ASP C 57 3.40 6.86 3.65
N ASP C 58 2.65 6.07 2.89
CA ASP C 58 1.20 6.13 2.98
C ASP C 58 0.69 5.17 4.05
N SER C 59 1.62 4.47 4.72
CA SER C 59 1.26 3.51 5.76
C SER C 59 0.60 2.29 5.16
N LEU C 60 0.84 2.09 3.87
CA LEU C 60 0.30 0.96 3.15
C LEU C 60 1.38 -0.10 3.08
N ILE C 61 1.07 -1.27 3.60
CA ILE C 61 2.04 -2.33 3.59
C ILE C 61 2.05 -3.00 2.24
N HIS C 62 3.21 -3.02 1.62
CA HIS C 62 3.34 -3.60 0.30
C HIS C 62 3.90 -5.01 0.40
N PHE C 63 3.09 -5.98 -0.02
CA PHE C 63 3.51 -7.37 -0.01
C PHE C 63 3.96 -7.74 -1.42
N CYS C 64 5.26 -7.91 -1.61
CA CYS C 64 5.74 -8.22 -2.94
C CYS C 64 6.61 -9.46 -2.97
N TRP C 65 6.44 -10.20 -4.07
CA TRP C 65 7.18 -11.41 -4.30
C TRP C 65 8.03 -11.22 -5.54
N LYS C 66 9.34 -11.28 -5.37
CA LYS C 66 10.23 -11.08 -6.48
C LYS C 66 10.85 -12.40 -6.91
N ASP C 67 11.09 -12.55 -8.19
CA ASP C 67 11.69 -13.75 -8.71
C ASP C 67 13.20 -13.65 -8.57
N ARG C 68 13.81 -14.67 -7.98
CA ARG C 68 15.26 -14.67 -7.75
C ARG C 68 16.05 -14.82 -9.05
N THR C 69 15.44 -15.48 -10.03
CA THR C 69 16.09 -15.71 -11.32
C THR C 69 16.51 -14.41 -11.98
N SER C 70 15.70 -13.38 -11.84
CA SER C 70 16.00 -12.08 -12.43
C SER C 70 16.18 -11.03 -11.33
N GLY C 71 15.69 -11.36 -10.14
CA GLY C 71 15.77 -10.45 -9.01
C GLY C 71 14.78 -9.30 -9.18
N ASN C 72 13.76 -9.51 -9.99
CA ASN C 72 12.75 -8.49 -10.24
C ASN C 72 11.47 -8.79 -9.45
N VAL C 73 10.73 -7.74 -9.10
CA VAL C 73 9.50 -7.91 -8.34
C VAL C 73 8.36 -8.33 -9.27
N GLU C 74 8.05 -9.62 -9.24
CA GLU C 74 6.98 -10.17 -10.06
C GLU C 74 5.60 -9.79 -9.51
N ASP C 75 5.48 -9.79 -8.19
CA ASP C 75 4.20 -9.46 -7.55
C ASP C 75 4.36 -8.33 -6.53
N ASP C 76 3.33 -7.49 -6.40
CA ASP C 76 3.35 -6.38 -5.46
C ASP C 76 1.91 -5.94 -5.13
N LEU C 77 1.41 -6.35 -3.97
CA LEU C 77 0.05 -6.00 -3.58
C LEU C 77 0.03 -5.39 -2.18
N ILE C 78 -0.74 -4.33 -2.02
CA ILE C 78 -0.85 -3.67 -0.74
C ILE C 78 -1.80 -4.43 0.17
N ILE C 79 -1.32 -4.83 1.34
CA ILE C 79 -2.14 -5.57 2.26
C ILE C 79 -2.52 -4.74 3.48
N PHE C 80 -3.82 -4.63 3.69
CA PHE C 80 -4.36 -3.87 4.82
C PHE C 80 -4.56 -4.75 6.04
N PRO C 81 -4.69 -4.17 7.20
CA PRO C 81 -4.90 -4.94 8.46
C PRO C 81 -6.10 -5.86 8.37
N ASP C 82 -5.95 -7.08 8.88
CA ASP C 82 -7.02 -8.07 8.86
C ASP C 82 -7.47 -8.36 7.42
N ASP C 83 -6.70 -7.91 6.43
CA ASP C 83 -7.05 -8.15 5.03
C ASP C 83 -6.53 -9.49 4.57
N CYS C 84 -5.33 -9.84 5.06
CA CYS C 84 -4.70 -11.08 4.67
C CYS C 84 -4.01 -11.75 5.85
N GLU C 85 -4.04 -13.08 5.86
CA GLU C 85 -3.42 -13.84 6.93
C GLU C 85 -2.35 -14.80 6.41
N PHE C 86 -1.21 -14.83 7.08
CA PHE C 86 -0.11 -15.70 6.69
C PHE C 86 -0.02 -16.85 7.68
N LYS C 87 -0.17 -18.07 7.18
CA LYS C 87 -0.15 -19.23 8.07
C LYS C 87 0.55 -20.41 7.42
N ARG C 88 0.88 -21.42 8.23
CA ARG C 88 1.52 -22.61 7.71
C ARG C 88 0.48 -23.58 7.15
N VAL C 89 0.93 -24.49 6.30
CA VAL C 89 0.02 -25.47 5.71
C VAL C 89 0.33 -26.87 6.23
N PRO C 90 -0.27 -27.28 7.32
CA PRO C 90 -0.01 -28.63 7.90
C PRO C 90 -0.77 -29.73 7.17
N GLN C 91 -0.50 -29.87 5.87
CA GLN C 91 -1.15 -30.90 5.06
C GLN C 91 -0.13 -31.92 4.60
N CYS C 92 1.07 -31.44 4.27
CA CYS C 92 2.14 -32.30 3.80
C CYS C 92 3.43 -32.04 4.56
N PRO C 93 3.59 -32.62 5.73
CA PRO C 93 4.83 -32.41 6.54
C PRO C 93 6.05 -33.00 5.84
N SER C 94 7.10 -32.18 5.77
CA SER C 94 8.35 -32.58 5.14
C SER C 94 9.27 -31.38 5.00
N GLY C 95 8.67 -30.22 4.68
CA GLY C 95 9.45 -29.01 4.52
C GLY C 95 8.73 -27.81 5.12
N ARG C 96 8.96 -26.64 4.55
CA ARG C 96 8.34 -25.41 5.03
C ARG C 96 7.37 -24.86 3.99
N VAL C 97 6.07 -25.02 4.27
CA VAL C 97 5.06 -24.52 3.35
C VAL C 97 4.08 -23.62 4.08
N TYR C 98 3.87 -22.43 3.50
CA TYR C 98 2.96 -21.46 4.09
C TYR C 98 1.93 -21.01 3.06
N VAL C 99 0.79 -20.53 3.54
CA VAL C 99 -0.27 -20.08 2.65
C VAL C 99 -0.80 -18.73 3.12
N LEU C 100 -0.99 -17.84 2.16
CA LEU C 100 -1.50 -16.51 2.45
C LEU C 100 -2.96 -16.46 2.03
N LYS C 101 -3.84 -16.11 2.96
CA LYS C 101 -5.27 -16.06 2.64
C LYS C 101 -5.82 -14.65 2.83
N PHE C 102 -6.64 -14.21 1.90
CA PHE C 102 -7.22 -12.88 1.99
C PHE C 102 -8.55 -12.94 2.71
N LYS C 103 -8.55 -12.42 3.92
CA LYS C 103 -9.76 -12.41 4.72
C LYS C 103 -10.82 -11.59 4.02
N ALA C 104 -10.40 -10.50 3.41
CA ALA C 104 -11.34 -9.63 2.71
C ALA C 104 -11.54 -10.09 1.27
N GLY C 105 -10.57 -10.83 0.74
CA GLY C 105 -10.66 -11.34 -0.62
C GLY C 105 -11.09 -12.79 -0.64
N SER C 106 -11.18 -13.36 -1.83
CA SER C 106 -11.58 -14.75 -1.98
C SER C 106 -10.48 -15.53 -2.68
N LYS C 107 -9.23 -15.11 -2.47
CA LYS C 107 -8.10 -15.79 -3.10
C LYS C 107 -7.05 -16.18 -2.07
N ARG C 108 -6.25 -17.20 -2.41
CA ARG C 108 -5.21 -17.68 -1.52
C ARG C 108 -3.92 -17.95 -2.29
N LEU C 109 -2.79 -17.76 -1.63
CA LEU C 109 -1.49 -17.98 -2.26
C LEU C 109 -0.70 -18.99 -1.46
N PHE C 110 0.20 -19.71 -2.13
CA PHE C 110 1.01 -20.71 -1.44
C PHE C 110 2.50 -20.44 -1.69
N PHE C 111 3.31 -20.55 -0.64
CA PHE C 111 4.73 -20.33 -0.75
C PHE C 111 5.52 -21.35 0.04
N TRP C 112 6.76 -21.55 -0.36
CA TRP C 112 7.62 -22.47 0.34
C TRP C 112 8.96 -21.80 0.64
N MET C 113 9.46 -22.03 1.85
CA MET C 113 10.72 -21.40 2.27
C MET C 113 11.93 -22.02 1.58
N GLN C 114 12.80 -21.15 1.09
CA GLN C 114 14.01 -21.58 0.39
C GLN C 114 15.26 -21.29 1.21
N GLU C 115 15.08 -20.80 2.44
CA GLU C 115 16.23 -20.50 3.29
C GLU C 115 16.89 -21.80 3.78
N PRO C 116 18.21 -21.87 3.83
CA PRO C 116 18.91 -23.11 4.29
C PRO C 116 18.68 -23.39 5.78
N LYS C 117 18.41 -22.35 6.54
CA LYS C 117 18.18 -22.51 7.97
C LYS C 117 16.78 -22.04 8.33
N THR C 118 16.16 -22.76 9.25
CA THR C 118 14.81 -22.41 9.70
C THR C 118 14.87 -21.63 11.00
N ASP C 119 16.07 -21.21 11.38
CA ASP C 119 16.25 -20.45 12.61
C ASP C 119 15.33 -19.22 12.64
N GLN C 120 14.89 -18.79 11.46
CA GLN C 120 14.03 -17.63 11.36
C GLN C 120 12.80 -17.92 10.50
N ASP C 121 12.54 -19.20 10.28
CA ASP C 121 11.40 -19.60 9.46
C ASP C 121 10.10 -19.12 10.09
N GLU C 122 9.99 -19.38 11.38
CA GLU C 122 8.78 -19.00 12.11
C GLU C 122 8.75 -17.50 12.36
N GLU C 123 9.91 -16.91 12.55
CA GLU C 123 9.99 -15.50 12.80
C GLU C 123 9.49 -14.71 11.60
N HIS C 124 9.95 -15.10 10.42
CA HIS C 124 9.56 -14.44 9.20
C HIS C 124 8.08 -14.62 8.98
N CYS C 125 7.62 -15.83 9.27
CA CYS C 125 6.23 -16.14 9.13
C CYS C 125 5.41 -15.27 10.06
N ARG C 126 5.87 -15.15 11.30
CA ARG C 126 5.17 -14.34 12.29
C ARG C 126 5.18 -12.88 11.88
N LYS C 127 6.34 -12.42 11.43
CA LYS C 127 6.48 -11.04 11.00
C LYS C 127 5.63 -10.76 9.77
N VAL C 128 5.52 -11.73 8.88
CA VAL C 128 4.73 -11.54 7.67
C VAL C 128 3.28 -11.20 8.01
N ASN C 129 2.67 -11.96 8.91
CA ASN C 129 1.28 -11.69 9.27
C ASN C 129 1.19 -10.52 10.23
N GLU C 130 2.23 -10.35 11.01
CA GLU C 130 2.25 -9.25 11.96
C GLU C 130 2.39 -7.91 11.27
N TYR C 131 3.15 -7.86 10.18
CA TYR C 131 3.32 -6.60 9.47
C TYR C 131 2.12 -6.33 8.57
N LEU C 132 1.51 -7.39 8.06
CA LEU C 132 0.36 -7.25 7.18
C LEU C 132 -0.93 -7.04 7.96
N ASN C 133 -0.97 -7.56 9.18
CA ASN C 133 -2.14 -7.41 10.02
C ASN C 133 -1.90 -6.35 11.07
N ASN C 134 -0.64 -6.17 11.44
CA ASN C 134 -0.30 -5.17 12.45
C ASN C 134 0.90 -4.32 11.99
N PRO C 135 0.67 -3.43 11.05
CA PRO C 135 1.73 -2.54 10.51
C PRO C 135 2.37 -1.66 11.60
N PRO C 136 3.57 -1.20 11.39
CA PRO C 136 4.29 -0.35 12.39
C PRO C 136 3.42 0.80 12.91
N GLN D 5 24.14 -25.61 -0.41
CA GLN D 5 24.02 -24.12 -0.41
C GLN D 5 22.57 -23.73 -0.13
N GLU D 6 21.64 -24.28 -0.91
CA GLU D 6 20.23 -23.98 -0.74
C GLU D 6 19.40 -25.27 -0.65
N PRO D 7 18.29 -25.25 0.02
CA PRO D 7 17.40 -26.44 0.16
C PRO D 7 16.58 -26.70 -1.09
N GLU D 8 16.32 -27.98 -1.37
CA GLU D 8 15.53 -28.34 -2.54
C GLU D 8 14.06 -28.03 -2.30
N PRO D 9 13.30 -27.77 -3.34
CA PRO D 9 11.84 -27.46 -3.21
C PRO D 9 11.02 -28.67 -2.78
N PRO D 10 9.85 -28.46 -2.23
CA PRO D 10 8.96 -29.57 -1.77
C PRO D 10 8.33 -30.32 -2.94
N GLU D 11 7.39 -31.21 -2.63
CA GLU D 11 6.72 -31.99 -3.65
C GLU D 11 5.21 -31.71 -3.64
N PRO D 12 4.53 -31.98 -4.73
CA PRO D 12 3.04 -31.74 -4.84
C PRO D 12 2.26 -32.45 -3.73
N PHE D 13 1.23 -31.79 -3.23
CA PHE D 13 0.41 -32.39 -2.17
C PHE D 13 -1.00 -31.83 -2.23
N GLU D 14 -1.93 -32.52 -1.58
CA GLU D 14 -3.33 -32.08 -1.56
C GLU D 14 -3.56 -31.11 -0.41
N TYR D 15 -4.29 -30.04 -0.69
CA TYR D 15 -4.61 -29.05 0.33
C TYR D 15 -6.11 -28.93 0.49
N ILE D 16 -6.57 -29.08 1.71
CA ILE D 16 -7.98 -28.98 2.00
C ILE D 16 -8.20 -28.05 3.17
N ASP D 17 -8.98 -27.01 2.97
CA ASP D 17 -9.24 -26.08 4.04
C ASP D 17 -10.33 -26.62 4.97
N ASP D 18 -9.92 -27.48 5.89
CA ASP D 18 -10.87 -28.06 6.84
C ASP D 18 -10.56 -27.57 8.26
N MET A 1 8.03 32.34 -5.56
CA MET A 1 8.29 31.57 -4.32
C MET A 1 9.37 30.54 -4.58
N GLN A 2 10.59 31.02 -4.71
CA GLN A 2 11.72 30.14 -4.96
C GLN A 2 11.90 29.17 -3.81
N ILE A 3 12.55 28.04 -4.07
CA ILE A 3 12.77 27.03 -3.05
C ILE A 3 14.17 26.47 -3.18
N PHE A 4 14.79 26.14 -2.06
CA PHE A 4 16.14 25.60 -2.06
C PHE A 4 16.13 24.09 -2.19
N VAL A 5 16.80 23.57 -3.20
CA VAL A 5 16.87 22.13 -3.40
C VAL A 5 18.26 21.62 -3.08
N LYS A 6 18.40 20.97 -1.93
CA LYS A 6 19.71 20.46 -1.54
C LYS A 6 19.96 19.09 -2.13
N THR A 7 21.09 18.93 -2.81
CA THR A 7 21.44 17.67 -3.43
C THR A 7 21.95 16.68 -2.39
N LEU A 8 22.51 15.58 -2.87
CA LEU A 8 23.02 14.55 -1.97
C LEU A 8 24.11 15.14 -1.08
N THR A 9 24.71 16.24 -1.52
CA THR A 9 25.76 16.89 -0.76
C THR A 9 25.28 18.25 -0.24
N GLY A 10 26.18 19.00 0.38
CA GLY A 10 25.83 20.31 0.91
C GLY A 10 25.37 21.24 -0.20
N LYS A 11 25.73 20.92 -1.44
CA LYS A 11 25.34 21.75 -2.58
C LYS A 11 23.84 21.98 -2.59
N THR A 12 23.45 23.25 -2.71
CA THR A 12 22.04 23.62 -2.72
C THR A 12 21.72 24.44 -3.96
N ILE A 13 20.59 24.14 -4.59
CA ILE A 13 20.17 24.84 -5.80
C ILE A 13 18.79 25.46 -5.61
N THR A 14 18.73 26.79 -5.51
CA THR A 14 17.45 27.47 -5.34
C THR A 14 16.79 27.69 -6.69
N LEU A 15 15.51 27.36 -6.77
CA LEU A 15 14.77 27.51 -8.01
C LEU A 15 13.50 28.33 -7.81
N GLU A 16 13.34 29.37 -8.63
CA GLU A 16 12.16 30.24 -8.54
C GLU A 16 10.90 29.47 -8.96
N VAL A 17 10.04 29.15 -8.00
CA VAL A 17 8.82 28.42 -8.30
C VAL A 17 7.62 29.12 -7.64
N GLU A 18 6.42 28.77 -8.08
CA GLU A 18 5.22 29.36 -7.51
C GLU A 18 4.50 28.36 -6.61
N PRO A 19 3.73 28.81 -5.67
CA PRO A 19 3.00 27.92 -4.73
C PRO A 19 2.10 26.92 -5.48
N SER A 20 1.55 27.36 -6.60
CA SER A 20 0.68 26.50 -7.40
C SER A 20 1.49 25.63 -8.36
N ASP A 21 2.81 25.84 -8.39
CA ASP A 21 3.68 25.07 -9.27
C ASP A 21 3.60 23.58 -8.96
N THR A 22 3.53 22.77 -10.00
CA THR A 22 3.45 21.33 -9.83
C THR A 22 4.83 20.75 -9.52
N ILE A 23 4.83 19.55 -8.96
CA ILE A 23 6.08 18.87 -8.63
C ILE A 23 6.87 18.57 -9.89
N GLU A 24 6.15 18.19 -10.95
CA GLU A 24 6.80 17.88 -12.22
C GLU A 24 7.57 19.09 -12.72
N ASN A 25 6.97 20.27 -12.60
CA ASN A 25 7.62 21.50 -13.05
C ASN A 25 8.90 21.73 -12.26
N VAL A 26 8.83 21.50 -10.96
CA VAL A 26 10.00 21.70 -10.09
C VAL A 26 11.14 20.76 -10.51
N LYS A 27 10.81 19.50 -10.76
CA LYS A 27 11.80 18.53 -11.17
C LYS A 27 12.48 18.97 -12.47
N ALA A 28 11.69 19.51 -13.39
CA ALA A 28 12.21 19.99 -14.66
C ALA A 28 13.22 21.10 -14.43
N LYS A 29 12.94 21.96 -13.47
CA LYS A 29 13.84 23.05 -13.15
C LYS A 29 15.18 22.49 -12.76
N ILE A 30 15.15 21.40 -12.00
CA ILE A 30 16.38 20.74 -11.57
C ILE A 30 17.14 20.18 -12.77
N GLN A 31 16.39 19.62 -13.72
CA GLN A 31 16.99 19.05 -14.92
C GLN A 31 17.78 20.10 -15.70
N ASP A 32 17.24 21.30 -15.76
CA ASP A 32 17.90 22.38 -16.48
C ASP A 32 18.90 23.11 -15.58
N LYS A 33 19.15 22.55 -14.40
CA LYS A 33 20.09 23.16 -13.46
C LYS A 33 21.33 22.29 -13.28
N GLU A 34 21.11 20.97 -13.16
CA GLU A 34 22.21 20.05 -12.98
C GLU A 34 22.22 18.97 -14.07
N GLY A 35 21.29 19.06 -15.02
CA GLY A 35 21.21 18.07 -16.08
C GLY A 35 20.69 16.75 -15.55
N ILE A 36 20.01 16.79 -14.40
CA ILE A 36 19.47 15.57 -13.82
C ILE A 36 18.15 15.16 -14.49
N PRO A 37 18.01 13.94 -14.95
CA PRO A 37 16.74 13.48 -15.60
C PRO A 37 15.63 13.24 -14.56
N PRO A 38 14.37 13.36 -14.94
CA PRO A 38 13.23 13.15 -14.00
C PRO A 38 13.32 11.80 -13.27
N ASP A 39 13.80 10.79 -13.97
CA ASP A 39 13.93 9.47 -13.38
C ASP A 39 14.87 9.51 -12.17
N GLN A 40 15.93 10.30 -12.30
CA GLN A 40 16.91 10.42 -11.23
C GLN A 40 16.63 11.64 -10.34
N GLN A 41 15.39 12.15 -10.41
CA GLN A 41 15.02 13.30 -9.58
C GLN A 41 13.99 12.91 -8.53
N ARG A 42 14.45 12.77 -7.29
CA ARG A 42 13.55 12.43 -6.20
C ARG A 42 13.48 13.60 -5.22
N LEU A 43 12.34 14.28 -5.19
CA LEU A 43 12.17 15.42 -4.30
C LEU A 43 11.36 15.02 -3.07
N ILE A 44 11.94 15.25 -1.89
CA ILE A 44 11.27 14.92 -0.64
C ILE A 44 11.28 16.12 0.30
N PHE A 45 10.11 16.50 0.80
CA PHE A 45 10.02 17.65 1.71
C PHE A 45 9.34 17.25 3.01
N ALA A 46 9.99 17.58 4.13
CA ALA A 46 9.43 17.25 5.44
C ALA A 46 9.28 15.74 5.59
N GLY A 47 10.09 14.98 4.88
CA GLY A 47 10.03 13.52 4.95
C GLY A 47 8.90 12.97 4.06
N LYS A 48 8.21 13.86 3.36
CA LYS A 48 7.12 13.45 2.50
C LYS A 48 7.56 13.45 1.05
N GLN A 49 7.38 12.33 0.37
CA GLN A 49 7.76 12.22 -1.03
C GLN A 49 6.89 13.12 -1.89
N LEU A 50 7.53 13.92 -2.73
CA LEU A 50 6.80 14.83 -3.62
C LEU A 50 6.45 14.13 -4.93
N GLU A 51 5.37 13.37 -4.92
CA GLU A 51 4.94 12.64 -6.11
C GLU A 51 4.35 13.61 -7.12
N ASP A 52 4.04 13.10 -8.31
CA ASP A 52 3.47 13.93 -9.37
C ASP A 52 1.98 14.16 -9.10
N GLY A 53 1.37 15.04 -9.88
CA GLY A 53 -0.04 15.34 -9.72
C GLY A 53 -0.30 16.19 -8.47
N ARG A 54 0.78 16.74 -7.90
CA ARG A 54 0.66 17.57 -6.70
C ARG A 54 1.38 18.91 -6.90
N THR A 55 1.10 19.85 -6.01
CA THR A 55 1.71 21.16 -6.10
C THR A 55 2.55 21.45 -4.86
N LEU A 56 3.35 22.49 -4.91
CA LEU A 56 4.19 22.84 -3.77
C LEU A 56 3.33 23.18 -2.56
N SER A 57 2.23 23.89 -2.81
CA SER A 57 1.32 24.26 -1.72
C SER A 57 0.72 23.03 -1.06
N ASP A 58 0.59 21.94 -1.82
CA ASP A 58 0.02 20.71 -1.28
C ASP A 58 0.89 20.18 -0.15
N TYR A 59 2.19 20.47 -0.23
CA TYR A 59 3.13 20.03 0.78
C TYR A 59 3.52 21.17 1.71
N ASN A 60 2.76 22.26 1.66
CA ASN A 60 3.05 23.41 2.51
C ASN A 60 4.48 23.89 2.28
N ILE A 61 4.91 23.89 1.01
CA ILE A 61 6.24 24.34 0.67
C ILE A 61 6.24 25.83 0.39
N GLN A 62 6.83 26.60 1.30
CA GLN A 62 6.90 28.04 1.17
C GLN A 62 8.19 28.46 0.48
N LYS A 63 8.42 29.76 0.40
CA LYS A 63 9.63 30.27 -0.23
C LYS A 63 10.86 29.88 0.59
N GLU A 64 12.00 29.74 -0.09
CA GLU A 64 13.25 29.39 0.57
C GLU A 64 13.07 28.10 1.38
N SER A 65 12.32 27.17 0.83
CA SER A 65 12.10 25.89 1.51
C SER A 65 13.13 24.88 1.05
N THR A 66 13.85 24.30 2.02
CA THR A 66 14.87 23.32 1.71
C THR A 66 14.22 21.98 1.35
N LEU A 67 14.63 21.41 0.22
CA LEU A 67 14.08 20.15 -0.23
C LEU A 67 15.19 19.11 -0.37
N HIS A 68 14.84 17.85 -0.15
CA HIS A 68 15.81 16.77 -0.25
C HIS A 68 15.80 16.18 -1.65
N LEU A 69 16.90 16.34 -2.37
CA LEU A 69 17.02 15.81 -3.72
C LEU A 69 17.89 14.56 -3.70
N VAL A 70 17.33 13.46 -4.14
CA VAL A 70 18.06 12.21 -4.18
C VAL A 70 18.16 11.69 -5.61
N LEU A 71 19.36 11.33 -6.01
CA LEU A 71 19.58 10.85 -7.37
C LEU A 71 19.67 9.32 -7.38
N ARG A 72 18.52 8.66 -7.35
CA ARG A 72 18.49 7.20 -7.35
C ARG A 72 19.31 6.65 -6.20
N LEU A 73 19.35 5.33 -6.09
CA LEU A 73 20.10 4.67 -5.02
C LEU A 73 21.19 3.78 -5.61
N ARG A 74 22.29 3.65 -4.89
CA ARG A 74 23.41 2.83 -5.35
C ARG A 74 23.50 1.54 -4.53
N GLY A 75 23.89 0.46 -5.20
CA GLY A 75 24.01 -0.82 -4.55
C GLY A 75 25.03 -0.78 -3.41
N GLY A 76 26.13 -0.07 -3.64
CA GLY A 76 27.17 0.05 -2.63
C GLY A 76 26.72 0.95 -1.48
N ASP A 77 27.39 0.84 -0.35
CA ASP A 77 27.05 1.65 0.81
C ASP A 77 28.23 1.73 1.79
N MET B 1 -25.95 -4.98 -4.62
CA MET B 1 -24.73 -5.57 -4.00
C MET B 1 -23.90 -4.46 -3.37
N GLN B 2 -24.42 -3.91 -2.29
CA GLN B 2 -23.73 -2.85 -1.58
C GLN B 2 -22.41 -3.35 -1.05
N ILE B 3 -21.50 -2.43 -0.80
CA ILE B 3 -20.18 -2.77 -0.31
C ILE B 3 -19.76 -1.80 0.78
N PHE B 4 -19.00 -2.27 1.74
CA PHE B 4 -18.55 -1.43 2.84
C PHE B 4 -17.25 -0.74 2.48
N VAL B 5 -17.23 0.58 2.54
CA VAL B 5 -16.03 1.34 2.21
C VAL B 5 -15.42 1.93 3.47
N LYS B 6 -14.35 1.31 3.96
CA LYS B 6 -13.70 1.80 5.17
C LYS B 6 -12.56 2.75 4.82
N THR B 7 -12.66 3.99 5.31
CA THR B 7 -11.64 4.99 5.04
C THR B 7 -10.45 4.82 5.97
N LEU B 8 -9.41 5.59 5.74
CA LEU B 8 -8.21 5.51 6.57
C LEU B 8 -8.55 5.87 8.01
N THR B 9 -9.58 6.68 8.18
CA THR B 9 -10.00 7.10 9.52
C THR B 9 -10.66 5.94 10.26
N GLY B 10 -11.00 4.87 9.54
CA GLY B 10 -11.64 3.72 10.15
C GLY B 10 -13.15 3.75 9.95
N LYS B 11 -13.67 4.90 9.52
CA LYS B 11 -15.11 5.03 9.28
C LYS B 11 -15.52 4.16 8.11
N THR B 12 -16.61 3.41 8.28
CA THR B 12 -17.10 2.52 7.24
C THR B 12 -18.33 3.12 6.56
N ILE B 13 -18.32 3.11 5.23
CA ILE B 13 -19.42 3.68 4.47
C ILE B 13 -19.96 2.67 3.46
N THR B 14 -21.16 2.16 3.70
CA THR B 14 -21.75 1.19 2.80
C THR B 14 -22.37 1.89 1.60
N LEU B 15 -22.02 1.45 0.39
CA LEU B 15 -22.58 2.05 -0.81
C LEU B 15 -23.21 0.99 -1.69
N GLU B 16 -24.46 1.20 -2.08
CA GLU B 16 -25.15 0.25 -2.94
C GLU B 16 -24.56 0.24 -4.33
N VAL B 17 -23.97 -0.89 -4.69
CA VAL B 17 -23.36 -1.02 -6.02
C VAL B 17 -23.74 -2.35 -6.65
N GLU B 18 -23.51 -2.48 -7.95
CA GLU B 18 -23.83 -3.72 -8.66
C GLU B 18 -22.54 -4.45 -9.03
N PRO B 19 -22.59 -5.76 -9.18
CA PRO B 19 -21.38 -6.56 -9.54
C PRO B 19 -20.73 -6.07 -10.84
N SER B 20 -21.55 -5.62 -11.78
CA SER B 20 -21.03 -5.13 -13.05
C SER B 20 -20.66 -3.64 -12.96
N ASP B 21 -20.91 -3.04 -11.79
CA ASP B 21 -20.60 -1.63 -11.59
C ASP B 21 -19.11 -1.36 -11.75
N THR B 22 -18.78 -0.32 -12.51
CA THR B 22 -17.38 0.03 -12.73
C THR B 22 -16.79 0.69 -11.50
N ILE B 23 -15.46 0.72 -11.44
CA ILE B 23 -14.76 1.33 -10.31
C ILE B 23 -15.07 2.82 -10.26
N GLU B 24 -15.14 3.44 -11.44
CA GLU B 24 -15.43 4.88 -11.52
C GLU B 24 -16.79 5.16 -10.88
N ASN B 25 -17.76 4.31 -11.16
CA ASN B 25 -19.10 4.49 -10.59
C ASN B 25 -19.07 4.41 -9.07
N VAL B 26 -18.30 3.47 -8.56
CA VAL B 26 -18.18 3.29 -7.13
C VAL B 26 -17.54 4.53 -6.49
N LYS B 27 -16.51 5.06 -7.15
CA LYS B 27 -15.83 6.24 -6.63
C LYS B 27 -16.81 7.41 -6.54
N ALA B 28 -17.67 7.53 -7.53
CA ALA B 28 -18.65 8.60 -7.56
C ALA B 28 -19.56 8.50 -6.34
N LYS B 29 -19.93 7.28 -6.00
CA LYS B 29 -20.79 7.07 -4.83
C LYS B 29 -20.11 7.62 -3.61
N ILE B 30 -18.80 7.40 -3.53
CA ILE B 30 -18.01 7.90 -2.40
C ILE B 30 -18.00 9.43 -2.40
N GLN B 31 -17.89 10.01 -3.58
CA GLN B 31 -17.85 11.47 -3.70
C GLN B 31 -19.16 12.07 -3.17
N ASP B 32 -20.27 11.42 -3.47
CA ASP B 32 -21.57 11.90 -3.01
C ASP B 32 -21.66 11.86 -1.48
N LYS B 33 -21.18 10.77 -0.88
CA LYS B 33 -21.23 10.63 0.57
C LYS B 33 -20.16 11.50 1.23
N GLU B 34 -18.91 11.08 1.11
CA GLU B 34 -17.80 11.82 1.69
C GLU B 34 -17.36 12.92 0.74
N GLY B 35 -16.55 13.83 1.25
CA GLY B 35 -16.05 14.95 0.44
C GLY B 35 -14.77 14.55 -0.27
N ILE B 36 -14.48 13.25 -0.33
CA ILE B 36 -13.27 12.79 -1.00
C ILE B 36 -13.39 12.97 -2.52
N PRO B 37 -12.47 13.66 -3.16
CA PRO B 37 -12.52 13.88 -4.64
C PRO B 37 -12.13 12.61 -5.41
N PRO B 38 -12.56 12.45 -6.64
CA PRO B 38 -12.24 11.24 -7.44
C PRO B 38 -10.74 10.97 -7.54
N ASP B 39 -9.95 12.04 -7.73
CA ASP B 39 -8.51 11.88 -7.85
C ASP B 39 -7.91 11.30 -6.58
N GLN B 40 -8.33 11.81 -5.43
CA GLN B 40 -7.85 11.33 -4.15
C GLN B 40 -8.38 9.93 -3.87
N GLN B 41 -9.64 9.69 -4.23
CA GLN B 41 -10.26 8.39 -4.01
C GLN B 41 -9.42 7.26 -4.60
N ARG B 42 -8.76 6.52 -3.73
CA ARG B 42 -7.96 5.38 -4.17
C ARG B 42 -8.51 4.11 -3.54
N LEU B 43 -9.48 3.50 -4.22
CA LEU B 43 -10.10 2.29 -3.71
C LEU B 43 -9.16 1.09 -3.88
N ILE B 44 -8.96 0.35 -2.79
CA ILE B 44 -8.08 -0.81 -2.83
C ILE B 44 -8.77 -2.03 -2.22
N PHE B 45 -8.76 -3.15 -2.94
CA PHE B 45 -9.40 -4.37 -2.47
C PHE B 45 -8.70 -5.60 -3.02
N ALA B 46 -8.82 -6.71 -2.30
CA ALA B 46 -8.18 -7.97 -2.72
C ALA B 46 -6.66 -7.86 -2.64
N GLY B 47 -6.18 -6.88 -1.86
CA GLY B 47 -4.75 -6.67 -1.72
C GLY B 47 -4.18 -5.85 -2.86
N ARG B 48 -5.02 -5.53 -3.84
CA ARG B 48 -4.56 -4.75 -4.98
C ARG B 48 -5.46 -3.55 -5.19
N GLN B 49 -4.88 -2.47 -5.68
CA GLN B 49 -5.64 -1.26 -5.91
C GLN B 49 -6.55 -1.45 -7.12
N LEU B 50 -7.76 -0.91 -7.03
CA LEU B 50 -8.74 -1.04 -8.11
C LEU B 50 -8.38 -0.13 -9.28
N GLU B 51 -8.08 -0.75 -10.41
CA GLU B 51 -7.73 0.01 -11.60
C GLU B 51 -8.98 0.63 -12.25
N ASP B 52 -8.86 1.85 -12.70
CA ASP B 52 -9.99 2.53 -13.34
C ASP B 52 -10.40 1.79 -14.60
N GLY B 53 -11.70 1.75 -14.86
CA GLY B 53 -12.23 1.06 -16.03
C GLY B 53 -12.62 -0.38 -15.70
N ARG B 54 -12.19 -0.86 -14.52
CA ARG B 54 -12.51 -2.22 -14.10
C ARG B 54 -13.88 -2.27 -13.45
N THR B 55 -14.29 -3.47 -13.04
CA THR B 55 -15.58 -3.65 -12.40
C THR B 55 -15.42 -4.35 -11.06
N LEU B 56 -16.46 -4.28 -10.24
CA LEU B 56 -16.39 -4.91 -8.92
C LEU B 56 -16.22 -6.42 -9.06
N SER B 57 -16.92 -7.01 -10.03
CA SER B 57 -16.85 -8.44 -10.25
C SER B 57 -15.43 -8.86 -10.67
N ASP B 58 -14.71 -7.94 -11.32
CA ASP B 58 -13.34 -8.23 -11.75
C ASP B 58 -12.47 -8.54 -10.54
N TYR B 59 -12.75 -7.85 -9.44
CA TYR B 59 -11.99 -8.04 -8.22
C TYR B 59 -12.71 -8.99 -7.26
N ASN B 60 -13.69 -9.71 -7.77
CA ASN B 60 -14.45 -10.65 -6.95
C ASN B 60 -15.01 -9.95 -5.72
N ILE B 61 -15.50 -8.73 -5.91
CA ILE B 61 -16.07 -7.96 -4.82
C ILE B 61 -17.56 -8.26 -4.67
N GLN B 62 -17.89 -9.00 -3.62
CA GLN B 62 -19.28 -9.37 -3.36
C GLN B 62 -19.92 -8.36 -2.42
N LYS B 63 -21.20 -8.55 -2.14
CA LYS B 63 -21.92 -7.65 -1.25
C LYS B 63 -21.27 -7.64 0.13
N GLU B 64 -21.37 -6.51 0.81
CA GLU B 64 -20.80 -6.37 2.15
C GLU B 64 -19.30 -6.61 2.12
N SER B 65 -18.64 -6.11 1.08
CA SER B 65 -17.19 -6.25 0.94
C SER B 65 -16.48 -5.01 1.45
N THR B 66 -15.57 -5.20 2.40
CA THR B 66 -14.83 -4.09 2.97
C THR B 66 -13.77 -3.62 1.98
N LEU B 67 -13.77 -2.33 1.70
CA LEU B 67 -12.82 -1.75 0.76
C LEU B 67 -11.96 -0.72 1.48
N HIS B 68 -10.70 -0.60 1.07
CA HIS B 68 -9.81 0.35 1.70
C HIS B 68 -9.77 1.64 0.89
N LEU B 69 -10.21 2.74 1.52
CA LEU B 69 -10.22 4.03 0.84
C LEU B 69 -8.94 4.80 1.15
N VAL B 70 -7.98 4.72 0.23
CA VAL B 70 -6.71 5.41 0.42
C VAL B 70 -6.83 6.87 -0.04
N LEU B 71 -6.30 7.77 0.78
CA LEU B 71 -6.35 9.20 0.48
C LEU B 71 -4.98 9.70 0.04
N ARG B 72 -4.89 11.01 -0.22
CA ARG B 72 -3.63 11.61 -0.66
C ARG B 72 -3.27 12.79 0.23
N LEU B 73 -2.02 13.23 0.14
CA LEU B 73 -1.54 14.34 0.94
C LEU B 73 -2.27 15.63 0.55
N ARG B 74 -2.63 16.42 1.55
CA ARG B 74 -3.32 17.68 1.30
C ARG B 74 -2.93 18.72 2.36
N GLY B 75 -2.09 19.66 1.95
CA GLY B 75 -1.64 20.71 2.86
C GLY B 75 -0.73 20.15 3.94
N GLY B 76 -0.07 19.03 3.63
CA GLY B 76 0.83 18.41 4.59
C GLY B 76 1.43 17.11 4.03
N ASN C 24 10.13 3.89 2.24
CA ASN C 24 10.29 2.71 1.34
C ASN C 24 11.15 1.66 2.02
N LYS C 25 11.08 1.61 3.34
CA LYS C 25 11.85 0.64 4.11
C LYS C 25 11.25 -0.75 3.97
N TYR C 26 12.09 -1.78 4.00
CA TYR C 26 11.62 -3.14 3.89
C TYR C 26 11.31 -3.68 5.27
N LEU C 27 10.03 -3.91 5.51
CA LEU C 27 9.56 -4.44 6.77
C LEU C 27 10.09 -5.85 6.99
N VAL C 28 10.13 -6.62 5.91
CA VAL C 28 10.62 -8.01 6.01
C VAL C 28 11.22 -8.44 4.68
N GLU C 29 12.00 -9.51 4.72
CA GLU C 29 12.62 -10.03 3.51
C GLU C 29 13.32 -11.35 3.78
N PHE C 30 12.92 -12.36 3.04
CA PHE C 30 13.51 -13.68 3.18
C PHE C 30 13.33 -14.52 1.92
N ARG C 31 14.15 -15.56 1.76
CA ARG C 31 14.06 -16.41 0.58
C ARG C 31 12.87 -17.35 0.69
N ALA C 32 11.97 -17.26 -0.27
CA ALA C 32 10.80 -18.12 -0.31
C ALA C 32 10.29 -18.27 -1.73
N GLY C 33 9.87 -19.47 -2.07
CA GLY C 33 9.34 -19.73 -3.41
C GLY C 33 7.83 -19.84 -3.35
N LYS C 34 7.19 -19.49 -4.44
CA LYS C 34 5.73 -19.54 -4.50
C LYS C 34 5.25 -20.86 -5.11
N MET C 35 3.94 -21.03 -5.16
CA MET C 35 3.36 -22.25 -5.72
C MET C 35 2.11 -21.90 -6.54
N SER C 36 1.61 -22.86 -7.31
CA SER C 36 0.42 -22.63 -8.12
C SER C 36 -0.69 -23.58 -7.70
N LEU C 37 -1.81 -23.03 -7.27
CA LEU C 37 -2.92 -23.87 -6.83
C LEU C 37 -3.98 -23.98 -7.91
N LYS C 38 -4.29 -25.21 -8.31
CA LYS C 38 -5.30 -25.44 -9.33
C LYS C 38 -6.44 -26.29 -8.76
N GLY C 39 -7.55 -25.64 -8.48
CA GLY C 39 -8.70 -26.35 -7.91
C GLY C 39 -8.46 -26.69 -6.45
N THR C 40 -7.73 -27.76 -6.21
CA THR C 40 -7.40 -28.19 -4.84
C THR C 40 -6.03 -28.83 -4.78
N THR C 41 -5.20 -28.57 -5.79
CA THR C 41 -3.85 -29.13 -5.83
C THR C 41 -2.83 -28.01 -5.89
N VAL C 42 -1.85 -28.06 -4.99
CA VAL C 42 -0.80 -27.04 -4.94
C VAL C 42 0.48 -27.57 -5.57
N THR C 43 0.98 -26.87 -6.58
CA THR C 43 2.19 -27.28 -7.25
C THR C 43 3.33 -26.31 -6.94
N PRO C 44 4.37 -26.74 -6.25
CA PRO C 44 5.51 -25.85 -5.89
C PRO C 44 6.19 -25.24 -7.11
N ASP C 45 6.58 -23.95 -7.00
CA ASP C 45 7.25 -23.28 -8.11
C ASP C 45 8.76 -23.31 -7.88
N LYS C 46 9.46 -24.03 -8.74
CA LYS C 46 10.91 -24.15 -8.63
C LYS C 46 11.57 -22.77 -8.73
N ARG C 47 10.83 -21.79 -9.25
CA ARG C 47 11.37 -20.45 -9.39
C ARG C 47 11.38 -19.77 -8.03
N LYS C 48 12.31 -20.19 -7.18
CA LYS C 48 12.43 -19.63 -5.84
C LYS C 48 12.59 -18.12 -5.91
N GLY C 49 11.89 -17.42 -5.05
CA GLY C 49 11.95 -15.97 -5.04
C GLY C 49 12.34 -15.44 -3.67
N LEU C 50 11.90 -14.22 -3.40
CA LEU C 50 12.16 -13.57 -2.14
C LEU C 50 10.89 -12.88 -1.67
N VAL C 51 10.44 -13.21 -0.48
CA VAL C 51 9.25 -12.59 0.04
C VAL C 51 9.63 -11.44 0.93
N TYR C 52 9.41 -10.23 0.46
CA TYR C 52 9.75 -9.06 1.25
C TYR C 52 8.60 -8.08 1.31
N ILE C 53 8.56 -7.30 2.38
CA ILE C 53 7.52 -6.32 2.61
C ILE C 53 8.11 -4.93 2.70
N GLN C 54 7.41 -3.96 2.12
CA GLN C 54 7.86 -2.57 2.15
C GLN C 54 6.69 -1.65 2.46
N GLN C 55 6.88 -0.73 3.39
CA GLN C 55 5.83 0.22 3.74
C GLN C 55 6.09 1.55 3.06
N THR C 56 5.11 1.99 2.30
CA THR C 56 5.23 3.26 1.60
C THR C 56 4.86 4.42 2.48
N ASP C 57 5.17 5.62 2.01
CA ASP C 57 4.85 6.82 2.75
C ASP C 57 3.33 6.94 2.92
N ASP C 58 2.58 6.09 2.21
CA ASP C 58 1.14 6.11 2.31
C ASP C 58 0.66 5.15 3.39
N SER C 59 1.61 4.58 4.15
CA SER C 59 1.29 3.65 5.21
C SER C 59 0.63 2.39 4.66
N LEU C 60 0.90 2.13 3.40
CA LEU C 60 0.38 0.96 2.74
C LEU C 60 1.47 -0.09 2.69
N ILE C 61 1.17 -1.24 3.24
CA ILE C 61 2.14 -2.31 3.28
C ILE C 61 2.15 -3.01 1.95
N HIS C 62 3.30 -3.04 1.32
CA HIS C 62 3.44 -3.65 0.01
C HIS C 62 4.02 -5.06 0.15
N PHE C 63 3.21 -6.07 -0.21
CA PHE C 63 3.68 -7.45 -0.15
C PHE C 63 4.17 -7.85 -1.52
N CYS C 64 5.48 -7.97 -1.67
CA CYS C 64 6.05 -8.30 -2.97
C CYS C 64 6.86 -9.59 -2.94
N TRP C 65 6.80 -10.30 -4.07
CA TRP C 65 7.54 -11.53 -4.25
C TRP C 65 8.38 -11.42 -5.51
N LYS C 66 9.68 -11.41 -5.31
CA LYS C 66 10.62 -11.29 -6.42
C LYS C 66 11.29 -12.61 -6.71
N ASP C 67 11.26 -13.02 -7.96
CA ASP C 67 11.89 -14.26 -8.35
C ASP C 67 13.40 -14.12 -8.29
N ARG C 68 14.07 -15.13 -7.74
CA ARG C 68 15.52 -15.08 -7.64
C ARG C 68 16.17 -15.39 -8.98
N THR C 69 15.39 -15.97 -9.89
CA THR C 69 15.88 -16.32 -11.21
C THR C 69 16.35 -15.09 -11.98
N SER C 70 15.56 -14.03 -11.93
CA SER C 70 15.90 -12.79 -12.61
C SER C 70 16.09 -11.68 -11.60
N GLY C 71 15.59 -11.89 -10.39
CA GLY C 71 15.70 -10.90 -9.34
C GLY C 71 14.73 -9.75 -9.57
N ASN C 72 13.69 -10.01 -10.35
CA ASN C 72 12.68 -9.01 -10.64
C ASN C 72 11.43 -9.24 -9.80
N VAL C 73 10.77 -8.17 -9.39
CA VAL C 73 9.57 -8.30 -8.58
C VAL C 73 8.41 -8.80 -9.44
N GLU C 74 8.09 -10.07 -9.30
CA GLU C 74 7.00 -10.68 -10.07
C GLU C 74 5.65 -10.33 -9.44
N ASP C 75 5.62 -10.22 -8.11
CA ASP C 75 4.37 -9.91 -7.43
C ASP C 75 4.51 -8.68 -6.53
N ASP C 76 3.44 -7.90 -6.43
CA ASP C 76 3.45 -6.70 -5.59
C ASP C 76 2.02 -6.25 -5.28
N LEU C 77 1.52 -6.61 -4.09
CA LEU C 77 0.16 -6.24 -3.71
C LEU C 77 0.15 -5.57 -2.35
N ILE C 78 -0.63 -4.50 -2.24
CA ILE C 78 -0.75 -3.80 -0.97
C ILE C 78 -1.69 -4.55 -0.06
N ILE C 79 -1.21 -4.91 1.12
CA ILE C 79 -2.03 -5.65 2.06
C ILE C 79 -2.36 -4.78 3.27
N PHE C 80 -3.65 -4.58 3.50
CA PHE C 80 -4.12 -3.77 4.63
C PHE C 80 -4.22 -4.60 5.90
N PRO C 81 -4.31 -3.97 7.04
CA PRO C 81 -4.42 -4.69 8.33
C PRO C 81 -5.61 -5.65 8.34
N ASP C 82 -5.40 -6.84 8.90
CA ASP C 82 -6.45 -7.84 8.97
C ASP C 82 -6.98 -8.22 7.58
N ASP C 83 -6.26 -7.81 6.53
CA ASP C 83 -6.67 -8.13 5.16
C ASP C 83 -6.23 -9.54 4.79
N CYS C 84 -5.03 -9.91 5.23
CA CYS C 84 -4.50 -11.23 4.92
C CYS C 84 -3.99 -11.93 6.18
N GLU C 85 -3.97 -13.26 6.12
CA GLU C 85 -3.49 -14.06 7.24
C GLU C 85 -2.39 -15.02 6.78
N PHE C 86 -1.28 -15.04 7.51
CA PHE C 86 -0.18 -15.94 7.16
C PHE C 86 -0.24 -17.15 8.08
N LYS C 87 -0.44 -18.32 7.50
CA LYS C 87 -0.53 -19.55 8.29
C LYS C 87 0.21 -20.68 7.60
N ARG C 88 0.50 -21.73 8.35
CA ARG C 88 1.20 -22.88 7.80
C ARG C 88 0.22 -23.81 7.09
N VAL C 89 0.75 -24.68 6.23
CA VAL C 89 -0.10 -25.61 5.48
C VAL C 89 0.17 -27.05 5.92
N PRO C 90 -0.52 -27.53 6.93
CA PRO C 90 -0.34 -28.91 7.42
C PRO C 90 -1.12 -29.93 6.60
N GLN C 91 -0.80 -30.00 5.30
CA GLN C 91 -1.45 -30.93 4.41
C GLN C 91 -0.47 -31.97 3.90
N CYS C 92 0.75 -31.52 3.60
CA CYS C 92 1.78 -32.42 3.10
C CYS C 92 3.07 -32.27 3.90
N PRO C 93 3.12 -32.84 5.07
CA PRO C 93 4.32 -32.75 5.94
C PRO C 93 5.57 -33.25 5.22
N SER C 94 6.63 -32.46 5.28
CA SER C 94 7.89 -32.80 4.63
C SER C 94 8.83 -31.61 4.62
N GLY C 95 8.25 -30.42 4.49
CA GLY C 95 9.05 -29.19 4.45
C GLY C 95 8.29 -28.02 5.05
N ARG C 96 8.80 -26.81 4.81
CA ARG C 96 8.16 -25.61 5.34
C ARG C 96 7.26 -24.99 4.29
N VAL C 97 5.95 -25.15 4.46
CA VAL C 97 4.99 -24.60 3.52
C VAL C 97 3.95 -23.75 4.24
N TYR C 98 3.77 -22.53 3.75
CA TYR C 98 2.81 -21.61 4.34
C TYR C 98 1.84 -21.12 3.27
N VAL C 99 0.69 -20.61 3.70
CA VAL C 99 -0.32 -20.13 2.77
C VAL C 99 -0.86 -18.79 3.24
N LEU C 100 -1.01 -17.86 2.30
CA LEU C 100 -1.53 -16.55 2.62
C LEU C 100 -2.98 -16.49 2.19
N LYS C 101 -3.86 -16.18 3.13
CA LYS C 101 -5.29 -16.13 2.81
C LYS C 101 -5.84 -14.74 3.09
N PHE C 102 -6.71 -14.27 2.22
CA PHE C 102 -7.28 -12.96 2.39
C PHE C 102 -8.53 -13.05 3.26
N LYS C 103 -8.48 -12.41 4.41
CA LYS C 103 -9.60 -12.43 5.33
C LYS C 103 -10.81 -11.79 4.67
N ALA C 104 -10.57 -10.74 3.91
CA ALA C 104 -11.66 -10.04 3.25
C ALA C 104 -11.83 -10.52 1.81
N GLY C 105 -10.79 -11.13 1.25
CA GLY C 105 -10.86 -11.61 -0.12
C GLY C 105 -10.96 -13.13 -0.15
N SER C 106 -10.99 -13.69 -1.35
CA SER C 106 -11.08 -15.13 -1.52
C SER C 106 -9.80 -15.69 -2.16
N LYS C 107 -8.76 -14.87 -2.21
CA LYS C 107 -7.50 -15.30 -2.82
C LYS C 107 -6.64 -16.05 -1.81
N ARG C 108 -5.96 -17.08 -2.30
CA ARG C 108 -5.08 -17.88 -1.46
C ARG C 108 -3.75 -18.16 -2.17
N LEU C 109 -2.66 -17.74 -1.54
CA LEU C 109 -1.33 -17.94 -2.11
C LEU C 109 -0.56 -18.96 -1.29
N PHE C 110 0.37 -19.65 -1.91
CA PHE C 110 1.16 -20.65 -1.21
C PHE C 110 2.66 -20.39 -1.40
N PHE C 111 3.41 -20.49 -0.31
CA PHE C 111 4.84 -20.27 -0.36
C PHE C 111 5.59 -21.31 0.45
N TRP C 112 6.83 -21.54 0.07
CA TRP C 112 7.66 -22.49 0.80
C TRP C 112 8.99 -21.84 1.13
N MET C 113 9.48 -22.08 2.35
CA MET C 113 10.73 -21.49 2.79
C MET C 113 11.90 -22.10 2.05
N GLN C 114 12.83 -21.25 1.61
CA GLN C 114 14.02 -21.71 0.91
C GLN C 114 15.24 -21.63 1.81
N GLU C 115 15.05 -21.16 3.05
CA GLU C 115 16.16 -21.05 3.98
C GLU C 115 16.48 -22.42 4.59
N PRO C 116 17.72 -22.83 4.61
CA PRO C 116 18.12 -24.15 5.19
C PRO C 116 17.92 -24.22 6.71
N LYS C 117 17.81 -23.05 7.34
CA LYS C 117 17.62 -23.01 8.80
C LYS C 117 16.26 -22.43 9.13
N THR C 118 15.62 -23.01 10.13
CA THR C 118 14.31 -22.55 10.56
C THR C 118 14.43 -21.58 11.73
N ASP C 119 15.67 -21.20 12.04
CA ASP C 119 15.92 -20.28 13.13
C ASP C 119 15.29 -18.92 12.83
N GLN C 120 14.96 -18.68 11.56
CA GLN C 120 14.37 -17.41 11.16
C GLN C 120 13.13 -17.62 10.28
N ASP C 121 12.84 -18.87 9.93
CA ASP C 121 11.70 -19.16 9.09
C ASP C 121 10.40 -18.78 9.78
N GLU C 122 10.33 -19.09 11.07
CA GLU C 122 9.15 -18.78 11.85
C GLU C 122 9.06 -17.29 12.14
N GLU C 123 10.21 -16.68 12.34
CA GLU C 123 10.27 -15.26 12.63
C GLU C 123 9.79 -14.46 11.43
N HIS C 124 10.21 -14.88 10.23
CA HIS C 124 9.80 -14.21 9.01
C HIS C 124 8.32 -14.34 8.84
N CYS C 125 7.82 -15.52 9.13
CA CYS C 125 6.42 -15.78 9.04
C CYS C 125 5.67 -14.86 9.98
N ARG C 126 6.20 -14.74 11.19
CA ARG C 126 5.56 -13.89 12.19
C ARG C 126 5.64 -12.41 11.79
N LYS C 127 6.81 -12.01 11.29
CA LYS C 127 7.02 -10.63 10.86
C LYS C 127 6.12 -10.29 9.69
N VAL C 128 5.99 -11.24 8.78
CA VAL C 128 5.16 -11.03 7.60
C VAL C 128 3.73 -10.71 7.98
N ASN C 129 3.14 -11.48 8.88
CA ASN C 129 1.76 -11.21 9.28
C ASN C 129 1.70 -10.09 10.28
N GLU C 130 2.80 -9.87 10.96
CA GLU C 130 2.85 -8.81 11.94
C GLU C 130 2.85 -7.45 11.30
N TYR C 131 3.57 -7.30 10.20
CA TYR C 131 3.63 -6.01 9.53
C TYR C 131 2.38 -5.80 8.68
N LEU C 132 1.89 -6.88 8.07
CA LEU C 132 0.71 -6.81 7.23
C LEU C 132 -0.55 -6.58 8.06
N ASN C 133 -0.59 -7.18 9.25
CA ASN C 133 -1.75 -7.03 10.11
C ASN C 133 -1.50 -5.97 11.15
N ASN C 134 -0.23 -5.78 11.51
CA ASN C 134 0.12 -4.78 12.50
C ASN C 134 1.32 -3.96 12.05
N PRO C 135 1.12 -3.09 11.10
CA PRO C 135 2.22 -2.21 10.56
C PRO C 135 2.84 -1.32 11.64
N PRO C 136 4.07 -0.90 11.45
CA PRO C 136 4.78 -0.04 12.43
C PRO C 136 3.92 1.15 12.88
N GLN D 5 23.09 -25.62 1.83
CA GLN D 5 22.29 -24.49 2.40
C GLN D 5 21.19 -24.08 1.42
N GLU D 6 20.87 -24.95 0.48
CA GLU D 6 19.83 -24.64 -0.50
C GLU D 6 18.83 -25.80 -0.59
N PRO D 7 17.88 -25.86 0.31
CA PRO D 7 16.85 -26.95 0.32
C PRO D 7 16.08 -27.02 -0.98
N GLU D 8 15.78 -28.24 -1.41
CA GLU D 8 15.03 -28.42 -2.65
C GLU D 8 13.58 -27.99 -2.45
N PRO D 9 12.90 -27.59 -3.50
CA PRO D 9 11.49 -27.13 -3.40
C PRO D 9 10.53 -28.28 -3.05
N PRO D 10 9.45 -28.01 -2.36
CA PRO D 10 8.45 -29.07 -1.98
C PRO D 10 7.94 -29.84 -3.20
N GLU D 11 6.95 -30.70 -2.98
CA GLU D 11 6.38 -31.48 -4.08
C GLU D 11 4.86 -31.27 -4.15
N PRO D 12 4.25 -31.56 -5.28
CA PRO D 12 2.77 -31.38 -5.45
C PRO D 12 1.96 -32.11 -4.39
N PHE D 13 0.91 -31.47 -3.90
CA PHE D 13 0.06 -32.09 -2.88
C PHE D 13 -1.34 -31.49 -2.91
N GLU D 14 -2.29 -32.16 -2.28
CA GLU D 14 -3.66 -31.67 -2.24
C GLU D 14 -3.84 -30.71 -1.04
N TYR D 15 -4.55 -29.61 -1.28
CA TYR D 15 -4.80 -28.62 -0.24
C TYR D 15 -6.28 -28.38 -0.11
N ILE D 16 -6.78 -28.45 1.12
CA ILE D 16 -8.18 -28.24 1.36
C ILE D 16 -8.34 -27.29 2.53
N ASP D 17 -9.15 -26.26 2.35
CA ASP D 17 -9.35 -25.29 3.41
C ASP D 17 -10.19 -25.91 4.52
N ASP D 18 -9.52 -26.63 5.41
CA ASP D 18 -10.22 -27.27 6.52
C ASP D 18 -9.99 -26.49 7.82
N MET A 1 8.07 33.68 -1.48
CA MET A 1 8.31 32.66 -0.42
C MET A 1 9.32 31.65 -0.93
N GLN A 2 10.57 32.06 -0.98
CA GLN A 2 11.62 31.19 -1.44
C GLN A 2 11.78 30.02 -0.50
N ILE A 3 12.39 28.96 -1.00
CA ILE A 3 12.58 27.75 -0.22
C ILE A 3 13.97 27.19 -0.48
N PHE A 4 14.53 26.52 0.51
CA PHE A 4 15.86 25.95 0.36
C PHE A 4 15.79 24.50 -0.11
N VAL A 5 16.44 24.20 -1.22
CA VAL A 5 16.43 22.83 -1.73
C VAL A 5 17.79 22.17 -1.53
N LYS A 6 17.84 21.14 -0.71
CA LYS A 6 19.09 20.45 -0.44
C LYS A 6 19.27 19.27 -1.39
N THR A 7 20.43 19.20 -2.04
CA THR A 7 20.73 18.11 -2.96
C THR A 7 21.45 16.97 -2.27
N LEU A 8 21.67 15.91 -3.02
CA LEU A 8 22.33 14.73 -2.47
C LEU A 8 23.74 15.07 -2.03
N THR A 9 24.40 15.93 -2.80
CA THR A 9 25.76 16.34 -2.50
C THR A 9 25.80 17.24 -1.26
N GLY A 10 24.62 17.65 -0.79
CA GLY A 10 24.54 18.52 0.38
C GLY A 10 24.39 19.99 -0.02
N LYS A 11 24.61 20.28 -1.30
CA LYS A 11 24.49 21.64 -1.79
C LYS A 11 23.05 22.12 -1.65
N THR A 12 22.88 23.31 -1.09
CA THR A 12 21.56 23.88 -0.90
C THR A 12 21.31 25.01 -1.88
N ILE A 13 20.17 24.96 -2.55
CA ILE A 13 19.82 25.97 -3.55
C ILE A 13 18.48 26.62 -3.21
N THR A 14 18.48 27.92 -2.97
CA THR A 14 17.25 28.62 -2.64
C THR A 14 16.52 29.02 -3.90
N LEU A 15 15.24 28.70 -3.99
CA LEU A 15 14.44 29.04 -5.15
C LEU A 15 13.23 29.88 -4.74
N GLU A 16 13.05 31.04 -5.37
CA GLU A 16 11.93 31.91 -5.05
C GLU A 16 10.63 31.31 -5.55
N VAL A 17 9.76 30.94 -4.61
CA VAL A 17 8.47 30.35 -4.96
C VAL A 17 7.36 30.94 -4.10
N GLU A 18 6.11 30.69 -4.49
CA GLU A 18 4.96 31.18 -3.74
C GLU A 18 4.15 30.01 -3.19
N PRO A 19 3.46 30.20 -2.09
CA PRO A 19 2.66 29.10 -1.46
C PRO A 19 1.71 28.43 -2.44
N SER A 20 1.03 29.25 -3.24
CA SER A 20 0.10 28.74 -4.22
C SER A 20 0.84 27.92 -5.28
N ASP A 21 2.05 28.38 -5.61
CA ASP A 21 2.87 27.72 -6.62
C ASP A 21 2.81 26.20 -6.47
N THR A 22 2.60 25.52 -7.59
CA THR A 22 2.50 24.07 -7.60
C THR A 22 3.88 23.42 -7.60
N ILE A 23 3.91 22.12 -7.36
CA ILE A 23 5.16 21.39 -7.32
C ILE A 23 5.83 21.45 -8.70
N GLU A 24 5.03 21.42 -9.75
CA GLU A 24 5.55 21.48 -11.12
C GLU A 24 6.38 22.74 -11.32
N ASN A 25 5.87 23.86 -10.81
CA ASN A 25 6.59 25.12 -10.94
C ASN A 25 7.90 25.09 -10.16
N VAL A 26 7.84 24.51 -8.96
CA VAL A 26 9.01 24.43 -8.11
C VAL A 26 10.10 23.56 -8.72
N LYS A 27 9.71 22.38 -9.23
CA LYS A 27 10.69 21.49 -9.83
C LYS A 27 11.33 22.15 -11.05
N ALA A 28 10.56 22.97 -11.75
CA ALA A 28 11.07 23.67 -12.91
C ALA A 28 12.19 24.62 -12.50
N LYS A 29 11.98 25.29 -11.38
CA LYS A 29 12.98 26.23 -10.88
C LYS A 29 14.27 25.48 -10.60
N ILE A 30 14.12 24.28 -10.07
CA ILE A 30 15.28 23.44 -9.77
C ILE A 30 15.99 23.06 -11.06
N GLN A 31 15.21 22.76 -12.10
CA GLN A 31 15.77 22.38 -13.38
C GLN A 31 16.64 23.50 -13.94
N ASP A 32 16.16 24.74 -13.82
CA ASP A 32 16.89 25.90 -14.32
C ASP A 32 18.22 26.08 -13.57
N LYS A 33 18.19 25.86 -12.25
CA LYS A 33 19.40 26.03 -11.43
C LYS A 33 20.37 24.87 -11.63
N GLU A 34 19.91 23.67 -11.31
CA GLU A 34 20.74 22.47 -11.46
C GLU A 34 20.26 21.66 -12.65
N GLY A 35 21.15 20.86 -13.22
CA GLY A 35 20.80 20.03 -14.36
C GLY A 35 20.04 18.80 -13.90
N ILE A 36 18.94 19.01 -13.16
CA ILE A 36 18.14 17.89 -12.68
C ILE A 36 16.79 17.86 -13.41
N PRO A 37 16.52 16.86 -14.23
CA PRO A 37 15.22 16.78 -14.97
C PRO A 37 14.05 16.45 -14.03
N PRO A 38 12.86 16.91 -14.35
CA PRO A 38 11.66 16.67 -13.48
C PRO A 38 11.52 15.19 -13.09
N ASP A 39 11.83 14.30 -14.02
CA ASP A 39 11.72 12.88 -13.73
C ASP A 39 12.66 12.49 -12.60
N GLN A 40 13.86 13.09 -12.59
CA GLN A 40 14.84 12.80 -11.55
C GLN A 40 14.68 13.74 -10.36
N GLN A 41 13.75 14.69 -10.45
CA GLN A 41 13.54 15.63 -9.36
C GLN A 41 12.59 15.06 -8.32
N ARG A 42 13.14 14.56 -7.22
CA ARG A 42 12.32 14.02 -6.16
C ARG A 42 12.28 15.01 -5.00
N LEU A 43 11.19 15.77 -4.92
CA LEU A 43 11.04 16.77 -3.87
C LEU A 43 10.23 16.20 -2.70
N ILE A 44 10.86 16.13 -1.53
CA ILE A 44 10.18 15.61 -0.34
C ILE A 44 10.28 16.61 0.80
N PHE A 45 9.13 16.93 1.40
CA PHE A 45 9.12 17.88 2.51
C PHE A 45 8.37 17.29 3.70
N ALA A 46 8.98 17.36 4.88
CA ALA A 46 8.37 16.83 6.09
C ALA A 46 8.13 15.33 5.95
N GLY A 47 8.93 14.69 5.11
CA GLY A 47 8.80 13.26 4.89
C GLY A 47 7.66 12.94 3.93
N LYS A 48 7.01 13.98 3.39
CA LYS A 48 5.91 13.79 2.47
C LYS A 48 6.34 14.13 1.05
N GLN A 49 6.11 13.23 0.11
CA GLN A 49 6.49 13.46 -1.28
C GLN A 49 5.61 14.54 -1.89
N LEU A 50 6.24 15.49 -2.57
CA LEU A 50 5.52 16.59 -3.20
C LEU A 50 4.91 16.13 -4.53
N GLU A 51 3.65 15.73 -4.49
CA GLU A 51 2.96 15.27 -5.69
C GLU A 51 2.58 16.43 -6.60
N ASP A 52 2.74 16.23 -7.90
CA ASP A 52 2.41 17.28 -8.85
C ASP A 52 0.94 17.65 -8.74
N GLY A 53 0.63 18.91 -9.06
CA GLY A 53 -0.74 19.39 -8.99
C GLY A 53 -1.04 19.97 -7.60
N ARG A 54 -0.16 19.70 -6.63
CA ARG A 54 -0.36 20.23 -5.28
C ARG A 54 0.42 21.52 -5.10
N THR A 55 -0.08 22.39 -4.23
CA THR A 55 0.58 23.66 -3.96
C THR A 55 1.56 23.51 -2.80
N LEU A 56 2.45 24.48 -2.64
CA LEU A 56 3.41 24.43 -1.55
C LEU A 56 2.70 24.48 -0.20
N SER A 57 1.65 25.28 -0.13
CA SER A 57 0.89 25.40 1.12
C SER A 57 0.26 24.05 1.49
N ASP A 58 0.05 23.20 0.49
CA ASP A 58 -0.53 21.89 0.72
C ASP A 58 0.37 21.07 1.64
N TYR A 59 1.68 21.22 1.45
CA TYR A 59 2.66 20.49 2.25
C TYR A 59 3.18 21.34 3.39
N ASN A 60 2.47 22.42 3.71
CA ASN A 60 2.88 23.31 4.79
C ASN A 60 4.30 23.81 4.55
N ILE A 61 4.60 24.14 3.30
CA ILE A 61 5.92 24.64 2.94
C ILE A 61 5.93 26.16 3.01
N GLN A 62 6.70 26.70 3.97
CA GLN A 62 6.79 28.14 4.13
C GLN A 62 8.09 28.65 3.55
N LYS A 63 8.40 29.91 3.80
CA LYS A 63 9.62 30.50 3.27
C LYS A 63 10.83 29.89 3.98
N GLU A 64 11.94 29.80 3.27
CA GLU A 64 13.17 29.25 3.84
C GLU A 64 12.93 27.83 4.34
N SER A 65 12.09 27.09 3.63
CA SER A 65 11.79 25.72 4.02
C SER A 65 12.75 24.76 3.32
N THR A 66 13.39 23.89 4.10
CA THR A 66 14.33 22.95 3.53
C THR A 66 13.60 21.78 2.88
N LEU A 67 13.94 21.49 1.64
CA LEU A 67 13.32 20.39 0.91
C LEU A 67 14.35 19.34 0.55
N HIS A 68 13.97 18.08 0.67
CA HIS A 68 14.87 16.99 0.35
C HIS A 68 14.79 16.65 -1.13
N LEU A 69 15.87 16.93 -1.86
CA LEU A 69 15.91 16.65 -3.28
C LEU A 69 16.74 15.40 -3.54
N VAL A 70 16.11 14.41 -4.15
CA VAL A 70 16.80 13.15 -4.43
C VAL A 70 16.81 12.90 -5.93
N LEU A 71 17.96 12.45 -6.43
CA LEU A 71 18.12 12.19 -7.86
C LEU A 71 18.12 10.69 -8.12
N ARG A 72 17.51 10.29 -9.24
CA ARG A 72 17.45 8.87 -9.59
C ARG A 72 18.85 8.32 -9.81
N LEU A 73 19.70 9.11 -10.45
CA LEU A 73 21.08 8.68 -10.72
C LEU A 73 22.04 9.36 -9.75
N ARG A 74 22.82 8.55 -9.05
CA ARG A 74 23.80 9.08 -8.10
C ARG A 74 24.98 9.69 -8.84
N GLY A 75 25.55 10.75 -8.27
CA GLY A 75 26.68 11.42 -8.88
C GLY A 75 27.98 10.65 -8.61
N GLY A 76 29.08 11.17 -9.14
CA GLY A 76 30.38 10.53 -8.94
C GLY A 76 30.74 10.46 -7.47
N ASP A 77 30.44 11.54 -6.74
CA ASP A 77 30.74 11.59 -5.31
C ASP A 77 29.47 11.87 -4.51
N MET B 1 -25.79 -4.85 -4.85
CA MET B 1 -24.57 -5.43 -4.24
C MET B 1 -23.78 -4.34 -3.56
N GLN B 2 -24.24 -3.93 -2.39
CA GLN B 2 -23.57 -2.87 -1.65
C GLN B 2 -22.21 -3.34 -1.16
N ILE B 3 -21.38 -2.39 -0.82
CA ILE B 3 -20.05 -2.68 -0.33
C ILE B 3 -19.66 -1.69 0.77
N PHE B 4 -18.92 -2.17 1.75
CA PHE B 4 -18.50 -1.32 2.86
C PHE B 4 -17.15 -0.68 2.57
N VAL B 5 -17.09 0.63 2.61
CA VAL B 5 -15.84 1.32 2.35
C VAL B 5 -15.22 1.80 3.64
N LYS B 6 -14.12 1.17 4.04
CA LYS B 6 -13.44 1.55 5.28
C LYS B 6 -12.44 2.67 5.02
N THR B 7 -12.64 3.80 5.71
CA THR B 7 -11.74 4.93 5.57
C THR B 7 -10.49 4.75 6.39
N LEU B 8 -9.53 5.64 6.20
CA LEU B 8 -8.28 5.56 6.93
C LEU B 8 -8.54 5.78 8.42
N THR B 9 -9.62 6.48 8.73
CA THR B 9 -9.98 6.76 10.11
C THR B 9 -10.82 5.62 10.70
N GLY B 10 -11.09 4.59 9.88
CA GLY B 10 -11.88 3.45 10.34
C GLY B 10 -13.36 3.66 10.05
N LYS B 11 -13.73 4.86 9.59
CA LYS B 11 -15.12 5.15 9.29
C LYS B 11 -15.56 4.32 8.08
N THR B 12 -16.51 3.43 8.31
CA THR B 12 -17.01 2.56 7.25
C THR B 12 -18.24 3.18 6.57
N ILE B 13 -18.25 3.12 5.24
CA ILE B 13 -19.34 3.70 4.47
C ILE B 13 -19.92 2.67 3.50
N THR B 14 -21.10 2.13 3.81
CA THR B 14 -21.72 1.16 2.94
C THR B 14 -22.39 1.87 1.78
N LEU B 15 -21.99 1.50 0.56
CA LEU B 15 -22.54 2.11 -0.64
C LEU B 15 -23.17 1.06 -1.53
N GLU B 16 -24.39 1.31 -1.99
CA GLU B 16 -25.08 0.37 -2.86
C GLU B 16 -24.50 0.43 -4.26
N VAL B 17 -23.88 -0.66 -4.68
CA VAL B 17 -23.30 -0.72 -6.01
C VAL B 17 -23.66 -2.04 -6.70
N GLU B 18 -23.42 -2.12 -8.00
CA GLU B 18 -23.71 -3.33 -8.75
C GLU B 18 -22.42 -3.99 -9.21
N PRO B 19 -22.42 -5.28 -9.44
CA PRO B 19 -21.21 -6.00 -9.89
C PRO B 19 -20.63 -5.40 -11.17
N SER B 20 -21.51 -4.98 -12.07
CA SER B 20 -21.08 -4.38 -13.33
C SER B 20 -20.65 -2.93 -13.13
N ASP B 21 -20.91 -2.38 -11.93
CA ASP B 21 -20.53 -1.00 -11.63
C ASP B 21 -19.04 -0.80 -11.78
N THR B 22 -18.65 0.29 -12.44
CA THR B 22 -17.23 0.58 -12.64
C THR B 22 -16.63 1.18 -11.38
N ILE B 23 -15.31 1.16 -11.31
CA ILE B 23 -14.60 1.70 -10.16
C ILE B 23 -14.87 3.19 -10.03
N GLU B 24 -14.93 3.87 -11.18
CA GLU B 24 -15.18 5.30 -11.18
C GLU B 24 -16.54 5.60 -10.54
N ASN B 25 -17.52 4.76 -10.82
CA ASN B 25 -18.85 4.94 -10.23
C ASN B 25 -18.80 4.82 -8.72
N VAL B 26 -18.01 3.86 -8.26
CA VAL B 26 -17.88 3.63 -6.83
C VAL B 26 -17.24 4.85 -6.16
N LYS B 27 -16.22 5.41 -6.80
CA LYS B 27 -15.53 6.57 -6.25
C LYS B 27 -16.50 7.73 -6.11
N ALA B 28 -17.36 7.89 -7.10
CA ALA B 28 -18.35 8.96 -7.09
C ALA B 28 -19.27 8.79 -5.90
N LYS B 29 -19.64 7.55 -5.61
CA LYS B 29 -20.52 7.27 -4.48
C LYS B 29 -19.85 7.77 -3.22
N ILE B 30 -18.54 7.58 -3.13
CA ILE B 30 -17.79 8.06 -1.97
C ILE B 30 -17.86 9.58 -1.90
N GLN B 31 -17.72 10.24 -3.05
CA GLN B 31 -17.75 11.69 -3.09
C GLN B 31 -19.10 12.22 -2.55
N ASP B 32 -20.20 11.62 -3.00
CA ASP B 32 -21.52 12.05 -2.55
C ASP B 32 -21.72 11.74 -1.07
N LYS B 33 -21.12 10.65 -0.58
CA LYS B 33 -21.26 10.24 0.81
C LYS B 33 -20.17 10.81 1.72
N GLU B 34 -19.20 11.52 1.15
CA GLU B 34 -18.12 12.08 1.96
C GLU B 34 -17.63 13.38 1.35
N GLY B 35 -17.36 13.35 0.06
CA GLY B 35 -16.89 14.53 -0.65
C GLY B 35 -15.45 14.35 -1.11
N ILE B 36 -14.94 13.13 -1.02
CA ILE B 36 -13.58 12.88 -1.45
C ILE B 36 -13.54 12.67 -2.97
N PRO B 37 -12.84 13.50 -3.71
CA PRO B 37 -12.75 13.35 -5.19
C PRO B 37 -12.19 11.99 -5.58
N PRO B 38 -12.52 11.49 -6.75
CA PRO B 38 -12.02 10.16 -7.22
C PRO B 38 -10.50 10.06 -7.17
N ASP B 39 -9.83 11.13 -7.57
CA ASP B 39 -8.37 11.15 -7.57
C ASP B 39 -7.82 11.17 -6.14
N GLN B 40 -8.48 11.92 -5.27
CA GLN B 40 -8.05 12.03 -3.88
C GLN B 40 -8.11 10.69 -3.18
N GLN B 41 -9.15 9.92 -3.48
CA GLN B 41 -9.31 8.61 -2.85
C GLN B 41 -8.92 7.49 -3.81
N ARG B 42 -8.34 6.44 -3.26
CA ARG B 42 -7.96 5.30 -4.04
C ARG B 42 -8.59 4.05 -3.43
N LEU B 43 -9.46 3.41 -4.22
CA LEU B 43 -10.15 2.21 -3.75
C LEU B 43 -9.26 1.00 -3.96
N ILE B 44 -9.04 0.22 -2.90
CA ILE B 44 -8.18 -0.95 -3.01
C ILE B 44 -8.89 -2.19 -2.44
N PHE B 45 -8.87 -3.28 -3.21
CA PHE B 45 -9.53 -4.52 -2.79
C PHE B 45 -8.78 -5.74 -3.32
N ALA B 46 -8.91 -6.86 -2.59
CA ALA B 46 -8.24 -8.10 -2.99
C ALA B 46 -6.73 -7.96 -2.85
N GLY B 47 -6.30 -6.95 -2.12
CA GLY B 47 -4.88 -6.71 -1.91
C GLY B 47 -4.29 -5.87 -3.04
N ARG B 48 -5.08 -5.64 -4.08
CA ARG B 48 -4.62 -4.85 -5.22
C ARG B 48 -5.50 -3.62 -5.40
N GLN B 49 -4.89 -2.53 -5.82
CA GLN B 49 -5.64 -1.30 -6.03
C GLN B 49 -6.53 -1.43 -7.26
N LEU B 50 -7.74 -0.87 -7.16
CA LEU B 50 -8.70 -0.96 -8.26
C LEU B 50 -8.44 0.12 -9.29
N GLU B 51 -8.00 -0.29 -10.48
CA GLU B 51 -7.72 0.65 -11.56
C GLU B 51 -9.01 1.17 -12.19
N ASP B 52 -9.06 2.47 -12.43
CA ASP B 52 -10.24 3.07 -13.03
C ASP B 52 -10.54 2.42 -14.37
N GLY B 53 -11.82 2.38 -14.72
CA GLY B 53 -12.25 1.77 -15.98
C GLY B 53 -12.61 0.30 -15.78
N ARG B 54 -12.18 -0.29 -14.66
CA ARG B 54 -12.49 -1.68 -14.38
C ARG B 54 -13.85 -1.80 -13.70
N THR B 55 -14.34 -3.03 -13.58
CA THR B 55 -15.63 -3.27 -12.95
C THR B 55 -15.44 -4.02 -11.64
N LEU B 56 -16.41 -3.91 -10.74
CA LEU B 56 -16.32 -4.58 -9.46
C LEU B 56 -16.14 -6.08 -9.66
N SER B 57 -16.86 -6.62 -10.62
CA SER B 57 -16.78 -8.04 -10.91
C SER B 57 -15.37 -8.41 -11.36
N ASP B 58 -14.64 -7.42 -11.88
CA ASP B 58 -13.27 -7.67 -12.33
C ASP B 58 -12.40 -8.09 -11.15
N TYR B 59 -12.66 -7.48 -10.01
CA TYR B 59 -11.91 -7.77 -8.79
C TYR B 59 -12.65 -8.77 -7.90
N ASN B 60 -13.71 -9.37 -8.45
CA ASN B 60 -14.50 -10.34 -7.68
C ASN B 60 -15.03 -9.70 -6.40
N ILE B 61 -15.50 -8.47 -6.52
CA ILE B 61 -16.04 -7.76 -5.37
C ILE B 61 -17.51 -8.10 -5.19
N GLN B 62 -17.81 -8.88 -4.16
CA GLN B 62 -19.17 -9.30 -3.87
C GLN B 62 -19.82 -8.35 -2.88
N LYS B 63 -21.09 -8.57 -2.61
CA LYS B 63 -21.82 -7.72 -1.68
C LYS B 63 -21.15 -7.75 -0.31
N GLU B 64 -21.28 -6.65 0.43
CA GLU B 64 -20.70 -6.53 1.76
C GLU B 64 -19.18 -6.70 1.70
N SER B 65 -18.56 -6.02 0.75
CA SER B 65 -17.10 -6.08 0.58
C SER B 65 -16.44 -4.90 1.28
N THR B 66 -15.53 -5.19 2.20
CA THR B 66 -14.84 -4.13 2.92
C THR B 66 -13.71 -3.55 2.07
N LEU B 67 -14.05 -2.58 1.23
CA LEU B 67 -13.07 -1.93 0.37
C LEU B 67 -12.19 -1.01 1.19
N HIS B 68 -10.95 -0.83 0.75
CA HIS B 68 -10.02 0.03 1.47
C HIS B 68 -9.93 1.40 0.79
N LEU B 69 -10.18 2.44 1.56
CA LEU B 69 -10.13 3.81 1.04
C LEU B 69 -8.82 4.47 1.45
N VAL B 70 -8.01 4.83 0.45
CA VAL B 70 -6.72 5.47 0.72
C VAL B 70 -6.76 6.91 0.24
N LEU B 71 -6.36 7.83 1.11
CA LEU B 71 -6.37 9.25 0.76
C LEU B 71 -4.94 9.73 0.49
N ARG B 72 -4.79 10.58 -0.52
CA ARG B 72 -3.47 11.10 -0.87
C ARG B 72 -2.84 11.79 0.33
N LEU B 73 -3.23 13.04 0.58
CA LEU B 73 -2.69 13.80 1.70
C LEU B 73 -3.79 14.61 2.39
N ARG B 74 -3.63 14.80 3.69
CA ARG B 74 -4.61 15.55 4.46
C ARG B 74 -4.21 17.03 4.53
N GLY B 75 -3.63 17.53 3.44
CA GLY B 75 -3.21 18.93 3.40
C GLY B 75 -1.97 19.15 4.26
N GLY B 76 -1.21 18.08 4.49
CA GLY B 76 0.00 18.18 5.30
C GLY B 76 1.13 17.38 4.67
N ASN C 24 11.42 2.45 -0.41
CA ASN C 24 10.92 2.60 0.99
C ASN C 24 11.59 1.55 1.89
N LYS C 25 11.15 1.49 3.13
CA LYS C 25 11.71 0.54 4.08
C LYS C 25 11.07 -0.83 3.93
N TYR C 26 11.89 -1.88 3.98
CA TYR C 26 11.38 -3.23 3.85
C TYR C 26 11.09 -3.79 5.24
N LEU C 27 9.81 -4.02 5.48
CA LEU C 27 9.39 -4.55 6.76
C LEU C 27 9.92 -5.97 6.95
N VAL C 28 9.92 -6.74 5.86
CA VAL C 28 10.41 -8.12 5.94
C VAL C 28 10.99 -8.53 4.59
N GLU C 29 11.77 -9.58 4.61
CA GLU C 29 12.37 -10.08 3.38
C GLU C 29 13.09 -11.39 3.63
N PHE C 30 12.68 -12.41 2.89
CA PHE C 30 13.31 -13.72 3.02
C PHE C 30 13.13 -14.53 1.73
N ARG C 31 14.00 -15.51 1.54
CA ARG C 31 13.93 -16.33 0.33
C ARG C 31 12.79 -17.32 0.43
N ALA C 32 11.87 -17.26 -0.53
CA ALA C 32 10.74 -18.18 -0.56
C ALA C 32 10.24 -18.34 -2.00
N GLY C 33 9.81 -19.55 -2.32
CA GLY C 33 9.29 -19.83 -3.65
C GLY C 33 7.78 -19.98 -3.59
N LYS C 34 7.12 -19.65 -4.68
CA LYS C 34 5.66 -19.75 -4.72
C LYS C 34 5.23 -21.13 -5.22
N MET C 35 3.92 -21.36 -5.19
CA MET C 35 3.36 -22.64 -5.65
C MET C 35 2.08 -22.38 -6.45
N SER C 36 1.51 -23.43 -7.04
CA SER C 36 0.29 -23.29 -7.81
C SER C 36 -0.79 -24.22 -7.27
N LEU C 37 -1.94 -23.66 -6.95
CA LEU C 37 -3.02 -24.48 -6.43
C LEU C 37 -4.11 -24.65 -7.48
N LYS C 38 -4.35 -25.90 -7.87
CA LYS C 38 -5.37 -26.22 -8.85
C LYS C 38 -6.39 -27.17 -8.25
N GLY C 39 -7.59 -26.67 -7.99
CA GLY C 39 -8.63 -27.49 -7.40
C GLY C 39 -8.32 -27.77 -5.94
N THR C 40 -7.62 -28.88 -5.69
CA THR C 40 -7.24 -29.24 -4.32
C THR C 40 -5.80 -29.75 -4.29
N THR C 41 -5.02 -29.42 -5.30
CA THR C 41 -3.64 -29.87 -5.36
C THR C 41 -2.68 -28.67 -5.47
N VAL C 42 -1.65 -28.66 -4.64
CA VAL C 42 -0.68 -27.57 -4.63
C VAL C 42 0.66 -28.08 -5.14
N THR C 43 1.18 -27.44 -6.20
CA THR C 43 2.46 -27.84 -6.76
C THR C 43 3.51 -26.73 -6.54
N PRO C 44 4.69 -27.04 -6.06
CA PRO C 44 5.75 -26.00 -5.82
C PRO C 44 6.34 -25.44 -7.10
N ASP C 45 6.69 -24.17 -7.06
CA ASP C 45 7.29 -23.51 -8.21
C ASP C 45 8.81 -23.46 -8.04
N LYS C 46 9.51 -24.08 -8.97
CA LYS C 46 10.97 -24.12 -8.91
C LYS C 46 11.56 -22.71 -9.02
N ARG C 47 10.74 -21.76 -9.47
CA ARG C 47 11.20 -20.39 -9.61
C ARG C 47 11.32 -19.74 -8.24
N LYS C 48 12.37 -20.13 -7.51
CA LYS C 48 12.60 -19.58 -6.17
C LYS C 48 12.54 -18.07 -6.23
N GLY C 49 11.92 -17.47 -5.22
CA GLY C 49 11.80 -16.02 -5.18
C GLY C 49 12.15 -15.46 -3.82
N LEU C 50 11.68 -14.26 -3.56
CA LEU C 50 11.92 -13.59 -2.30
C LEU C 50 10.64 -12.94 -1.83
N VAL C 51 10.22 -13.27 -0.62
CA VAL C 51 9.02 -12.67 -0.09
C VAL C 51 9.40 -11.50 0.80
N TYR C 52 9.10 -10.30 0.35
CA TYR C 52 9.45 -9.13 1.16
C TYR C 52 8.29 -8.15 1.25
N ILE C 53 8.28 -7.39 2.34
CA ILE C 53 7.25 -6.40 2.59
C ILE C 53 7.86 -5.03 2.69
N GLN C 54 7.18 -4.04 2.10
CA GLN C 54 7.66 -2.67 2.13
C GLN C 54 6.50 -1.73 2.43
N GLN C 55 6.70 -0.81 3.35
CA GLN C 55 5.67 0.14 3.70
C GLN C 55 5.96 1.47 3.02
N THR C 56 4.98 1.96 2.27
CA THR C 56 5.16 3.22 1.58
C THR C 56 4.80 4.39 2.47
N ASP C 57 5.09 5.58 1.98
CA ASP C 57 4.79 6.78 2.73
C ASP C 57 3.28 6.94 2.91
N ASP C 58 2.52 6.10 2.21
CA ASP C 58 1.07 6.15 2.30
C ASP C 58 0.59 5.22 3.42
N SER C 59 1.54 4.56 4.10
CA SER C 59 1.20 3.64 5.18
C SER C 59 0.54 2.39 4.63
N LEU C 60 0.77 2.14 3.35
CA LEU C 60 0.23 0.98 2.69
C LEU C 60 1.31 -0.08 2.64
N ILE C 61 1.01 -1.23 3.19
CA ILE C 61 1.98 -2.30 3.22
C ILE C 61 1.97 -3.00 1.88
N HIS C 62 3.13 -3.03 1.26
CA HIS C 62 3.27 -3.65 -0.04
C HIS C 62 3.84 -5.06 0.10
N PHE C 63 3.02 -6.05 -0.26
CA PHE C 63 3.46 -7.44 -0.22
C PHE C 63 3.90 -7.85 -1.60
N CYS C 64 5.21 -8.01 -1.78
CA CYS C 64 5.71 -8.36 -3.11
C CYS C 64 6.58 -9.60 -3.10
N TRP C 65 6.44 -10.37 -4.18
CA TRP C 65 7.22 -11.59 -4.36
C TRP C 65 8.05 -11.44 -5.62
N LYS C 66 9.35 -11.47 -5.45
CA LYS C 66 10.24 -11.31 -6.58
C LYS C 66 10.89 -12.64 -6.94
N ASP C 67 11.10 -12.85 -8.23
CA ASP C 67 11.73 -14.09 -8.67
C ASP C 67 13.24 -13.94 -8.56
N ARG C 68 13.89 -14.94 -7.96
CA ARG C 68 15.34 -14.89 -7.79
C ARG C 68 16.04 -15.13 -9.14
N THR C 69 15.29 -15.66 -10.09
CA THR C 69 15.83 -15.94 -11.40
C THR C 69 16.35 -14.68 -12.07
N SER C 70 15.57 -13.61 -12.00
CA SER C 70 15.97 -12.35 -12.59
C SER C 70 16.12 -11.29 -11.52
N GLY C 71 15.61 -11.59 -10.32
CA GLY C 71 15.69 -10.66 -9.20
C GLY C 71 14.70 -9.52 -9.39
N ASN C 72 13.66 -9.76 -10.18
CA ASN C 72 12.64 -8.76 -10.43
C ASN C 72 11.39 -9.06 -9.62
N VAL C 73 10.61 -8.03 -9.28
CA VAL C 73 9.41 -8.22 -8.51
C VAL C 73 8.27 -8.69 -9.41
N GLU C 74 7.98 -10.00 -9.35
CA GLU C 74 6.90 -10.57 -10.15
C GLU C 74 5.54 -10.17 -9.60
N ASP C 75 5.43 -10.11 -8.28
CA ASP C 75 4.17 -9.76 -7.65
C ASP C 75 4.33 -8.61 -6.65
N ASP C 76 3.31 -7.75 -6.57
CA ASP C 76 3.34 -6.60 -5.65
C ASP C 76 1.92 -6.14 -5.36
N LEU C 77 1.38 -6.54 -4.20
CA LEU C 77 0.02 -6.15 -3.84
C LEU C 77 -0.01 -5.52 -2.46
N ILE C 78 -0.78 -4.44 -2.34
CA ILE C 78 -0.90 -3.77 -1.07
C ILE C 78 -1.84 -4.53 -0.14
N ILE C 79 -1.36 -4.88 1.03
CA ILE C 79 -2.16 -5.63 1.97
C ILE C 79 -2.47 -4.79 3.21
N PHE C 80 -3.75 -4.59 3.47
CA PHE C 80 -4.20 -3.81 4.63
C PHE C 80 -4.35 -4.68 5.87
N PRO C 81 -4.41 -4.09 7.03
CA PRO C 81 -4.57 -4.85 8.30
C PRO C 81 -5.82 -5.73 8.27
N ASP C 82 -5.69 -6.94 8.80
CA ASP C 82 -6.80 -7.88 8.84
C ASP C 82 -7.32 -8.18 7.42
N ASP C 83 -6.56 -7.80 6.40
CA ASP C 83 -6.96 -8.06 5.02
C ASP C 83 -6.52 -9.44 4.57
N CYS C 84 -5.45 -9.94 5.19
CA CYS C 84 -4.95 -11.26 4.84
C CYS C 84 -4.39 -11.95 6.08
N GLU C 85 -4.12 -13.23 5.92
CA GLU C 85 -3.59 -14.04 7.00
C GLU C 85 -2.45 -14.92 6.51
N PHE C 86 -1.31 -14.82 7.18
CA PHE C 86 -0.15 -15.63 6.82
C PHE C 86 -0.04 -16.78 7.81
N LYS C 87 -0.18 -18.00 7.31
CA LYS C 87 -0.14 -19.17 8.20
C LYS C 87 0.52 -20.36 7.53
N ARG C 88 0.83 -21.38 8.33
CA ARG C 88 1.44 -22.58 7.80
C ARG C 88 0.37 -23.55 7.32
N VAL C 89 0.77 -24.48 6.47
CA VAL C 89 -0.18 -25.46 5.93
C VAL C 89 0.16 -26.85 6.45
N PRO C 90 -0.38 -27.25 7.58
CA PRO C 90 -0.11 -28.60 8.15
C PRO C 90 -0.94 -29.69 7.47
N GLN C 91 -0.75 -29.83 6.17
CA GLN C 91 -1.46 -30.85 5.40
C GLN C 91 -0.50 -31.89 4.85
N CYS C 92 0.67 -31.42 4.40
CA CYS C 92 1.67 -32.30 3.84
C CYS C 92 2.99 -32.15 4.58
N PRO C 93 3.20 -32.87 5.65
CA PRO C 93 4.46 -32.77 6.43
C PRO C 93 5.65 -33.29 5.63
N SER C 94 6.71 -32.47 5.59
CA SER C 94 7.93 -32.81 4.87
C SER C 94 8.82 -31.57 4.76
N GLY C 95 8.19 -30.40 4.71
CA GLY C 95 8.94 -29.16 4.59
C GLY C 95 8.14 -27.96 5.08
N ARG C 96 8.75 -26.79 5.03
CA ARG C 96 8.10 -25.57 5.48
C ARG C 96 7.21 -24.98 4.38
N VAL C 97 5.90 -24.99 4.63
CA VAL C 97 4.95 -24.47 3.65
C VAL C 97 4.00 -23.47 4.31
N TYR C 98 3.89 -22.29 3.72
CA TYR C 98 3.01 -21.25 4.24
C TYR C 98 1.97 -20.86 3.20
N VAL C 99 0.82 -20.39 3.66
CA VAL C 99 -0.25 -19.98 2.77
C VAL C 99 -0.80 -18.63 3.19
N LEU C 100 -0.95 -17.74 2.22
CA LEU C 100 -1.49 -16.41 2.48
C LEU C 100 -2.94 -16.39 2.03
N LYS C 101 -3.83 -16.09 2.95
CA LYS C 101 -5.25 -16.05 2.62
C LYS C 101 -5.83 -14.67 2.88
N PHE C 102 -6.54 -14.15 1.90
CA PHE C 102 -7.13 -12.82 2.05
C PHE C 102 -8.40 -12.92 2.87
N LYS C 103 -8.36 -12.30 4.04
CA LYS C 103 -9.51 -12.33 4.92
C LYS C 103 -10.68 -11.66 4.24
N ALA C 104 -10.39 -10.59 3.49
CA ALA C 104 -11.46 -9.87 2.80
C ALA C 104 -11.70 -10.42 1.40
N GLY C 105 -10.68 -11.08 0.84
CA GLY C 105 -10.81 -11.64 -0.49
C GLY C 105 -10.95 -13.15 -0.46
N SER C 106 -10.98 -13.77 -1.63
CA SER C 106 -11.10 -15.22 -1.72
C SER C 106 -9.86 -15.83 -2.36
N LYS C 107 -8.79 -15.02 -2.48
CA LYS C 107 -7.56 -15.49 -3.09
C LYS C 107 -6.63 -16.10 -2.05
N ARG C 108 -5.94 -17.15 -2.44
CA ARG C 108 -5.00 -17.81 -1.55
C ARG C 108 -3.69 -18.09 -2.26
N LEU C 109 -2.58 -17.75 -1.62
CA LEU C 109 -1.26 -17.97 -2.21
C LEU C 109 -0.48 -18.98 -1.38
N PHE C 110 0.38 -19.73 -2.03
CA PHE C 110 1.17 -20.73 -1.32
C PHE C 110 2.66 -20.49 -1.53
N PHE C 111 3.44 -20.63 -0.46
CA PHE C 111 4.88 -20.43 -0.54
C PHE C 111 5.62 -21.47 0.26
N TRP C 112 6.86 -21.69 -0.10
CA TRP C 112 7.70 -22.65 0.61
C TRP C 112 9.06 -22.03 0.95
N MET C 113 9.52 -22.24 2.19
CA MET C 113 10.80 -21.68 2.61
C MET C 113 11.94 -22.18 1.73
N GLN C 114 12.83 -21.27 1.38
CA GLN C 114 13.98 -21.59 0.56
C GLN C 114 15.27 -21.40 1.36
N GLU C 115 15.14 -20.99 2.63
CA GLU C 115 16.32 -20.78 3.47
C GLU C 115 16.84 -22.12 4.01
N PRO C 116 18.12 -22.24 4.24
CA PRO C 116 18.72 -23.52 4.76
C PRO C 116 18.29 -23.82 6.20
N LYS C 117 18.06 -22.77 6.99
CA LYS C 117 17.67 -22.95 8.37
C LYS C 117 16.35 -22.23 8.63
N THR C 118 15.50 -22.84 9.44
CA THR C 118 14.21 -22.25 9.77
C THR C 118 14.31 -21.45 11.07
N ASP C 119 15.52 -21.33 11.60
CA ASP C 119 15.73 -20.60 12.83
C ASP C 119 15.28 -19.15 12.68
N GLN C 120 15.19 -18.69 11.44
CA GLN C 120 14.75 -17.33 11.16
C GLN C 120 13.47 -17.33 10.33
N ASP C 121 13.15 -18.47 9.73
CA ASP C 121 11.95 -18.57 8.91
C ASP C 121 10.71 -18.35 9.74
N GLU C 122 10.72 -18.89 10.95
CA GLU C 122 9.58 -18.76 11.84
C GLU C 122 9.36 -17.30 12.22
N GLU C 123 10.45 -16.57 12.37
CA GLU C 123 10.37 -15.17 12.72
C GLU C 123 9.77 -14.37 11.58
N HIS C 124 10.17 -14.72 10.36
CA HIS C 124 9.68 -14.05 9.18
C HIS C 124 8.19 -14.23 9.09
N CYS C 125 7.77 -15.43 9.43
CA CYS C 125 6.38 -15.76 9.41
C CYS C 125 5.63 -14.87 10.39
N ARG C 126 6.21 -14.71 11.59
CA ARG C 126 5.58 -13.88 12.61
C ARG C 126 5.59 -12.42 12.20
N LYS C 127 6.71 -12.01 11.61
CA LYS C 127 6.87 -10.63 11.16
C LYS C 127 5.90 -10.32 10.02
N VAL C 128 5.75 -11.25 9.09
CA VAL C 128 4.84 -11.01 7.97
C VAL C 128 3.43 -10.75 8.50
N ASN C 129 2.98 -11.57 9.44
CA ASN C 129 1.65 -11.38 10.01
C ASN C 129 1.58 -10.07 10.76
N GLU C 130 2.66 -9.72 11.44
CA GLU C 130 2.65 -8.48 12.21
C GLU C 130 2.80 -7.26 11.31
N TYR C 131 3.36 -7.45 10.13
CA TYR C 131 3.54 -6.35 9.21
C TYR C 131 2.29 -6.17 8.35
N LEU C 132 1.59 -7.26 8.10
CA LEU C 132 0.38 -7.20 7.28
C LEU C 132 -0.87 -7.01 8.14
N ASN C 133 -0.77 -7.29 9.43
CA ASN C 133 -1.91 -7.13 10.32
C ASN C 133 -1.63 -6.06 11.36
N ASN C 134 -0.34 -5.74 11.55
CA ASN C 134 0.02 -4.72 12.54
C ASN C 134 1.12 -3.81 12.00
N PRO C 135 0.82 -3.06 10.99
CA PRO C 135 1.79 -2.13 10.35
C PRO C 135 2.12 -0.94 11.26
N PRO C 136 3.30 -0.38 11.13
CA PRO C 136 3.73 0.78 11.96
C PRO C 136 3.13 2.09 11.47
N GLN D 5 23.72 -26.52 0.81
CA GLN D 5 23.72 -25.03 0.87
C GLN D 5 22.29 -24.52 0.99
N GLU D 6 21.42 -24.99 0.11
CA GLU D 6 20.01 -24.57 0.14
C GLU D 6 19.09 -25.80 0.08
N PRO D 7 17.88 -25.68 0.58
CA PRO D 7 16.89 -26.81 0.57
C PRO D 7 16.36 -27.07 -0.84
N GLU D 8 16.06 -28.34 -1.12
CA GLU D 8 15.54 -28.70 -2.43
C GLU D 8 14.02 -28.49 -2.47
N PRO D 9 13.45 -28.26 -3.63
CA PRO D 9 11.97 -28.03 -3.79
C PRO D 9 11.15 -29.22 -3.28
N PRO D 10 10.01 -28.98 -2.68
CA PRO D 10 9.13 -30.08 -2.17
C PRO D 10 8.33 -30.75 -3.30
N GLU D 11 7.44 -31.67 -2.94
CA GLU D 11 6.63 -32.37 -3.94
C GLU D 11 5.17 -31.95 -3.84
N PRO D 12 4.39 -32.17 -4.87
CA PRO D 12 2.92 -31.80 -4.88
C PRO D 12 2.15 -32.50 -3.77
N PHE D 13 1.13 -31.82 -3.25
CA PHE D 13 0.31 -32.40 -2.18
C PHE D 13 -1.11 -31.86 -2.24
N GLU D 14 -2.03 -32.55 -1.56
CA GLU D 14 -3.42 -32.11 -1.54
C GLU D 14 -3.65 -31.08 -0.43
N TYR D 15 -4.41 -30.04 -0.76
CA TYR D 15 -4.72 -28.99 0.20
C TYR D 15 -6.21 -28.86 0.35
N ILE D 16 -6.68 -29.01 1.57
CA ILE D 16 -8.10 -28.91 1.83
C ILE D 16 -8.32 -28.00 3.03
N ASP D 17 -9.13 -26.97 2.85
CA ASP D 17 -9.38 -26.06 3.95
C ASP D 17 -10.39 -26.66 4.90
N ASP D 18 -9.89 -27.49 5.82
CA ASP D 18 -10.76 -28.12 6.81
C ASP D 18 -10.74 -27.34 8.12
N MET A 1 12.65 17.44 -11.90
CA MET A 1 11.36 18.17 -11.90
C MET A 1 11.48 19.40 -11.02
N GLN A 2 12.24 20.37 -11.50
CA GLN A 2 12.43 21.59 -10.77
C GLN A 2 11.09 22.28 -10.52
N ILE A 3 11.08 23.20 -9.60
CA ILE A 3 9.87 23.93 -9.25
C ILE A 3 10.20 25.38 -8.94
N PHE A 4 9.35 26.29 -9.40
CA PHE A 4 9.57 27.71 -9.17
C PHE A 4 9.05 28.14 -7.81
N VAL A 5 9.93 28.68 -6.98
CA VAL A 5 9.51 29.14 -5.67
C VAL A 5 9.48 30.67 -5.66
N LYS A 6 8.28 31.23 -5.67
CA LYS A 6 8.14 32.68 -5.67
C LYS A 6 8.12 33.24 -4.26
N THR A 7 8.89 34.31 -4.05
CA THR A 7 8.99 34.94 -2.74
C THR A 7 8.07 36.15 -2.63
N LEU A 8 7.96 36.66 -1.42
CA LEU A 8 7.11 37.83 -1.16
C LEU A 8 7.68 39.06 -1.86
N THR A 9 8.92 38.98 -2.32
CA THR A 9 9.54 40.11 -3.00
C THR A 9 9.34 40.03 -4.51
N GLY A 10 8.67 38.98 -4.99
CA GLY A 10 8.44 38.83 -6.42
C GLY A 10 9.56 38.01 -7.07
N LYS A 11 10.63 37.75 -6.31
CA LYS A 11 11.75 36.99 -6.83
C LYS A 11 11.40 35.51 -6.87
N THR A 12 11.67 34.87 -8.00
CA THR A 12 11.39 33.44 -8.16
C THR A 12 12.67 32.63 -8.16
N ILE A 13 12.68 31.57 -7.38
CA ILE A 13 13.85 30.70 -7.27
C ILE A 13 13.50 29.29 -7.70
N THR A 14 13.85 28.91 -8.92
CA THR A 14 13.56 27.57 -9.39
C THR A 14 14.54 26.58 -8.74
N LEU A 15 14.01 25.55 -8.12
CA LEU A 15 14.85 24.56 -7.46
C LEU A 15 14.63 23.18 -8.06
N GLU A 16 15.71 22.55 -8.53
CA GLU A 16 15.61 21.22 -9.12
C GLU A 16 15.19 20.18 -8.06
N VAL A 17 13.98 19.63 -8.22
CA VAL A 17 13.49 18.65 -7.27
C VAL A 17 12.85 17.49 -8.02
N GLU A 18 12.64 16.38 -7.33
CA GLU A 18 12.03 15.21 -7.95
C GLU A 18 10.59 15.05 -7.46
N PRO A 19 9.74 14.43 -8.23
CA PRO A 19 8.31 14.23 -7.83
C PRO A 19 8.18 13.53 -6.49
N SER A 20 9.08 12.58 -6.24
CA SER A 20 9.06 11.85 -4.97
C SER A 20 9.75 12.64 -3.86
N ASP A 21 10.36 13.77 -4.22
CA ASP A 21 11.04 14.60 -3.24
C ASP A 21 10.06 15.07 -2.17
N THR A 22 10.49 14.99 -0.91
CA THR A 22 9.65 15.41 0.20
C THR A 22 9.62 16.93 0.32
N ILE A 23 8.61 17.43 1.02
CA ILE A 23 8.46 18.87 1.21
C ILE A 23 9.62 19.42 2.00
N GLU A 24 10.05 18.68 3.01
CA GLU A 24 11.17 19.11 3.84
C GLU A 24 12.42 19.28 2.99
N ASN A 25 12.61 18.38 2.04
CA ASN A 25 13.76 18.44 1.16
C ASN A 25 13.73 19.72 0.34
N VAL A 26 12.55 20.06 -0.15
CA VAL A 26 12.39 21.27 -0.95
C VAL A 26 12.73 22.51 -0.13
N LYS A 27 12.27 22.54 1.12
CA LYS A 27 12.56 23.68 1.99
C LYS A 27 14.07 23.82 2.18
N ALA A 28 14.75 22.69 2.28
CA ALA A 28 16.20 22.72 2.44
C ALA A 28 16.84 23.39 1.24
N LYS A 29 16.30 23.11 0.05
CA LYS A 29 16.84 23.73 -1.16
C LYS A 29 16.70 25.23 -1.04
N ILE A 30 15.59 25.67 -0.46
CA ILE A 30 15.39 27.10 -0.25
C ILE A 30 16.45 27.66 0.69
N GLN A 31 16.75 26.90 1.73
CA GLN A 31 17.74 27.34 2.69
C GLN A 31 19.11 27.51 2.01
N ASP A 32 19.52 26.53 1.21
CA ASP A 32 20.81 26.61 0.54
C ASP A 32 20.81 27.62 -0.61
N LYS A 33 19.62 28.07 -1.02
CA LYS A 33 19.51 29.02 -2.12
C LYS A 33 19.18 30.43 -1.64
N GLU A 34 18.80 30.55 -0.37
CA GLU A 34 18.45 31.86 0.17
C GLU A 34 18.95 31.99 1.60
N GLY A 35 18.89 30.89 2.34
CA GLY A 35 19.34 30.89 3.72
C GLY A 35 18.16 30.94 4.67
N ILE A 36 16.95 30.67 4.16
CA ILE A 36 15.77 30.72 5.01
C ILE A 36 15.51 29.34 5.64
N PRO A 37 15.55 29.23 6.96
CA PRO A 37 15.29 27.93 7.66
C PRO A 37 13.88 27.41 7.33
N PRO A 38 13.70 26.10 7.25
CA PRO A 38 12.37 25.50 6.94
C PRO A 38 11.26 26.05 7.84
N ASP A 39 11.58 26.23 9.12
CA ASP A 39 10.60 26.74 10.06
C ASP A 39 10.25 28.19 9.75
N GLN A 40 11.21 28.94 9.20
CA GLN A 40 10.98 30.34 8.87
C GLN A 40 10.32 30.49 7.51
N GLN A 41 10.24 29.40 6.74
CA GLN A 41 9.60 29.46 5.42
C GLN A 41 8.45 28.46 5.33
N ARG A 42 7.41 28.85 4.61
CA ARG A 42 6.27 27.97 4.42
C ARG A 42 5.97 27.85 2.94
N LEU A 43 5.81 26.61 2.47
CA LEU A 43 5.54 26.37 1.06
C LEU A 43 4.06 26.06 0.86
N ILE A 44 3.40 26.86 0.03
CA ILE A 44 1.98 26.65 -0.25
C ILE A 44 1.73 26.54 -1.75
N PHE A 45 1.08 25.48 -2.18
CA PHE A 45 0.81 25.27 -3.60
C PHE A 45 -0.70 25.28 -3.86
N ALA A 46 -1.14 26.23 -4.70
CA ALA A 46 -2.56 26.34 -5.04
C ALA A 46 -3.42 26.44 -3.78
N GLY A 47 -2.92 27.17 -2.78
CA GLY A 47 -3.67 27.32 -1.53
C GLY A 47 -3.60 26.05 -0.70
N LYS A 48 -2.68 25.15 -1.05
CA LYS A 48 -2.54 23.90 -0.33
C LYS A 48 -1.19 23.89 0.39
N GLN A 49 -1.22 24.06 1.71
CA GLN A 49 0.00 24.07 2.50
C GLN A 49 0.73 22.74 2.37
N LEU A 50 2.03 22.81 2.13
CA LEU A 50 2.83 21.60 1.99
C LEU A 50 3.28 21.10 3.36
N GLU A 51 2.57 20.08 3.87
CA GLU A 51 2.88 19.52 5.18
C GLU A 51 4.12 18.63 5.12
N ASP A 52 4.88 18.62 6.20
CA ASP A 52 6.09 17.81 6.25
C ASP A 52 5.72 16.33 6.14
N GLY A 53 6.64 15.56 5.59
CA GLY A 53 6.41 14.12 5.42
C GLY A 53 5.71 13.84 4.09
N ARG A 54 5.19 14.88 3.44
CA ARG A 54 4.52 14.71 2.16
C ARG A 54 5.50 14.87 1.02
N THR A 55 5.07 14.48 -0.18
CA THR A 55 5.91 14.59 -1.35
C THR A 55 5.30 15.57 -2.34
N LEU A 56 6.09 16.03 -3.31
CA LEU A 56 5.60 16.98 -4.29
C LEU A 56 4.46 16.37 -5.10
N SER A 57 4.58 15.09 -5.44
CA SER A 57 3.53 14.42 -6.21
C SER A 57 2.23 14.37 -5.41
N ASP A 58 2.35 14.44 -4.09
CA ASP A 58 1.18 14.41 -3.21
C ASP A 58 0.28 15.61 -3.50
N TYR A 59 0.91 16.74 -3.75
CA TYR A 59 0.18 17.97 -4.03
C TYR A 59 0.04 18.22 -5.53
N ASN A 60 0.33 17.18 -6.32
CA ASN A 60 0.21 17.31 -7.76
C ASN A 60 1.11 18.43 -8.26
N ILE A 61 2.32 18.50 -7.72
CA ILE A 61 3.27 19.53 -8.12
C ILE A 61 4.13 18.99 -9.26
N GLN A 62 4.02 19.63 -10.41
CA GLN A 62 4.78 19.21 -11.59
C GLN A 62 5.99 20.11 -11.79
N LYS A 63 6.74 19.84 -12.85
CA LYS A 63 7.92 20.64 -13.13
C LYS A 63 7.53 22.09 -13.38
N GLU A 64 8.37 23.00 -12.95
CA GLU A 64 8.14 24.42 -13.11
C GLU A 64 6.90 24.87 -12.34
N SER A 65 6.46 24.04 -11.39
CA SER A 65 5.30 24.39 -10.58
C SER A 65 5.63 25.58 -9.71
N THR A 66 4.76 26.58 -9.71
CA THR A 66 4.99 27.77 -8.91
C THR A 66 4.49 27.55 -7.49
N LEU A 67 5.35 27.82 -6.52
CA LEU A 67 5.01 27.64 -5.12
C LEU A 67 5.06 28.97 -4.39
N HIS A 68 4.18 29.14 -3.42
CA HIS A 68 4.14 30.37 -2.65
C HIS A 68 5.04 30.26 -1.43
N LEU A 69 6.06 31.09 -1.38
CA LEU A 69 7.00 31.08 -0.26
C LEU A 69 6.60 32.16 0.73
N VAL A 70 6.31 31.75 1.96
CA VAL A 70 5.91 32.71 2.98
C VAL A 70 6.91 32.73 4.12
N LEU A 71 7.36 33.93 4.49
CA LEU A 71 8.33 34.06 5.56
C LEU A 71 7.70 34.68 6.80
N ARG A 72 8.03 34.11 7.96
CA ARG A 72 7.48 34.62 9.21
C ARG A 72 8.10 35.95 9.57
N LEU A 73 7.42 36.72 10.42
CA LEU A 73 7.92 38.02 10.83
C LEU A 73 7.68 38.22 12.32
N ARG A 74 8.21 39.32 12.86
CA ARG A 74 8.05 39.61 14.28
C ARG A 74 7.28 40.91 14.48
N GLY A 75 6.42 40.92 15.49
CA GLY A 75 5.60 42.10 15.79
C GLY A 75 6.39 43.10 16.63
N GLY A 76 5.75 44.21 16.97
CA GLY A 76 6.38 45.24 17.77
C GLY A 76 5.43 45.77 18.85
N ASP A 77 5.99 46.34 19.90
CA ASP A 77 5.17 46.89 20.98
C ASP A 77 5.88 48.08 21.64
N MET B 1 -25.54 -4.93 -5.09
CA MET B 1 -24.32 -5.52 -4.47
C MET B 1 -23.54 -4.44 -3.77
N GLN B 2 -24.07 -3.99 -2.64
CA GLN B 2 -23.42 -2.95 -1.86
C GLN B 2 -22.06 -3.43 -1.38
N ILE B 3 -21.22 -2.48 -1.01
CA ILE B 3 -19.90 -2.78 -0.53
C ILE B 3 -19.51 -1.83 0.59
N PHE B 4 -18.81 -2.35 1.60
CA PHE B 4 -18.41 -1.53 2.73
C PHE B 4 -17.06 -0.88 2.49
N VAL B 5 -17.02 0.43 2.42
CA VAL B 5 -15.77 1.12 2.18
C VAL B 5 -15.15 1.57 3.50
N LYS B 6 -14.14 0.84 3.95
CA LYS B 6 -13.48 1.17 5.21
C LYS B 6 -12.40 2.21 4.98
N THR B 7 -12.50 3.33 5.69
CA THR B 7 -11.53 4.39 5.56
C THR B 7 -10.25 4.04 6.30
N LEU B 8 -9.35 5.01 6.40
CA LEU B 8 -8.09 4.78 7.08
C LEU B 8 -8.35 4.40 8.54
N THR B 9 -9.55 4.71 9.02
CA THR B 9 -9.93 4.40 10.39
C THR B 9 -11.07 3.38 10.41
N GLY B 10 -11.61 3.11 11.60
CA GLY B 10 -12.71 2.17 11.73
C GLY B 10 -13.94 2.62 10.94
N LYS B 11 -14.00 3.91 10.63
CA LYS B 11 -15.14 4.45 9.90
C LYS B 11 -15.36 3.64 8.61
N THR B 12 -16.61 3.25 8.39
CA THR B 12 -16.96 2.46 7.20
C THR B 12 -18.12 3.10 6.45
N ILE B 13 -18.06 3.07 5.13
CA ILE B 13 -19.08 3.68 4.29
C ILE B 13 -19.65 2.66 3.30
N THR B 14 -20.83 2.12 3.60
CA THR B 14 -21.44 1.14 2.71
C THR B 14 -22.12 1.84 1.53
N LEU B 15 -21.81 1.39 0.32
CA LEU B 15 -22.40 1.98 -0.87
C LEU B 15 -23.02 0.91 -1.77
N GLU B 16 -24.30 1.07 -2.08
CA GLU B 16 -25.00 0.12 -2.94
C GLU B 16 -24.46 0.19 -4.38
N VAL B 17 -23.80 -0.87 -4.82
CA VAL B 17 -23.23 -0.90 -6.17
C VAL B 17 -23.51 -2.23 -6.84
N GLU B 18 -23.31 -2.28 -8.16
CA GLU B 18 -23.54 -3.52 -8.90
C GLU B 18 -22.21 -4.06 -9.40
N PRO B 19 -22.12 -5.35 -9.63
CA PRO B 19 -20.85 -5.98 -10.10
C PRO B 19 -20.33 -5.34 -11.39
N SER B 20 -21.25 -5.05 -12.30
CA SER B 20 -20.89 -4.44 -13.57
C SER B 20 -20.45 -2.99 -13.38
N ASP B 21 -20.77 -2.43 -12.21
CA ASP B 21 -20.40 -1.06 -11.92
C ASP B 21 -18.90 -0.87 -12.04
N THR B 22 -18.49 0.23 -12.67
CA THR B 22 -17.07 0.51 -12.85
C THR B 22 -16.47 1.12 -11.58
N ILE B 23 -15.15 1.11 -11.51
CA ILE B 23 -14.46 1.66 -10.35
C ILE B 23 -14.73 3.16 -10.25
N GLU B 24 -14.78 3.83 -11.40
CA GLU B 24 -15.04 5.27 -11.44
C GLU B 24 -16.38 5.57 -10.79
N ASN B 25 -17.38 4.72 -11.05
CA ASN B 25 -18.69 4.92 -10.45
C ASN B 25 -18.62 4.78 -8.94
N VAL B 26 -17.90 3.77 -8.48
CA VAL B 26 -17.77 3.51 -7.05
C VAL B 26 -17.09 4.67 -6.32
N LYS B 27 -15.98 5.16 -6.86
CA LYS B 27 -15.29 6.27 -6.22
C LYS B 27 -16.19 7.49 -6.19
N ALA B 28 -17.04 7.62 -7.19
CA ALA B 28 -17.98 8.73 -7.26
C ALA B 28 -18.95 8.67 -6.08
N LYS B 29 -19.37 7.45 -5.75
CA LYS B 29 -20.29 7.26 -4.64
C LYS B 29 -19.62 7.76 -3.37
N ILE B 30 -18.32 7.49 -3.27
CA ILE B 30 -17.58 7.95 -2.09
C ILE B 30 -17.54 9.47 -2.07
N GLN B 31 -17.36 10.07 -3.24
CA GLN B 31 -17.31 11.53 -3.34
C GLN B 31 -18.61 12.14 -2.81
N ASP B 32 -19.74 11.50 -3.11
CA ASP B 32 -21.04 12.02 -2.67
C ASP B 32 -21.21 11.89 -1.15
N LYS B 33 -20.87 10.72 -0.60
CA LYS B 33 -21.02 10.50 0.85
C LYS B 33 -20.05 11.35 1.66
N GLU B 34 -18.83 11.45 1.17
CA GLU B 34 -17.81 12.23 1.84
C GLU B 34 -17.15 13.16 0.84
N GLY B 35 -16.71 14.32 1.31
CA GLY B 35 -16.06 15.26 0.42
C GLY B 35 -14.63 14.81 0.13
N ILE B 36 -14.51 13.61 -0.46
CA ILE B 36 -13.20 13.07 -0.78
C ILE B 36 -13.03 13.02 -2.31
N PRO B 37 -12.24 13.87 -2.89
CA PRO B 37 -12.03 13.89 -4.36
C PRO B 37 -11.49 12.53 -4.86
N PRO B 38 -11.76 12.17 -6.09
CA PRO B 38 -11.30 10.87 -6.64
C PRO B 38 -9.81 10.65 -6.43
N ASP B 39 -9.01 11.69 -6.62
CA ASP B 39 -7.57 11.57 -6.44
C ASP B 39 -7.21 11.35 -4.97
N GLN B 40 -7.92 12.05 -4.08
CA GLN B 40 -7.68 11.93 -2.65
C GLN B 40 -8.00 10.53 -2.17
N GLN B 41 -9.08 9.96 -2.70
CA GLN B 41 -9.47 8.61 -2.30
C GLN B 41 -8.91 7.56 -3.25
N ARG B 42 -8.53 6.42 -2.70
CA ARG B 42 -8.01 5.34 -3.51
C ARG B 42 -8.71 4.04 -3.12
N LEU B 43 -9.38 3.42 -4.09
CA LEU B 43 -10.11 2.18 -3.84
C LEU B 43 -9.21 0.98 -4.07
N ILE B 44 -9.04 0.14 -3.05
CA ILE B 44 -8.19 -1.03 -3.18
C ILE B 44 -8.92 -2.29 -2.67
N PHE B 45 -8.90 -3.35 -3.48
CA PHE B 45 -9.56 -4.60 -3.09
C PHE B 45 -8.78 -5.82 -3.59
N ALA B 46 -8.93 -6.94 -2.88
CA ALA B 46 -8.23 -8.17 -3.24
C ALA B 46 -6.72 -8.01 -3.01
N GLY B 47 -6.35 -7.02 -2.21
CA GLY B 47 -4.95 -6.77 -1.92
C GLY B 47 -4.31 -5.90 -3.00
N ARG B 48 -5.05 -5.64 -4.08
CA ARG B 48 -4.52 -4.82 -5.15
C ARG B 48 -5.44 -3.64 -5.42
N GLN B 49 -4.82 -2.53 -5.77
CA GLN B 49 -5.58 -1.31 -6.05
C GLN B 49 -6.50 -1.53 -7.24
N LEU B 50 -7.63 -0.84 -7.25
CA LEU B 50 -8.60 -0.99 -8.32
C LEU B 50 -8.28 -0.07 -9.48
N GLU B 51 -8.06 -0.66 -10.65
CA GLU B 51 -7.75 0.10 -11.85
C GLU B 51 -9.00 0.75 -12.41
N ASP B 52 -8.90 2.05 -12.70
CA ASP B 52 -10.04 2.78 -13.25
C ASP B 52 -10.43 2.22 -14.61
N GLY B 53 -11.73 2.07 -14.84
CA GLY B 53 -12.22 1.53 -16.10
C GLY B 53 -12.65 0.07 -15.95
N ARG B 54 -12.21 -0.58 -14.88
CA ARG B 54 -12.58 -1.97 -14.64
C ARG B 54 -13.88 -2.04 -13.85
N THR B 55 -14.47 -3.23 -13.80
CA THR B 55 -15.73 -3.42 -13.09
C THR B 55 -15.47 -4.07 -11.74
N LEU B 56 -16.48 -4.09 -10.88
CA LEU B 56 -16.32 -4.69 -9.57
C LEU B 56 -16.10 -6.20 -9.69
N SER B 57 -16.82 -6.82 -10.62
CA SER B 57 -16.69 -8.26 -10.81
C SER B 57 -15.28 -8.63 -11.27
N ASP B 58 -14.58 -7.67 -11.88
CA ASP B 58 -13.22 -7.93 -12.35
C ASP B 58 -12.30 -8.20 -11.16
N TYR B 59 -12.65 -7.62 -10.01
CA TYR B 59 -11.87 -7.79 -8.80
C TYR B 59 -12.55 -8.74 -7.82
N ASN B 60 -13.53 -9.49 -8.31
CA ASN B 60 -14.25 -10.44 -7.46
C ASN B 60 -14.82 -9.72 -6.25
N ILE B 61 -15.34 -8.51 -6.46
CA ILE B 61 -15.93 -7.73 -5.38
C ILE B 61 -17.40 -8.08 -5.25
N GLN B 62 -17.71 -8.90 -4.24
CA GLN B 62 -19.09 -9.32 -4.01
C GLN B 62 -19.80 -8.37 -3.07
N LYS B 63 -21.04 -8.68 -2.76
CA LYS B 63 -21.82 -7.83 -1.87
C LYS B 63 -21.21 -7.84 -0.48
N GLU B 64 -21.29 -6.72 0.20
CA GLU B 64 -20.74 -6.58 1.54
C GLU B 64 -19.22 -6.68 1.53
N SER B 65 -18.61 -6.67 0.35
CA SER B 65 -17.15 -6.73 0.27
C SER B 65 -16.57 -5.48 0.91
N THR B 66 -15.53 -5.67 1.72
CA THR B 66 -14.91 -4.53 2.37
C THR B 66 -13.81 -3.98 1.49
N LEU B 67 -14.02 -2.76 0.98
CA LEU B 67 -13.04 -2.13 0.13
C LEU B 67 -12.16 -1.21 0.95
N HIS B 68 -10.86 -1.24 0.68
CA HIS B 68 -9.92 -0.41 1.42
C HIS B 68 -9.85 0.98 0.78
N LEU B 69 -10.07 2.00 1.59
CA LEU B 69 -10.04 3.37 1.10
C LEU B 69 -8.83 4.10 1.69
N VAL B 70 -8.00 4.66 0.82
CA VAL B 70 -6.81 5.38 1.28
C VAL B 70 -6.96 6.86 0.98
N LEU B 71 -6.72 7.69 1.99
CA LEU B 71 -6.84 9.14 1.83
C LEU B 71 -5.45 9.78 1.79
N ARG B 72 -5.24 10.68 0.83
CA ARG B 72 -3.96 11.35 0.71
C ARG B 72 -3.92 12.63 1.53
N LEU B 73 -4.67 13.64 1.08
CA LEU B 73 -4.73 14.91 1.80
C LEU B 73 -6.11 15.55 1.64
N ARG B 74 -6.62 16.13 2.72
CA ARG B 74 -7.93 16.76 2.67
C ARG B 74 -7.94 17.96 1.74
N GLY B 75 -9.01 18.10 0.97
CA GLY B 75 -9.11 19.22 0.02
C GLY B 75 -8.36 18.91 -1.28
N GLY B 76 -7.78 17.72 -1.38
CA GLY B 76 -7.04 17.35 -2.58
C GLY B 76 -5.64 17.95 -2.59
N ASN C 24 10.65 1.83 -0.76
CA ASN C 24 10.81 2.38 0.61
C ASN C 24 11.46 1.32 1.49
N LYS C 25 11.29 1.45 2.81
CA LYS C 25 11.88 0.50 3.74
C LYS C 25 11.16 -0.85 3.62
N TYR C 26 11.94 -1.92 3.73
CA TYR C 26 11.39 -3.26 3.65
C TYR C 26 11.11 -3.79 5.04
N LEU C 27 9.83 -3.98 5.33
CA LEU C 27 9.42 -4.48 6.60
C LEU C 27 9.89 -5.90 6.82
N VAL C 28 9.87 -6.69 5.75
CA VAL C 28 10.32 -8.08 5.86
C VAL C 28 10.89 -8.54 4.53
N GLU C 29 11.63 -9.62 4.55
CA GLU C 29 12.23 -10.15 3.34
C GLU C 29 12.91 -11.48 3.61
N PHE C 30 12.48 -12.49 2.87
CA PHE C 30 13.06 -13.81 3.01
C PHE C 30 12.92 -14.62 1.73
N ARG C 31 13.74 -15.64 1.57
CA ARG C 31 13.70 -16.46 0.36
C ARG C 31 12.49 -17.38 0.38
N ALA C 32 11.64 -17.26 -0.62
CA ALA C 32 10.46 -18.10 -0.72
C ALA C 32 9.98 -18.19 -2.15
N GLY C 33 9.54 -19.38 -2.54
CA GLY C 33 9.03 -19.60 -3.89
C GLY C 33 7.51 -19.72 -3.88
N LYS C 34 6.90 -19.46 -5.03
CA LYS C 34 5.44 -19.53 -5.17
C LYS C 34 5.00 -20.92 -5.64
N MET C 35 3.78 -21.31 -5.31
CA MET C 35 3.25 -22.61 -5.72
C MET C 35 1.90 -22.42 -6.42
N SER C 36 1.33 -23.52 -6.94
CA SER C 36 0.04 -23.40 -7.63
C SER C 36 -0.96 -24.39 -7.05
N LEU C 37 -2.19 -23.94 -6.89
CA LEU C 37 -3.23 -24.80 -6.37
C LEU C 37 -4.33 -24.99 -7.42
N LYS C 38 -4.52 -26.23 -7.82
CA LYS C 38 -5.55 -26.56 -8.79
C LYS C 38 -6.55 -27.53 -8.17
N GLY C 39 -7.76 -27.07 -7.94
CA GLY C 39 -8.78 -27.91 -7.32
C GLY C 39 -8.42 -28.17 -5.86
N THR C 40 -7.88 -29.35 -5.59
CA THR C 40 -7.49 -29.71 -4.23
C THR C 40 -6.05 -30.19 -4.19
N THR C 41 -5.26 -29.81 -5.20
CA THR C 41 -3.85 -30.22 -5.23
C THR C 41 -2.95 -28.99 -5.34
N VAL C 42 -1.95 -28.93 -4.46
CA VAL C 42 -1.01 -27.80 -4.46
C VAL C 42 0.34 -28.30 -4.95
N THR C 43 0.85 -27.70 -6.03
CA THR C 43 2.14 -28.11 -6.57
C THR C 43 3.16 -26.98 -6.42
N PRO C 44 4.36 -27.26 -5.96
CA PRO C 44 5.42 -26.21 -5.78
C PRO C 44 6.04 -25.79 -7.11
N ASP C 45 6.31 -24.50 -7.24
CA ASP C 45 6.92 -24.00 -8.45
C ASP C 45 8.42 -23.83 -8.22
N LYS C 46 9.19 -24.09 -9.27
CA LYS C 46 10.63 -23.98 -9.18
C LYS C 46 11.08 -22.53 -9.32
N ARG C 47 10.14 -21.62 -9.61
CA ARG C 47 10.47 -20.21 -9.75
C ARG C 47 10.74 -19.60 -8.39
N LYS C 48 11.81 -20.05 -7.75
CA LYS C 48 12.19 -19.56 -6.44
C LYS C 48 12.19 -18.04 -6.46
N GLY C 49 11.56 -17.44 -5.46
CA GLY C 49 11.51 -15.99 -5.39
C GLY C 49 11.88 -15.49 -4.01
N LEU C 50 11.44 -14.28 -3.71
CA LEU C 50 11.70 -13.66 -2.43
C LEU C 50 10.44 -12.96 -1.96
N VAL C 51 10.01 -13.26 -0.76
CA VAL C 51 8.82 -12.63 -0.24
C VAL C 51 9.22 -11.51 0.68
N TYR C 52 8.98 -10.28 0.24
CA TYR C 52 9.35 -9.14 1.07
C TYR C 52 8.21 -8.13 1.16
N ILE C 53 8.21 -7.38 2.25
CA ILE C 53 7.19 -6.38 2.51
C ILE C 53 7.80 -5.00 2.56
N GLN C 54 7.13 -4.03 1.94
CA GLN C 54 7.63 -2.65 1.93
C GLN C 54 6.50 -1.69 2.23
N GLN C 55 6.74 -0.76 3.14
CA GLN C 55 5.72 0.22 3.48
C GLN C 55 6.01 1.53 2.78
N THR C 56 5.03 2.01 2.03
CA THR C 56 5.20 3.27 1.32
C THR C 56 4.85 4.45 2.19
N ASP C 57 5.17 5.63 1.70
CA ASP C 57 4.88 6.85 2.43
C ASP C 57 3.37 6.98 2.65
N ASP C 58 2.59 6.17 1.92
CA ASP C 58 1.14 6.22 2.05
C ASP C 58 0.69 5.35 3.22
N SER C 59 1.66 4.73 3.91
CA SER C 59 1.35 3.85 5.04
C SER C 59 0.65 2.60 4.56
N LEU C 60 0.81 2.30 3.29
CA LEU C 60 0.23 1.12 2.70
C LEU C 60 1.30 0.07 2.59
N ILE C 61 1.02 -1.09 3.15
CA ILE C 61 1.98 -2.16 3.14
C ILE C 61 1.95 -2.85 1.81
N HIS C 62 3.09 -2.92 1.18
CA HIS C 62 3.19 -3.54 -0.13
C HIS C 62 3.76 -4.95 -0.02
N PHE C 63 2.94 -5.94 -0.39
CA PHE C 63 3.36 -7.32 -0.36
C PHE C 63 3.88 -7.68 -1.73
N CYS C 64 5.18 -7.85 -1.85
CA CYS C 64 5.76 -8.15 -3.14
C CYS C 64 6.51 -9.47 -3.17
N TRP C 65 6.48 -10.10 -4.33
CA TRP C 65 7.16 -11.37 -4.55
C TRP C 65 8.03 -11.23 -5.78
N LYS C 66 9.33 -11.30 -5.56
CA LYS C 66 10.28 -11.16 -6.64
C LYS C 66 10.91 -12.50 -7.00
N ASP C 67 10.96 -12.80 -8.29
CA ASP C 67 11.56 -14.04 -8.73
C ASP C 67 13.07 -13.94 -8.62
N ARG C 68 13.68 -14.97 -8.04
CA ARG C 68 15.14 -14.99 -7.88
C ARG C 68 15.84 -15.24 -9.21
N THR C 69 15.08 -15.77 -10.18
CA THR C 69 15.63 -16.07 -11.49
C THR C 69 16.16 -14.81 -12.17
N SER C 70 15.38 -13.74 -12.13
CA SER C 70 15.80 -12.49 -12.74
C SER C 70 15.95 -11.41 -11.67
N GLY C 71 15.41 -11.69 -10.49
CA GLY C 71 15.48 -10.75 -9.39
C GLY C 71 14.53 -9.57 -9.62
N ASN C 72 13.51 -9.80 -10.45
CA ASN C 72 12.53 -8.77 -10.73
C ASN C 72 11.26 -9.01 -9.95
N VAL C 73 10.62 -7.94 -9.52
CA VAL C 73 9.39 -8.06 -8.76
C VAL C 73 8.25 -8.45 -9.68
N GLU C 74 7.80 -9.69 -9.56
CA GLU C 74 6.71 -10.17 -10.39
C GLU C 74 5.37 -9.88 -9.76
N ASP C 75 5.34 -9.78 -8.43
CA ASP C 75 4.07 -9.50 -7.75
C ASP C 75 4.21 -8.31 -6.80
N ASP C 76 3.15 -7.51 -6.71
CA ASP C 76 3.15 -6.35 -5.83
C ASP C 76 1.72 -5.93 -5.49
N LEU C 77 1.24 -6.36 -4.32
CA LEU C 77 -0.12 -6.02 -3.91
C LEU C 77 -0.13 -5.40 -2.52
N ILE C 78 -0.88 -4.32 -2.38
CA ILE C 78 -0.98 -3.65 -1.10
C ILE C 78 -1.89 -4.44 -0.17
N ILE C 79 -1.37 -4.75 1.01
CA ILE C 79 -2.15 -5.51 1.97
C ILE C 79 -2.48 -4.67 3.19
N PHE C 80 -3.77 -4.58 3.49
CA PHE C 80 -4.25 -3.80 4.63
C PHE C 80 -4.36 -4.65 5.88
N PRO C 81 -4.44 -4.04 7.03
CA PRO C 81 -4.55 -4.79 8.32
C PRO C 81 -5.75 -5.73 8.32
N ASP C 82 -5.54 -6.94 8.81
CA ASP C 82 -6.61 -7.94 8.86
C ASP C 82 -7.13 -8.28 7.47
N ASP C 83 -6.46 -7.78 6.42
CA ASP C 83 -6.89 -8.07 5.05
C ASP C 83 -6.56 -9.50 4.67
N CYS C 84 -5.43 -9.99 5.16
CA CYS C 84 -5.02 -11.35 4.87
C CYS C 84 -4.33 -11.97 6.06
N GLU C 85 -4.18 -13.27 6.01
CA GLU C 85 -3.57 -14.03 7.08
C GLU C 85 -2.42 -14.88 6.57
N PHE C 86 -1.27 -14.75 7.20
CA PHE C 86 -0.10 -15.54 6.81
C PHE C 86 0.09 -16.67 7.81
N LYS C 87 0.02 -17.91 7.32
CA LYS C 87 0.15 -19.07 8.21
C LYS C 87 0.80 -20.25 7.53
N ARG C 88 1.21 -21.24 8.32
CA ARG C 88 1.84 -22.42 7.77
C ARG C 88 0.77 -23.38 7.23
N VAL C 89 1.18 -24.28 6.35
CA VAL C 89 0.25 -25.24 5.76
C VAL C 89 0.57 -26.65 6.25
N PRO C 90 -0.01 -27.08 7.35
CA PRO C 90 0.25 -28.44 7.90
C PRO C 90 -0.51 -29.52 7.15
N GLN C 91 -0.23 -29.65 5.86
CA GLN C 91 -0.87 -30.67 5.03
C GLN C 91 0.15 -31.70 4.57
N CYS C 92 1.35 -31.22 4.23
CA CYS C 92 2.41 -32.11 3.76
C CYS C 92 3.70 -31.83 4.52
N PRO C 93 3.81 -32.30 5.73
CA PRO C 93 5.03 -32.10 6.56
C PRO C 93 6.28 -32.59 5.86
N SER C 94 7.30 -31.74 5.82
CA SER C 94 8.58 -32.08 5.18
C SER C 94 9.44 -30.84 5.06
N GLY C 95 8.82 -29.73 4.64
CA GLY C 95 9.55 -28.48 4.47
C GLY C 95 8.78 -27.31 5.07
N ARG C 96 9.13 -26.10 4.63
CA ARG C 96 8.47 -24.90 5.13
C ARG C 96 7.48 -24.37 4.09
N VAL C 97 6.19 -24.56 4.36
CA VAL C 97 5.14 -24.10 3.46
C VAL C 97 4.15 -23.19 4.18
N TYR C 98 3.91 -22.02 3.61
CA TYR C 98 2.99 -21.06 4.18
C TYR C 98 1.96 -20.64 3.15
N VAL C 99 0.79 -20.25 3.64
CA VAL C 99 -0.29 -19.83 2.76
C VAL C 99 -0.82 -18.47 3.18
N LEU C 100 -1.09 -17.62 2.20
CA LEU C 100 -1.62 -16.30 2.48
C LEU C 100 -3.11 -16.33 2.23
N LYS C 101 -3.88 -16.11 3.28
CA LYS C 101 -5.34 -16.13 3.16
C LYS C 101 -5.90 -14.74 3.17
N PHE C 102 -6.36 -14.27 2.04
CA PHE C 102 -6.95 -12.96 1.97
C PHE C 102 -8.33 -13.03 2.58
N LYS C 103 -8.46 -12.49 3.77
CA LYS C 103 -9.72 -12.52 4.46
C LYS C 103 -10.78 -11.79 3.66
N ALA C 104 -10.38 -10.70 3.03
CA ALA C 104 -11.33 -9.92 2.24
C ALA C 104 -11.15 -10.14 0.74
N GLY C 105 -9.97 -10.59 0.35
CA GLY C 105 -9.68 -10.83 -1.06
C GLY C 105 -10.28 -12.15 -1.53
N SER C 106 -10.68 -13.01 -0.58
CA SER C 106 -11.26 -14.30 -0.92
C SER C 106 -10.29 -15.10 -1.80
N LYS C 107 -9.02 -14.75 -1.75
CA LYS C 107 -8.00 -15.45 -2.54
C LYS C 107 -6.96 -16.07 -1.62
N ARG C 108 -6.32 -17.15 -2.09
CA ARG C 108 -5.31 -17.81 -1.29
C ARG C 108 -4.04 -18.05 -2.12
N LEU C 109 -2.88 -17.79 -1.51
CA LEU C 109 -1.61 -17.98 -2.20
C LEU C 109 -0.76 -18.98 -1.45
N PHE C 110 0.04 -19.75 -2.18
CA PHE C 110 0.91 -20.75 -1.56
C PHE C 110 2.38 -20.40 -1.76
N PHE C 111 3.16 -20.45 -0.67
CA PHE C 111 4.57 -20.15 -0.74
C PHE C 111 5.37 -21.15 0.06
N TRP C 112 6.63 -21.31 -0.30
CA TRP C 112 7.52 -22.21 0.42
C TRP C 112 8.84 -21.49 0.65
N MET C 113 9.37 -21.60 1.86
CA MET C 113 10.61 -20.90 2.18
C MET C 113 11.82 -21.70 1.73
N GLN C 114 12.78 -21.01 1.14
CA GLN C 114 14.00 -21.64 0.68
C GLN C 114 15.14 -21.39 1.68
N GLU C 115 14.81 -20.91 2.87
CA GLU C 115 15.82 -20.65 3.87
C GLU C 115 16.40 -21.98 4.39
N PRO C 116 17.71 -22.14 4.42
CA PRO C 116 18.33 -23.41 4.90
C PRO C 116 17.88 -23.78 6.30
N LYS C 117 17.73 -22.76 7.15
CA LYS C 117 17.31 -22.98 8.52
C LYS C 117 15.98 -22.28 8.80
N THR C 118 15.16 -22.90 9.64
CA THR C 118 13.88 -22.32 10.00
C THR C 118 13.99 -21.46 11.25
N ASP C 119 15.20 -21.35 11.78
CA ASP C 119 15.44 -20.55 12.97
C ASP C 119 15.03 -19.10 12.70
N GLN C 120 14.97 -18.73 11.43
CA GLN C 120 14.57 -17.38 11.07
C GLN C 120 13.24 -17.38 10.33
N ASP C 121 12.82 -18.54 9.86
CA ASP C 121 11.56 -18.66 9.14
C ASP C 121 10.39 -18.26 10.03
N GLU C 122 10.45 -18.68 11.29
CA GLU C 122 9.38 -18.35 12.21
C GLU C 122 9.28 -16.85 12.42
N GLU C 123 10.42 -16.21 12.54
CA GLU C 123 10.47 -14.77 12.74
C GLU C 123 9.91 -14.04 11.53
N HIS C 124 10.27 -14.51 10.35
CA HIS C 124 9.81 -13.92 9.11
C HIS C 124 8.32 -14.07 9.00
N CYS C 125 7.88 -15.24 9.40
CA CYS C 125 6.47 -15.57 9.39
C CYS C 125 5.74 -14.62 10.33
N ARG C 126 6.32 -14.42 11.52
CA ARG C 126 5.72 -13.54 12.51
C ARG C 126 5.69 -12.11 11.99
N LYS C 127 6.79 -11.68 11.40
CA LYS C 127 6.89 -10.34 10.86
C LYS C 127 5.89 -10.12 9.75
N VAL C 128 5.71 -11.12 8.90
CA VAL C 128 4.77 -10.98 7.81
C VAL C 128 3.38 -10.72 8.37
N ASN C 129 2.97 -11.51 9.35
CA ASN C 129 1.65 -11.33 9.96
C ASN C 129 1.57 -10.02 10.70
N GLU C 130 2.66 -9.65 11.37
CA GLU C 130 2.65 -8.42 12.16
C GLU C 130 2.76 -7.19 11.26
N TYR C 131 3.29 -7.37 10.06
CA TYR C 131 3.42 -6.23 9.15
C TYR C 131 2.18 -6.10 8.29
N LEU C 132 1.51 -7.22 8.05
CA LEU C 132 0.30 -7.20 7.23
C LEU C 132 -0.95 -7.04 8.08
N ASN C 133 -0.83 -7.31 9.38
CA ASN C 133 -1.97 -7.17 10.27
C ASN C 133 -1.70 -6.11 11.31
N ASN C 134 -0.44 -5.75 11.49
CA ASN C 134 -0.09 -4.73 12.48
C ASN C 134 0.98 -3.79 11.95
N PRO C 135 0.68 -3.04 10.94
CA PRO C 135 1.63 -2.08 10.33
C PRO C 135 1.93 -0.89 11.23
N PRO C 136 3.05 -0.24 11.05
CA PRO C 136 3.44 0.93 11.88
C PRO C 136 2.69 2.20 11.47
N GLN D 5 24.51 -24.38 0.07
CA GLN D 5 23.61 -24.84 1.18
C GLN D 5 22.21 -24.29 0.97
N GLU D 6 21.45 -24.91 0.07
CA GLU D 6 20.09 -24.46 -0.22
C GLU D 6 19.10 -25.63 -0.08
N PRO D 7 18.00 -25.48 0.64
CA PRO D 7 17.01 -26.57 0.81
C PRO D 7 16.19 -26.79 -0.46
N GLU D 8 15.81 -28.04 -0.71
CA GLU D 8 15.02 -28.35 -1.89
C GLU D 8 13.56 -27.90 -1.67
N PRO D 9 12.84 -27.60 -2.73
CA PRO D 9 11.42 -27.15 -2.63
C PRO D 9 10.48 -28.28 -2.20
N PRO D 10 9.33 -27.96 -1.66
CA PRO D 10 8.34 -28.99 -1.22
C PRO D 10 7.91 -29.90 -2.38
N GLU D 11 6.93 -30.74 -2.12
CA GLU D 11 6.43 -31.65 -3.14
C GLU D 11 4.91 -31.54 -3.25
N PRO D 12 4.33 -31.93 -4.35
CA PRO D 12 2.85 -31.84 -4.55
C PRO D 12 2.07 -32.60 -3.48
N PHE D 13 0.95 -32.05 -3.05
CA PHE D 13 0.13 -32.70 -2.03
C PHE D 13 -1.31 -32.20 -2.13
N GLU D 14 -2.22 -32.92 -1.46
CA GLU D 14 -3.62 -32.53 -1.47
C GLU D 14 -3.91 -31.51 -0.38
N TYR D 15 -4.66 -30.48 -0.74
CA TYR D 15 -5.03 -29.43 0.21
C TYR D 15 -6.52 -29.43 0.43
N ILE D 16 -6.91 -29.46 1.70
CA ILE D 16 -8.32 -29.47 2.04
C ILE D 16 -8.57 -28.47 3.15
N ASP D 17 -9.45 -27.51 2.91
CA ASP D 17 -9.74 -26.51 3.92
C ASP D 17 -10.71 -27.06 4.95
N ASP D 18 -10.17 -27.75 5.95
CA ASP D 18 -10.99 -28.33 7.00
C ASP D 18 -10.89 -27.50 8.28
N MET A 1 0.36 10.52 22.38
CA MET A 1 1.41 10.54 21.33
C MET A 1 1.89 11.96 21.15
N GLN A 2 2.66 12.43 22.10
CA GLN A 2 3.20 13.77 22.05
C GLN A 2 4.12 13.93 20.86
N ILE A 3 4.32 15.17 20.45
CA ILE A 3 5.16 15.47 19.30
C ILE A 3 6.01 16.70 19.58
N PHE A 4 7.23 16.68 19.07
CA PHE A 4 8.14 17.79 19.29
C PHE A 4 7.97 18.87 18.23
N VAL A 5 7.72 20.11 18.66
CA VAL A 5 7.57 21.21 17.71
C VAL A 5 8.74 22.17 17.83
N LYS A 6 9.52 22.29 16.77
CA LYS A 6 10.69 23.16 16.80
C LYS A 6 10.37 24.49 16.11
N THR A 7 10.64 25.59 16.80
CA THR A 7 10.38 26.92 16.24
C THR A 7 11.57 27.42 15.43
N LEU A 8 11.42 28.62 14.87
CA LEU A 8 12.47 29.22 14.07
C LEU A 8 13.72 29.45 14.91
N THR A 9 13.49 29.83 16.16
CA THR A 9 14.59 30.09 17.08
C THR A 9 15.33 28.81 17.44
N GLY A 10 14.73 27.67 17.10
CA GLY A 10 15.33 26.38 17.40
C GLY A 10 14.74 25.76 18.67
N LYS A 11 13.99 26.56 19.42
CA LYS A 11 13.37 26.07 20.64
C LYS A 11 12.38 24.96 20.33
N THR A 12 12.47 23.86 21.05
CA THR A 12 11.58 22.73 20.82
C THR A 12 10.56 22.61 21.96
N ILE A 13 9.31 22.46 21.58
CA ILE A 13 8.23 22.35 22.55
C ILE A 13 7.39 21.10 22.29
N THR A 14 7.56 20.07 23.12
CA THR A 14 6.80 18.85 22.94
C THR A 14 5.38 19.06 23.42
N LEU A 15 4.42 18.66 22.59
CA LEU A 15 3.01 18.81 22.93
C LEU A 15 2.31 17.46 22.89
N GLU A 16 1.59 17.12 23.96
CA GLU A 16 0.88 15.85 24.01
C GLU A 16 -0.31 15.85 23.07
N VAL A 17 -0.26 14.98 22.07
CA VAL A 17 -1.33 14.86 21.11
C VAL A 17 -1.62 13.40 20.78
N GLU A 18 -2.76 13.14 20.15
CA GLU A 18 -3.13 11.78 19.77
C GLU A 18 -3.01 11.61 18.26
N PRO A 19 -2.81 10.41 17.80
CA PRO A 19 -2.67 10.14 16.34
C PRO A 19 -3.87 10.66 15.54
N SER A 20 -5.06 10.54 16.12
CA SER A 20 -6.28 11.00 15.46
C SER A 20 -6.45 12.52 15.64
N ASP A 21 -5.60 13.13 16.46
CA ASP A 21 -5.68 14.57 16.71
C ASP A 21 -5.55 15.36 15.42
N THR A 22 -6.38 16.39 15.28
CA THR A 22 -6.35 17.22 14.08
C THR A 22 -5.19 18.22 14.14
N ILE A 23 -4.83 18.75 12.98
CA ILE A 23 -3.74 19.71 12.89
C ILE A 23 -4.11 20.98 13.67
N GLU A 24 -5.37 21.38 13.56
CA GLU A 24 -5.85 22.57 14.24
C GLU A 24 -5.66 22.41 15.74
N ASN A 25 -5.92 21.20 16.25
CA ASN A 25 -5.76 20.94 17.66
C ASN A 25 -4.31 21.14 18.10
N VAL A 26 -3.40 20.65 17.27
CA VAL A 26 -1.97 20.79 17.55
C VAL A 26 -1.59 22.27 17.60
N LYS A 27 -2.11 23.03 16.65
CA LYS A 27 -1.84 24.46 16.58
C LYS A 27 -2.28 25.14 17.87
N ALA A 28 -3.42 24.74 18.41
CA ALA A 28 -3.92 25.32 19.66
C ALA A 28 -2.92 25.09 20.78
N LYS A 29 -2.36 23.89 20.82
CA LYS A 29 -1.38 23.58 21.85
C LYS A 29 -0.21 24.55 21.73
N ILE A 30 0.16 24.86 20.49
CA ILE A 30 1.25 25.79 20.26
C ILE A 30 0.87 27.19 20.77
N GLN A 31 -0.39 27.57 20.54
CA GLN A 31 -0.86 28.88 20.98
C GLN A 31 -0.73 29.04 22.49
N ASP A 32 -1.05 27.98 23.24
CA ASP A 32 -0.96 28.03 24.71
C ASP A 32 0.49 28.09 25.18
N LYS A 33 1.33 27.18 24.69
CA LYS A 33 2.73 27.12 25.09
C LYS A 33 3.50 28.38 24.68
N GLU A 34 3.23 28.85 23.47
CA GLU A 34 3.90 30.04 22.97
C GLU A 34 2.87 31.00 22.39
N GLY A 35 3.15 32.28 22.46
CA GLY A 35 2.22 33.27 21.95
C GLY A 35 2.24 33.31 20.43
N ILE A 36 1.84 32.20 19.80
CA ILE A 36 1.80 32.13 18.35
C ILE A 36 0.36 31.95 17.85
N PRO A 37 -0.18 32.85 17.06
CA PRO A 37 -1.58 32.72 16.56
C PRO A 37 -1.69 31.62 15.50
N PRO A 38 -2.86 31.12 15.26
CA PRO A 38 -3.07 30.03 14.26
C PRO A 38 -2.63 30.43 12.86
N ASP A 39 -2.74 31.71 12.54
CA ASP A 39 -2.32 32.20 11.23
C ASP A 39 -0.80 32.05 11.08
N GLN A 40 -0.08 32.39 12.14
CA GLN A 40 1.38 32.30 12.13
C GLN A 40 1.85 30.89 12.46
N GLN A 41 0.94 30.03 12.92
CA GLN A 41 1.33 28.67 13.26
C GLN A 41 1.40 27.81 12.01
N ARG A 42 2.56 27.83 11.35
CA ARG A 42 2.73 27.01 10.17
C ARG A 42 3.43 25.71 10.55
N LEU A 43 2.66 24.64 10.60
CA LEU A 43 3.19 23.34 10.97
C LEU A 43 3.53 22.54 9.72
N ILE A 44 4.81 22.18 9.58
CA ILE A 44 5.25 21.42 8.43
C ILE A 44 5.99 20.16 8.90
N PHE A 45 5.56 19.01 8.39
CA PHE A 45 6.19 17.74 8.78
C PHE A 45 6.59 16.94 7.54
N ALA A 46 7.83 16.47 7.51
CA ALA A 46 8.32 15.70 6.38
C ALA A 46 8.31 16.54 5.11
N GLY A 47 8.46 17.85 5.27
CA GLY A 47 8.48 18.75 4.12
C GLY A 47 7.08 18.96 3.56
N LYS A 48 6.06 18.58 4.33
CA LYS A 48 4.69 18.72 3.87
C LYS A 48 3.91 19.65 4.82
N GLN A 49 3.18 20.59 4.25
CA GLN A 49 2.41 21.52 5.05
C GLN A 49 1.19 20.81 5.64
N LEU A 50 0.97 20.99 6.94
CA LEU A 50 -0.17 20.34 7.60
C LEU A 50 -1.44 21.15 7.35
N GLU A 51 -2.22 20.72 6.36
CA GLU A 51 -3.46 21.41 6.03
C GLU A 51 -4.51 21.21 7.12
N ASP A 52 -5.25 22.27 7.42
CA ASP A 52 -6.27 22.19 8.44
C ASP A 52 -7.32 21.14 8.08
N GLY A 53 -7.81 20.44 9.08
CA GLY A 53 -8.82 19.40 8.85
C GLY A 53 -8.16 18.02 8.80
N ARG A 54 -6.85 17.99 8.59
CA ARG A 54 -6.13 16.72 8.54
C ARG A 54 -5.76 16.28 9.95
N THR A 55 -5.25 15.05 10.06
CA THR A 55 -4.86 14.51 11.35
C THR A 55 -3.38 14.19 11.35
N LEU A 56 -2.81 13.96 12.54
CA LEU A 56 -1.40 13.65 12.64
C LEU A 56 -1.08 12.35 11.91
N SER A 57 -1.98 11.38 12.04
CA SER A 57 -1.79 10.08 11.38
C SER A 57 -1.77 10.24 9.86
N ASP A 58 -2.45 11.27 9.35
CA ASP A 58 -2.49 11.50 7.91
C ASP A 58 -1.09 11.75 7.38
N TYR A 59 -0.29 12.44 8.18
CA TYR A 59 1.08 12.76 7.81
C TYR A 59 2.08 11.75 8.39
N ASN A 60 1.56 10.63 8.88
CA ASN A 60 2.42 9.61 9.47
C ASN A 60 3.25 10.20 10.60
N ILE A 61 2.62 11.05 11.41
CA ILE A 61 3.32 11.66 12.53
C ILE A 61 3.18 10.80 13.77
N GLN A 62 4.29 10.27 14.24
CA GLN A 62 4.30 9.40 15.41
C GLN A 62 4.72 10.19 16.64
N LYS A 63 4.86 9.50 17.75
CA LYS A 63 5.25 10.15 19.00
C LYS A 63 6.66 10.72 18.87
N GLU A 64 6.93 11.81 19.58
CA GLU A 64 8.25 12.43 19.55
C GLU A 64 8.67 12.77 18.12
N SER A 65 7.73 13.29 17.34
CA SER A 65 8.02 13.66 15.96
C SER A 65 8.34 15.14 15.88
N THR A 66 9.50 15.46 15.33
CA THR A 66 9.91 16.85 15.20
C THR A 66 9.14 17.53 14.07
N LEU A 67 8.53 18.67 14.38
CA LEU A 67 7.76 19.41 13.40
C LEU A 67 8.37 20.78 13.18
N HIS A 68 8.32 21.25 11.94
CA HIS A 68 8.89 22.55 11.62
C HIS A 68 7.81 23.64 11.79
N LEU A 69 8.00 24.49 12.78
CA LEU A 69 7.06 25.57 13.04
C LEU A 69 7.60 26.88 12.48
N VAL A 70 6.85 27.47 11.56
CA VAL A 70 7.27 28.72 10.94
C VAL A 70 6.28 29.82 11.28
N LEU A 71 6.80 30.97 11.67
CA LEU A 71 5.95 32.09 12.03
C LEU A 71 5.71 32.98 10.82
N ARG A 72 4.45 33.19 10.47
CA ARG A 72 4.11 34.01 9.32
C ARG A 72 4.38 35.49 9.62
N LEU A 73 5.05 36.15 8.69
CA LEU A 73 5.37 37.57 8.87
C LEU A 73 4.67 38.41 7.80
N ARG A 74 4.18 39.58 8.21
CA ARG A 74 3.48 40.46 7.28
C ARG A 74 4.47 41.17 6.36
N GLY A 75 4.07 41.38 5.12
CA GLY A 75 4.93 42.04 4.14
C GLY A 75 4.85 43.56 4.28
N GLY A 76 5.61 44.27 3.46
CA GLY A 76 5.62 45.72 3.50
C GLY A 76 4.23 46.28 3.19
N ASP A 77 3.56 45.67 2.22
CA ASP A 77 2.23 46.11 1.84
C ASP A 77 1.25 44.94 1.85
N MET B 1 -25.92 -4.79 -4.96
CA MET B 1 -24.69 -5.39 -4.38
C MET B 1 -23.88 -4.29 -3.71
N GLN B 2 -24.31 -3.91 -2.51
CA GLN B 2 -23.62 -2.88 -1.76
C GLN B 2 -22.27 -3.37 -1.30
N ILE B 3 -21.39 -2.42 -1.01
CA ILE B 3 -20.06 -2.74 -0.56
C ILE B 3 -19.66 -1.78 0.57
N PHE B 4 -18.88 -2.27 1.50
CA PHE B 4 -18.45 -1.45 2.63
C PHE B 4 -17.10 -0.81 2.35
N VAL B 5 -17.03 0.50 2.40
CA VAL B 5 -15.77 1.19 2.15
C VAL B 5 -15.17 1.69 3.45
N LYS B 6 -14.04 1.11 3.84
CA LYS B 6 -13.39 1.51 5.08
C LYS B 6 -12.26 2.50 4.81
N THR B 7 -12.27 3.61 5.54
CA THR B 7 -11.25 4.63 5.38
C THR B 7 -10.02 4.34 6.24
N LEU B 8 -9.07 5.25 6.20
CA LEU B 8 -7.84 5.09 6.97
C LEU B 8 -8.12 5.31 8.45
N THR B 9 -9.26 5.94 8.75
CA THR B 9 -9.62 6.21 10.15
C THR B 9 -10.45 5.06 10.73
N GLY B 10 -10.76 4.06 9.91
CA GLY B 10 -11.55 2.92 10.36
C GLY B 10 -13.04 3.13 10.06
N LYS B 11 -13.41 4.34 9.64
CA LYS B 11 -14.80 4.63 9.32
C LYS B 11 -15.25 3.79 8.13
N THR B 12 -16.39 3.12 8.25
CA THR B 12 -16.89 2.28 7.16
C THR B 12 -18.15 2.88 6.55
N ILE B 13 -18.19 2.91 5.22
CA ILE B 13 -19.32 3.47 4.50
C ILE B 13 -19.90 2.48 3.49
N THR B 14 -21.09 1.97 3.77
CA THR B 14 -21.71 1.02 2.86
C THR B 14 -22.36 1.78 1.70
N LEU B 15 -21.98 1.41 0.48
CA LEU B 15 -22.51 2.04 -0.71
C LEU B 15 -23.17 1.02 -1.61
N GLU B 16 -24.43 1.25 -1.96
CA GLU B 16 -25.16 0.32 -2.82
C GLU B 16 -24.64 0.42 -4.25
N VAL B 17 -24.05 -0.66 -4.72
CA VAL B 17 -23.52 -0.69 -6.08
C VAL B 17 -23.89 -2.00 -6.76
N GLU B 18 -23.68 -2.06 -8.07
CA GLU B 18 -23.99 -3.28 -8.83
C GLU B 18 -22.70 -3.95 -9.29
N PRO B 19 -22.74 -5.24 -9.52
CA PRO B 19 -21.53 -5.99 -9.98
C PRO B 19 -20.94 -5.40 -11.26
N SER B 20 -21.80 -4.87 -12.12
CA SER B 20 -21.36 -4.27 -13.37
C SER B 20 -20.90 -2.82 -13.17
N ASP B 21 -21.09 -2.31 -11.95
CA ASP B 21 -20.69 -0.93 -11.65
C ASP B 21 -19.20 -0.74 -11.82
N THR B 22 -18.79 0.44 -12.28
CA THR B 22 -17.38 0.73 -12.49
C THR B 22 -16.75 1.31 -11.23
N ILE B 23 -15.42 1.25 -11.18
CA ILE B 23 -14.68 1.77 -10.02
C ILE B 23 -14.87 3.28 -9.91
N GLU B 24 -14.88 3.95 -11.05
CA GLU B 24 -15.06 5.40 -11.08
C GLU B 24 -16.38 5.77 -10.43
N ASN B 25 -17.42 5.02 -10.75
CA ASN B 25 -18.74 5.28 -10.18
C ASN B 25 -18.72 5.11 -8.67
N VAL B 26 -18.01 4.09 -8.21
CA VAL B 26 -17.90 3.81 -6.79
C VAL B 26 -17.23 4.98 -6.07
N LYS B 27 -16.17 5.52 -6.66
CA LYS B 27 -15.46 6.65 -6.06
C LYS B 27 -16.40 7.84 -5.92
N ALA B 28 -17.22 8.04 -6.94
CA ALA B 28 -18.18 9.13 -6.90
C ALA B 28 -19.13 8.96 -5.74
N LYS B 29 -19.53 7.71 -5.49
CA LYS B 29 -20.44 7.43 -4.39
C LYS B 29 -19.77 7.86 -3.10
N ILE B 30 -18.46 7.64 -3.01
CA ILE B 30 -17.73 8.07 -1.83
C ILE B 30 -17.79 9.58 -1.68
N GLN B 31 -17.64 10.27 -2.79
CA GLN B 31 -17.68 11.72 -2.76
C GLN B 31 -19.05 12.23 -2.27
N ASP B 32 -20.12 11.63 -2.77
CA ASP B 32 -21.47 12.04 -2.37
C ASP B 32 -21.79 11.63 -0.93
N LYS B 33 -21.06 10.66 -0.41
CA LYS B 33 -21.29 10.17 0.96
C LYS B 33 -20.27 10.72 1.96
N GLU B 34 -19.26 11.44 1.46
CA GLU B 34 -18.24 11.98 2.36
C GLU B 34 -17.76 13.32 1.84
N GLY B 35 -17.54 13.38 0.54
CA GLY B 35 -17.08 14.61 -0.09
C GLY B 35 -15.64 14.47 -0.58
N ILE B 36 -15.15 13.23 -0.65
CA ILE B 36 -13.80 13.02 -1.10
C ILE B 36 -13.75 12.87 -2.63
N PRO B 37 -13.05 13.72 -3.34
CA PRO B 37 -12.97 13.62 -4.84
C PRO B 37 -12.08 12.45 -5.28
N PRO B 38 -12.22 11.99 -6.50
CA PRO B 38 -11.41 10.85 -7.03
C PRO B 38 -9.91 11.13 -6.97
N ASP B 39 -9.56 12.41 -6.93
CA ASP B 39 -8.16 12.80 -6.88
C ASP B 39 -7.63 12.85 -5.44
N GLN B 40 -8.48 12.53 -4.47
CA GLN B 40 -8.09 12.54 -3.07
C GLN B 40 -8.39 11.20 -2.41
N GLN B 41 -8.51 10.16 -3.23
CA GLN B 41 -8.80 8.83 -2.71
C GLN B 41 -8.48 7.75 -3.73
N ARG B 42 -8.21 6.56 -3.23
CA ARG B 42 -7.91 5.43 -4.10
C ARG B 42 -8.64 4.19 -3.59
N LEU B 43 -9.31 3.50 -4.51
CA LEU B 43 -10.04 2.30 -4.17
C LEU B 43 -9.14 1.08 -4.32
N ILE B 44 -8.96 0.31 -3.26
CA ILE B 44 -8.10 -0.87 -3.32
C ILE B 44 -8.83 -2.10 -2.77
N PHE B 45 -8.77 -3.21 -3.51
CA PHE B 45 -9.44 -4.44 -3.08
C PHE B 45 -8.74 -5.68 -3.61
N ALA B 46 -8.91 -6.81 -2.91
CA ALA B 46 -8.28 -8.07 -3.30
C ALA B 46 -6.78 -8.01 -3.10
N GLY B 47 -6.33 -7.03 -2.30
CA GLY B 47 -4.91 -6.87 -2.03
C GLY B 47 -4.24 -6.01 -3.09
N ARG B 48 -4.95 -5.76 -4.19
CA ARG B 48 -4.40 -4.95 -5.26
C ARG B 48 -5.28 -3.73 -5.49
N GLN B 49 -4.63 -2.63 -5.87
CA GLN B 49 -5.36 -1.41 -6.11
C GLN B 49 -6.29 -1.58 -7.30
N LEU B 50 -7.46 -0.97 -7.21
CA LEU B 50 -8.46 -1.07 -8.27
C LEU B 50 -8.19 -0.03 -9.34
N GLU B 51 -7.86 -0.51 -10.53
CA GLU B 51 -7.59 0.39 -11.64
C GLU B 51 -8.89 0.97 -12.19
N ASP B 52 -8.82 2.18 -12.72
CA ASP B 52 -10.02 2.81 -13.28
C ASP B 52 -10.41 2.14 -14.58
N GLY B 53 -11.64 2.40 -15.04
CA GLY B 53 -12.12 1.79 -16.28
C GLY B 53 -12.34 0.30 -16.09
N ARG B 54 -12.63 -0.10 -14.85
CA ARG B 54 -12.87 -1.50 -14.53
C ARG B 54 -14.17 -1.67 -13.78
N THR B 55 -14.74 -2.88 -13.85
CA THR B 55 -15.98 -3.18 -13.17
C THR B 55 -15.72 -3.92 -11.87
N LEU B 56 -16.69 -3.90 -10.97
CA LEU B 56 -16.55 -4.60 -9.68
C LEU B 56 -16.38 -6.09 -9.89
N SER B 57 -17.13 -6.64 -10.82
CA SER B 57 -17.06 -8.07 -11.10
C SER B 57 -15.66 -8.43 -11.61
N ASP B 58 -14.96 -7.44 -12.16
CA ASP B 58 -13.61 -7.67 -12.66
C ASP B 58 -12.69 -8.08 -11.52
N TYR B 59 -12.90 -7.46 -10.37
CA TYR B 59 -12.10 -7.74 -9.19
C TYR B 59 -12.81 -8.71 -8.26
N ASN B 60 -13.86 -9.35 -8.75
CA ASN B 60 -14.62 -10.30 -7.95
C ASN B 60 -15.14 -9.64 -6.68
N ILE B 61 -15.60 -8.39 -6.82
CA ILE B 61 -16.12 -7.66 -5.67
C ILE B 61 -17.60 -7.99 -5.48
N GLN B 62 -17.87 -8.91 -4.55
CA GLN B 62 -19.23 -9.32 -4.26
C GLN B 62 -19.87 -8.39 -3.25
N LYS B 63 -21.12 -8.64 -2.92
CA LYS B 63 -21.83 -7.81 -1.97
C LYS B 63 -21.13 -7.85 -0.61
N GLU B 64 -21.28 -6.77 0.14
CA GLU B 64 -20.67 -6.66 1.46
C GLU B 64 -19.16 -6.84 1.39
N SER B 65 -18.55 -6.21 0.40
CA SER B 65 -17.11 -6.29 0.22
C SER B 65 -16.44 -5.11 0.91
N THR B 66 -15.50 -5.41 1.82
CA THR B 66 -14.81 -4.35 2.53
C THR B 66 -13.68 -3.80 1.69
N LEU B 67 -13.95 -2.70 1.00
CA LEU B 67 -12.96 -2.06 0.16
C LEU B 67 -12.08 -1.14 0.98
N HIS B 68 -10.85 -0.94 0.52
CA HIS B 68 -9.92 -0.08 1.24
C HIS B 68 -9.83 1.28 0.56
N LEU B 69 -10.14 2.33 1.32
CA LEU B 69 -10.08 3.69 0.79
C LEU B 69 -8.82 4.39 1.30
N VAL B 70 -7.91 4.69 0.39
CA VAL B 70 -6.67 5.35 0.77
C VAL B 70 -6.71 6.81 0.33
N LEU B 71 -6.60 7.70 1.29
CA LEU B 71 -6.65 9.13 1.00
C LEU B 71 -5.29 9.64 0.52
N ARG B 72 -5.32 10.61 -0.37
CA ARG B 72 -4.10 11.18 -0.92
C ARG B 72 -4.02 12.68 -0.62
N LEU B 73 -2.88 13.12 -0.11
CA LEU B 73 -2.69 14.54 0.20
C LEU B 73 -2.04 15.26 -0.98
N ARG B 74 -2.69 16.32 -1.43
CA ARG B 74 -2.16 17.09 -2.55
C ARG B 74 -0.85 17.76 -2.15
N GLY B 75 0.15 17.66 -3.02
CA GLY B 75 1.44 18.25 -2.75
C GLY B 75 2.48 17.19 -2.38
N GLY B 76 2.00 16.01 -2.00
CA GLY B 76 2.91 14.91 -1.64
C GLY B 76 2.70 14.47 -0.20
N ASN C 24 10.62 3.87 1.90
CA ASN C 24 10.25 2.56 1.30
C ASN C 24 11.05 1.45 1.97
N LYS C 25 11.09 1.48 3.30
CA LYS C 25 11.81 0.48 4.06
C LYS C 25 11.13 -0.88 3.90
N TYR C 26 11.93 -1.94 4.00
CA TYR C 26 11.39 -3.28 3.88
C TYR C 26 11.08 -3.84 5.26
N LEU C 27 9.81 -4.07 5.51
CA LEU C 27 9.39 -4.60 6.78
C LEU C 27 9.86 -6.04 6.96
N VAL C 28 9.86 -6.79 5.87
CA VAL C 28 10.33 -8.19 5.94
C VAL C 28 10.92 -8.61 4.61
N GLU C 29 11.70 -9.68 4.64
CA GLU C 29 12.33 -10.16 3.41
C GLU C 29 13.02 -11.48 3.65
N PHE C 30 12.60 -12.48 2.89
CA PHE C 30 13.22 -13.80 3.00
C PHE C 30 13.04 -14.59 1.71
N ARG C 31 13.89 -15.59 1.51
CA ARG C 31 13.82 -16.39 0.29
C ARG C 31 12.67 -17.38 0.37
N ALA C 32 11.77 -17.31 -0.60
CA ALA C 32 10.64 -18.23 -0.63
C ALA C 32 10.14 -18.38 -2.06
N GLY C 33 9.67 -19.57 -2.36
CA GLY C 33 9.15 -19.86 -3.69
C GLY C 33 7.63 -20.00 -3.63
N LYS C 34 6.97 -19.68 -4.73
CA LYS C 34 5.51 -19.77 -4.78
C LYS C 34 5.06 -21.16 -5.23
N MET C 35 3.76 -21.41 -5.15
CA MET C 35 3.21 -22.70 -5.56
C MET C 35 1.91 -22.49 -6.34
N SER C 36 1.33 -23.56 -6.88
CA SER C 36 0.09 -23.46 -7.63
C SER C 36 -0.96 -24.39 -7.05
N LEU C 37 -2.13 -23.86 -6.73
CA LEU C 37 -3.19 -24.67 -6.18
C LEU C 37 -4.28 -24.88 -7.21
N LYS C 38 -4.47 -26.13 -7.60
CA LYS C 38 -5.51 -26.47 -8.58
C LYS C 38 -6.51 -27.43 -7.96
N GLY C 39 -7.72 -26.95 -7.72
CA GLY C 39 -8.77 -27.76 -7.12
C GLY C 39 -8.48 -27.97 -5.63
N THR C 40 -7.62 -28.96 -5.35
CA THR C 40 -7.25 -29.26 -3.97
C THR C 40 -5.82 -29.79 -3.91
N THR C 41 -5.05 -29.54 -4.97
CA THR C 41 -3.66 -30.00 -5.01
C THR C 41 -2.72 -28.80 -5.15
N VAL C 42 -1.71 -28.76 -4.29
CA VAL C 42 -0.74 -27.67 -4.30
C VAL C 42 0.60 -28.17 -4.84
N THR C 43 1.09 -27.55 -5.89
CA THR C 43 2.36 -27.96 -6.47
C THR C 43 3.40 -26.83 -6.33
N PRO C 44 4.60 -27.10 -5.87
CA PRO C 44 5.63 -26.03 -5.71
C PRO C 44 6.18 -25.51 -7.03
N ASP C 45 6.51 -24.22 -7.05
CA ASP C 45 7.06 -23.59 -8.24
C ASP C 45 8.56 -23.47 -8.09
N LYS C 46 9.29 -24.06 -9.03
CA LYS C 46 10.74 -24.02 -8.98
C LYS C 46 11.25 -22.58 -9.10
N ARG C 47 10.37 -21.66 -9.51
CA ARG C 47 10.77 -20.27 -9.64
C ARG C 47 10.97 -19.68 -8.26
N LYS C 48 12.13 -19.96 -7.67
CA LYS C 48 12.44 -19.48 -6.34
C LYS C 48 12.51 -17.96 -6.34
N GLY C 49 11.82 -17.33 -5.41
CA GLY C 49 11.82 -15.89 -5.33
C GLY C 49 12.17 -15.40 -3.95
N LEU C 50 11.71 -14.21 -3.64
CA LEU C 50 11.95 -13.59 -2.35
C LEU C 50 10.66 -12.93 -1.89
N VAL C 51 10.23 -13.25 -0.70
CA VAL C 51 9.02 -12.64 -0.18
C VAL C 51 9.41 -11.51 0.73
N TYR C 52 9.13 -10.29 0.30
CA TYR C 52 9.46 -9.15 1.14
C TYR C 52 8.30 -8.16 1.21
N ILE C 53 8.29 -7.40 2.30
CA ILE C 53 7.26 -6.42 2.54
C ILE C 53 7.85 -5.04 2.67
N GLN C 54 7.19 -4.05 2.07
CA GLN C 54 7.67 -2.68 2.12
C GLN C 54 6.52 -1.74 2.41
N GLN C 55 6.71 -0.83 3.35
CA GLN C 55 5.69 0.12 3.69
C GLN C 55 5.98 1.46 3.05
N THR C 56 5.01 1.97 2.31
CA THR C 56 5.19 3.25 1.64
C THR C 56 4.84 4.41 2.55
N ASP C 57 5.13 5.60 2.07
CA ASP C 57 4.83 6.79 2.85
C ASP C 57 3.32 6.93 3.00
N ASP C 58 2.56 6.11 2.26
CA ASP C 58 1.11 6.16 2.35
C ASP C 58 0.61 5.19 3.43
N SER C 59 1.55 4.58 4.16
CA SER C 59 1.22 3.63 5.21
C SER C 59 0.53 2.42 4.64
N LEU C 60 0.80 2.16 3.37
CA LEU C 60 0.26 1.02 2.69
C LEU C 60 1.34 -0.03 2.62
N ILE C 61 1.03 -1.19 3.15
CA ILE C 61 1.98 -2.26 3.16
C ILE C 61 1.99 -2.94 1.81
N HIS C 62 3.15 -2.99 1.21
CA HIS C 62 3.28 -3.59 -0.11
C HIS C 62 3.83 -5.01 0.00
N PHE C 63 3.01 -5.98 -0.40
CA PHE C 63 3.43 -7.37 -0.37
C PHE C 63 3.97 -7.73 -1.74
N CYS C 64 5.27 -7.91 -1.83
CA CYS C 64 5.88 -8.21 -3.11
C CYS C 64 6.68 -9.52 -3.10
N TRP C 65 6.64 -10.18 -4.25
CA TRP C 65 7.36 -11.42 -4.45
C TRP C 65 8.23 -11.24 -5.69
N LYS C 66 9.52 -11.28 -5.49
CA LYS C 66 10.46 -11.10 -6.57
C LYS C 66 11.12 -12.42 -6.93
N ASP C 67 11.16 -12.72 -8.22
CA ASP C 67 11.78 -13.96 -8.67
C ASP C 67 13.28 -13.83 -8.56
N ARG C 68 13.94 -14.84 -8.01
CA ARG C 68 15.39 -14.80 -7.87
C ARG C 68 16.07 -15.04 -9.22
N THR C 69 15.32 -15.57 -10.17
CA THR C 69 15.84 -15.86 -11.49
C THR C 69 16.35 -14.59 -12.18
N SER C 70 15.57 -13.54 -12.09
CA SER C 70 15.94 -12.27 -12.71
C SER C 70 16.12 -11.21 -11.62
N GLY C 71 15.57 -11.50 -10.45
CA GLY C 71 15.66 -10.56 -9.32
C GLY C 71 14.69 -9.41 -9.51
N ASN C 72 13.67 -9.63 -10.32
CA ASN C 72 12.66 -8.61 -10.57
C ASN C 72 11.41 -8.87 -9.75
N VAL C 73 10.66 -7.83 -9.43
CA VAL C 73 9.45 -8.00 -8.65
C VAL C 73 8.31 -8.47 -9.55
N GLU C 74 8.02 -9.76 -9.46
CA GLU C 74 6.96 -10.35 -10.26
C GLU C 74 5.59 -10.02 -9.66
N ASP C 75 5.52 -9.91 -8.34
CA ASP C 75 4.24 -9.61 -7.69
C ASP C 75 4.34 -8.38 -6.77
N ASP C 76 3.26 -7.59 -6.72
CA ASP C 76 3.22 -6.39 -5.88
C ASP C 76 1.79 -6.01 -5.54
N LEU C 77 1.33 -6.39 -4.35
CA LEU C 77 -0.04 -6.08 -3.94
C LEU C 77 -0.06 -5.45 -2.55
N ILE C 78 -0.82 -4.38 -2.41
CA ILE C 78 -0.93 -3.70 -1.14
C ILE C 78 -1.87 -4.46 -0.23
N ILE C 79 -1.39 -4.80 0.96
CA ILE C 79 -2.21 -5.53 1.90
C ILE C 79 -2.57 -4.67 3.10
N PHE C 80 -3.87 -4.59 3.37
CA PHE C 80 -4.39 -3.79 4.49
C PHE C 80 -4.51 -4.64 5.76
N PRO C 81 -4.61 -4.01 6.90
CA PRO C 81 -4.75 -4.75 8.18
C PRO C 81 -5.96 -5.69 8.15
N ASP C 82 -5.77 -6.88 8.70
CA ASP C 82 -6.84 -7.87 8.74
C ASP C 82 -7.32 -8.23 7.33
N ASP C 83 -6.59 -7.81 6.30
CA ASP C 83 -6.97 -8.12 4.92
C ASP C 83 -6.55 -9.52 4.54
N CYS C 84 -5.50 -10.03 5.19
CA CYS C 84 -5.02 -11.38 4.91
C CYS C 84 -4.35 -11.97 6.13
N GLU C 85 -4.13 -13.26 6.06
CA GLU C 85 -3.52 -13.98 7.16
C GLU C 85 -2.40 -14.90 6.66
N PHE C 86 -1.25 -14.83 7.33
CA PHE C 86 -0.11 -15.66 6.95
C PHE C 86 0.01 -16.80 7.96
N LYS C 87 -0.11 -18.03 7.48
CA LYS C 87 -0.05 -19.18 8.38
C LYS C 87 0.68 -20.36 7.75
N ARG C 88 1.03 -21.33 8.56
CA ARG C 88 1.72 -22.52 8.05
C ARG C 88 0.70 -23.54 7.56
N VAL C 89 1.16 -24.45 6.72
CA VAL C 89 0.27 -25.48 6.18
C VAL C 89 0.70 -26.86 6.67
N PRO C 90 0.20 -27.31 7.80
CA PRO C 90 0.57 -28.64 8.35
C PRO C 90 -0.23 -29.77 7.70
N GLN C 91 -0.09 -29.90 6.38
CA GLN C 91 -0.78 -30.95 5.65
C GLN C 91 0.21 -31.95 5.08
N CYS C 92 1.31 -31.44 4.53
CA CYS C 92 2.34 -32.30 3.96
C CYS C 92 3.68 -32.10 4.66
N PRO C 93 4.04 -32.93 5.62
CA PRO C 93 5.33 -32.78 6.33
C PRO C 93 6.51 -33.15 5.42
N SER C 94 7.51 -32.28 5.38
CA SER C 94 8.70 -32.49 4.56
C SER C 94 9.53 -31.21 4.49
N GLY C 95 8.84 -30.07 4.54
CA GLY C 95 9.53 -28.79 4.47
C GLY C 95 8.68 -27.66 5.04
N ARG C 96 9.17 -26.43 4.92
CA ARG C 96 8.45 -25.27 5.44
C ARG C 96 7.48 -24.73 4.40
N VAL C 97 6.18 -24.86 4.68
CA VAL C 97 5.16 -24.37 3.75
C VAL C 97 4.19 -23.44 4.46
N TYR C 98 3.98 -22.27 3.87
CA TYR C 98 3.09 -21.27 4.43
C TYR C 98 2.04 -20.86 3.39
N VAL C 99 0.88 -20.42 3.86
CA VAL C 99 -0.18 -20.00 2.96
C VAL C 99 -0.72 -18.65 3.39
N LEU C 100 -0.93 -17.78 2.40
CA LEU C 100 -1.47 -16.46 2.66
C LEU C 100 -2.93 -16.47 2.26
N LYS C 101 -3.81 -16.17 3.21
CA LYS C 101 -5.23 -16.17 2.92
C LYS C 101 -5.80 -14.78 3.11
N PHE C 102 -6.35 -14.23 2.04
CA PHE C 102 -6.93 -12.91 2.10
C PHE C 102 -8.30 -13.00 2.74
N LYS C 103 -8.41 -12.39 3.91
CA LYS C 103 -9.66 -12.42 4.64
C LYS C 103 -10.74 -11.73 3.82
N ALA C 104 -10.37 -10.66 3.14
CA ALA C 104 -11.35 -9.93 2.33
C ALA C 104 -11.14 -10.19 0.84
N GLY C 105 -9.92 -10.56 0.47
CA GLY C 105 -9.61 -10.81 -0.94
C GLY C 105 -10.19 -12.13 -1.44
N SER C 106 -10.57 -13.01 -0.51
CA SER C 106 -11.15 -14.30 -0.89
C SER C 106 -10.18 -15.11 -1.75
N LYS C 107 -8.90 -14.77 -1.68
CA LYS C 107 -7.88 -15.46 -2.46
C LYS C 107 -6.87 -16.10 -1.52
N ARG C 108 -6.25 -17.20 -1.97
CA ARG C 108 -5.25 -17.87 -1.15
C ARG C 108 -3.99 -18.17 -1.96
N LEU C 109 -2.84 -17.95 -1.33
CA LEU C 109 -1.55 -18.18 -1.98
C LEU C 109 -0.72 -19.16 -1.17
N PHE C 110 0.17 -19.88 -1.84
CA PHE C 110 1.01 -20.85 -1.16
C PHE C 110 2.49 -20.56 -1.43
N PHE C 111 3.31 -20.64 -0.37
CA PHE C 111 4.73 -20.39 -0.52
C PHE C 111 5.53 -21.36 0.32
N TRP C 112 6.76 -21.55 -0.08
CA TRP C 112 7.65 -22.44 0.66
C TRP C 112 8.97 -21.72 0.93
N MET C 113 9.49 -21.89 2.13
CA MET C 113 10.74 -21.22 2.50
C MET C 113 11.93 -21.89 1.83
N GLN C 114 12.86 -21.08 1.37
CA GLN C 114 14.06 -21.58 0.72
C GLN C 114 15.26 -21.48 1.66
N GLU C 115 15.04 -21.01 2.89
CA GLU C 115 16.14 -20.87 3.84
C GLU C 115 16.57 -22.24 4.37
N PRO C 116 17.85 -22.45 4.65
CA PRO C 116 18.34 -23.75 5.17
C PRO C 116 17.92 -24.01 6.62
N LYS C 117 17.71 -22.94 7.38
CA LYS C 117 17.30 -23.07 8.77
C LYS C 117 15.97 -22.38 9.00
N THR C 118 15.16 -22.96 9.87
CA THR C 118 13.85 -22.38 10.18
C THR C 118 13.96 -21.44 11.38
N ASP C 119 15.16 -21.29 11.91
CA ASP C 119 15.38 -20.43 13.05
C ASP C 119 14.95 -19.01 12.73
N GLN C 120 14.87 -18.70 11.44
CA GLN C 120 14.47 -17.36 11.02
C GLN C 120 13.18 -17.41 10.21
N ASP C 121 12.86 -18.58 9.67
CA ASP C 121 11.65 -18.72 8.87
C ASP C 121 10.43 -18.42 9.71
N GLU C 122 10.42 -18.91 10.94
CA GLU C 122 9.29 -18.69 11.83
C GLU C 122 9.13 -17.21 12.15
N GLU C 123 10.25 -16.55 12.38
CA GLU C 123 10.23 -15.15 12.70
C GLU C 123 9.71 -14.34 11.52
N HIS C 124 10.17 -14.70 10.33
CA HIS C 124 9.75 -14.02 9.13
C HIS C 124 8.29 -14.21 8.92
N CYS C 125 7.86 -15.42 9.20
CA CYS C 125 6.48 -15.78 9.07
C CYS C 125 5.65 -14.92 10.01
N ARG C 126 6.11 -14.79 11.25
CA ARG C 126 5.40 -13.99 12.23
C ARG C 126 5.36 -12.53 11.79
N LYS C 127 6.49 -12.04 11.30
CA LYS C 127 6.58 -10.67 10.84
C LYS C 127 5.71 -10.44 9.62
N VAL C 128 5.60 -11.45 8.75
CA VAL C 128 4.78 -11.32 7.55
C VAL C 128 3.34 -11.00 7.90
N ASN C 129 2.74 -11.73 8.84
CA ASN C 129 1.36 -11.46 9.21
C ASN C 129 1.28 -10.25 10.11
N GLU C 130 2.33 -10.01 10.86
CA GLU C 130 2.35 -8.89 11.75
C GLU C 130 2.43 -7.58 10.99
N TYR C 131 3.14 -7.57 9.87
CA TYR C 131 3.27 -6.35 9.09
C TYR C 131 2.05 -6.15 8.19
N LEU C 132 1.45 -7.26 7.76
CA LEU C 132 0.29 -7.21 6.91
C LEU C 132 -0.98 -6.98 7.71
N ASN C 133 -0.96 -7.40 8.98
CA ASN C 133 -2.13 -7.22 9.83
C ASN C 133 -1.89 -6.12 10.84
N ASN C 134 -0.62 -5.91 11.17
CA ASN C 134 -0.28 -4.87 12.14
C ASN C 134 0.89 -4.03 11.64
N PRO C 135 0.64 -3.17 10.68
CA PRO C 135 1.70 -2.28 10.10
C PRO C 135 2.32 -1.36 11.15
N PRO C 136 3.56 -0.96 10.98
CA PRO C 136 4.26 -0.08 11.95
C PRO C 136 3.84 1.38 11.79
N GLN D 5 22.92 -24.19 -1.01
CA GLN D 5 22.85 -24.05 0.48
C GLN D 5 21.40 -23.85 0.91
N GLU D 6 20.46 -24.35 0.11
CA GLU D 6 19.04 -24.21 0.43
C GLU D 6 18.30 -25.53 0.23
N PRO D 7 17.19 -25.74 0.92
CA PRO D 7 16.39 -27.00 0.79
C PRO D 7 15.89 -27.20 -0.64
N GLU D 8 15.84 -28.45 -1.08
CA GLU D 8 15.36 -28.75 -2.42
C GLU D 8 13.84 -28.57 -2.50
N PRO D 9 13.30 -28.38 -3.68
CA PRO D 9 11.81 -28.19 -3.85
C PRO D 9 11.00 -29.35 -3.23
N PRO D 10 9.88 -29.07 -2.60
CA PRO D 10 9.03 -30.13 -1.98
C PRO D 10 8.22 -30.91 -3.03
N GLU D 11 7.52 -31.95 -2.61
CA GLU D 11 6.72 -32.76 -3.52
C GLU D 11 5.25 -32.31 -3.49
N PRO D 12 4.48 -32.52 -4.54
CA PRO D 12 3.04 -32.12 -4.59
C PRO D 12 2.23 -32.77 -3.48
N PHE D 13 1.21 -32.06 -2.99
CA PHE D 13 0.36 -32.61 -1.93
C PHE D 13 -1.04 -32.00 -2.00
N GLU D 14 -2.00 -32.66 -1.37
CA GLU D 14 -3.36 -32.17 -1.37
C GLU D 14 -3.61 -31.26 -0.16
N TYR D 15 -4.28 -30.14 -0.40
CA TYR D 15 -4.58 -29.19 0.65
C TYR D 15 -6.08 -29.04 0.80
N ILE D 16 -6.56 -29.27 2.01
CA ILE D 16 -7.97 -29.17 2.28
C ILE D 16 -8.18 -28.31 3.51
N ASP D 17 -8.94 -27.23 3.37
CA ASP D 17 -9.19 -26.37 4.51
C ASP D 17 -10.31 -26.94 5.36
N ASP D 18 -9.95 -27.87 6.24
CA ASP D 18 -10.94 -28.48 7.13
C ASP D 18 -11.66 -27.42 7.94
N MET A 1 5.03 30.56 -11.86
CA MET A 1 4.66 30.68 -10.42
C MET A 1 5.77 30.09 -9.58
N GLN A 2 6.87 30.80 -9.53
CA GLN A 2 8.00 30.35 -8.74
C GLN A 2 7.62 30.30 -7.28
N ILE A 3 8.39 29.55 -6.52
CA ILE A 3 8.11 29.39 -5.11
C ILE A 3 9.40 29.50 -4.31
N PHE A 4 9.29 29.90 -3.05
CA PHE A 4 10.46 30.05 -2.22
C PHE A 4 10.71 28.78 -1.42
N VAL A 5 11.89 28.20 -1.59
CA VAL A 5 12.22 26.97 -0.87
C VAL A 5 13.27 27.25 0.20
N LYS A 6 12.84 27.20 1.45
CA LYS A 6 13.75 27.44 2.55
C LYS A 6 14.36 26.13 3.02
N THR A 7 15.63 25.93 2.73
CA THR A 7 16.31 24.70 3.11
C THR A 7 17.08 24.89 4.40
N LEU A 8 17.84 23.87 4.76
CA LEU A 8 18.61 23.93 5.97
C LEU A 8 19.50 25.16 5.94
N THR A 9 19.96 25.58 7.13
CA THR A 9 20.79 26.77 7.25
C THR A 9 20.03 28.04 6.88
N GLY A 10 18.71 27.90 6.64
CA GLY A 10 17.90 29.07 6.29
C GLY A 10 18.20 29.55 4.88
N LYS A 11 18.69 28.65 4.04
CA LYS A 11 19.01 29.01 2.67
C LYS A 11 17.77 28.94 1.79
N THR A 12 17.26 30.11 1.42
CA THR A 12 16.06 30.19 0.59
C THR A 12 16.42 30.14 -0.89
N ILE A 13 15.67 29.36 -1.65
CA ILE A 13 15.91 29.19 -3.06
C ILE A 13 14.62 29.35 -3.85
N THR A 14 14.54 30.33 -4.74
CA THR A 14 13.33 30.52 -5.52
C THR A 14 13.40 29.64 -6.76
N LEU A 15 12.41 28.79 -6.94
CA LEU A 15 12.38 27.91 -8.11
C LEU A 15 11.13 28.14 -8.93
N GLU A 16 11.29 28.36 -10.23
CA GLU A 16 10.15 28.60 -11.10
C GLU A 16 9.36 27.33 -11.30
N VAL A 17 8.12 27.34 -10.84
CA VAL A 17 7.25 26.19 -10.97
C VAL A 17 5.85 26.61 -11.43
N GLU A 18 5.05 25.65 -11.84
CA GLU A 18 3.68 25.93 -12.28
C GLU A 18 2.68 25.34 -11.29
N PRO A 19 1.51 25.91 -11.19
CA PRO A 19 0.47 25.40 -10.24
C PRO A 19 0.16 23.92 -10.45
N SER A 20 0.14 23.50 -11.71
CA SER A 20 -0.13 22.10 -12.04
C SER A 20 1.13 21.25 -11.87
N ASP A 21 2.27 21.89 -11.66
CA ASP A 21 3.54 21.17 -11.50
C ASP A 21 3.47 20.20 -10.32
N THR A 22 3.95 18.98 -10.55
CA THR A 22 3.94 17.96 -9.51
C THR A 22 5.07 18.18 -8.53
N ILE A 23 4.98 17.53 -7.37
CA ILE A 23 5.99 17.65 -6.33
C ILE A 23 7.32 17.10 -6.84
N GLU A 24 7.25 16.03 -7.63
CA GLU A 24 8.44 15.41 -8.18
C GLU A 24 9.22 16.44 -9.00
N ASN A 25 8.50 17.25 -9.74
CA ASN A 25 9.14 18.29 -10.55
C ASN A 25 9.80 19.32 -9.65
N VAL A 26 9.13 19.68 -8.57
CA VAL A 26 9.66 20.67 -7.63
C VAL A 26 10.96 20.20 -6.97
N LYS A 27 10.95 18.96 -6.47
CA LYS A 27 12.15 18.42 -5.82
C LYS A 27 13.30 18.34 -6.82
N ALA A 28 12.96 18.07 -8.07
CA ALA A 28 13.97 17.98 -9.13
C ALA A 28 14.64 19.33 -9.31
N LYS A 29 13.84 20.38 -9.27
CA LYS A 29 14.35 21.73 -9.44
C LYS A 29 15.35 22.01 -8.34
N ILE A 30 15.05 21.54 -7.15
CA ILE A 30 15.95 21.73 -6.02
C ILE A 30 17.25 20.95 -6.26
N GLN A 31 17.11 19.75 -6.81
CA GLN A 31 18.28 18.94 -7.07
C GLN A 31 19.24 19.65 -8.02
N ASP A 32 18.72 20.23 -9.10
CA ASP A 32 19.56 20.94 -10.05
C ASP A 32 19.99 22.31 -9.52
N LYS A 33 19.32 22.79 -8.47
CA LYS A 33 19.64 24.10 -7.89
C LYS A 33 20.48 23.96 -6.62
N GLU A 34 20.69 22.74 -6.15
CA GLU A 34 21.47 22.52 -4.93
C GLU A 34 22.21 21.20 -4.99
N GLY A 35 21.53 20.19 -5.51
CA GLY A 35 22.12 18.87 -5.62
C GLY A 35 21.48 17.88 -4.65
N ILE A 36 20.37 18.29 -4.04
CA ILE A 36 19.69 17.41 -3.09
C ILE A 36 18.89 16.34 -3.84
N PRO A 37 19.08 15.07 -3.57
CA PRO A 37 18.32 14.00 -4.26
C PRO A 37 16.87 13.92 -3.79
N PRO A 38 15.99 13.35 -4.57
CA PRO A 38 14.55 13.23 -4.20
C PRO A 38 14.35 12.52 -2.85
N ASP A 39 15.17 11.51 -2.61
CA ASP A 39 15.08 10.75 -1.35
C ASP A 39 15.36 11.64 -0.16
N GLN A 40 16.34 12.54 -0.31
CA GLN A 40 16.71 13.44 0.78
C GLN A 40 15.88 14.74 0.71
N GLN A 41 15.06 14.86 -0.33
CA GLN A 41 14.24 16.05 -0.49
C GLN A 41 13.00 16.00 0.39
N ARG A 42 13.07 16.62 1.56
CA ARG A 42 11.92 16.64 2.44
C ARG A 42 11.14 17.94 2.25
N LEU A 43 10.24 17.96 1.25
CA LEU A 43 9.45 19.15 0.96
C LEU A 43 8.16 19.14 1.77
N ILE A 44 8.05 20.09 2.71
CA ILE A 44 6.87 20.18 3.56
C ILE A 44 6.27 21.58 3.51
N PHE A 45 4.98 21.68 3.25
CA PHE A 45 4.33 22.98 3.17
C PHE A 45 3.03 22.99 3.99
N ALA A 46 2.86 24.03 4.79
CA ALA A 46 1.66 24.15 5.62
C ALA A 46 1.57 22.99 6.61
N GLY A 47 2.72 22.40 6.93
CA GLY A 47 2.75 21.28 7.86
C GLY A 47 2.37 19.97 7.16
N LYS A 48 2.14 20.03 5.84
CA LYS A 48 1.78 18.84 5.10
C LYS A 48 2.92 18.42 4.17
N GLN A 49 3.32 17.15 4.28
CA GLN A 49 4.40 16.66 3.45
C GLN A 49 3.94 16.55 2.00
N LEU A 50 4.78 17.02 1.08
CA LEU A 50 4.44 16.98 -0.33
C LEU A 50 4.68 15.59 -0.90
N GLU A 51 3.63 14.78 -0.93
CA GLU A 51 3.74 13.42 -1.45
C GLU A 51 3.77 13.42 -2.97
N ASP A 52 4.50 12.47 -3.53
CA ASP A 52 4.61 12.39 -4.98
C ASP A 52 3.23 12.14 -5.59
N GLY A 53 3.05 12.62 -6.81
CA GLY A 53 1.78 12.47 -7.49
C GLY A 53 0.86 13.66 -7.26
N ARG A 54 1.17 14.46 -6.22
CA ARG A 54 0.38 15.65 -5.94
C ARG A 54 0.94 16.85 -6.68
N THR A 55 0.14 17.91 -6.77
CA THR A 55 0.57 19.13 -7.46
C THR A 55 0.70 20.27 -6.46
N LEU A 56 1.33 21.36 -6.89
CA LEU A 56 1.49 22.50 -6.00
C LEU A 56 0.14 23.06 -5.59
N SER A 57 -0.79 23.10 -6.54
CA SER A 57 -2.13 23.63 -6.25
C SER A 57 -2.84 22.76 -5.21
N ASP A 58 -2.48 21.49 -5.13
CA ASP A 58 -3.11 20.59 -4.15
C ASP A 58 -2.83 21.08 -2.74
N TYR A 59 -1.65 21.63 -2.54
CA TYR A 59 -1.24 22.14 -1.24
C TYR A 59 -1.49 23.64 -1.13
N ASN A 60 -2.27 24.18 -2.06
CA ASN A 60 -2.57 25.61 -2.05
C ASN A 60 -1.28 26.42 -2.06
N ILE A 61 -0.32 25.96 -2.86
CA ILE A 61 0.96 26.65 -2.98
C ILE A 61 0.89 27.70 -4.08
N GLN A 62 1.15 28.95 -3.70
CA GLN A 62 1.10 30.06 -4.65
C GLN A 62 2.51 30.57 -4.93
N LYS A 63 2.59 31.57 -5.78
CA LYS A 63 3.88 32.13 -6.13
C LYS A 63 4.59 32.64 -4.86
N GLU A 64 5.90 32.51 -4.84
CA GLU A 64 6.70 32.95 -3.70
C GLU A 64 6.27 32.24 -2.42
N SER A 65 5.71 31.05 -2.56
CA SER A 65 5.28 30.27 -1.40
C SER A 65 6.48 29.65 -0.68
N THR A 66 6.63 29.95 0.60
CA THR A 66 7.74 29.41 1.38
C THR A 66 7.53 27.93 1.66
N LEU A 67 8.56 27.13 1.37
CA LEU A 67 8.48 25.69 1.58
C LEU A 67 9.57 25.25 2.56
N HIS A 68 9.24 24.28 3.40
CA HIS A 68 10.19 23.78 4.37
C HIS A 68 10.94 22.57 3.80
N LEU A 69 12.21 22.76 3.49
CA LEU A 69 13.02 21.68 2.94
C LEU A 69 14.00 21.17 3.98
N VAL A 70 13.94 19.88 4.26
CA VAL A 70 14.83 19.27 5.23
C VAL A 70 15.62 18.14 4.59
N LEU A 71 16.89 18.03 4.96
CA LEU A 71 17.76 17.01 4.40
C LEU A 71 18.07 15.94 5.45
N ARG A 72 18.14 14.68 5.03
CA ARG A 72 18.44 13.60 5.95
C ARG A 72 19.89 13.64 6.39
N LEU A 73 20.13 13.30 7.66
CA LEU A 73 21.48 13.30 8.20
C LEU A 73 21.93 11.88 8.52
N ARG A 74 23.04 11.47 7.95
CA ARG A 74 23.57 10.13 8.18
C ARG A 74 23.93 9.95 9.65
N GLY A 75 24.48 10.99 10.25
CA GLY A 75 24.88 10.94 11.66
C GLY A 75 23.68 10.66 12.55
N GLY A 76 22.54 11.27 12.21
CA GLY A 76 21.32 11.08 12.99
C GLY A 76 21.52 11.54 14.44
N ASP A 77 21.12 10.70 15.38
CA ASP A 77 21.25 11.03 16.79
C ASP A 77 20.83 9.84 17.67
N MET B 1 -25.97 -4.39 -5.29
CA MET B 1 -24.78 -5.04 -4.67
C MET B 1 -23.95 -3.98 -3.98
N GLN B 2 -24.46 -3.48 -2.87
CA GLN B 2 -23.77 -2.47 -2.10
C GLN B 2 -22.48 -3.05 -1.55
N ILE B 3 -21.54 -2.18 -1.24
CA ILE B 3 -20.26 -2.61 -0.72
C ILE B 3 -19.84 -1.72 0.43
N PHE B 4 -19.05 -2.27 1.34
CA PHE B 4 -18.62 -1.49 2.50
C PHE B 4 -17.28 -0.82 2.24
N VAL B 5 -17.24 0.50 2.35
CA VAL B 5 -15.99 1.22 2.13
C VAL B 5 -15.45 1.77 3.44
N LYS B 6 -14.38 1.18 3.94
CA LYS B 6 -13.80 1.63 5.19
C LYS B 6 -12.71 2.67 4.94
N THR B 7 -12.85 3.82 5.58
CA THR B 7 -11.89 4.91 5.43
C THR B 7 -10.70 4.72 6.35
N LEU B 8 -9.72 5.60 6.21
CA LEU B 8 -8.52 5.52 7.02
C LEU B 8 -8.86 5.70 8.50
N THR B 9 -9.97 6.39 8.75
CA THR B 9 -10.42 6.65 10.12
C THR B 9 -11.11 5.40 10.71
N GLY B 10 -11.37 4.40 9.86
CA GLY B 10 -12.04 3.19 10.31
C GLY B 10 -13.54 3.24 10.05
N LYS B 11 -14.06 4.42 9.70
CA LYS B 11 -15.48 4.58 9.41
C LYS B 11 -15.86 3.79 8.16
N THR B 12 -16.95 3.07 8.23
CA THR B 12 -17.39 2.27 7.09
C THR B 12 -18.57 2.93 6.39
N ILE B 13 -18.49 3.00 5.06
CA ILE B 13 -19.52 3.63 4.26
C ILE B 13 -20.09 2.65 3.24
N THR B 14 -21.35 2.27 3.39
CA THR B 14 -21.95 1.34 2.45
C THR B 14 -22.39 2.08 1.19
N LEU B 15 -21.92 1.63 0.03
CA LEU B 15 -22.27 2.26 -1.23
C LEU B 15 -22.99 1.27 -2.14
N GLU B 16 -24.24 1.56 -2.45
CA GLU B 16 -25.03 0.70 -3.33
C GLU B 16 -24.47 0.69 -4.75
N VAL B 17 -23.86 -0.44 -5.13
CA VAL B 17 -23.27 -0.55 -6.46
C VAL B 17 -23.65 -1.87 -7.10
N GLU B 18 -23.45 -1.96 -8.41
CA GLU B 18 -23.78 -3.18 -9.13
C GLU B 18 -22.51 -3.93 -9.54
N PRO B 19 -22.59 -5.21 -9.73
CA PRO B 19 -21.38 -6.02 -10.12
C PRO B 19 -20.72 -5.48 -11.39
N SER B 20 -21.54 -5.02 -12.32
CA SER B 20 -21.03 -4.47 -13.58
C SER B 20 -20.53 -3.03 -13.39
N ASP B 21 -20.81 -2.45 -12.22
CA ASP B 21 -20.39 -1.07 -11.95
C ASP B 21 -18.87 -0.94 -12.01
N THR B 22 -18.40 0.12 -12.65
CA THR B 22 -16.97 0.35 -12.77
C THR B 22 -16.40 0.95 -11.49
N ILE B 23 -15.08 0.88 -11.36
CA ILE B 23 -14.41 1.41 -10.17
C ILE B 23 -14.61 2.92 -10.11
N GLU B 24 -14.54 3.57 -11.26
CA GLU B 24 -14.70 5.01 -11.32
C GLU B 24 -16.07 5.41 -10.78
N ASN B 25 -17.09 4.63 -11.13
CA ASN B 25 -18.44 4.91 -10.67
C ASN B 25 -18.51 4.81 -9.15
N VAL B 26 -17.84 3.80 -8.61
CA VAL B 26 -17.82 3.61 -7.17
C VAL B 26 -17.14 4.79 -6.48
N LYS B 27 -16.04 5.27 -7.06
CA LYS B 27 -15.31 6.39 -6.49
C LYS B 27 -16.21 7.62 -6.43
N ALA B 28 -17.02 7.80 -7.47
CA ALA B 28 -17.93 8.94 -7.52
C ALA B 28 -18.92 8.86 -6.38
N LYS B 29 -19.39 7.65 -6.09
CA LYS B 29 -20.34 7.46 -5.01
C LYS B 29 -19.70 7.91 -3.71
N ILE B 30 -18.41 7.60 -3.58
CA ILE B 30 -17.67 7.99 -2.39
C ILE B 30 -17.59 9.51 -2.29
N GLN B 31 -17.36 10.16 -3.43
CA GLN B 31 -17.25 11.62 -3.46
C GLN B 31 -18.56 12.26 -2.99
N ASP B 32 -19.69 11.68 -3.41
CA ASP B 32 -20.99 12.21 -3.02
C ASP B 32 -21.41 11.71 -1.64
N LYS B 33 -20.48 11.10 -0.91
CA LYS B 33 -20.79 10.58 0.42
C LYS B 33 -19.93 11.28 1.47
N GLU B 34 -18.64 11.36 1.21
CA GLU B 34 -17.71 12.00 2.13
C GLU B 34 -17.15 13.29 1.54
N GLY B 35 -17.60 13.66 0.34
CA GLY B 35 -17.10 14.86 -0.30
C GLY B 35 -15.65 14.68 -0.71
N ILE B 36 -15.25 13.42 -0.91
CA ILE B 36 -13.88 13.12 -1.31
C ILE B 36 -13.73 13.23 -2.83
N PRO B 37 -12.93 14.14 -3.34
CA PRO B 37 -12.72 14.28 -4.83
C PRO B 37 -12.22 12.98 -5.47
N PRO B 38 -12.59 12.70 -6.71
CA PRO B 38 -12.14 11.45 -7.41
C PRO B 38 -10.62 11.29 -7.42
N ASP B 39 -9.92 12.41 -7.49
CA ASP B 39 -8.46 12.39 -7.53
C ASP B 39 -7.86 12.49 -6.12
N GLN B 40 -8.70 12.37 -5.10
CA GLN B 40 -8.22 12.46 -3.72
C GLN B 40 -8.55 11.18 -2.96
N GLN B 41 -8.63 10.06 -3.67
CA GLN B 41 -8.93 8.79 -3.04
C GLN B 41 -8.51 7.63 -3.92
N ARG B 42 -8.17 6.51 -3.28
CA ARG B 42 -7.78 5.32 -4.00
C ARG B 42 -8.53 4.11 -3.45
N LEU B 43 -9.19 3.39 -4.35
CA LEU B 43 -9.95 2.21 -3.96
C LEU B 43 -9.05 0.97 -3.99
N ILE B 44 -8.97 0.26 -2.87
CA ILE B 44 -8.12 -0.92 -2.81
C ILE B 44 -8.92 -2.13 -2.30
N PHE B 45 -8.86 -3.25 -3.03
CA PHE B 45 -9.58 -4.45 -2.65
C PHE B 45 -8.83 -5.71 -3.08
N ALA B 46 -9.03 -6.79 -2.33
CA ALA B 46 -8.37 -8.05 -2.63
C ALA B 46 -6.85 -7.93 -2.42
N GLY B 47 -6.45 -6.92 -1.68
CA GLY B 47 -5.03 -6.71 -1.42
C GLY B 47 -4.38 -5.91 -2.54
N ARG B 48 -5.11 -5.70 -3.63
CA ARG B 48 -4.57 -4.97 -4.76
C ARG B 48 -5.39 -3.72 -5.03
N GLN B 49 -4.72 -2.67 -5.46
CA GLN B 49 -5.40 -1.41 -5.76
C GLN B 49 -6.27 -1.58 -6.99
N LEU B 50 -7.52 -1.13 -6.88
CA LEU B 50 -8.47 -1.24 -7.98
C LEU B 50 -8.26 -0.14 -9.00
N GLU B 51 -7.67 -0.49 -10.13
CA GLU B 51 -7.42 0.48 -11.19
C GLU B 51 -8.71 0.81 -11.92
N ASP B 52 -8.67 1.86 -12.74
CA ASP B 52 -9.86 2.27 -13.50
C ASP B 52 -10.06 1.35 -14.70
N GLY B 53 -11.18 1.51 -15.38
CA GLY B 53 -11.48 0.70 -16.55
C GLY B 53 -11.78 -0.75 -16.14
N ARG B 54 -12.16 -0.94 -14.89
CA ARG B 54 -12.48 -2.27 -14.38
C ARG B 54 -13.81 -2.27 -13.66
N THR B 55 -14.43 -3.45 -13.57
CA THR B 55 -15.71 -3.58 -12.90
C THR B 55 -15.53 -4.26 -11.55
N LEU B 56 -16.52 -4.13 -10.68
CA LEU B 56 -16.45 -4.74 -9.37
C LEU B 56 -16.32 -6.26 -9.49
N SER B 57 -17.07 -6.84 -10.42
CA SER B 57 -17.02 -8.27 -10.64
C SER B 57 -15.63 -8.70 -11.09
N ASP B 58 -14.88 -7.76 -11.66
CA ASP B 58 -13.52 -8.06 -12.13
C ASP B 58 -12.65 -8.49 -10.97
N TYR B 59 -12.84 -7.85 -9.83
CA TYR B 59 -12.07 -8.16 -8.63
C TYR B 59 -12.85 -9.08 -7.69
N ASN B 60 -13.90 -9.70 -8.20
CA ASN B 60 -14.72 -10.60 -7.39
C ASN B 60 -15.28 -9.85 -6.18
N ILE B 61 -15.70 -8.61 -6.41
CA ILE B 61 -16.26 -7.81 -5.33
C ILE B 61 -17.77 -8.02 -5.27
N GLN B 62 -18.21 -8.78 -4.27
CA GLN B 62 -19.63 -9.06 -4.10
C GLN B 62 -20.25 -8.05 -3.16
N LYS B 63 -21.50 -8.28 -2.79
CA LYS B 63 -22.19 -7.38 -1.88
C LYS B 63 -21.56 -7.44 -0.49
N GLU B 64 -21.55 -6.32 0.20
CA GLU B 64 -21.02 -6.26 1.56
C GLU B 64 -19.53 -6.59 1.58
N SER B 65 -18.80 -6.05 0.60
CA SER B 65 -17.36 -6.27 0.51
C SER B 65 -16.62 -5.08 1.09
N THR B 66 -15.74 -5.34 2.05
CA THR B 66 -14.97 -4.27 2.67
C THR B 66 -13.86 -3.81 1.73
N LEU B 67 -13.84 -2.51 1.46
CA LEU B 67 -12.84 -1.93 0.59
C LEU B 67 -12.00 -0.94 1.35
N HIS B 68 -10.70 -0.94 1.10
CA HIS B 68 -9.82 -0.02 1.79
C HIS B 68 -9.74 1.29 1.01
N LEU B 69 -10.16 2.37 1.65
CA LEU B 69 -10.15 3.68 1.01
C LEU B 69 -8.94 4.47 1.51
N VAL B 70 -8.06 4.84 0.58
CA VAL B 70 -6.86 5.59 0.93
C VAL B 70 -6.97 7.02 0.44
N LEU B 71 -6.74 7.96 1.35
CA LEU B 71 -6.82 9.38 1.01
C LEU B 71 -5.42 9.98 0.97
N ARG B 72 -5.08 10.63 -0.15
CA ARG B 72 -3.76 11.22 -0.27
C ARG B 72 -3.55 12.32 0.77
N LEU B 73 -4.57 13.14 0.96
CA LEU B 73 -4.51 14.23 1.93
C LEU B 73 -5.88 14.45 2.57
N ARG B 74 -5.86 14.86 3.85
CA ARG B 74 -7.10 15.12 4.55
C ARG B 74 -7.22 16.59 4.88
N GLY B 75 -8.25 17.24 4.32
CA GLY B 75 -8.46 18.66 4.56
C GLY B 75 -7.54 19.52 3.69
N GLY B 76 -6.74 18.87 2.85
CA GLY B 76 -5.81 19.59 1.97
C GLY B 76 -4.38 19.13 2.20
N ASN C 24 9.77 3.67 2.77
CA ASN C 24 9.93 2.62 1.73
C ASN C 24 10.86 1.53 2.25
N LYS C 25 10.94 1.39 3.56
CA LYS C 25 11.79 0.37 4.17
C LYS C 25 11.12 -1.00 4.06
N TYR C 26 11.94 -2.05 4.02
CA TYR C 26 11.42 -3.39 3.92
C TYR C 26 11.15 -3.95 5.30
N LEU C 27 9.90 -4.15 5.60
CA LEU C 27 9.50 -4.67 6.89
C LEU C 27 10.00 -6.09 7.06
N VAL C 28 9.94 -6.86 5.98
CA VAL C 28 10.40 -8.26 6.04
C VAL C 28 10.94 -8.68 4.70
N GLU C 29 11.69 -9.76 4.68
CA GLU C 29 12.25 -10.26 3.44
C GLU C 29 12.95 -11.58 3.67
N PHE C 30 12.51 -12.58 2.92
CA PHE C 30 13.12 -13.90 3.02
C PHE C 30 12.92 -14.68 1.72
N ARG C 31 13.76 -15.69 1.52
CA ARG C 31 13.69 -16.49 0.29
C ARG C 31 12.49 -17.42 0.33
N ALA C 32 11.62 -17.29 -0.66
CA ALA C 32 10.46 -18.15 -0.74
C ALA C 32 9.98 -18.26 -2.18
N GLY C 33 9.50 -19.44 -2.55
CA GLY C 33 9.02 -19.65 -3.90
C GLY C 33 7.51 -19.82 -3.90
N LYS C 34 6.89 -19.49 -5.02
CA LYS C 34 5.44 -19.59 -5.15
C LYS C 34 5.03 -20.99 -5.59
N MET C 35 3.78 -21.37 -5.30
CA MET C 35 3.26 -22.69 -5.67
C MET C 35 1.98 -22.52 -6.49
N SER C 36 1.45 -23.61 -7.03
CA SER C 36 0.22 -23.54 -7.82
C SER C 36 -0.81 -24.51 -7.27
N LEU C 37 -1.99 -23.99 -6.94
CA LEU C 37 -3.04 -24.84 -6.43
C LEU C 37 -4.11 -25.02 -7.50
N LYS C 38 -4.31 -26.26 -7.92
CA LYS C 38 -5.31 -26.57 -8.93
C LYS C 38 -6.29 -27.59 -8.38
N GLY C 39 -7.56 -27.21 -8.32
CA GLY C 39 -8.59 -28.10 -7.80
C GLY C 39 -8.41 -28.29 -6.30
N THR C 40 -7.58 -29.26 -5.93
CA THR C 40 -7.31 -29.54 -4.52
C THR C 40 -5.90 -30.05 -4.33
N THR C 41 -5.01 -29.71 -5.27
CA THR C 41 -3.62 -30.14 -5.19
C THR C 41 -2.69 -28.94 -5.29
N VAL C 42 -1.73 -28.87 -4.37
CA VAL C 42 -0.77 -27.77 -4.36
C VAL C 42 0.59 -28.27 -4.85
N THR C 43 1.09 -27.65 -5.91
CA THR C 43 2.37 -28.05 -6.45
C THR C 43 3.35 -26.86 -6.43
N PRO C 44 4.50 -26.97 -5.80
CA PRO C 44 5.48 -25.84 -5.75
C PRO C 44 6.13 -25.57 -7.10
N ASP C 45 6.42 -24.28 -7.36
CA ASP C 45 7.06 -23.89 -8.60
C ASP C 45 8.54 -23.68 -8.35
N LYS C 46 9.36 -24.07 -9.33
CA LYS C 46 10.79 -23.92 -9.20
C LYS C 46 11.21 -22.45 -9.33
N ARG C 47 10.25 -21.57 -9.65
CA ARG C 47 10.56 -20.16 -9.78
C ARG C 47 10.79 -19.57 -8.40
N LYS C 48 11.94 -19.90 -7.81
CA LYS C 48 12.27 -19.41 -6.49
C LYS C 48 12.20 -17.90 -6.48
N GLY C 49 11.58 -17.36 -5.44
CA GLY C 49 11.45 -15.91 -5.34
C GLY C 49 11.85 -15.43 -3.96
N LEU C 50 11.39 -14.23 -3.65
CA LEU C 50 11.67 -13.62 -2.36
C LEU C 50 10.39 -12.98 -1.86
N VAL C 51 9.99 -13.31 -0.65
CA VAL C 51 8.81 -12.70 -0.09
C VAL C 51 9.20 -11.59 0.83
N TYR C 52 8.94 -10.36 0.43
CA TYR C 52 9.32 -9.24 1.27
C TYR C 52 8.18 -8.23 1.39
N ILE C 53 8.19 -7.49 2.50
CA ILE C 53 7.18 -6.50 2.78
C ILE C 53 7.80 -5.12 2.87
N GLN C 54 7.13 -4.13 2.28
CA GLN C 54 7.63 -2.76 2.29
C GLN C 54 6.50 -1.79 2.61
N GLN C 55 6.75 -0.89 3.54
CA GLN C 55 5.75 0.10 3.91
C GLN C 55 6.07 1.43 3.25
N THR C 56 5.10 1.95 2.51
CA THR C 56 5.28 3.21 1.83
C THR C 56 4.99 4.38 2.74
N ASP C 57 5.28 5.57 2.25
CA ASP C 57 5.03 6.77 3.01
C ASP C 57 3.53 6.94 3.23
N ASP C 58 2.73 6.13 2.53
CA ASP C 58 1.28 6.21 2.68
C ASP C 58 0.81 5.29 3.81
N SER C 59 1.75 4.60 4.45
CA SER C 59 1.43 3.69 5.55
C SER C 59 0.73 2.45 5.02
N LEU C 60 0.89 2.22 3.73
CA LEU C 60 0.31 1.06 3.09
C LEU C 60 1.36 0.00 2.98
N ILE C 61 1.08 -1.15 3.55
CA ILE C 61 2.03 -2.24 3.52
C ILE C 61 1.98 -2.91 2.17
N HIS C 62 3.13 -3.00 1.53
CA HIS C 62 3.21 -3.60 0.22
C HIS C 62 3.74 -5.03 0.31
N PHE C 63 2.90 -5.98 -0.09
CA PHE C 63 3.31 -7.38 -0.07
C PHE C 63 3.78 -7.74 -1.46
N CYS C 64 5.09 -7.91 -1.61
CA CYS C 64 5.64 -8.20 -2.91
C CYS C 64 6.41 -9.51 -2.96
N TRP C 65 6.33 -10.14 -4.11
CA TRP C 65 7.03 -11.40 -4.36
C TRP C 65 7.88 -11.22 -5.61
N LYS C 66 9.18 -11.28 -5.40
CA LYS C 66 10.12 -11.09 -6.48
C LYS C 66 10.74 -12.41 -6.90
N ASP C 67 10.75 -12.67 -8.19
CA ASP C 67 11.33 -13.89 -8.69
C ASP C 67 12.85 -13.78 -8.66
N ARG C 68 13.51 -14.78 -8.11
CA ARG C 68 14.97 -14.76 -8.02
C ARG C 68 15.60 -14.98 -9.39
N THR C 69 14.80 -15.52 -10.31
CA THR C 69 15.26 -15.79 -11.66
C THR C 69 15.73 -14.53 -12.37
N SER C 70 14.95 -13.46 -12.24
CA SER C 70 15.30 -12.19 -12.88
C SER C 70 15.55 -11.14 -11.80
N GLY C 71 15.11 -11.43 -10.59
CA GLY C 71 15.27 -10.49 -9.48
C GLY C 71 14.30 -9.32 -9.61
N ASN C 72 13.25 -9.51 -10.41
CA ASN C 72 12.25 -8.47 -10.61
C ASN C 72 11.00 -8.77 -9.78
N VAL C 73 10.35 -7.73 -9.30
CA VAL C 73 9.15 -7.92 -8.50
C VAL C 73 8.00 -8.37 -9.38
N GLU C 74 7.71 -9.67 -9.33
CA GLU C 74 6.63 -10.23 -10.13
C GLU C 74 5.27 -9.86 -9.53
N ASP C 75 5.20 -9.82 -8.20
CA ASP C 75 3.92 -9.51 -7.55
C ASP C 75 4.07 -8.34 -6.56
N ASP C 76 3.02 -7.54 -6.44
CA ASP C 76 3.02 -6.40 -5.52
C ASP C 76 1.60 -5.98 -5.16
N LEU C 77 1.14 -6.40 -3.99
CA LEU C 77 -0.21 -6.06 -3.56
C LEU C 77 -0.20 -5.43 -2.17
N ILE C 78 -0.92 -4.33 -2.01
CA ILE C 78 -0.98 -3.66 -0.74
C ILE C 78 -1.88 -4.43 0.22
N ILE C 79 -1.34 -4.77 1.38
CA ILE C 79 -2.10 -5.51 2.35
C ILE C 79 -2.41 -4.66 3.58
N PHE C 80 -3.69 -4.46 3.82
CA PHE C 80 -4.13 -3.68 4.96
C PHE C 80 -4.18 -4.53 6.23
N PRO C 81 -4.19 -3.91 7.38
CA PRO C 81 -4.23 -4.66 8.67
C PRO C 81 -5.40 -5.64 8.72
N ASP C 82 -5.11 -6.87 9.11
CA ASP C 82 -6.13 -7.90 9.21
C ASP C 82 -6.76 -8.20 7.85
N ASP C 83 -6.16 -7.72 6.78
CA ASP C 83 -6.67 -7.95 5.45
C ASP C 83 -6.23 -9.32 4.94
N CYS C 84 -5.10 -9.79 5.46
CA CYS C 84 -4.56 -11.07 5.05
C CYS C 84 -3.95 -11.81 6.22
N GLU C 85 -3.98 -13.13 6.13
CA GLU C 85 -3.45 -13.98 7.17
C GLU C 85 -2.34 -14.88 6.63
N PHE C 86 -1.21 -14.88 7.33
CA PHE C 86 -0.07 -15.70 6.93
C PHE C 86 0.06 -16.85 7.90
N LYS C 87 -0.07 -18.07 7.39
CA LYS C 87 -0.01 -19.25 8.24
C LYS C 87 0.73 -20.40 7.56
N ARG C 88 1.06 -21.43 8.34
CA ARG C 88 1.75 -22.58 7.80
C ARG C 88 0.74 -23.57 7.22
N VAL C 89 1.21 -24.44 6.35
CA VAL C 89 0.33 -25.43 5.73
C VAL C 89 0.68 -26.83 6.24
N PRO C 90 0.07 -27.29 7.30
CA PRO C 90 0.34 -28.64 7.85
C PRO C 90 -0.39 -29.73 7.08
N GLN C 91 -0.07 -29.85 5.79
CA GLN C 91 -0.69 -30.86 4.96
C GLN C 91 0.35 -31.88 4.51
N CYS C 92 1.56 -31.41 4.23
CA CYS C 92 2.63 -32.30 3.80
C CYS C 92 3.90 -32.03 4.60
N PRO C 93 3.97 -32.50 5.81
CA PRO C 93 5.16 -32.29 6.68
C PRO C 93 6.43 -32.80 6.00
N SER C 94 7.46 -31.95 5.99
CA SER C 94 8.74 -32.29 5.37
C SER C 94 9.61 -31.06 5.25
N GLY C 95 9.01 -29.98 4.73
CA GLY C 95 9.75 -28.73 4.56
C GLY C 95 9.01 -27.56 5.19
N ARG C 96 9.18 -26.38 4.61
CA ARG C 96 8.53 -25.18 5.11
C ARG C 96 7.55 -24.63 4.08
N VAL C 97 6.26 -24.81 4.34
CA VAL C 97 5.22 -24.34 3.43
C VAL C 97 4.24 -23.44 4.17
N TYR C 98 4.00 -22.27 3.60
CA TYR C 98 3.08 -21.31 4.20
C TYR C 98 2.03 -20.86 3.18
N VAL C 99 0.86 -20.45 3.67
CA VAL C 99 -0.21 -20.02 2.81
C VAL C 99 -0.73 -18.67 3.27
N LEU C 100 -0.94 -17.76 2.33
CA LEU C 100 -1.45 -16.45 2.64
C LEU C 100 -2.92 -16.40 2.23
N LYS C 101 -3.80 -16.09 3.18
CA LYS C 101 -5.22 -16.05 2.87
C LYS C 101 -5.80 -14.67 3.15
N PHE C 102 -6.53 -14.14 2.17
CA PHE C 102 -7.13 -12.83 2.33
C PHE C 102 -8.48 -12.98 3.00
N LYS C 103 -8.58 -12.41 4.19
CA LYS C 103 -9.80 -12.49 4.96
C LYS C 103 -10.94 -11.86 4.19
N ALA C 104 -10.65 -10.79 3.46
CA ALA C 104 -11.69 -10.12 2.69
C ALA C 104 -11.46 -10.29 1.19
N GLY C 105 -10.23 -10.60 0.81
CA GLY C 105 -9.88 -10.79 -0.60
C GLY C 105 -10.43 -12.10 -1.16
N SER C 106 -10.75 -13.04 -0.28
CA SER C 106 -11.29 -14.33 -0.71
C SER C 106 -10.31 -15.05 -1.64
N LYS C 107 -9.02 -14.76 -1.48
CA LYS C 107 -8.00 -15.38 -2.30
C LYS C 107 -6.94 -16.04 -1.42
N ARG C 108 -6.31 -17.09 -1.93
CA ARG C 108 -5.27 -17.78 -1.16
C ARG C 108 -4.02 -18.00 -2.01
N LEU C 109 -2.86 -17.81 -1.39
CA LEU C 109 -1.59 -17.98 -2.06
C LEU C 109 -0.75 -19.01 -1.32
N PHE C 110 0.08 -19.74 -2.06
CA PHE C 110 0.93 -20.76 -1.46
C PHE C 110 2.41 -20.44 -1.69
N PHE C 111 3.22 -20.57 -0.63
CA PHE C 111 4.64 -20.31 -0.73
C PHE C 111 5.44 -21.33 0.04
N TRP C 112 6.69 -21.47 -0.34
CA TRP C 112 7.57 -22.40 0.34
C TRP C 112 8.92 -21.73 0.60
N MET C 113 9.46 -21.93 1.80
CA MET C 113 10.73 -21.31 2.16
C MET C 113 11.90 -21.98 1.46
N GLN C 114 12.81 -21.17 0.94
CA GLN C 114 13.98 -21.67 0.23
C GLN C 114 15.24 -21.49 1.08
N GLU C 115 15.08 -20.93 2.28
CA GLU C 115 16.24 -20.74 3.16
C GLU C 115 16.76 -22.09 3.66
N PRO C 116 18.07 -22.29 3.72
CA PRO C 116 18.63 -23.59 4.19
C PRO C 116 18.40 -23.84 5.67
N LYS C 117 18.24 -22.77 6.45
CA LYS C 117 18.02 -22.90 7.88
C LYS C 117 16.66 -22.35 8.26
N THR C 118 16.00 -23.03 9.19
CA THR C 118 14.69 -22.58 9.66
C THR C 118 14.83 -21.73 10.90
N ASP C 119 16.06 -21.38 11.25
CA ASP C 119 16.32 -20.58 12.42
C ASP C 119 15.60 -19.23 12.31
N GLN C 120 15.26 -18.84 11.08
CA GLN C 120 14.57 -17.57 10.87
C GLN C 120 13.22 -17.78 10.17
N ASP C 121 12.86 -19.04 9.93
CA ASP C 121 11.59 -19.34 9.26
C ASP C 121 10.41 -18.83 10.08
N GLU C 122 10.40 -19.16 11.35
CA GLU C 122 9.33 -18.74 12.24
C GLU C 122 9.30 -17.23 12.40
N GLU C 123 10.48 -16.64 12.49
CA GLU C 123 10.60 -15.21 12.65
C GLU C 123 10.03 -14.48 11.44
N HIS C 124 10.33 -14.99 10.26
CA HIS C 124 9.84 -14.39 9.02
C HIS C 124 8.34 -14.50 8.98
N CYS C 125 7.89 -15.65 9.39
CA CYS C 125 6.49 -15.93 9.44
C CYS C 125 5.81 -14.97 10.41
N ARG C 126 6.45 -14.78 11.56
CA ARG C 126 5.90 -13.89 12.58
C ARG C 126 5.89 -12.45 12.09
N LYS C 127 6.98 -12.05 11.45
CA LYS C 127 7.09 -10.70 10.92
C LYS C 127 6.03 -10.46 9.87
N VAL C 128 5.82 -11.43 9.01
CA VAL C 128 4.83 -11.27 7.97
C VAL C 128 3.47 -10.99 8.58
N ASN C 129 3.07 -11.80 9.55
CA ASN C 129 1.79 -11.61 10.22
C ASN C 129 1.76 -10.31 11.01
N GLU C 130 2.87 -9.99 11.65
CA GLU C 130 2.92 -8.79 12.46
C GLU C 130 2.96 -7.54 11.60
N TYR C 131 3.47 -7.66 10.39
CA TYR C 131 3.55 -6.51 9.51
C TYR C 131 2.26 -6.35 8.72
N LEU C 132 1.58 -7.46 8.47
CA LEU C 132 0.34 -7.43 7.71
C LEU C 132 -0.87 -7.28 8.66
N ASN C 133 -0.66 -7.53 9.94
CA ASN C 133 -1.73 -7.41 10.91
C ASN C 133 -1.40 -6.34 11.94
N ASN C 134 -0.12 -5.99 12.03
CA ASN C 134 0.29 -4.96 12.99
C ASN C 134 1.38 -4.07 12.41
N PRO C 135 1.05 -3.31 11.41
CA PRO C 135 2.02 -2.39 10.75
C PRO C 135 2.41 -1.21 11.64
N PRO C 136 3.57 -0.63 11.43
CA PRO C 136 4.04 0.52 12.24
C PRO C 136 3.40 1.85 11.80
N GLN D 5 23.82 -26.38 1.70
CA GLN D 5 23.53 -25.77 0.38
C GLN D 5 22.05 -25.35 0.35
N GLU D 6 21.58 -24.94 -0.83
CA GLU D 6 20.19 -24.52 -0.98
C GLU D 6 19.25 -25.72 -0.82
N PRO D 7 18.12 -25.56 -0.15
CA PRO D 7 17.15 -26.67 0.03
C PRO D 7 16.31 -26.92 -1.22
N GLU D 8 16.00 -28.18 -1.49
CA GLU D 8 15.19 -28.53 -2.65
C GLU D 8 13.71 -28.29 -2.36
N PRO D 9 12.90 -28.05 -3.37
CA PRO D 9 11.43 -27.81 -3.17
C PRO D 9 10.70 -29.07 -2.69
N PRO D 10 9.63 -28.92 -1.94
CA PRO D 10 8.84 -30.08 -1.42
C PRO D 10 8.00 -30.74 -2.52
N GLU D 11 7.60 -31.98 -2.29
CA GLU D 11 6.79 -32.71 -3.27
C GLU D 11 5.34 -32.21 -3.24
N PRO D 12 4.60 -32.37 -4.32
CA PRO D 12 3.17 -31.93 -4.39
C PRO D 12 2.28 -32.70 -3.41
N PHE D 13 1.21 -32.06 -2.94
CA PHE D 13 0.29 -32.71 -1.99
C PHE D 13 -1.12 -32.14 -2.13
N GLU D 14 -2.09 -32.83 -1.53
CA GLU D 14 -3.47 -32.39 -1.60
C GLU D 14 -3.77 -31.38 -0.51
N TYR D 15 -4.48 -30.33 -0.87
CA TYR D 15 -4.85 -29.27 0.07
C TYR D 15 -6.35 -29.12 0.11
N ILE D 16 -6.90 -29.13 1.32
CA ILE D 16 -8.33 -28.98 1.48
C ILE D 16 -8.60 -27.92 2.51
N ASP D 17 -9.47 -26.98 2.19
CA ASP D 17 -9.79 -25.92 3.13
C ASP D 17 -10.59 -26.48 4.30
N ASP D 18 -9.88 -27.05 5.27
CA ASP D 18 -10.54 -27.61 6.45
C ASP D 18 -9.92 -27.04 7.73
N MET A 1 5.42 25.37 -17.04
CA MET A 1 4.21 25.83 -16.29
C MET A 1 4.66 26.62 -15.07
N GLN A 2 5.21 27.80 -15.34
CA GLN A 2 5.68 28.66 -14.27
C GLN A 2 4.53 28.99 -13.34
N ILE A 3 4.86 29.39 -12.14
CA ILE A 3 3.87 29.73 -11.13
C ILE A 3 4.28 30.98 -10.40
N PHE A 4 3.30 31.70 -9.87
CA PHE A 4 3.59 32.94 -9.16
C PHE A 4 3.75 32.67 -7.67
N VAL A 5 4.90 33.05 -7.12
CA VAL A 5 5.13 32.83 -5.68
C VAL A 5 5.17 34.16 -4.95
N LYS A 6 4.12 34.45 -4.18
CA LYS A 6 4.07 35.70 -3.45
C LYS A 6 4.67 35.52 -2.05
N THR A 7 5.54 36.44 -1.67
CA THR A 7 6.18 36.37 -0.36
C THR A 7 5.25 36.92 0.71
N LEU A 8 5.81 37.25 1.87
CA LEU A 8 5.01 37.79 2.95
C LEU A 8 4.31 39.08 2.51
N THR A 9 4.86 39.70 1.46
CA THR A 9 4.29 40.93 0.94
C THR A 9 3.73 40.69 -0.47
N GLY A 10 3.25 41.75 -1.10
CA GLY A 10 2.69 41.63 -2.45
C GLY A 10 3.75 41.18 -3.44
N LYS A 11 5.03 41.27 -3.04
CA LYS A 11 6.11 40.86 -3.93
C LYS A 11 5.82 39.47 -4.47
N THR A 12 5.89 39.34 -5.80
CA THR A 12 5.61 38.07 -6.44
C THR A 12 6.80 37.62 -7.28
N ILE A 13 7.13 36.34 -7.20
CA ILE A 13 8.24 35.78 -7.94
C ILE A 13 7.79 34.62 -8.81
N THR A 14 7.86 34.79 -10.14
CA THR A 14 7.43 33.73 -11.04
C THR A 14 8.54 32.71 -11.17
N LEU A 15 8.23 31.44 -10.93
CA LEU A 15 9.23 30.39 -11.04
C LEU A 15 8.78 29.35 -12.05
N GLU A 16 9.63 29.05 -13.03
CA GLU A 16 9.31 28.06 -14.03
C GLU A 16 9.28 26.68 -13.41
N VAL A 17 8.11 26.05 -13.42
CA VAL A 17 7.96 24.72 -12.86
C VAL A 17 7.11 23.85 -13.78
N GLU A 18 7.01 22.58 -13.44
CA GLU A 18 6.21 21.65 -14.23
C GLU A 18 5.20 20.94 -13.34
N PRO A 19 4.12 20.48 -13.90
CA PRO A 19 3.07 19.78 -13.12
C PRO A 19 3.61 18.55 -12.41
N SER A 20 4.64 17.94 -13.00
CA SER A 20 5.25 16.74 -12.42
C SER A 20 6.32 17.10 -11.39
N ASP A 21 6.76 18.36 -11.38
CA ASP A 21 7.77 18.79 -10.42
C ASP A 21 7.25 18.67 -8.99
N THR A 22 8.14 18.27 -8.09
CA THR A 22 7.75 18.12 -6.70
C THR A 22 7.87 19.44 -5.95
N ILE A 23 7.32 19.48 -4.74
CA ILE A 23 7.36 20.70 -3.94
C ILE A 23 8.81 21.04 -3.61
N GLU A 24 9.63 20.01 -3.39
CA GLU A 24 11.03 20.22 -3.06
C GLU A 24 11.71 21.01 -4.18
N ASN A 25 11.41 20.64 -5.43
CA ASN A 25 11.99 21.33 -6.57
C ASN A 25 11.57 22.79 -6.58
N VAL A 26 10.30 23.03 -6.28
CA VAL A 26 9.77 24.39 -6.25
C VAL A 26 10.47 25.22 -5.18
N LYS A 27 10.67 24.62 -4.02
CA LYS A 27 11.31 25.32 -2.91
C LYS A 27 12.73 25.71 -3.31
N ALA A 28 13.42 24.82 -4.00
CA ALA A 28 14.77 25.10 -4.45
C ALA A 28 14.79 26.30 -5.37
N LYS A 29 13.77 26.40 -6.23
CA LYS A 29 13.69 27.51 -7.16
C LYS A 29 13.63 28.81 -6.37
N ILE A 30 12.90 28.77 -5.26
CA ILE A 30 12.81 29.96 -4.41
C ILE A 30 14.17 30.28 -3.79
N GLN A 31 14.88 29.24 -3.36
CA GLN A 31 16.18 29.41 -2.74
C GLN A 31 17.17 30.09 -3.70
N ASP A 32 17.10 29.73 -4.96
CA ASP A 32 18.00 30.30 -5.96
C ASP A 32 17.42 31.56 -6.58
N LYS A 33 16.33 32.08 -6.00
CA LYS A 33 15.69 33.29 -6.51
C LYS A 33 15.69 34.40 -5.46
N GLU A 34 15.55 34.00 -4.20
CA GLU A 34 15.52 34.95 -3.08
C GLU A 34 16.58 34.62 -2.04
N GLY A 35 17.13 33.41 -2.12
CA GLY A 35 18.14 32.98 -1.16
C GLY A 35 17.51 32.45 0.12
N ILE A 36 16.20 32.18 0.09
CA ILE A 36 15.51 31.66 1.26
C ILE A 36 15.80 30.17 1.43
N PRO A 37 16.22 29.72 2.60
CA PRO A 37 16.54 28.27 2.84
C PRO A 37 15.26 27.43 2.89
N PRO A 38 15.34 26.15 2.59
CA PRO A 38 14.15 25.27 2.60
C PRO A 38 13.39 25.31 3.92
N ASP A 39 14.12 25.39 5.01
CA ASP A 39 13.50 25.43 6.33
C ASP A 39 12.61 26.66 6.47
N GLN A 40 13.11 27.81 6.01
CA GLN A 40 12.33 29.04 6.09
C GLN A 40 11.36 29.15 4.91
N GLN A 41 11.52 28.29 3.91
CA GLN A 41 10.64 28.33 2.75
C GLN A 41 9.36 27.55 3.02
N ARG A 42 8.28 28.27 3.30
CA ARG A 42 7.00 27.62 3.55
C ARG A 42 6.12 27.74 2.32
N LEU A 43 5.90 26.63 1.64
CA LEU A 43 5.08 26.61 0.43
C LEU A 43 3.66 26.15 0.74
N ILE A 44 2.71 27.07 0.67
CA ILE A 44 1.32 26.75 0.94
C ILE A 44 0.42 27.20 -0.21
N PHE A 45 -0.41 26.30 -0.72
CA PHE A 45 -1.31 26.63 -1.82
C PHE A 45 -2.72 26.14 -1.54
N ALA A 46 -3.70 27.01 -1.75
CA ALA A 46 -5.10 26.66 -1.52
C ALA A 46 -5.35 26.38 -0.03
N GLY A 47 -4.54 27.00 0.81
CA GLY A 47 -4.68 26.82 2.26
C GLY A 47 -4.16 25.45 2.69
N LYS A 48 -3.42 24.78 1.80
CA LYS A 48 -2.87 23.47 2.11
C LYS A 48 -1.35 23.50 2.04
N GLN A 49 -0.71 22.92 3.05
CA GLN A 49 0.75 22.89 3.08
C GLN A 49 1.27 21.92 2.04
N LEU A 50 2.24 22.36 1.25
CA LEU A 50 2.80 21.51 0.21
C LEU A 50 3.89 20.61 0.78
N GLU A 51 3.53 19.35 1.06
CA GLU A 51 4.49 18.40 1.61
C GLU A 51 5.46 17.90 0.54
N ASP A 52 6.70 17.69 0.95
CA ASP A 52 7.71 17.21 0.01
C ASP A 52 7.33 15.84 -0.52
N GLY A 53 7.67 15.60 -1.78
CA GLY A 53 7.35 14.33 -2.40
C GLY A 53 6.08 14.43 -3.25
N ARG A 54 5.28 15.47 -2.99
CA ARG A 54 4.05 15.66 -3.76
C ARG A 54 4.31 16.54 -4.97
N THR A 55 3.61 16.26 -6.07
CA THR A 55 3.80 17.04 -7.29
C THR A 55 2.87 18.24 -7.31
N LEU A 56 3.18 19.22 -8.15
CA LEU A 56 2.36 20.42 -8.26
C LEU A 56 0.94 20.07 -8.69
N SER A 57 0.82 19.12 -9.61
CA SER A 57 -0.48 18.70 -10.10
C SER A 57 -1.33 18.11 -8.96
N ASP A 58 -0.66 17.63 -7.92
CA ASP A 58 -1.36 17.06 -6.78
C ASP A 58 -2.25 18.10 -6.12
N TYR A 59 -1.76 19.32 -6.07
CA TYR A 59 -2.51 20.42 -5.46
C TYR A 59 -3.28 21.22 -6.50
N ASN A 60 -3.40 20.65 -7.71
CA ASN A 60 -4.11 21.34 -8.78
C ASN A 60 -3.46 22.68 -9.07
N ILE A 61 -2.14 22.71 -9.02
CA ILE A 61 -1.40 23.94 -9.29
C ILE A 61 -1.17 24.08 -10.80
N GLN A 62 -1.67 25.17 -11.37
CA GLN A 62 -1.54 25.42 -12.79
C GLN A 62 -0.59 26.57 -13.05
N LYS A 63 -0.40 26.90 -14.32
CA LYS A 63 0.50 27.99 -14.67
C LYS A 63 0.02 29.29 -14.04
N GLU A 64 0.97 30.13 -13.65
CA GLU A 64 0.66 31.41 -13.03
C GLU A 64 -0.14 31.22 -11.74
N SER A 65 -0.01 30.04 -11.13
CA SER A 65 -0.70 29.75 -9.89
C SER A 65 -0.04 30.50 -8.74
N THR A 66 -0.82 31.30 -8.01
CA THR A 66 -0.28 32.06 -6.89
C THR A 66 -0.01 31.12 -5.72
N LEU A 67 1.20 31.18 -5.19
CA LEU A 67 1.58 30.34 -4.07
C LEU A 67 1.87 31.21 -2.85
N HIS A 68 1.44 30.74 -1.69
CA HIS A 68 1.65 31.47 -0.47
C HIS A 68 3.00 31.10 0.14
N LEU A 69 3.95 32.02 0.07
CA LEU A 69 5.28 31.79 0.60
C LEU A 69 5.43 32.50 1.94
N VAL A 70 5.71 31.73 2.99
CA VAL A 70 5.87 32.31 4.32
C VAL A 70 7.26 32.01 4.87
N LEU A 71 7.84 33.01 5.52
CA LEU A 71 9.17 32.88 6.07
C LEU A 71 9.11 32.82 7.59
N ARG A 72 9.97 31.99 8.20
CA ARG A 72 9.98 31.87 9.66
C ARG A 72 10.37 33.20 10.30
N LEU A 73 11.33 33.89 9.68
CA LEU A 73 11.79 35.17 10.20
C LEU A 73 11.14 36.32 9.42
N ARG A 74 10.70 37.33 10.15
CA ARG A 74 10.05 38.48 9.52
C ARG A 74 10.70 39.79 10.01
N GLY A 75 11.96 39.71 10.43
CA GLY A 75 12.66 40.88 10.91
C GLY A 75 12.24 41.21 12.35
N GLY A 76 11.64 40.24 13.03
CA GLY A 76 11.20 40.46 14.41
C GLY A 76 10.79 39.14 15.06
N ASP A 77 10.47 39.21 16.35
CA ASP A 77 10.07 38.00 17.07
C ASP A 77 9.02 38.34 18.14
N MET B 1 -25.55 -5.09 -4.69
CA MET B 1 -24.38 -5.65 -3.95
C MET B 1 -23.59 -4.51 -3.32
N GLN B 2 -24.09 -4.02 -2.19
CA GLN B 2 -23.43 -2.94 -1.49
C GLN B 2 -22.07 -3.38 -0.98
N ILE B 3 -21.24 -2.41 -0.65
CA ILE B 3 -19.91 -2.68 -0.15
C ILE B 3 -19.54 -1.64 0.91
N PHE B 4 -18.75 -2.06 1.89
CA PHE B 4 -18.36 -1.15 2.97
C PHE B 4 -17.01 -0.52 2.67
N VAL B 5 -16.96 0.81 2.62
CA VAL B 5 -15.70 1.49 2.35
C VAL B 5 -15.13 2.08 3.63
N LYS B 6 -14.02 1.52 4.09
CA LYS B 6 -13.40 2.00 5.32
C LYS B 6 -12.29 3.01 5.01
N THR B 7 -12.40 4.19 5.59
CA THR B 7 -11.43 5.25 5.39
C THR B 7 -10.23 5.08 6.30
N LEU B 8 -9.22 5.91 6.09
CA LEU B 8 -8.02 5.86 6.89
C LEU B 8 -8.34 6.19 8.35
N THR B 9 -9.43 6.91 8.55
CA THR B 9 -9.85 7.30 9.90
C THR B 9 -10.62 6.17 10.59
N GLY B 10 -10.93 5.11 9.83
CA GLY B 10 -11.67 3.98 10.38
C GLY B 10 -13.16 4.08 10.07
N LYS B 11 -13.61 5.24 9.63
CA LYS B 11 -15.00 5.43 9.29
C LYS B 11 -15.40 4.52 8.13
N THR B 12 -16.51 3.81 8.28
CA THR B 12 -16.97 2.90 7.23
C THR B 12 -18.20 3.44 6.55
N ILE B 13 -18.20 3.41 5.22
CA ILE B 13 -19.30 3.93 4.43
C ILE B 13 -19.85 2.85 3.49
N THR B 14 -21.04 2.35 3.78
CA THR B 14 -21.64 1.33 2.94
C THR B 14 -22.29 1.98 1.72
N LEU B 15 -21.88 1.54 0.54
CA LEU B 15 -22.41 2.09 -0.71
C LEU B 15 -23.02 0.99 -1.55
N GLU B 16 -24.25 1.20 -2.00
CA GLU B 16 -24.93 0.21 -2.83
C GLU B 16 -24.35 0.19 -4.23
N VAL B 17 -23.72 -0.92 -4.59
CA VAL B 17 -23.12 -1.06 -5.91
C VAL B 17 -23.47 -2.42 -6.49
N GLU B 18 -23.16 -2.61 -7.77
CA GLU B 18 -23.42 -3.88 -8.44
C GLU B 18 -22.12 -4.47 -8.96
N PRO B 19 -22.04 -5.77 -9.11
CA PRO B 19 -20.79 -6.43 -9.61
C PRO B 19 -20.34 -5.87 -10.96
N SER B 20 -21.32 -5.57 -11.82
CA SER B 20 -21.02 -5.05 -13.15
C SER B 20 -20.51 -3.61 -13.09
N ASP B 21 -20.80 -2.92 -11.99
CA ASP B 21 -20.35 -1.53 -11.87
C ASP B 21 -18.83 -1.47 -11.86
N THR B 22 -18.29 -0.42 -12.46
CA THR B 22 -16.85 -0.27 -12.52
C THR B 22 -16.32 0.45 -11.29
N ILE B 23 -15.01 0.45 -11.12
CA ILE B 23 -14.38 1.10 -9.99
C ILE B 23 -14.67 2.59 -10.02
N GLU B 24 -14.71 3.16 -11.21
CA GLU B 24 -14.98 4.58 -11.36
C GLU B 24 -16.34 4.91 -10.76
N ASN B 25 -17.33 4.04 -11.01
CA ASN B 25 -18.66 4.26 -10.48
C ASN B 25 -18.65 4.24 -8.96
N VAL B 26 -17.89 3.32 -8.39
CA VAL B 26 -17.80 3.20 -6.94
C VAL B 26 -17.16 4.46 -6.35
N LYS B 27 -16.11 4.95 -7.00
CA LYS B 27 -15.43 6.15 -6.52
C LYS B 27 -16.40 7.32 -6.51
N ALA B 28 -17.24 7.39 -7.52
CA ALA B 28 -18.22 8.47 -7.60
C ALA B 28 -19.16 8.42 -6.40
N LYS B 29 -19.54 7.21 -6.01
CA LYS B 29 -20.41 7.05 -4.87
C LYS B 29 -19.74 7.65 -3.64
N ILE B 30 -18.43 7.43 -3.55
CA ILE B 30 -17.65 7.99 -2.44
C ILE B 30 -17.66 9.51 -2.50
N GLN B 31 -17.57 10.05 -3.71
CA GLN B 31 -17.56 11.49 -3.88
C GLN B 31 -18.85 12.10 -3.33
N ASP B 32 -19.97 11.41 -3.55
CA ASP B 32 -21.27 11.90 -3.08
C ASP B 32 -21.37 11.86 -1.54
N LYS B 33 -21.14 10.68 -0.95
CA LYS B 33 -21.22 10.56 0.51
C LYS B 33 -20.14 11.38 1.21
N GLU B 34 -18.95 11.36 0.64
CA GLU B 34 -17.84 12.10 1.20
C GLU B 34 -17.24 13.00 0.12
N GLY B 35 -16.86 14.21 0.50
CA GLY B 35 -16.27 15.13 -0.46
C GLY B 35 -14.84 14.75 -0.79
N ILE B 36 -14.67 13.57 -1.38
CA ILE B 36 -13.35 13.10 -1.76
C ILE B 36 -13.26 12.97 -3.29
N PRO B 37 -12.50 13.81 -3.96
CA PRO B 37 -12.36 13.73 -5.45
C PRO B 37 -11.83 12.36 -5.86
N PRO B 38 -12.18 11.89 -7.04
CA PRO B 38 -11.71 10.54 -7.51
C PRO B 38 -10.20 10.36 -7.40
N ASP B 39 -9.45 11.39 -7.76
CA ASP B 39 -8.00 11.32 -7.68
C ASP B 39 -7.55 11.16 -6.22
N GLN B 40 -8.16 11.93 -5.34
CA GLN B 40 -7.82 11.88 -3.92
C GLN B 40 -8.11 10.51 -3.34
N GLN B 41 -9.25 9.93 -3.72
CA GLN B 41 -9.64 8.62 -3.22
C GLN B 41 -9.01 7.51 -4.05
N ARG B 42 -8.63 6.45 -3.36
CA ARG B 42 -8.05 5.29 -4.02
C ARG B 42 -8.63 4.03 -3.40
N LEU B 43 -9.48 3.35 -4.16
CA LEU B 43 -10.11 2.13 -3.70
C LEU B 43 -9.16 0.95 -3.84
N ILE B 44 -9.03 0.15 -2.79
CA ILE B 44 -8.14 -1.01 -2.82
C ILE B 44 -8.88 -2.25 -2.31
N PHE B 45 -8.84 -3.33 -3.09
CA PHE B 45 -9.51 -4.56 -2.70
C PHE B 45 -8.74 -5.78 -3.21
N ALA B 46 -8.90 -6.90 -2.52
CA ALA B 46 -8.21 -8.13 -2.91
C ALA B 46 -6.71 -7.97 -2.74
N GLY B 47 -6.30 -6.94 -1.99
CA GLY B 47 -4.89 -6.69 -1.76
C GLY B 47 -4.30 -5.84 -2.88
N ARG B 48 -5.07 -5.60 -3.94
CA ARG B 48 -4.58 -4.80 -5.05
C ARG B 48 -5.46 -3.59 -5.27
N GLN B 49 -4.84 -2.50 -5.69
CA GLN B 49 -5.58 -1.28 -5.92
C GLN B 49 -6.53 -1.44 -7.11
N LEU B 50 -7.76 -0.99 -6.92
CA LEU B 50 -8.79 -1.12 -7.95
C LEU B 50 -8.56 -0.13 -9.09
N GLU B 51 -8.06 -0.64 -10.22
CA GLU B 51 -7.80 0.20 -11.37
C GLU B 51 -9.11 0.55 -12.09
N ASP B 52 -9.11 1.70 -12.77
CA ASP B 52 -10.29 2.14 -13.50
C ASP B 52 -10.53 1.27 -14.73
N GLY B 53 -11.79 1.19 -15.17
CA GLY B 53 -12.13 0.39 -16.34
C GLY B 53 -12.27 -1.09 -15.97
N ARG B 54 -12.49 -1.36 -14.69
CA ARG B 54 -12.64 -2.73 -14.22
C ARG B 54 -13.90 -2.88 -13.38
N THR B 55 -14.60 -3.99 -13.55
CA THR B 55 -15.83 -4.23 -12.80
C THR B 55 -15.53 -4.72 -11.39
N LEU B 56 -16.51 -4.65 -10.50
CA LEU B 56 -16.33 -5.11 -9.13
C LEU B 56 -16.10 -6.62 -9.10
N SER B 57 -16.82 -7.35 -9.95
CA SER B 57 -16.69 -8.80 -9.99
C SER B 57 -15.28 -9.23 -10.39
N ASP B 58 -14.57 -8.34 -11.08
CA ASP B 58 -13.21 -8.63 -11.52
C ASP B 58 -12.30 -8.84 -10.30
N TYR B 59 -12.63 -8.16 -9.21
CA TYR B 59 -11.85 -8.25 -7.99
C TYR B 59 -12.53 -9.17 -6.97
N ASN B 60 -13.53 -9.91 -7.42
CA ASN B 60 -14.26 -10.81 -6.52
C ASN B 60 -14.88 -10.02 -5.37
N ILE B 61 -15.30 -8.78 -5.68
CA ILE B 61 -15.92 -7.94 -4.66
C ILE B 61 -17.37 -8.34 -4.49
N GLN B 62 -17.66 -9.03 -3.40
CA GLN B 62 -19.01 -9.49 -3.11
C GLN B 62 -19.74 -8.49 -2.25
N LYS B 63 -20.99 -8.80 -1.94
CA LYS B 63 -21.79 -7.91 -1.11
C LYS B 63 -21.16 -7.78 0.26
N GLU B 64 -21.23 -6.58 0.82
CA GLU B 64 -20.69 -6.30 2.13
C GLU B 64 -19.16 -6.41 2.15
N SER B 65 -18.55 -6.43 0.97
CA SER B 65 -17.09 -6.49 0.89
C SER B 65 -16.50 -5.20 1.44
N THR B 66 -15.49 -5.33 2.29
CA THR B 66 -14.86 -4.16 2.87
C THR B 66 -13.73 -3.69 1.98
N LEU B 67 -13.86 -2.50 1.43
CA LEU B 67 -12.85 -1.94 0.55
C LEU B 67 -12.04 -0.88 1.29
N HIS B 68 -10.74 -0.88 1.07
CA HIS B 68 -9.87 0.08 1.73
C HIS B 68 -9.81 1.38 0.93
N LEU B 69 -10.03 2.50 1.61
CA LEU B 69 -9.99 3.80 0.96
C LEU B 69 -8.74 4.56 1.38
N VAL B 70 -7.92 4.93 0.41
CA VAL B 70 -6.69 5.67 0.69
C VAL B 70 -6.81 7.10 0.20
N LEU B 71 -6.51 8.04 1.07
CA LEU B 71 -6.62 9.46 0.72
C LEU B 71 -5.23 10.10 0.65
N ARG B 72 -4.85 10.58 -0.53
CA ARG B 72 -3.54 11.21 -0.67
C ARG B 72 -3.43 12.47 0.19
N LEU B 73 -4.47 13.30 0.17
CA LEU B 73 -4.46 14.52 0.96
C LEU B 73 -5.87 14.84 1.42
N ARG B 74 -6.01 15.27 2.67
CA ARG B 74 -7.33 15.60 3.20
C ARG B 74 -7.85 16.87 2.53
N GLY B 75 -9.01 16.74 1.87
CA GLY B 75 -9.62 17.88 1.19
C GLY B 75 -8.78 18.29 -0.02
N GLY B 76 -8.00 17.37 -0.55
CA GLY B 76 -7.15 17.67 -1.69
C GLY B 76 -6.10 18.72 -1.33
N ASN C 24 10.49 3.94 1.91
CA ASN C 24 10.13 2.59 1.39
C ASN C 24 10.94 1.53 2.12
N LYS C 25 10.85 1.53 3.45
CA LYS C 25 11.58 0.56 4.26
C LYS C 25 10.96 -0.82 4.10
N TYR C 26 11.81 -1.86 4.16
CA TYR C 26 11.32 -3.22 4.04
C TYR C 26 11.04 -3.80 5.41
N LEU C 27 9.78 -4.04 5.67
CA LEU C 27 9.38 -4.59 6.94
C LEU C 27 9.87 -6.02 7.10
N VAL C 28 9.86 -6.76 6.00
CA VAL C 28 10.34 -8.15 6.05
C VAL C 28 10.92 -8.54 4.71
N GLU C 29 11.71 -9.60 4.71
CA GLU C 29 12.31 -10.07 3.47
C GLU C 29 13.03 -11.38 3.69
N PHE C 30 12.63 -12.38 2.93
CA PHE C 30 13.25 -13.69 3.02
C PHE C 30 13.09 -14.48 1.73
N ARG C 31 13.99 -15.42 1.49
CA ARG C 31 13.92 -16.21 0.28
C ARG C 31 12.81 -17.25 0.37
N ALA C 32 11.90 -17.20 -0.60
CA ALA C 32 10.79 -18.14 -0.63
C ALA C 32 10.29 -18.32 -2.05
N GLY C 33 9.85 -19.53 -2.36
CA GLY C 33 9.32 -19.82 -3.68
C GLY C 33 7.81 -19.96 -3.61
N LYS C 34 7.13 -19.61 -4.70
CA LYS C 34 5.68 -19.69 -4.73
C LYS C 34 5.21 -21.04 -5.27
N MET C 35 3.90 -21.25 -5.24
CA MET C 35 3.32 -22.50 -5.75
C MET C 35 2.09 -22.19 -6.60
N SER C 36 1.52 -23.20 -7.25
CA SER C 36 0.35 -23.02 -8.08
C SER C 36 -0.79 -23.90 -7.59
N LEU C 37 -1.90 -23.28 -7.23
CA LEU C 37 -3.05 -24.05 -6.76
C LEU C 37 -4.12 -24.09 -7.84
N LYS C 38 -4.41 -25.28 -8.32
CA LYS C 38 -5.43 -25.47 -9.34
C LYS C 38 -6.50 -26.42 -8.83
N GLY C 39 -7.72 -25.91 -8.70
CA GLY C 39 -8.83 -26.74 -8.22
C GLY C 39 -8.64 -27.06 -6.75
N THR C 40 -7.92 -28.14 -6.47
CA THR C 40 -7.64 -28.54 -5.10
C THR C 40 -6.25 -29.16 -4.98
N THR C 41 -5.39 -28.85 -5.94
CA THR C 41 -4.03 -29.38 -5.92
C THR C 41 -3.01 -28.25 -5.95
N VAL C 42 -2.03 -28.32 -5.05
CA VAL C 42 -1.00 -27.31 -4.96
C VAL C 42 0.34 -27.88 -5.43
N THR C 43 0.94 -27.23 -6.43
CA THR C 43 2.22 -27.69 -6.95
C THR C 43 3.30 -26.62 -6.72
N PRO C 44 4.49 -27.00 -6.30
CA PRO C 44 5.58 -26.00 -6.03
C PRO C 44 6.14 -25.38 -7.32
N ASP C 45 6.54 -24.11 -7.22
CA ASP C 45 7.11 -23.42 -8.36
C ASP C 45 8.61 -23.32 -8.20
N LYS C 46 9.35 -23.91 -9.13
CA LYS C 46 10.80 -23.90 -9.07
C LYS C 46 11.32 -22.46 -9.14
N ARG C 47 10.47 -21.52 -9.58
CA ARG C 47 10.89 -20.14 -9.68
C ARG C 47 11.07 -19.56 -8.29
N LYS C 48 12.23 -19.82 -7.71
CA LYS C 48 12.53 -19.33 -6.37
C LYS C 48 12.52 -17.80 -6.38
N GLY C 49 11.90 -17.22 -5.37
CA GLY C 49 11.81 -15.78 -5.30
C GLY C 49 12.18 -15.26 -3.92
N LEU C 50 11.69 -14.07 -3.62
CA LEU C 50 11.94 -13.44 -2.35
C LEU C 50 10.66 -12.81 -1.86
N VAL C 51 10.23 -13.16 -0.67
CA VAL C 51 9.03 -12.58 -0.12
C VAL C 51 9.40 -11.44 0.80
N TYR C 52 9.10 -10.22 0.38
CA TYR C 52 9.44 -9.08 1.23
C TYR C 52 8.26 -8.11 1.34
N ILE C 53 8.25 -7.37 2.45
CA ILE C 53 7.20 -6.42 2.72
C ILE C 53 7.78 -5.02 2.85
N GLN C 54 7.10 -4.04 2.25
CA GLN C 54 7.57 -2.66 2.30
C GLN C 54 6.41 -1.72 2.61
N GLN C 55 6.60 -0.85 3.58
CA GLN C 55 5.58 0.09 3.94
C GLN C 55 5.88 1.45 3.34
N THR C 56 4.93 1.96 2.58
CA THR C 56 5.11 3.25 1.94
C THR C 56 4.78 4.38 2.88
N ASP C 57 5.06 5.60 2.43
CA ASP C 57 4.77 6.77 3.23
C ASP C 57 3.26 6.91 3.40
N ASP C 58 2.49 6.11 2.67
CA ASP C 58 1.04 6.16 2.77
C ASP C 58 0.55 5.17 3.84
N SER C 59 1.49 4.49 4.50
CA SER C 59 1.14 3.52 5.53
C SER C 59 0.49 2.29 4.91
N LEU C 60 0.74 2.10 3.63
CA LEU C 60 0.21 0.97 2.90
C LEU C 60 1.28 -0.09 2.84
N ILE C 61 0.98 -1.25 3.38
CA ILE C 61 1.93 -2.32 3.39
C ILE C 61 1.93 -3.00 2.05
N HIS C 62 3.10 -3.01 1.42
CA HIS C 62 3.25 -3.60 0.11
C HIS C 62 3.79 -5.02 0.22
N PHE C 63 2.98 -5.99 -0.17
CA PHE C 63 3.40 -7.39 -0.14
C PHE C 63 3.85 -7.77 -1.54
N CYS C 64 5.15 -7.91 -1.72
CA CYS C 64 5.66 -8.24 -3.05
C CYS C 64 6.53 -9.48 -3.06
N TRP C 65 6.45 -10.19 -4.17
CA TRP C 65 7.22 -11.40 -4.38
C TRP C 65 8.07 -11.22 -5.63
N LYS C 66 9.37 -11.23 -5.45
CA LYS C 66 10.27 -11.03 -6.56
C LYS C 66 10.91 -12.35 -6.96
N ASP C 67 11.13 -12.53 -8.25
CA ASP C 67 11.76 -13.75 -8.73
C ASP C 67 13.27 -13.62 -8.59
N ARG C 68 13.91 -14.62 -8.02
CA ARG C 68 15.37 -14.58 -7.86
C ARG C 68 16.08 -14.78 -9.19
N THR C 69 15.34 -15.26 -10.17
CA THR C 69 15.90 -15.50 -11.49
C THR C 69 16.43 -14.21 -12.10
N SER C 70 15.65 -13.14 -11.99
CA SER C 70 16.06 -11.85 -12.53
C SER C 70 16.20 -10.84 -11.41
N GLY C 71 15.66 -11.18 -10.25
CA GLY C 71 15.72 -10.28 -9.10
C GLY C 71 14.72 -9.14 -9.25
N ASN C 72 13.69 -9.36 -10.07
CA ASN C 72 12.67 -8.37 -10.31
C ASN C 72 11.41 -8.70 -9.52
N VAL C 73 10.63 -7.68 -9.16
CA VAL C 73 9.41 -7.91 -8.40
C VAL C 73 8.29 -8.37 -9.33
N GLU C 74 8.03 -9.67 -9.30
CA GLU C 74 6.97 -10.26 -10.12
C GLU C 74 5.60 -9.88 -9.59
N ASP C 75 5.46 -9.87 -8.26
CA ASP C 75 4.18 -9.55 -7.64
C ASP C 75 4.33 -8.43 -6.61
N ASP C 76 3.31 -7.57 -6.51
CA ASP C 76 3.31 -6.46 -5.57
C ASP C 76 1.88 -6.01 -5.26
N LEU C 77 1.36 -6.41 -4.11
CA LEU C 77 -0.01 -6.06 -3.74
C LEU C 77 -0.06 -5.43 -2.36
N ILE C 78 -0.81 -4.34 -2.23
CA ILE C 78 -0.94 -3.68 -0.95
C ILE C 78 -1.90 -4.44 -0.04
N ILE C 79 -1.42 -4.84 1.12
CA ILE C 79 -2.25 -5.58 2.05
C ILE C 79 -2.53 -4.75 3.30
N PHE C 80 -3.81 -4.55 3.58
CA PHE C 80 -4.23 -3.78 4.75
C PHE C 80 -4.35 -4.67 5.99
N PRO C 81 -4.38 -4.08 7.17
CA PRO C 81 -4.51 -4.86 8.43
C PRO C 81 -5.77 -5.73 8.44
N ASP C 82 -5.64 -6.93 8.97
CA ASP C 82 -6.76 -7.85 9.03
C ASP C 82 -7.29 -8.19 7.63
N ASP C 83 -6.53 -7.83 6.59
CA ASP C 83 -6.96 -8.10 5.22
C ASP C 83 -6.48 -9.47 4.77
N CYS C 84 -5.43 -9.98 5.43
CA CYS C 84 -4.89 -11.29 5.07
C CYS C 84 -4.31 -11.98 6.30
N GLU C 85 -4.00 -13.25 6.13
CA GLU C 85 -3.45 -14.05 7.21
C GLU C 85 -2.35 -14.98 6.71
N PHE C 86 -1.21 -14.96 7.41
CA PHE C 86 -0.09 -15.83 7.04
C PHE C 86 -0.07 -17.02 7.99
N LYS C 87 -0.22 -18.22 7.42
CA LYS C 87 -0.25 -19.42 8.25
C LYS C 87 0.47 -20.58 7.58
N ARG C 88 0.67 -21.66 8.33
CA ARG C 88 1.35 -22.83 7.79
C ARG C 88 0.34 -23.70 7.05
N VAL C 89 0.86 -24.58 6.21
CA VAL C 89 0.00 -25.46 5.42
C VAL C 89 0.21 -26.92 5.84
N PRO C 90 -0.52 -27.40 6.81
CA PRO C 90 -0.39 -28.81 7.27
C PRO C 90 -1.12 -29.79 6.35
N GLN C 91 -0.72 -29.81 5.08
CA GLN C 91 -1.34 -30.71 4.11
C GLN C 91 -0.31 -31.71 3.60
N CYS C 92 0.92 -31.24 3.44
CA CYS C 92 2.00 -32.10 2.95
C CYS C 92 3.19 -32.05 3.91
N PRO C 93 3.10 -32.71 5.02
CA PRO C 93 4.20 -32.73 6.02
C PRO C 93 5.48 -33.28 5.42
N SER C 94 6.57 -32.54 5.60
CA SER C 94 7.86 -32.94 5.07
C SER C 94 8.85 -31.79 5.24
N GLY C 95 8.39 -30.57 4.95
CA GLY C 95 9.26 -29.40 5.06
C GLY C 95 8.55 -28.25 5.75
N ARG C 96 8.53 -27.11 5.10
CA ARG C 96 7.91 -25.92 5.65
C ARG C 96 7.22 -25.12 4.55
N VAL C 97 5.89 -25.17 4.56
CA VAL C 97 5.08 -24.48 3.57
C VAL C 97 4.05 -23.58 4.25
N TYR C 98 3.95 -22.35 3.78
CA TYR C 98 3.01 -21.39 4.35
C TYR C 98 2.02 -20.92 3.29
N VAL C 99 0.85 -20.47 3.73
CA VAL C 99 -0.16 -20.00 2.81
C VAL C 99 -0.71 -18.65 3.25
N LEU C 100 -0.85 -17.74 2.30
CA LEU C 100 -1.37 -16.42 2.60
C LEU C 100 -2.83 -16.38 2.17
N LYS C 101 -3.72 -16.09 3.12
CA LYS C 101 -5.14 -16.06 2.80
C LYS C 101 -5.70 -14.68 3.06
N PHE C 102 -6.47 -14.16 2.11
CA PHE C 102 -7.04 -12.84 2.28
C PHE C 102 -8.32 -12.93 3.09
N LYS C 103 -8.28 -12.31 4.26
CA LYS C 103 -9.42 -12.33 5.15
C LYS C 103 -10.61 -11.66 4.47
N ALA C 104 -10.32 -10.59 3.73
CA ALA C 104 -11.39 -9.87 3.04
C ALA C 104 -11.57 -10.36 1.60
N GLY C 105 -10.52 -10.98 1.05
CA GLY C 105 -10.58 -11.48 -0.30
C GLY C 105 -10.77 -12.99 -0.33
N SER C 106 -10.84 -13.55 -1.53
CA SER C 106 -11.01 -14.99 -1.68
C SER C 106 -9.77 -15.61 -2.34
N LYS C 107 -8.66 -14.88 -2.32
CA LYS C 107 -7.43 -15.37 -2.94
C LYS C 107 -6.53 -16.04 -1.90
N ARG C 108 -5.84 -17.09 -2.31
CA ARG C 108 -4.93 -17.78 -1.43
C ARG C 108 -3.63 -18.09 -2.16
N LEU C 109 -2.50 -17.73 -1.54
CA LEU C 109 -1.19 -17.97 -2.14
C LEU C 109 -0.41 -18.96 -1.30
N PHE C 110 0.42 -19.76 -1.94
CA PHE C 110 1.21 -20.74 -1.21
C PHE C 110 2.70 -20.52 -1.46
N PHE C 111 3.50 -20.61 -0.39
CA PHE C 111 4.92 -20.41 -0.50
C PHE C 111 5.68 -21.45 0.31
N TRP C 112 6.90 -21.70 -0.12
CA TRP C 112 7.75 -22.64 0.58
C TRP C 112 9.09 -21.99 0.93
N MET C 113 9.55 -22.23 2.16
CA MET C 113 10.79 -21.65 2.63
C MET C 113 11.96 -22.06 1.75
N GLN C 114 12.84 -21.11 1.49
CA GLN C 114 14.01 -21.36 0.67
C GLN C 114 15.29 -21.12 1.47
N GLU C 115 15.16 -20.69 2.72
CA GLU C 115 16.35 -20.43 3.54
C GLU C 115 16.93 -21.72 4.11
N PRO C 116 18.23 -21.89 4.13
CA PRO C 116 18.87 -23.13 4.66
C PRO C 116 18.46 -23.42 6.11
N LYS C 117 18.36 -22.37 6.91
CA LYS C 117 17.99 -22.53 8.30
C LYS C 117 16.62 -21.94 8.58
N THR C 118 15.87 -22.59 9.46
CA THR C 118 14.54 -22.12 9.81
C THR C 118 14.59 -21.25 11.06
N ASP C 119 15.80 -21.04 11.58
CA ASP C 119 15.98 -20.24 12.78
C ASP C 119 15.41 -18.84 12.57
N GLN C 120 15.26 -18.45 11.31
CA GLN C 120 14.72 -17.13 10.99
C GLN C 120 13.43 -17.25 10.20
N ASP C 121 13.17 -18.43 9.64
CA ASP C 121 11.97 -18.65 8.85
C ASP C 121 10.73 -18.44 9.70
N GLU C 122 10.78 -18.94 10.93
CA GLU C 122 9.64 -18.79 11.83
C GLU C 122 9.38 -17.32 12.15
N GLU C 123 10.44 -16.58 12.36
CA GLU C 123 10.34 -15.18 12.67
C GLU C 123 9.77 -14.41 11.48
N HIS C 124 10.22 -14.78 10.29
CA HIS C 124 9.76 -14.14 9.08
C HIS C 124 8.29 -14.37 8.92
N CYS C 125 7.89 -15.57 9.27
CA CYS C 125 6.50 -15.94 9.19
C CYS C 125 5.69 -15.04 10.11
N ARG C 126 6.19 -14.85 11.32
CA ARG C 126 5.49 -14.01 12.29
C ARG C 126 5.47 -12.56 11.81
N LYS C 127 6.59 -12.11 11.28
CA LYS C 127 6.71 -10.77 10.75
C LYS C 127 5.78 -10.55 9.58
N VAL C 128 5.64 -11.56 8.74
CA VAL C 128 4.79 -11.43 7.57
C VAL C 128 3.36 -11.11 7.97
N ASN C 129 2.81 -11.84 8.94
CA ASN C 129 1.43 -11.58 9.37
C ASN C 129 1.38 -10.41 10.31
N GLU C 130 2.45 -10.21 11.04
CA GLU C 130 2.51 -9.13 11.97
C GLU C 130 2.55 -7.79 11.26
N TYR C 131 3.26 -7.72 10.14
CA TYR C 131 3.36 -6.46 9.41
C TYR C 131 2.12 -6.26 8.55
N LEU C 132 1.55 -7.35 8.06
CA LEU C 132 0.37 -7.26 7.22
C LEU C 132 -0.89 -7.07 8.04
N ASN C 133 -0.85 -7.52 9.29
CA ASN C 133 -2.02 -7.39 10.15
C ASN C 133 -1.76 -6.36 11.23
N ASN C 134 -0.48 -6.13 11.53
CA ASN C 134 -0.14 -5.15 12.57
C ASN C 134 1.04 -4.30 12.12
N PRO C 135 0.82 -3.47 11.14
CA PRO C 135 1.88 -2.57 10.60
C PRO C 135 2.24 -1.45 11.57
N PRO C 136 3.38 -0.84 11.39
CA PRO C 136 3.86 0.28 12.27
C PRO C 136 2.79 1.34 12.48
N GLN D 5 22.85 -27.89 0.43
CA GLN D 5 22.85 -26.60 1.19
C GLN D 5 21.49 -25.93 1.06
N GLU D 6 21.17 -25.50 -0.15
CA GLU D 6 19.89 -24.83 -0.40
C GLU D 6 18.73 -25.83 -0.20
N PRO D 7 17.73 -25.50 0.60
CA PRO D 7 16.57 -26.41 0.83
C PRO D 7 15.88 -26.81 -0.47
N GLU D 8 15.45 -28.07 -0.56
CA GLU D 8 14.76 -28.54 -1.74
C GLU D 8 13.28 -28.22 -1.65
N PRO D 9 12.60 -28.03 -2.76
CA PRO D 9 11.15 -27.71 -2.79
C PRO D 9 10.29 -28.91 -2.40
N PRO D 10 9.07 -28.68 -1.96
CA PRO D 10 8.13 -29.78 -1.55
C PRO D 10 7.58 -30.54 -2.75
N GLU D 11 6.57 -31.37 -2.51
CA GLU D 11 5.96 -32.16 -3.58
C GLU D 11 4.47 -31.83 -3.71
N PRO D 12 3.88 -32.10 -4.85
CA PRO D 12 2.43 -31.81 -5.09
C PRO D 12 1.53 -32.48 -4.05
N PHE D 13 0.49 -31.78 -3.63
CA PHE D 13 -0.44 -32.32 -2.65
C PHE D 13 -1.81 -31.66 -2.77
N GLU D 14 -2.82 -32.30 -2.19
CA GLU D 14 -4.17 -31.76 -2.25
C GLU D 14 -4.40 -30.78 -1.11
N TYR D 15 -5.04 -29.65 -1.43
CA TYR D 15 -5.34 -28.63 -0.43
C TYR D 15 -6.82 -28.34 -0.40
N ILE D 16 -7.39 -28.41 0.79
CA ILE D 16 -8.81 -28.14 0.94
C ILE D 16 -9.00 -27.15 2.08
N ASP D 17 -9.71 -26.07 1.80
CA ASP D 17 -9.92 -25.08 2.83
C ASP D 17 -11.00 -25.56 3.80
N ASP D 18 -10.57 -26.37 4.76
CA ASP D 18 -11.49 -26.89 5.76
C ASP D 18 -11.13 -26.38 7.15
N MET A 1 5.13 30.51 14.82
CA MET A 1 3.94 30.48 13.93
C MET A 1 2.71 30.11 14.75
N GLN A 2 2.05 31.12 15.29
CA GLN A 2 0.85 30.88 16.08
C GLN A 2 -0.34 30.65 15.18
N ILE A 3 -1.38 30.07 15.74
CA ILE A 3 -2.60 29.79 14.99
C ILE A 3 -3.82 30.03 15.85
N PHE A 4 -4.91 30.42 15.23
CA PHE A 4 -6.14 30.69 15.97
C PHE A 4 -7.07 29.49 15.95
N VAL A 5 -7.51 29.05 17.12
CA VAL A 5 -8.41 27.90 17.18
C VAL A 5 -9.80 28.35 17.62
N LYS A 6 -10.79 28.18 16.75
CA LYS A 6 -12.14 28.59 17.10
C LYS A 6 -12.98 27.37 17.51
N THR A 7 -13.70 27.50 18.62
CA THR A 7 -14.54 26.42 19.11
C THR A 7 -15.93 26.51 18.53
N LEU A 8 -16.81 25.62 18.99
CA LEU A 8 -18.19 25.60 18.50
C LEU A 8 -18.89 26.90 18.83
N THR A 9 -18.61 27.41 20.02
CA THR A 9 -19.22 28.66 20.46
C THR A 9 -18.62 29.85 19.70
N GLY A 10 -17.55 29.60 18.94
CA GLY A 10 -16.90 30.65 18.19
C GLY A 10 -15.72 31.23 18.97
N LYS A 11 -15.56 30.82 20.23
CA LYS A 11 -14.45 31.30 21.04
C LYS A 11 -13.13 30.99 20.32
N THR A 12 -12.32 32.01 20.12
CA THR A 12 -11.05 31.83 19.43
C THR A 12 -9.88 31.87 20.43
N ILE A 13 -9.00 30.89 20.32
CA ILE A 13 -7.85 30.81 21.22
C ILE A 13 -6.56 30.67 20.42
N THR A 14 -5.79 31.75 20.35
CA THR A 14 -4.53 31.73 19.61
C THR A 14 -3.47 30.95 20.38
N LEU A 15 -2.76 30.08 19.67
CA LEU A 15 -1.72 29.27 20.29
C LEU A 15 -0.44 29.32 19.46
N GLU A 16 0.68 29.54 20.13
CA GLU A 16 1.96 29.58 19.44
C GLU A 16 2.43 28.19 19.08
N VAL A 17 2.56 27.93 17.79
CA VAL A 17 3.01 26.63 17.32
C VAL A 17 4.07 26.78 16.23
N GLU A 18 4.53 25.65 15.71
CA GLU A 18 5.53 25.67 14.66
C GLU A 18 5.07 24.83 13.46
N PRO A 19 5.54 25.13 12.28
CA PRO A 19 5.14 24.37 11.06
C PRO A 19 5.48 22.89 11.15
N SER A 20 6.52 22.58 11.93
CA SER A 20 6.95 21.19 12.08
C SER A 20 6.20 20.49 13.21
N ASP A 21 5.45 21.25 14.00
CA ASP A 21 4.71 20.65 15.11
C ASP A 21 3.65 19.68 14.59
N THR A 22 3.46 18.60 15.33
CA THR A 22 2.49 17.59 14.94
C THR A 22 1.08 18.00 15.36
N ILE A 23 0.08 17.34 14.80
CA ILE A 23 -1.31 17.65 15.12
C ILE A 23 -1.58 17.36 16.59
N GLU A 24 -1.01 16.27 17.08
CA GLU A 24 -1.19 15.88 18.48
C GLU A 24 -0.68 16.99 19.39
N ASN A 25 0.45 17.60 19.02
CA ASN A 25 1.02 18.68 19.82
C ASN A 25 0.04 19.86 19.89
N VAL A 26 -0.55 20.17 18.75
CA VAL A 26 -1.50 21.27 18.68
C VAL A 26 -2.70 21.00 19.59
N LYS A 27 -3.18 19.76 19.56
CA LYS A 27 -4.31 19.37 20.40
C LYS A 27 -3.98 19.57 21.88
N ALA A 28 -2.75 19.26 22.24
CA ALA A 28 -2.32 19.42 23.63
C ALA A 28 -2.43 20.87 24.05
N LYS A 29 -2.03 21.78 23.17
CA LYS A 29 -2.10 23.20 23.46
C LYS A 29 -3.54 23.58 23.74
N ILE A 30 -4.44 22.98 22.98
CA ILE A 30 -5.86 23.26 23.17
C ILE A 30 -6.32 22.74 24.53
N GLN A 31 -5.81 21.57 24.91
CA GLN A 31 -6.18 20.96 26.18
C GLN A 31 -5.83 21.89 27.34
N ASP A 32 -4.68 22.55 27.25
CA ASP A 32 -4.26 23.45 28.31
C ASP A 32 -5.11 24.73 28.33
N LYS A 33 -5.41 25.26 27.15
CA LYS A 33 -6.21 26.49 27.03
C LYS A 33 -7.65 26.29 27.50
N GLU A 34 -8.22 25.14 27.15
CA GLU A 34 -9.58 24.83 27.53
C GLU A 34 -9.69 23.40 28.00
N GLY A 35 -10.70 23.09 28.79
CA GLY A 35 -10.88 21.73 29.29
C GLY A 35 -11.43 20.83 28.19
N ILE A 36 -10.68 20.72 27.09
CA ILE A 36 -11.10 19.89 25.97
C ILE A 36 -10.15 18.69 25.84
N PRO A 37 -10.61 17.48 26.04
CA PRO A 37 -9.73 16.27 25.92
C PRO A 37 -9.40 15.96 24.46
N PRO A 38 -8.38 15.17 24.23
CA PRO A 38 -7.95 14.81 22.85
C PRO A 38 -9.04 14.11 22.05
N ASP A 39 -9.82 13.29 22.73
CA ASP A 39 -10.90 12.57 22.06
C ASP A 39 -11.94 13.56 21.52
N GLN A 40 -12.22 14.60 22.30
CA GLN A 40 -13.18 15.61 21.90
C GLN A 40 -12.52 16.73 21.09
N GLN A 41 -11.18 16.77 21.12
CA GLN A 41 -10.47 17.80 20.38
C GLN A 41 -10.40 17.45 18.90
N ARG A 42 -11.44 17.83 18.16
CA ARG A 42 -11.46 17.56 16.73
C ARG A 42 -10.90 18.76 15.98
N LEU A 43 -9.70 18.61 15.44
CA LEU A 43 -9.06 19.71 14.72
C LEU A 43 -9.22 19.54 13.22
N ILE A 44 -9.89 20.50 12.60
CA ILE A 44 -10.12 20.46 11.16
C ILE A 44 -9.69 21.78 10.50
N PHE A 45 -8.89 21.68 9.45
CA PHE A 45 -8.43 22.88 8.76
C PHE A 45 -8.92 22.88 7.31
N ALA A 46 -9.67 23.92 6.94
CA ALA A 46 -10.20 24.03 5.59
C ALA A 46 -11.10 22.83 5.27
N GLY A 47 -11.67 22.23 6.31
CA GLY A 47 -12.55 21.09 6.13
C GLY A 47 -11.77 19.77 6.14
N LYS A 48 -10.44 19.87 6.14
CA LYS A 48 -9.60 18.68 6.16
C LYS A 48 -9.29 18.28 7.60
N GLN A 49 -9.67 17.06 7.96
CA GLN A 49 -9.42 16.57 9.31
C GLN A 49 -7.93 16.36 9.53
N LEU A 50 -7.42 16.86 10.65
CA LEU A 50 -6.00 16.72 10.94
C LEU A 50 -5.73 15.38 11.61
N GLU A 51 -5.22 14.43 10.83
CA GLU A 51 -4.93 13.09 11.35
C GLU A 51 -3.66 13.10 12.19
N ASP A 52 -3.65 12.29 13.24
CA ASP A 52 -2.49 12.21 14.11
C ASP A 52 -1.27 11.75 13.32
N GLY A 53 -0.11 12.30 13.66
CA GLY A 53 1.13 11.95 12.98
C GLY A 53 1.48 13.00 11.92
N ARG A 54 0.49 13.78 11.50
CA ARG A 54 0.72 14.82 10.50
C ARG A 54 1.27 16.07 11.18
N THR A 55 1.74 17.02 10.37
CA THR A 55 2.27 18.27 10.89
C THR A 55 1.46 19.45 10.36
N LEU A 56 1.62 20.61 10.98
CA LEU A 56 0.87 21.78 10.54
C LEU A 56 1.21 22.12 9.10
N SER A 57 2.48 22.02 8.75
CA SER A 57 2.91 22.32 7.39
C SER A 57 2.28 21.34 6.41
N ASP A 58 1.89 20.16 6.90
CA ASP A 58 1.27 19.15 6.04
C ASP A 58 -0.04 19.68 5.46
N TYR A 59 -0.77 20.44 6.27
CA TYR A 59 -2.04 20.99 5.85
C TYR A 59 -1.88 22.44 5.38
N ASN A 60 -0.64 22.84 5.13
CA ASN A 60 -0.37 24.21 4.69
C ASN A 60 -0.90 25.21 5.70
N ILE A 61 -0.73 24.89 6.98
CA ILE A 61 -1.17 25.78 8.05
C ILE A 61 -0.09 26.79 8.37
N GLN A 62 -0.33 28.04 7.96
CA GLN A 62 0.62 29.11 8.20
C GLN A 62 0.23 29.89 9.45
N LYS A 63 1.03 30.89 9.79
CA LYS A 63 0.76 31.68 10.97
C LYS A 63 -0.63 32.32 10.87
N GLU A 64 -1.26 32.53 12.02
CA GLU A 64 -2.58 33.13 12.07
C GLU A 64 -3.59 32.33 11.25
N SER A 65 -3.48 31.01 11.34
CA SER A 65 -4.36 30.11 10.62
C SER A 65 -5.53 29.70 11.52
N THR A 66 -6.75 29.96 11.06
CA THR A 66 -7.92 29.62 11.85
C THR A 66 -8.20 28.12 11.76
N LEU A 67 -8.40 27.49 12.91
CA LEU A 67 -8.66 26.07 12.97
C LEU A 67 -10.06 25.79 13.50
N HIS A 68 -10.72 24.80 12.91
CA HIS A 68 -12.06 24.44 13.33
C HIS A 68 -11.99 23.38 14.42
N LEU A 69 -12.32 23.77 15.65
CA LEU A 69 -12.29 22.84 16.77
C LEU A 69 -13.72 22.39 17.08
N VAL A 70 -13.96 21.09 16.97
CA VAL A 70 -15.29 20.55 17.23
C VAL A 70 -15.26 19.68 18.49
N LEU A 71 -16.24 19.90 19.36
CA LEU A 71 -16.32 19.16 20.63
C LEU A 71 -17.49 18.18 20.60
N ARG A 72 -17.35 17.07 21.30
CA ARG A 72 -18.42 16.08 21.35
C ARG A 72 -19.31 16.31 22.57
N LEU A 73 -20.55 15.84 22.48
CA LEU A 73 -21.50 16.00 23.59
C LEU A 73 -21.62 14.71 24.39
N ARG A 74 -21.34 14.81 25.69
CA ARG A 74 -21.42 13.65 26.57
C ARG A 74 -22.85 13.11 26.63
N GLY A 75 -23.81 14.02 26.67
CA GLY A 75 -25.21 13.63 26.74
C GLY A 75 -25.57 13.11 28.13
N GLY A 76 -26.69 12.42 28.23
CA GLY A 76 -27.13 11.86 29.51
C GLY A 76 -26.30 10.64 29.89
N ASP A 77 -26.40 10.23 31.14
CA ASP A 77 -25.66 9.07 31.62
C ASP A 77 -24.17 9.25 31.34
N MET B 1 -25.88 -4.76 -5.31
CA MET B 1 -24.69 -5.40 -4.67
C MET B 1 -23.86 -4.35 -3.99
N GLN B 2 -24.40 -3.79 -2.92
CA GLN B 2 -23.71 -2.77 -2.15
C GLN B 2 -22.37 -3.30 -1.66
N ILE B 3 -21.48 -2.39 -1.33
CA ILE B 3 -20.16 -2.76 -0.85
C ILE B 3 -19.74 -1.86 0.30
N PHE B 4 -19.09 -2.43 1.29
CA PHE B 4 -18.64 -1.67 2.45
C PHE B 4 -17.31 -1.00 2.16
N VAL B 5 -17.27 0.33 2.32
CA VAL B 5 -16.05 1.06 2.08
C VAL B 5 -15.46 1.58 3.39
N LYS B 6 -14.42 0.92 3.88
CA LYS B 6 -13.80 1.33 5.13
C LYS B 6 -12.63 2.27 4.87
N THR B 7 -12.69 3.47 5.46
CA THR B 7 -11.63 4.45 5.30
C THR B 7 -10.49 4.18 6.26
N LEU B 8 -9.46 5.03 6.17
CA LEU B 8 -8.29 4.88 7.03
C LEU B 8 -8.69 5.05 8.49
N THR B 9 -9.64 5.95 8.73
CA THR B 9 -10.11 6.22 10.07
C THR B 9 -10.85 5.01 10.66
N GLY B 10 -11.21 4.06 9.80
CA GLY B 10 -11.91 2.87 10.25
C GLY B 10 -13.40 2.97 9.97
N LYS B 11 -13.88 4.17 9.65
CA LYS B 11 -15.29 4.37 9.36
C LYS B 11 -15.69 3.57 8.12
N THR B 12 -16.78 2.81 8.23
CA THR B 12 -17.26 2.00 7.12
C THR B 12 -18.46 2.64 6.45
N ILE B 13 -18.42 2.70 5.13
CA ILE B 13 -19.49 3.31 4.37
C ILE B 13 -20.00 2.35 3.28
N THR B 14 -21.19 1.80 3.48
CA THR B 14 -21.74 0.88 2.49
C THR B 14 -22.39 1.66 1.35
N LEU B 15 -22.00 1.34 0.12
CA LEU B 15 -22.55 2.02 -1.04
C LEU B 15 -23.18 1.01 -2.01
N GLU B 16 -24.44 1.24 -2.36
CA GLU B 16 -25.14 0.34 -3.28
C GLU B 16 -24.53 0.40 -4.68
N VAL B 17 -23.93 -0.72 -5.10
CA VAL B 17 -23.31 -0.78 -6.41
C VAL B 17 -23.69 -2.08 -7.12
N GLU B 18 -23.49 -2.12 -8.43
CA GLU B 18 -23.81 -3.32 -9.19
C GLU B 18 -22.52 -4.02 -9.62
N PRO B 19 -22.55 -5.31 -9.81
CA PRO B 19 -21.34 -6.09 -10.22
C PRO B 19 -20.70 -5.52 -11.47
N SER B 20 -21.53 -5.05 -12.40
CA SER B 20 -21.02 -4.48 -13.65
C SER B 20 -20.60 -3.02 -13.45
N ASP B 21 -20.89 -2.46 -12.27
CA ASP B 21 -20.55 -1.08 -12.00
C ASP B 21 -19.04 -0.86 -12.13
N THR B 22 -18.67 0.27 -12.73
CA THR B 22 -17.27 0.59 -12.92
C THR B 22 -16.66 1.18 -11.63
N ILE B 23 -15.33 1.17 -11.57
CA ILE B 23 -14.63 1.69 -10.40
C ILE B 23 -14.90 3.18 -10.26
N GLU B 24 -14.94 3.89 -11.39
CA GLU B 24 -15.18 5.32 -11.37
C GLU B 24 -16.54 5.62 -10.75
N ASN B 25 -17.53 4.79 -11.08
CA ASN B 25 -18.87 4.96 -10.53
C ASN B 25 -18.86 4.82 -9.02
N VAL B 26 -18.12 3.83 -8.54
CA VAL B 26 -18.03 3.58 -7.11
C VAL B 26 -17.40 4.77 -6.40
N LYS B 27 -16.35 5.32 -6.99
CA LYS B 27 -15.67 6.46 -6.40
C LYS B 27 -16.64 7.65 -6.27
N ALA B 28 -17.48 7.81 -7.28
CA ALA B 28 -18.46 8.90 -7.27
C ALA B 28 -19.42 8.72 -6.10
N LYS B 29 -19.82 7.48 -5.84
CA LYS B 29 -20.72 7.20 -4.74
C LYS B 29 -20.10 7.67 -3.43
N ILE B 30 -18.80 7.45 -3.32
CA ILE B 30 -18.07 7.86 -2.12
C ILE B 30 -18.09 9.38 -2.02
N GLN B 31 -17.94 10.05 -3.15
CA GLN B 31 -17.94 11.51 -3.18
C GLN B 31 -19.27 12.05 -2.66
N ASP B 32 -20.37 11.40 -3.04
CA ASP B 32 -21.68 11.83 -2.61
C ASP B 32 -21.83 11.71 -1.09
N LYS B 33 -21.29 10.62 -0.53
CA LYS B 33 -21.36 10.41 0.91
C LYS B 33 -20.33 11.25 1.65
N GLU B 34 -19.07 10.88 1.52
CA GLU B 34 -18.00 11.62 2.16
C GLU B 34 -17.51 12.74 1.25
N GLY B 35 -16.74 13.65 1.81
CA GLY B 35 -16.21 14.77 1.04
C GLY B 35 -14.89 14.40 0.38
N ILE B 36 -14.64 13.10 0.22
CA ILE B 36 -13.38 12.67 -0.40
C ILE B 36 -13.44 12.84 -1.92
N PRO B 37 -12.57 13.64 -2.51
CA PRO B 37 -12.55 13.83 -3.99
C PRO B 37 -12.00 12.60 -4.72
N PRO B 38 -12.25 12.48 -5.99
CA PRO B 38 -11.78 11.31 -6.79
C PRO B 38 -10.27 11.08 -6.67
N ASP B 39 -9.51 12.17 -6.61
CA ASP B 39 -8.06 12.07 -6.49
C ASP B 39 -7.69 11.38 -5.18
N GLN B 40 -8.37 11.75 -4.10
CA GLN B 40 -8.10 11.15 -2.79
C GLN B 40 -8.82 9.82 -2.63
N GLN B 41 -9.76 9.52 -3.53
CA GLN B 41 -10.50 8.28 -3.44
C GLN B 41 -9.69 7.13 -4.03
N ARG B 42 -8.76 6.60 -3.24
CA ARG B 42 -7.95 5.48 -3.69
C ARG B 42 -8.55 4.19 -3.15
N LEU B 43 -9.40 3.55 -3.95
CA LEU B 43 -10.06 2.32 -3.51
C LEU B 43 -9.16 1.12 -3.76
N ILE B 44 -8.98 0.29 -2.74
CA ILE B 44 -8.14 -0.89 -2.88
C ILE B 44 -8.89 -2.14 -2.38
N PHE B 45 -8.89 -3.19 -3.21
CA PHE B 45 -9.58 -4.43 -2.85
C PHE B 45 -8.87 -5.64 -3.46
N ALA B 46 -9.05 -6.80 -2.83
CA ALA B 46 -8.41 -8.03 -3.30
C ALA B 46 -6.91 -7.99 -3.07
N GLY B 47 -6.48 -7.15 -2.14
CA GLY B 47 -5.05 -7.02 -1.84
C GLY B 47 -4.36 -6.13 -2.85
N ARG B 48 -5.10 -5.65 -3.85
CA ARG B 48 -4.51 -4.80 -4.87
C ARG B 48 -5.38 -3.57 -5.10
N GLN B 49 -4.74 -2.49 -5.49
CA GLN B 49 -5.47 -1.26 -5.72
C GLN B 49 -6.42 -1.41 -6.91
N LEU B 50 -7.54 -0.70 -6.86
CA LEU B 50 -8.54 -0.79 -7.91
C LEU B 50 -8.20 0.16 -9.06
N GLU B 51 -7.81 -0.42 -10.18
CA GLU B 51 -7.46 0.37 -11.36
C GLU B 51 -8.73 0.89 -12.03
N ASP B 52 -8.61 2.03 -12.71
CA ASP B 52 -9.75 2.60 -13.39
C ASP B 52 -10.05 1.82 -14.68
N GLY B 53 -11.21 2.08 -15.27
CA GLY B 53 -11.59 1.38 -16.50
C GLY B 53 -11.89 -0.09 -16.20
N ARG B 54 -12.26 -0.37 -14.97
CA ARG B 54 -12.57 -1.75 -14.56
C ARG B 54 -13.92 -1.80 -13.85
N THR B 55 -14.40 -3.02 -13.63
CA THR B 55 -15.68 -3.22 -12.96
C THR B 55 -15.49 -3.94 -11.63
N LEU B 56 -16.50 -3.89 -10.78
CA LEU B 56 -16.40 -4.55 -9.48
C LEU B 56 -16.22 -6.06 -9.65
N SER B 57 -16.92 -6.64 -10.60
CA SER B 57 -16.83 -8.07 -10.84
C SER B 57 -15.41 -8.47 -11.27
N ASP B 58 -14.70 -7.53 -11.90
CA ASP B 58 -13.33 -7.80 -12.33
C ASP B 58 -12.45 -8.12 -11.13
N TYR B 59 -12.72 -7.43 -10.03
CA TYR B 59 -11.96 -7.63 -8.80
C TYR B 59 -12.64 -8.63 -7.88
N ASN B 60 -13.64 -9.34 -8.39
CA ASN B 60 -14.36 -10.31 -7.60
C ASN B 60 -14.93 -9.66 -6.35
N ILE B 61 -15.43 -8.44 -6.52
CA ILE B 61 -16.01 -7.70 -5.41
C ILE B 61 -17.48 -8.09 -5.25
N GLN B 62 -17.78 -8.76 -4.14
CA GLN B 62 -19.14 -9.21 -3.86
C GLN B 62 -19.87 -8.23 -2.95
N LYS B 63 -21.13 -8.52 -2.69
CA LYS B 63 -21.93 -7.66 -1.84
C LYS B 63 -21.32 -7.61 -0.43
N GLU B 64 -21.37 -6.43 0.17
CA GLU B 64 -20.85 -6.23 1.51
C GLU B 64 -19.33 -6.43 1.55
N SER B 65 -18.69 -6.35 0.38
CA SER B 65 -17.23 -6.49 0.33
C SER B 65 -16.58 -5.27 0.95
N THR B 66 -15.63 -5.51 1.85
CA THR B 66 -14.94 -4.40 2.50
C THR B 66 -13.81 -3.89 1.60
N LEU B 67 -13.81 -2.59 1.34
CA LEU B 67 -12.80 -1.98 0.48
C LEU B 67 -11.99 -0.98 1.29
N HIS B 68 -10.70 -0.91 1.00
CA HIS B 68 -9.83 0.02 1.71
C HIS B 68 -9.80 1.37 0.99
N LEU B 69 -10.26 2.41 1.66
CA LEU B 69 -10.28 3.75 1.08
C LEU B 69 -9.06 4.55 1.54
N VAL B 70 -8.05 4.62 0.68
CA VAL B 70 -6.85 5.37 1.01
C VAL B 70 -7.05 6.84 0.68
N LEU B 71 -6.75 7.70 1.65
CA LEU B 71 -6.90 9.13 1.48
C LEU B 71 -5.55 9.80 1.29
N ARG B 72 -5.53 10.89 0.53
CA ARG B 72 -4.28 11.60 0.28
C ARG B 72 -4.42 13.09 0.60
N LEU B 73 -3.48 13.61 1.38
CA LEU B 73 -3.51 15.03 1.74
C LEU B 73 -2.38 15.77 1.04
N ARG B 74 -1.82 15.15 0.01
CA ARG B 74 -0.73 15.78 -0.72
C ARG B 74 -1.20 17.10 -1.31
N GLY B 75 -0.45 18.16 -1.03
CA GLY B 75 -0.80 19.48 -1.53
C GLY B 75 -1.71 20.23 -0.56
N GLY B 76 -2.19 19.54 0.47
CA GLY B 76 -3.07 20.18 1.45
C GLY B 76 -4.19 19.24 1.88
N ASN C 24 12.34 3.36 0.61
CA ASN C 24 11.32 2.51 1.28
C ASN C 24 11.99 1.24 1.80
N LYS C 25 12.24 1.22 3.11
CA LYS C 25 12.87 0.07 3.73
C LYS C 25 11.91 -1.11 3.74
N TYR C 26 12.45 -2.32 3.67
CA TYR C 26 11.62 -3.51 3.67
C TYR C 26 11.38 -3.99 5.08
N LEU C 27 10.11 -4.16 5.40
CA LEU C 27 9.73 -4.61 6.71
C LEU C 27 10.19 -6.04 6.92
N VAL C 28 10.09 -6.85 5.87
CA VAL C 28 10.51 -8.25 5.95
C VAL C 28 11.07 -8.71 4.62
N GLU C 29 11.81 -9.79 4.63
CA GLU C 29 12.38 -10.33 3.41
C GLU C 29 13.05 -11.66 3.66
N PHE C 30 12.59 -12.68 2.95
CA PHE C 30 13.17 -14.01 3.07
C PHE C 30 12.98 -14.79 1.78
N ARG C 31 13.87 -15.75 1.52
CA ARG C 31 13.78 -16.54 0.31
C ARG C 31 12.59 -17.49 0.38
N ALA C 32 11.71 -17.38 -0.61
CA ALA C 32 10.55 -18.26 -0.66
C ALA C 32 10.08 -18.41 -2.10
N GLY C 33 9.57 -19.59 -2.41
CA GLY C 33 9.07 -19.86 -3.75
C GLY C 33 7.56 -20.02 -3.72
N LYS C 34 6.91 -19.71 -4.82
CA LYS C 34 5.45 -19.82 -4.87
C LYS C 34 5.02 -21.20 -5.32
N MET C 35 3.72 -21.46 -5.27
CA MET C 35 3.17 -22.75 -5.67
C MET C 35 1.90 -22.53 -6.51
N SER C 36 1.39 -23.60 -7.12
CA SER C 36 0.19 -23.49 -7.94
C SER C 36 -0.90 -24.40 -7.39
N LEU C 37 -2.04 -23.83 -7.04
CA LEU C 37 -3.13 -24.62 -6.52
C LEU C 37 -4.21 -24.78 -7.57
N LYS C 38 -4.46 -26.02 -7.95
CA LYS C 38 -5.50 -26.32 -8.94
C LYS C 38 -6.55 -27.23 -8.32
N GLY C 39 -7.72 -26.66 -8.05
CA GLY C 39 -8.80 -27.43 -7.44
C GLY C 39 -8.48 -27.70 -5.97
N THR C 40 -7.86 -28.85 -5.72
CA THR C 40 -7.49 -29.22 -4.35
C THR C 40 -6.07 -29.77 -4.30
N THR C 41 -5.28 -29.47 -5.33
CA THR C 41 -3.89 -29.94 -5.38
C THR C 41 -2.93 -28.77 -5.47
N VAL C 42 -1.91 -28.77 -4.62
CA VAL C 42 -0.92 -27.71 -4.61
C VAL C 42 0.43 -28.24 -5.08
N THR C 43 1.00 -27.60 -6.10
CA THR C 43 2.28 -28.03 -6.62
C THR C 43 3.33 -26.91 -6.43
N PRO C 44 4.52 -27.22 -6.00
CA PRO C 44 5.58 -26.18 -5.78
C PRO C 44 6.15 -25.63 -7.08
N ASP C 45 6.52 -24.36 -7.08
CA ASP C 45 7.10 -23.72 -8.25
C ASP C 45 8.61 -23.63 -8.09
N LYS C 46 9.33 -24.21 -9.03
CA LYS C 46 10.79 -24.18 -8.98
C LYS C 46 11.32 -22.76 -9.12
N ARG C 47 10.44 -21.83 -9.50
CA ARG C 47 10.86 -20.44 -9.66
C ARG C 47 11.07 -19.83 -8.28
N LYS C 48 12.20 -20.16 -7.67
CA LYS C 48 12.51 -19.64 -6.34
C LYS C 48 12.44 -18.13 -6.36
N GLY C 49 11.85 -17.55 -5.33
CA GLY C 49 11.72 -16.10 -5.28
C GLY C 49 12.11 -15.56 -3.90
N LEU C 50 11.65 -14.36 -3.62
CA LEU C 50 11.92 -13.73 -2.34
C LEU C 50 10.67 -13.03 -1.87
N VAL C 51 10.23 -13.37 -0.67
CA VAL C 51 9.05 -12.75 -0.12
C VAL C 51 9.44 -11.61 0.78
N TYR C 52 9.19 -10.38 0.34
CA TYR C 52 9.56 -9.24 1.17
C TYR C 52 8.40 -8.24 1.25
N ILE C 53 8.39 -7.48 2.33
CA ILE C 53 7.35 -6.50 2.57
C ILE C 53 7.94 -5.11 2.69
N GLN C 54 7.24 -4.12 2.15
CA GLN C 54 7.71 -2.75 2.22
C GLN C 54 6.54 -1.80 2.41
N GLN C 55 6.74 -0.79 3.22
CA GLN C 55 5.70 0.19 3.47
C GLN C 55 6.00 1.47 2.74
N THR C 56 5.03 1.94 1.97
CA THR C 56 5.22 3.16 1.21
C THR C 56 4.84 4.38 2.01
N ASP C 57 5.10 5.55 1.43
CA ASP C 57 4.78 6.79 2.09
C ASP C 57 3.28 6.91 2.27
N ASP C 58 2.53 6.02 1.63
CA ASP C 58 1.07 6.02 1.76
C ASP C 58 0.63 5.23 2.99
N SER C 59 1.62 4.64 3.70
CA SER C 59 1.33 3.85 4.88
C SER C 59 0.65 2.55 4.50
N LEU C 60 0.80 2.17 3.24
CA LEU C 60 0.23 0.95 2.74
C LEU C 60 1.33 -0.09 2.66
N ILE C 61 1.07 -1.24 3.22
CA ILE C 61 2.05 -2.30 3.21
C ILE C 61 1.97 -3.03 1.90
N HIS C 62 3.11 -3.14 1.24
CA HIS C 62 3.16 -3.79 -0.05
C HIS C 62 3.77 -5.18 0.05
N PHE C 63 2.96 -6.20 -0.23
CA PHE C 63 3.44 -7.57 -0.20
C PHE C 63 3.96 -7.92 -1.58
N CYS C 64 5.28 -8.01 -1.72
CA CYS C 64 5.87 -8.29 -3.01
C CYS C 64 6.67 -9.59 -3.03
N TRP C 65 6.54 -10.30 -4.14
CA TRP C 65 7.25 -11.55 -4.36
C TRP C 65 8.08 -11.40 -5.61
N LYS C 66 9.39 -11.42 -5.45
CA LYS C 66 10.28 -11.26 -6.59
C LYS C 66 10.91 -12.59 -6.95
N ASP C 67 11.17 -12.78 -8.24
CA ASP C 67 11.79 -14.00 -8.68
C ASP C 67 13.30 -13.94 -8.43
N ARG C 68 13.87 -15.03 -7.94
CA ARG C 68 15.30 -15.07 -7.67
C ARG C 68 16.09 -15.23 -8.96
N THR C 69 15.42 -15.74 -9.99
CA THR C 69 16.06 -15.94 -11.28
C THR C 69 16.59 -14.64 -11.86
N SER C 70 15.78 -13.60 -11.81
CA SER C 70 16.19 -12.30 -12.33
C SER C 70 16.25 -11.28 -11.20
N GLY C 71 15.72 -11.63 -10.05
CA GLY C 71 15.71 -10.74 -8.91
C GLY C 71 14.73 -9.59 -9.15
N ASN C 72 13.74 -9.83 -10.01
CA ASN C 72 12.75 -8.82 -10.32
C ASN C 72 11.45 -9.08 -9.58
N VAL C 73 10.76 -8.00 -9.21
CA VAL C 73 9.50 -8.14 -8.49
C VAL C 73 8.40 -8.59 -9.44
N GLU C 74 8.02 -9.86 -9.31
CA GLU C 74 6.98 -10.42 -10.16
C GLU C 74 5.60 -10.11 -9.60
N ASP C 75 5.50 -10.02 -8.27
CA ASP C 75 4.20 -9.73 -7.65
C ASP C 75 4.30 -8.55 -6.68
N ASP C 76 3.21 -7.79 -6.56
CA ASP C 76 3.18 -6.64 -5.65
C ASP C 76 1.74 -6.27 -5.32
N LEU C 77 1.28 -6.71 -4.14
CA LEU C 77 -0.09 -6.43 -3.71
C LEU C 77 -0.10 -5.80 -2.34
N ILE C 78 -0.88 -4.74 -2.19
CA ILE C 78 -0.97 -4.05 -0.91
C ILE C 78 -1.88 -4.80 0.05
N ILE C 79 -1.39 -5.04 1.26
CA ILE C 79 -2.16 -5.74 2.26
C ILE C 79 -2.42 -4.85 3.47
N PHE C 80 -3.70 -4.56 3.71
CA PHE C 80 -4.10 -3.74 4.84
C PHE C 80 -4.20 -4.56 6.12
N PRO C 81 -4.22 -3.92 7.26
CA PRO C 81 -4.33 -4.64 8.56
C PRO C 81 -5.55 -5.55 8.58
N ASP C 82 -5.38 -6.75 9.12
CA ASP C 82 -6.47 -7.70 9.19
C ASP C 82 -7.04 -8.00 7.80
N ASP C 83 -6.31 -7.63 6.74
CA ASP C 83 -6.77 -7.89 5.38
C ASP C 83 -6.27 -9.24 4.90
N CYS C 84 -5.01 -9.55 5.23
CA CYS C 84 -4.42 -10.81 4.81
C CYS C 84 -3.82 -11.53 6.00
N GLU C 85 -3.85 -12.86 5.94
CA GLU C 85 -3.34 -13.69 7.01
C GLU C 85 -2.23 -14.62 6.51
N PHE C 86 -1.11 -14.61 7.21
CA PHE C 86 0.01 -15.46 6.86
C PHE C 86 0.12 -16.60 7.87
N LYS C 87 -0.04 -17.83 7.39
CA LYS C 87 0.01 -18.99 8.28
C LYS C 87 0.68 -20.18 7.63
N ARG C 88 1.00 -21.19 8.42
CA ARG C 88 1.63 -22.39 7.90
C ARG C 88 0.58 -23.32 7.32
N VAL C 89 1.01 -24.24 6.47
CA VAL C 89 0.08 -25.18 5.84
C VAL C 89 0.33 -26.59 6.37
N PRO C 90 -0.34 -26.99 7.44
CA PRO C 90 -0.17 -28.35 8.02
C PRO C 90 -0.96 -29.40 7.25
N GLN C 91 -0.66 -29.56 5.97
CA GLN C 91 -1.33 -30.55 5.14
C GLN C 91 -0.33 -31.61 4.67
N CYS C 92 0.87 -31.15 4.32
CA CYS C 92 1.91 -32.07 3.85
C CYS C 92 3.20 -31.86 4.64
N PRO C 93 3.29 -32.44 5.82
CA PRO C 93 4.50 -32.29 6.66
C PRO C 93 5.73 -32.89 5.99
N SER C 94 6.81 -32.11 5.95
CA SER C 94 8.06 -32.55 5.34
C SER C 94 9.02 -31.38 5.23
N GLY C 95 8.49 -30.20 4.89
CA GLY C 95 9.32 -29.02 4.74
C GLY C 95 8.65 -27.79 5.37
N ARG C 96 8.88 -26.63 4.76
CA ARG C 96 8.30 -25.40 5.26
C ARG C 96 7.36 -24.79 4.22
N VAL C 97 6.05 -24.88 4.48
CA VAL C 97 5.05 -24.35 3.57
C VAL C 97 4.10 -23.40 4.30
N TYR C 98 3.92 -22.22 3.72
CA TYR C 98 3.04 -21.21 4.30
C TYR C 98 2.02 -20.75 3.27
N VAL C 99 0.87 -20.27 3.75
CA VAL C 99 -0.18 -19.81 2.86
C VAL C 99 -0.66 -18.43 3.28
N LEU C 100 -0.83 -17.56 2.30
CA LEU C 100 -1.31 -16.22 2.56
C LEU C 100 -2.77 -16.15 2.13
N LYS C 101 -3.67 -15.87 3.06
CA LYS C 101 -5.09 -15.81 2.73
C LYS C 101 -5.65 -14.43 2.96
N PHE C 102 -6.37 -13.93 1.98
CA PHE C 102 -6.97 -12.61 2.10
C PHE C 102 -8.33 -12.74 2.76
N LYS C 103 -8.44 -12.18 3.95
CA LYS C 103 -9.68 -12.26 4.69
C LYS C 103 -10.81 -11.62 3.90
N ALA C 104 -10.48 -10.60 3.12
CA ALA C 104 -11.49 -9.91 2.33
C ALA C 104 -11.29 -10.16 0.83
N GLY C 105 -10.07 -10.53 0.47
CA GLY C 105 -9.75 -10.79 -0.93
C GLY C 105 -10.36 -12.09 -1.43
N SER C 106 -10.67 -12.99 -0.51
CA SER C 106 -11.26 -14.28 -0.87
C SER C 106 -10.28 -15.14 -1.66
N LYS C 107 -9.01 -14.73 -1.69
CA LYS C 107 -7.99 -15.47 -2.43
C LYS C 107 -6.89 -15.97 -1.49
N ARG C 108 -6.21 -17.03 -1.89
CA ARG C 108 -5.14 -17.58 -1.08
C ARG C 108 -3.91 -17.91 -1.93
N LEU C 109 -2.74 -17.68 -1.36
CA LEU C 109 -1.49 -17.95 -2.05
C LEU C 109 -0.68 -18.97 -1.28
N PHE C 110 0.15 -19.73 -1.98
CA PHE C 110 0.97 -20.75 -1.33
C PHE C 110 2.45 -20.48 -1.59
N PHE C 111 3.25 -20.59 -0.53
CA PHE C 111 4.69 -20.37 -0.65
C PHE C 111 5.46 -21.37 0.19
N TRP C 112 6.71 -21.57 -0.18
CA TRP C 112 7.56 -22.47 0.55
C TRP C 112 8.92 -21.81 0.83
N MET C 113 9.43 -22.01 2.04
CA MET C 113 10.69 -21.40 2.44
C MET C 113 11.87 -22.04 1.70
N GLN C 114 12.74 -21.19 1.17
CA GLN C 114 13.91 -21.66 0.42
C GLN C 114 15.21 -21.29 1.14
N GLU C 115 15.09 -20.66 2.30
CA GLU C 115 16.28 -20.27 3.05
C GLU C 115 17.04 -21.51 3.54
N PRO C 116 18.35 -21.46 3.61
CA PRO C 116 19.17 -22.63 4.05
C PRO C 116 18.76 -23.12 5.44
N LYS C 117 18.48 -22.19 6.33
CA LYS C 117 18.09 -22.55 7.69
C LYS C 117 16.73 -21.96 8.04
N THR C 118 15.98 -22.69 8.86
CA THR C 118 14.66 -22.24 9.27
C THR C 118 14.75 -21.57 10.64
N ASP C 119 15.97 -21.29 11.09
CA ASP C 119 16.17 -20.65 12.38
C ASP C 119 15.47 -19.30 12.42
N GLN C 120 15.21 -18.74 11.24
CA GLN C 120 14.54 -17.45 11.15
C GLN C 120 13.19 -17.58 10.44
N ASP C 121 12.79 -18.81 10.15
CA ASP C 121 11.53 -19.04 9.46
C ASP C 121 10.36 -18.54 10.29
N GLU C 122 10.37 -18.88 11.57
CA GLU C 122 9.30 -18.47 12.46
C GLU C 122 9.27 -16.95 12.60
N GLU C 123 10.44 -16.36 12.70
CA GLU C 123 10.54 -14.92 12.84
C GLU C 123 10.00 -14.21 11.61
N HIS C 124 10.36 -14.74 10.44
CA HIS C 124 9.91 -14.15 9.19
C HIS C 124 8.42 -14.30 9.08
N CYS C 125 7.95 -15.44 9.49
CA CYS C 125 6.54 -15.74 9.46
C CYS C 125 5.80 -14.80 10.40
N ARG C 126 6.36 -14.60 11.59
CA ARG C 126 5.75 -13.73 12.58
C ARG C 126 5.77 -12.29 12.12
N LYS C 127 6.91 -11.88 11.55
CA LYS C 127 7.07 -10.53 11.07
C LYS C 127 6.09 -10.25 9.93
N VAL C 128 5.93 -11.22 9.04
CA VAL C 128 5.01 -11.04 7.94
C VAL C 128 3.60 -10.74 8.47
N ASN C 129 3.15 -11.53 9.42
CA ASN C 129 1.83 -11.32 10.00
C ASN C 129 1.78 -9.99 10.71
N GLU C 130 2.86 -9.63 11.38
CA GLU C 130 2.88 -8.38 12.12
C GLU C 130 2.95 -7.18 11.18
N TYR C 131 3.56 -7.35 10.03
CA TYR C 131 3.67 -6.25 9.08
C TYR C 131 2.39 -6.12 8.25
N LEU C 132 1.72 -7.24 8.04
CA LEU C 132 0.49 -7.24 7.25
C LEU C 132 -0.73 -7.00 8.13
N ASN C 133 -0.60 -7.24 9.43
CA ASN C 133 -1.71 -7.03 10.34
C ASN C 133 -1.42 -5.86 11.26
N ASN C 134 -0.13 -5.58 11.46
CA ASN C 134 0.26 -4.47 12.32
C ASN C 134 1.34 -3.61 11.68
N PRO C 135 0.98 -2.84 10.68
CA PRO C 135 1.95 -1.97 9.95
C PRO C 135 2.61 -0.94 10.88
N PRO C 136 3.81 -0.52 10.59
CA PRO C 136 4.55 0.48 11.42
C PRO C 136 4.04 1.89 11.19
N GLN D 5 24.08 -26.21 1.49
CA GLN D 5 23.57 -25.61 0.22
C GLN D 5 22.10 -25.24 0.39
N GLU D 6 21.47 -24.80 -0.68
CA GLU D 6 20.07 -24.40 -0.63
C GLU D 6 19.17 -25.65 -0.47
N PRO D 7 18.04 -25.52 0.17
CA PRO D 7 17.09 -26.66 0.38
C PRO D 7 16.28 -26.96 -0.89
N GLU D 8 15.90 -28.22 -1.04
CA GLU D 8 15.12 -28.63 -2.20
C GLU D 8 13.64 -28.31 -1.97
N PRO D 9 12.88 -28.09 -3.02
CA PRO D 9 11.42 -27.78 -2.90
C PRO D 9 10.60 -29.00 -2.46
N PRO D 10 9.43 -28.78 -1.94
CA PRO D 10 8.54 -29.88 -1.45
C PRO D 10 7.92 -30.66 -2.62
N GLU D 11 6.94 -31.50 -2.31
CA GLU D 11 6.29 -32.30 -3.35
C GLU D 11 4.78 -31.99 -3.37
N PRO D 12 4.11 -32.29 -4.46
CA PRO D 12 2.65 -32.02 -4.61
C PRO D 12 1.83 -32.68 -3.52
N PHE D 13 0.76 -32.00 -3.08
CA PHE D 13 -0.10 -32.53 -2.03
C PHE D 13 -1.50 -31.95 -2.13
N GLU D 14 -2.43 -32.59 -1.44
CA GLU D 14 -3.81 -32.13 -1.46
C GLU D 14 -4.03 -31.05 -0.39
N TYR D 15 -4.72 -29.99 -0.79
CA TYR D 15 -5.02 -28.88 0.10
C TYR D 15 -6.52 -28.70 0.23
N ILE D 16 -6.97 -28.56 1.46
CA ILE D 16 -8.39 -28.37 1.71
C ILE D 16 -8.59 -27.20 2.64
N ASP D 17 -9.48 -26.29 2.28
CA ASP D 17 -9.71 -25.13 3.13
C ASP D 17 -10.56 -25.51 4.33
N ASP D 18 -9.89 -26.00 5.37
CA ASP D 18 -10.59 -26.40 6.58
C ASP D 18 -10.96 -25.17 7.40
N MET A 1 2.77 25.13 -16.15
CA MET A 1 1.74 25.50 -15.14
C MET A 1 2.42 26.18 -13.97
N GLN A 2 2.82 27.42 -14.18
CA GLN A 2 3.47 28.19 -13.15
C GLN A 2 2.54 28.41 -11.97
N ILE A 3 3.10 28.82 -10.86
CA ILE A 3 2.32 29.07 -9.66
C ILE A 3 2.90 30.25 -8.88
N PHE A 4 2.01 31.06 -8.33
CA PHE A 4 2.44 32.24 -7.58
C PHE A 4 2.73 31.88 -6.13
N VAL A 5 3.93 32.17 -5.67
CA VAL A 5 4.29 31.87 -4.28
C VAL A 5 4.40 33.15 -3.48
N LYS A 6 3.54 33.30 -2.47
CA LYS A 6 3.56 34.51 -1.67
C LYS A 6 4.39 34.29 -0.41
N THR A 7 5.42 35.13 -0.24
CA THR A 7 6.29 35.03 0.92
C THR A 7 5.70 35.77 2.12
N LEU A 8 6.34 35.62 3.26
CA LEU A 8 5.88 36.26 4.48
C LEU A 8 5.89 37.78 4.32
N THR A 9 6.91 38.27 3.62
CA THR A 9 7.04 39.70 3.39
C THR A 9 5.92 40.22 2.48
N GLY A 10 5.18 39.30 1.86
CA GLY A 10 4.10 39.68 0.98
C GLY A 10 4.54 39.63 -0.48
N LYS A 11 5.84 39.53 -0.72
CA LYS A 11 6.37 39.47 -2.07
C LYS A 11 5.92 38.18 -2.74
N THR A 12 5.38 38.29 -3.95
CA THR A 12 4.91 37.12 -4.68
C THR A 12 5.89 36.75 -5.80
N ILE A 13 6.25 35.48 -5.86
CA ILE A 13 7.18 35.00 -6.87
C ILE A 13 6.58 33.84 -7.65
N THR A 14 6.27 34.07 -8.92
CA THR A 14 5.69 33.03 -9.75
C THR A 14 6.79 32.11 -10.27
N LEU A 15 6.59 30.80 -10.10
CA LEU A 15 7.58 29.84 -10.56
C LEU A 15 6.95 28.85 -11.54
N GLU A 16 7.61 28.64 -12.67
CA GLU A 16 7.10 27.71 -13.67
C GLU A 16 7.23 26.27 -13.20
N VAL A 17 6.09 25.62 -13.01
CA VAL A 17 6.07 24.23 -12.56
C VAL A 17 5.07 23.42 -13.37
N GLU A 18 5.17 22.11 -13.29
CA GLU A 18 4.25 21.22 -14.01
C GLU A 18 3.25 20.60 -13.04
N PRO A 19 2.08 20.24 -13.50
CA PRO A 19 1.03 19.64 -12.62
C PRO A 19 1.53 18.37 -11.92
N SER A 20 2.38 17.62 -12.60
CA SER A 20 2.94 16.40 -12.03
C SER A 20 4.20 16.70 -11.21
N ASP A 21 4.60 17.96 -11.18
CA ASP A 21 5.78 18.36 -10.44
C ASP A 21 5.61 18.09 -8.95
N THR A 22 6.65 17.55 -8.32
CA THR A 22 6.59 17.24 -6.90
C THR A 22 6.79 18.50 -6.07
N ILE A 23 6.43 18.42 -4.79
CA ILE A 23 6.56 19.55 -3.89
C ILE A 23 8.03 19.92 -3.70
N GLU A 24 8.87 18.90 -3.55
CA GLU A 24 10.29 19.14 -3.36
C GLU A 24 10.85 19.93 -4.54
N ASN A 25 10.35 19.65 -5.73
CA ASN A 25 10.79 20.36 -6.92
C ASN A 25 10.41 21.83 -6.86
N VAL A 26 9.20 22.08 -6.38
CA VAL A 26 8.71 23.45 -6.26
C VAL A 26 9.54 24.23 -5.25
N LYS A 27 9.86 23.58 -4.13
CA LYS A 27 10.66 24.23 -3.10
C LYS A 27 12.02 24.62 -3.65
N ALA A 28 12.60 23.75 -4.47
CA ALA A 28 13.90 24.05 -5.06
C ALA A 28 13.82 25.30 -5.91
N LYS A 29 12.71 25.44 -6.64
CA LYS A 29 12.53 26.61 -7.49
C LYS A 29 12.54 27.85 -6.63
N ILE A 30 11.93 27.75 -5.46
CA ILE A 30 11.90 28.88 -4.54
C ILE A 30 13.30 29.21 -4.05
N GLN A 31 14.09 28.17 -3.77
CA GLN A 31 15.46 28.37 -3.28
C GLN A 31 16.27 29.16 -4.30
N ASP A 32 16.09 28.83 -5.58
CA ASP A 32 16.82 29.53 -6.64
C ASP A 32 16.43 31.00 -6.70
N LYS A 33 15.14 31.26 -6.53
CA LYS A 33 14.64 32.62 -6.60
C LYS A 33 15.06 33.45 -5.38
N GLU A 34 14.59 33.02 -4.21
CA GLU A 34 14.93 33.72 -2.97
C GLU A 34 15.90 32.87 -2.17
N GLY A 35 16.61 33.50 -1.25
CA GLY A 35 17.57 32.79 -0.42
C GLY A 35 16.86 32.02 0.69
N ILE A 36 15.90 31.18 0.31
CA ILE A 36 15.15 30.39 1.28
C ILE A 36 15.57 28.92 1.20
N PRO A 37 16.07 28.33 2.27
CA PRO A 37 16.50 26.90 2.25
C PRO A 37 15.30 25.95 2.20
N PRO A 38 15.51 24.73 1.79
CA PRO A 38 14.40 23.73 1.69
C PRO A 38 13.68 23.52 3.02
N ASP A 39 14.45 23.51 4.11
CA ASP A 39 13.86 23.30 5.44
C ASP A 39 12.88 24.42 5.76
N GLN A 40 13.32 25.66 5.58
CA GLN A 40 12.46 26.81 5.86
C GLN A 40 11.31 26.87 4.86
N GLN A 41 11.61 26.56 3.61
CA GLN A 41 10.60 26.61 2.56
C GLN A 41 9.39 25.75 2.92
N ARG A 42 8.37 26.39 3.47
CA ARG A 42 7.16 25.68 3.83
C ARG A 42 6.08 25.98 2.80
N LEU A 43 5.73 24.97 2.00
CA LEU A 43 4.72 25.13 0.96
C LEU A 43 3.34 24.75 1.49
N ILE A 44 2.42 25.71 1.49
CA ILE A 44 1.06 25.44 1.97
C ILE A 44 0.04 25.95 0.95
N PHE A 45 -0.90 25.09 0.56
CA PHE A 45 -1.91 25.48 -0.40
C PHE A 45 -3.31 25.17 0.13
N ALA A 46 -4.19 26.17 0.07
CA ALA A 46 -5.56 26.00 0.56
C ALA A 46 -5.56 25.64 2.04
N GLY A 47 -4.52 26.04 2.75
CA GLY A 47 -4.41 25.76 4.18
C GLY A 47 -3.90 24.34 4.42
N LYS A 48 -3.60 23.61 3.34
CA LYS A 48 -3.11 22.25 3.46
C LYS A 48 -1.60 22.22 3.21
N GLN A 49 -0.87 21.72 4.20
CA GLN A 49 0.58 21.64 4.08
C GLN A 49 0.97 20.66 2.98
N LEU A 50 1.90 21.07 2.13
CA LEU A 50 2.35 20.21 1.04
C LEU A 50 3.48 19.30 1.50
N GLU A 51 3.14 18.04 1.76
CA GLU A 51 4.12 17.06 2.22
C GLU A 51 5.03 16.64 1.07
N ASP A 52 6.29 16.36 1.40
CA ASP A 52 7.24 15.94 0.39
C ASP A 52 6.80 14.63 -0.26
N GLY A 53 7.09 14.51 -1.54
CA GLY A 53 6.71 13.32 -2.29
C GLY A 53 5.36 13.51 -2.98
N ARG A 54 4.62 14.54 -2.57
CA ARG A 54 3.32 14.82 -3.18
C ARG A 54 3.52 15.63 -4.46
N THR A 55 2.45 15.75 -5.24
CA THR A 55 2.52 16.51 -6.47
C THR A 55 1.58 17.71 -6.41
N LEU A 56 1.80 18.69 -7.28
CA LEU A 56 0.97 19.88 -7.28
C LEU A 56 -0.50 19.53 -7.57
N SER A 57 -0.70 18.61 -8.51
CA SER A 57 -2.06 18.20 -8.86
C SER A 57 -2.74 17.55 -7.67
N ASP A 58 -1.95 17.00 -6.75
CA ASP A 58 -2.49 16.36 -5.56
C ASP A 58 -3.26 17.37 -4.72
N TYR A 59 -2.73 18.58 -4.66
CA TYR A 59 -3.34 19.65 -3.88
C TYR A 59 -4.24 20.52 -4.76
N ASN A 60 -4.54 20.04 -5.96
CA ASN A 60 -5.39 20.79 -6.87
C ASN A 60 -4.77 22.16 -7.14
N ILE A 61 -3.46 22.18 -7.33
CA ILE A 61 -2.75 23.42 -7.59
C ILE A 61 -2.65 23.64 -9.10
N GLN A 62 -3.44 24.57 -9.61
CA GLN A 62 -3.45 24.87 -11.03
C GLN A 62 -2.48 25.99 -11.37
N LYS A 63 -2.51 26.42 -12.61
CA LYS A 63 -1.62 27.49 -13.03
C LYS A 63 -1.98 28.78 -12.32
N GLU A 64 -0.97 29.57 -12.00
CA GLU A 64 -1.16 30.84 -11.32
C GLU A 64 -1.75 30.64 -9.93
N SER A 65 -1.75 29.39 -9.44
CA SER A 65 -2.27 29.12 -8.11
C SER A 65 -1.40 29.79 -7.07
N THR A 66 -2.03 30.49 -6.13
CA THR A 66 -1.29 31.18 -5.07
C THR A 66 -0.97 30.21 -3.94
N LEU A 67 0.29 30.14 -3.56
CA LEU A 67 0.71 29.24 -2.50
C LEU A 67 1.33 30.05 -1.36
N HIS A 68 1.04 29.64 -0.13
CA HIS A 68 1.58 30.33 1.03
C HIS A 68 2.95 29.77 1.38
N LEU A 69 3.94 30.65 1.43
CA LEU A 69 5.30 30.24 1.76
C LEU A 69 5.67 30.75 3.14
N VAL A 70 5.99 29.84 4.04
CA VAL A 70 6.36 30.23 5.40
C VAL A 70 7.80 29.82 5.67
N LEU A 71 8.58 30.75 6.21
CA LEU A 71 9.98 30.49 6.50
C LEU A 71 10.15 30.01 7.93
N ARG A 72 9.15 29.29 8.43
CA ARG A 72 9.20 28.77 9.80
C ARG A 72 9.32 29.92 10.79
N LEU A 73 8.55 30.98 10.56
CA LEU A 73 8.57 32.14 11.46
C LEU A 73 7.37 32.13 12.38
N ARG A 74 7.62 32.15 13.69
CA ARG A 74 6.53 32.15 14.66
C ARG A 74 6.22 33.58 15.09
N GLY A 75 4.95 33.97 14.96
CA GLY A 75 4.53 35.30 15.35
C GLY A 75 4.77 35.55 16.83
N GLY A 76 4.50 34.54 17.64
CA GLY A 76 4.68 34.66 19.08
C GLY A 76 3.49 35.36 19.74
N ASP A 77 2.48 35.69 18.94
CA ASP A 77 1.30 36.37 19.47
C ASP A 77 0.16 35.37 19.70
N MET B 1 -25.71 -4.64 -4.98
CA MET B 1 -24.49 -5.29 -4.40
C MET B 1 -23.66 -4.23 -3.73
N GLN B 2 -24.11 -3.77 -2.59
CA GLN B 2 -23.41 -2.76 -1.84
C GLN B 2 -22.08 -3.30 -1.34
N ILE B 3 -21.20 -2.40 -0.97
CA ILE B 3 -19.88 -2.78 -0.48
C ILE B 3 -19.48 -1.87 0.66
N PHE B 4 -18.73 -2.42 1.62
CA PHE B 4 -18.30 -1.66 2.79
C PHE B 4 -16.97 -0.97 2.53
N VAL B 5 -17.00 0.32 2.23
CA VAL B 5 -15.76 1.04 1.98
C VAL B 5 -15.18 1.58 3.28
N LYS B 6 -14.17 0.89 3.79
CA LYS B 6 -13.53 1.31 5.01
C LYS B 6 -12.64 2.51 4.74
N THR B 7 -12.76 3.53 5.57
CA THR B 7 -11.96 4.74 5.41
C THR B 7 -10.48 4.42 5.61
N LEU B 8 -9.70 5.38 6.08
CA LEU B 8 -8.29 5.16 6.27
C LEU B 8 -8.09 4.02 7.26
N THR B 9 -8.92 3.99 8.29
CA THR B 9 -8.82 2.94 9.30
C THR B 9 -9.88 3.13 10.40
N GLY B 10 -10.91 2.27 10.39
CA GLY B 10 -11.97 2.35 11.39
C GLY B 10 -13.34 2.58 10.76
N LYS B 11 -13.70 3.85 10.59
CA LYS B 11 -15.00 4.19 10.00
C LYS B 11 -15.23 3.42 8.72
N THR B 12 -16.46 2.96 8.52
CA THR B 12 -16.82 2.20 7.33
C THR B 12 -18.03 2.82 6.63
N ILE B 13 -17.96 2.88 5.31
CA ILE B 13 -19.03 3.48 4.53
C ILE B 13 -19.59 2.48 3.52
N THR B 14 -20.84 2.04 3.72
CA THR B 14 -21.44 1.10 2.79
C THR B 14 -22.07 1.85 1.61
N LEU B 15 -21.69 1.48 0.40
CA LEU B 15 -22.24 2.12 -0.78
C LEU B 15 -22.88 1.10 -1.69
N GLU B 16 -24.11 1.36 -2.13
CA GLU B 16 -24.81 0.44 -3.01
C GLU B 16 -24.22 0.52 -4.42
N VAL B 17 -23.63 -0.60 -4.85
CA VAL B 17 -23.04 -0.65 -6.19
C VAL B 17 -23.46 -1.93 -6.91
N GLU B 18 -23.22 -1.97 -8.20
CA GLU B 18 -23.57 -3.14 -9.00
C GLU B 18 -22.31 -3.84 -9.48
N PRO B 19 -22.35 -5.13 -9.71
CA PRO B 19 -21.15 -5.89 -10.17
C PRO B 19 -20.60 -5.32 -11.49
N SER B 20 -21.47 -4.71 -12.29
CA SER B 20 -21.05 -4.15 -13.57
C SER B 20 -20.55 -2.72 -13.40
N ASP B 21 -20.77 -2.11 -12.24
CA ASP B 21 -20.34 -0.73 -12.02
C ASP B 21 -18.82 -0.63 -12.09
N THR B 22 -18.35 0.47 -12.67
CA THR B 22 -16.92 0.69 -12.79
C THR B 22 -16.34 1.27 -11.51
N ILE B 23 -15.03 1.23 -11.40
CA ILE B 23 -14.34 1.74 -10.22
C ILE B 23 -14.60 3.23 -10.08
N GLU B 24 -14.63 3.94 -11.20
CA GLU B 24 -14.88 5.37 -11.21
C GLU B 24 -16.25 5.66 -10.58
N ASN B 25 -17.23 4.84 -10.93
CA ASN B 25 -18.58 5.01 -10.39
C ASN B 25 -18.56 4.88 -8.88
N VAL B 26 -17.82 3.90 -8.39
CA VAL B 26 -17.72 3.66 -6.96
C VAL B 26 -17.11 4.87 -6.24
N LYS B 27 -16.08 5.45 -6.85
CA LYS B 27 -15.42 6.60 -6.26
C LYS B 27 -16.41 7.77 -6.11
N ALA B 28 -17.25 7.94 -7.11
CA ALA B 28 -18.26 9.00 -7.08
C ALA B 28 -19.21 8.79 -5.91
N LYS B 29 -19.56 7.54 -5.66
CA LYS B 29 -20.46 7.23 -4.56
C LYS B 29 -19.83 7.70 -3.27
N ILE B 30 -18.52 7.52 -3.16
CA ILE B 30 -17.80 7.98 -1.97
C ILE B 30 -17.92 9.48 -1.85
N GLN B 31 -17.84 10.17 -2.98
CA GLN B 31 -17.95 11.62 -2.96
C GLN B 31 -19.31 12.05 -2.40
N ASP B 32 -20.37 11.39 -2.83
CA ASP B 32 -21.71 11.74 -2.36
C ASP B 32 -21.93 11.33 -0.89
N LYS B 33 -21.11 10.40 -0.40
CA LYS B 33 -21.25 9.93 0.99
C LYS B 33 -20.18 10.54 1.91
N GLU B 34 -19.20 11.25 1.34
CA GLU B 34 -18.14 11.85 2.14
C GLU B 34 -17.78 13.21 1.60
N GLY B 35 -17.68 13.30 0.29
CA GLY B 35 -17.35 14.56 -0.36
C GLY B 35 -15.97 14.49 -1.00
N ILE B 36 -15.44 13.29 -1.15
CA ILE B 36 -14.12 13.14 -1.75
C ILE B 36 -14.23 13.01 -3.27
N PRO B 37 -13.69 13.92 -4.03
CA PRO B 37 -13.72 13.83 -5.53
C PRO B 37 -13.03 12.56 -6.03
N PRO B 38 -13.12 12.29 -7.29
CA PRO B 38 -12.51 11.08 -7.90
C PRO B 38 -11.04 10.92 -7.51
N ASP B 39 -10.40 12.05 -7.21
CA ASP B 39 -9.00 12.02 -6.82
C ASP B 39 -8.89 12.14 -5.30
N GLN B 40 -7.67 12.22 -4.80
CA GLN B 40 -7.45 12.33 -3.36
C GLN B 40 -7.92 11.06 -2.64
N GLN B 41 -8.12 9.99 -3.41
CA GLN B 41 -8.56 8.74 -2.83
C GLN B 41 -8.18 7.57 -3.73
N ARG B 42 -8.14 6.39 -3.14
CA ARG B 42 -7.81 5.19 -3.89
C ARG B 42 -8.56 4.00 -3.31
N LEU B 43 -9.19 3.23 -4.19
CA LEU B 43 -9.94 2.06 -3.76
C LEU B 43 -9.11 0.81 -4.00
N ILE B 44 -8.73 0.13 -2.91
CA ILE B 44 -7.92 -1.08 -3.04
C ILE B 44 -8.66 -2.29 -2.47
N PHE B 45 -8.71 -3.36 -3.25
CA PHE B 45 -9.41 -4.58 -2.82
C PHE B 45 -8.67 -5.84 -3.26
N ALA B 46 -8.78 -6.90 -2.47
CA ALA B 46 -8.11 -8.16 -2.78
C ALA B 46 -6.60 -8.00 -2.67
N GLY B 47 -6.16 -6.93 -2.03
CA GLY B 47 -4.74 -6.67 -1.85
C GLY B 47 -4.19 -5.86 -3.01
N ARG B 48 -4.96 -5.76 -4.09
CA ARG B 48 -4.51 -5.01 -5.26
C ARG B 48 -5.39 -3.79 -5.47
N GLN B 49 -4.77 -2.70 -5.88
CA GLN B 49 -5.50 -1.48 -6.12
C GLN B 49 -6.40 -1.61 -7.34
N LEU B 50 -7.56 -0.95 -7.29
CA LEU B 50 -8.50 -1.03 -8.39
C LEU B 50 -8.15 -0.03 -9.47
N GLU B 51 -7.81 -0.55 -10.65
CA GLU B 51 -7.45 0.31 -11.77
C GLU B 51 -8.70 0.94 -12.38
N ASP B 52 -8.60 2.21 -12.73
CA ASP B 52 -9.73 2.91 -13.32
C ASP B 52 -10.16 2.23 -14.61
N GLY B 53 -11.46 2.28 -14.89
CA GLY B 53 -12.00 1.66 -16.10
C GLY B 53 -12.39 0.21 -15.84
N ARG B 54 -11.97 -0.33 -14.70
CA ARG B 54 -12.30 -1.71 -14.35
C ARG B 54 -13.68 -1.79 -13.70
N THR B 55 -14.20 -3.01 -13.57
CA THR B 55 -15.51 -3.21 -12.96
C THR B 55 -15.36 -3.97 -11.65
N LEU B 56 -16.37 -3.87 -10.78
CA LEU B 56 -16.30 -4.55 -9.50
C LEU B 56 -16.23 -6.07 -9.69
N SER B 57 -16.98 -6.57 -10.65
CA SER B 57 -16.99 -8.00 -10.93
C SER B 57 -15.60 -8.45 -11.40
N ASP B 58 -14.82 -7.51 -11.95
CA ASP B 58 -13.48 -7.81 -12.42
C ASP B 58 -12.60 -8.26 -11.26
N TYR B 59 -12.79 -7.62 -10.12
CA TYR B 59 -12.02 -7.94 -8.93
C TYR B 59 -12.78 -8.91 -8.02
N ASN B 60 -13.84 -9.51 -8.55
CA ASN B 60 -14.64 -10.44 -7.77
C ASN B 60 -15.15 -9.78 -6.50
N ILE B 61 -15.59 -8.53 -6.64
CA ILE B 61 -16.12 -7.78 -5.50
C ILE B 61 -17.61 -8.05 -5.36
N GLN B 62 -17.95 -8.90 -4.39
CA GLN B 62 -19.34 -9.24 -4.13
C GLN B 62 -19.95 -8.29 -3.13
N LYS B 63 -21.23 -8.49 -2.82
CA LYS B 63 -21.91 -7.63 -1.88
C LYS B 63 -21.24 -7.71 -0.50
N GLU B 64 -21.32 -6.63 0.25
CA GLU B 64 -20.72 -6.58 1.58
C GLU B 64 -19.22 -6.81 1.52
N SER B 65 -18.61 -6.39 0.41
CA SER B 65 -17.17 -6.54 0.23
C SER B 65 -16.45 -5.35 0.84
N THR B 66 -15.51 -5.63 1.72
CA THR B 66 -14.75 -4.57 2.38
C THR B 66 -13.70 -4.00 1.44
N LEU B 67 -13.77 -2.70 1.21
CA LEU B 67 -12.83 -2.03 0.33
C LEU B 67 -11.93 -1.10 1.13
N HIS B 68 -10.70 -0.91 0.67
CA HIS B 68 -9.78 -0.04 1.38
C HIS B 68 -9.73 1.34 0.74
N LEU B 69 -10.12 2.35 1.50
CA LEU B 69 -10.11 3.72 1.01
C LEU B 69 -8.88 4.44 1.54
N VAL B 70 -7.96 4.78 0.63
CA VAL B 70 -6.73 5.48 1.02
C VAL B 70 -6.75 6.89 0.45
N LEU B 71 -6.62 7.87 1.32
CA LEU B 71 -6.63 9.26 0.89
C LEU B 71 -5.20 9.79 0.71
N ARG B 72 -5.00 10.58 -0.34
CA ARG B 72 -3.67 11.13 -0.60
C ARG B 72 -3.21 12.04 0.54
N LEU B 73 -4.14 12.84 1.06
CA LEU B 73 -3.82 13.75 2.15
C LEU B 73 -4.97 13.80 3.15
N ARG B 74 -5.38 12.64 3.64
CA ARG B 74 -6.48 12.57 4.60
C ARG B 74 -7.68 13.40 4.11
N GLY B 75 -7.87 13.42 2.78
CA GLY B 75 -8.96 14.17 2.19
C GLY B 75 -8.46 15.47 1.58
N GLY B 76 -9.38 16.27 1.04
CA GLY B 76 -9.00 17.54 0.43
C GLY B 76 -8.04 18.33 1.32
N ASN C 24 11.15 2.33 -0.35
CA ASN C 24 11.21 2.54 1.13
C ASN C 24 11.87 1.34 1.80
N LYS C 25 11.94 1.38 3.13
CA LYS C 25 12.54 0.29 3.87
C LYS C 25 11.64 -0.94 3.84
N TYR C 26 12.26 -2.11 3.86
CA TYR C 26 11.49 -3.35 3.83
C TYR C 26 11.23 -3.87 5.22
N LEU C 27 9.97 -4.07 5.51
CA LEU C 27 9.57 -4.57 6.81
C LEU C 27 10.01 -6.01 6.98
N VAL C 28 9.96 -6.77 5.89
CA VAL C 28 10.39 -8.18 5.95
C VAL C 28 10.98 -8.58 4.62
N GLU C 29 11.76 -9.66 4.63
CA GLU C 29 12.37 -10.14 3.40
C GLU C 29 13.06 -11.48 3.64
N PHE C 30 12.65 -12.47 2.87
CA PHE C 30 13.24 -13.79 2.99
C PHE C 30 13.08 -14.59 1.69
N ARG C 31 13.92 -15.59 1.51
CA ARG C 31 13.86 -16.41 0.31
C ARG C 31 12.71 -17.40 0.39
N ALA C 32 11.78 -17.29 -0.55
CA ALA C 32 10.64 -18.20 -0.60
C ALA C 32 10.16 -18.36 -2.03
N GLY C 33 9.68 -19.55 -2.33
CA GLY C 33 9.17 -19.84 -3.66
C GLY C 33 7.65 -19.95 -3.61
N LYS C 34 7.01 -19.61 -4.72
CA LYS C 34 5.55 -19.67 -4.79
C LYS C 34 5.07 -21.04 -5.24
N MET C 35 3.80 -21.33 -4.98
CA MET C 35 3.22 -22.62 -5.37
C MET C 35 1.86 -22.38 -6.06
N SER C 36 1.30 -23.41 -6.69
CA SER C 36 0.03 -23.24 -7.38
C SER C 36 -1.01 -24.20 -6.82
N LEU C 37 -2.20 -23.70 -6.57
CA LEU C 37 -3.27 -24.53 -6.06
C LEU C 37 -4.41 -24.62 -7.07
N LYS C 38 -4.68 -25.83 -7.52
CA LYS C 38 -5.75 -26.05 -8.47
C LYS C 38 -6.74 -27.08 -7.92
N GLY C 39 -8.00 -26.66 -7.77
CA GLY C 39 -9.03 -27.54 -7.24
C GLY C 39 -8.78 -27.82 -5.76
N THR C 40 -7.95 -28.81 -5.48
CA THR C 40 -7.62 -29.17 -4.11
C THR C 40 -6.22 -29.74 -4.02
N THR C 41 -5.38 -29.41 -5.01
CA THR C 41 -4.01 -29.88 -5.02
C THR C 41 -3.04 -28.70 -5.10
N VAL C 42 -2.07 -28.66 -4.19
CA VAL C 42 -1.10 -27.58 -4.17
C VAL C 42 0.24 -28.10 -4.66
N THR C 43 0.76 -27.53 -5.74
CA THR C 43 2.04 -27.95 -6.28
C THR C 43 3.08 -26.84 -6.16
N PRO C 44 4.30 -27.13 -5.73
CA PRO C 44 5.36 -26.09 -5.58
C PRO C 44 5.94 -25.64 -6.92
N ASP C 45 6.37 -24.39 -6.98
CA ASP C 45 6.96 -23.86 -8.20
C ASP C 45 8.47 -23.75 -8.02
N LYS C 46 9.22 -24.04 -9.08
CA LYS C 46 10.67 -23.95 -9.02
C LYS C 46 11.14 -22.51 -9.17
N ARG C 47 10.21 -21.61 -9.50
CA ARG C 47 10.55 -20.22 -9.67
C ARG C 47 10.83 -19.60 -8.31
N LYS C 48 12.01 -19.92 -7.78
CA LYS C 48 12.40 -19.41 -6.47
C LYS C 48 12.38 -17.90 -6.49
N GLY C 49 11.81 -17.31 -5.45
CA GLY C 49 11.72 -15.86 -5.39
C GLY C 49 12.11 -15.35 -4.01
N LEU C 50 11.67 -14.13 -3.72
CA LEU C 50 11.94 -13.51 -2.45
C LEU C 50 10.68 -12.84 -1.95
N VAL C 51 10.26 -13.17 -0.75
CA VAL C 51 9.07 -12.56 -0.21
C VAL C 51 9.46 -11.44 0.71
N TYR C 52 9.20 -10.20 0.29
CA TYR C 52 9.56 -9.07 1.14
C TYR C 52 8.39 -8.09 1.23
N ILE C 53 8.37 -7.34 2.32
CA ILE C 53 7.33 -6.38 2.58
C ILE C 53 7.90 -4.99 2.70
N GLN C 54 7.21 -4.01 2.13
CA GLN C 54 7.66 -2.63 2.18
C GLN C 54 6.50 -1.69 2.50
N GLN C 55 6.69 -0.83 3.49
CA GLN C 55 5.67 0.13 3.85
C GLN C 55 5.98 1.48 3.24
N THR C 56 5.04 2.00 2.47
CA THR C 56 5.23 3.29 1.84
C THR C 56 4.88 4.42 2.77
N ASP C 57 5.19 5.63 2.35
CA ASP C 57 4.89 6.81 3.14
C ASP C 57 3.38 6.95 3.29
N ASP C 58 2.62 6.16 2.53
CA ASP C 58 1.17 6.21 2.62
C ASP C 58 0.66 5.26 3.70
N SER C 59 1.60 4.57 4.37
CA SER C 59 1.24 3.63 5.43
C SER C 59 0.57 2.40 4.84
N LEU C 60 0.79 2.19 3.55
CA LEU C 60 0.24 1.05 2.86
C LEU C 60 1.33 0.01 2.76
N ILE C 61 1.05 -1.16 3.29
CA ILE C 61 2.01 -2.22 3.27
C ILE C 61 2.01 -2.88 1.91
N HIS C 62 3.18 -2.93 1.30
CA HIS C 62 3.31 -3.51 -0.02
C HIS C 62 3.86 -4.93 0.07
N PHE C 63 3.05 -5.89 -0.34
CA PHE C 63 3.47 -7.29 -0.33
C PHE C 63 4.00 -7.64 -1.71
N CYS C 64 5.30 -7.81 -1.81
CA CYS C 64 5.90 -8.09 -3.11
C CYS C 64 6.68 -9.40 -3.12
N TRP C 65 6.59 -10.07 -4.26
CA TRP C 65 7.30 -11.32 -4.47
C TRP C 65 8.14 -11.17 -5.73
N LYS C 66 9.45 -11.22 -5.56
CA LYS C 66 10.34 -11.05 -6.68
C LYS C 66 10.95 -12.39 -7.08
N ASP C 67 11.14 -12.57 -8.37
CA ASP C 67 11.72 -13.82 -8.86
C ASP C 67 13.23 -13.75 -8.70
N ARG C 68 13.82 -14.80 -8.12
CA ARG C 68 15.27 -14.84 -7.91
C ARG C 68 15.99 -15.04 -9.23
N THR C 69 15.27 -15.51 -10.24
CA THR C 69 15.84 -15.75 -11.55
C THR C 69 16.43 -14.48 -12.15
N SER C 70 15.67 -13.39 -12.06
CA SER C 70 16.13 -12.12 -12.59
C SER C 70 16.27 -11.10 -11.47
N GLY C 71 15.72 -11.43 -10.31
CA GLY C 71 15.77 -10.54 -9.16
C GLY C 71 14.82 -9.37 -9.34
N ASN C 72 13.79 -9.56 -10.16
CA ASN C 72 12.81 -8.52 -10.42
C ASN C 72 11.53 -8.79 -9.63
N VAL C 73 10.80 -7.73 -9.30
CA VAL C 73 9.56 -7.89 -8.55
C VAL C 73 8.43 -8.33 -9.47
N GLU C 74 8.10 -9.62 -9.41
CA GLU C 74 7.04 -10.19 -10.22
C GLU C 74 5.67 -9.81 -9.67
N ASP C 75 5.56 -9.73 -8.34
CA ASP C 75 4.28 -9.41 -7.71
C ASP C 75 4.39 -8.21 -6.77
N ASP C 76 3.31 -7.43 -6.69
CA ASP C 76 3.28 -6.25 -5.82
C ASP C 76 1.84 -5.87 -5.48
N LEU C 77 1.38 -6.27 -4.31
CA LEU C 77 0.01 -5.97 -3.88
C LEU C 77 -0.01 -5.34 -2.50
N ILE C 78 -0.75 -4.25 -2.36
CA ILE C 78 -0.86 -3.59 -1.08
C ILE C 78 -1.80 -4.37 -0.17
N ILE C 79 -1.32 -4.74 1.01
CA ILE C 79 -2.13 -5.49 1.94
C ILE C 79 -2.48 -4.63 3.15
N PHE C 80 -3.75 -4.58 3.47
CA PHE C 80 -4.24 -3.80 4.61
C PHE C 80 -4.33 -4.66 5.87
N PRO C 81 -4.39 -4.04 7.03
CA PRO C 81 -4.50 -4.79 8.30
C PRO C 81 -5.71 -5.72 8.31
N ASP C 82 -5.55 -6.91 8.86
CA ASP C 82 -6.63 -7.88 8.92
C ASP C 82 -7.13 -8.24 7.52
N ASP C 83 -6.38 -7.86 6.49
CA ASP C 83 -6.78 -8.16 5.12
C ASP C 83 -6.28 -9.55 4.71
N CYS C 84 -5.07 -9.88 5.15
CA CYS C 84 -4.47 -11.17 4.81
C CYS C 84 -3.91 -11.87 6.04
N GLU C 85 -3.87 -13.18 5.97
CA GLU C 85 -3.36 -13.99 7.07
C GLU C 85 -2.24 -14.92 6.58
N PHE C 86 -1.11 -14.90 7.29
CA PHE C 86 0.02 -15.75 6.93
C PHE C 86 0.07 -16.93 7.90
N LYS C 87 -0.09 -18.14 7.37
CA LYS C 87 -0.08 -19.32 8.23
C LYS C 87 0.61 -20.49 7.56
N ARG C 88 0.92 -21.51 8.35
CA ARG C 88 1.58 -22.70 7.81
C ARG C 88 0.55 -23.65 7.22
N VAL C 89 1.00 -24.54 6.35
CA VAL C 89 0.09 -25.49 5.71
C VAL C 89 0.39 -26.91 6.22
N PRO C 90 -0.24 -27.35 7.28
CA PRO C 90 -0.03 -28.70 7.83
C PRO C 90 -0.75 -29.79 7.04
N GLN C 91 -0.40 -29.90 5.76
CA GLN C 91 -1.01 -30.90 4.90
C GLN C 91 0.02 -31.93 4.46
N CYS C 92 1.24 -31.45 4.21
CA CYS C 92 2.33 -32.34 3.79
C CYS C 92 3.59 -32.06 4.59
N PRO C 93 3.62 -32.52 5.82
CA PRO C 93 4.81 -32.32 6.71
C PRO C 93 6.08 -32.85 6.06
N SER C 94 7.13 -32.03 6.05
CA SER C 94 8.41 -32.40 5.48
C SER C 94 9.32 -31.17 5.37
N GLY C 95 8.73 -30.05 4.94
CA GLY C 95 9.50 -28.82 4.79
C GLY C 95 8.76 -27.63 5.40
N ARG C 96 8.99 -26.45 4.84
CA ARG C 96 8.35 -25.25 5.33
C ARG C 96 7.41 -24.67 4.27
N VAL C 97 6.10 -24.84 4.50
CA VAL C 97 5.10 -24.35 3.56
C VAL C 97 4.11 -23.45 4.28
N TYR C 98 3.91 -22.25 3.73
CA TYR C 98 2.99 -21.29 4.30
C TYR C 98 1.99 -20.83 3.24
N VAL C 99 0.80 -20.44 3.68
CA VAL C 99 -0.23 -19.99 2.76
C VAL C 99 -0.77 -18.63 3.19
N LEU C 100 -0.97 -17.75 2.23
CA LEU C 100 -1.49 -16.44 2.51
C LEU C 100 -2.97 -16.42 2.13
N LYS C 101 -3.83 -16.14 3.10
CA LYS C 101 -5.26 -16.12 2.84
C LYS C 101 -5.83 -14.75 3.10
N PHE C 102 -6.66 -14.27 2.19
CA PHE C 102 -7.26 -12.96 2.35
C PHE C 102 -8.51 -13.08 3.21
N LYS C 103 -8.48 -12.43 4.37
CA LYS C 103 -9.60 -12.48 5.28
C LYS C 103 -10.83 -11.91 4.62
N ALA C 104 -10.62 -10.85 3.83
CA ALA C 104 -11.74 -10.21 3.14
C ALA C 104 -11.82 -10.64 1.68
N GLY C 105 -10.79 -11.34 1.21
CA GLY C 105 -10.78 -11.79 -0.18
C GLY C 105 -10.94 -13.30 -0.26
N SER C 106 -11.47 -13.77 -1.39
CA SER C 106 -11.68 -15.20 -1.59
C SER C 106 -10.48 -15.81 -2.32
N LYS C 107 -9.34 -15.13 -2.24
CA LYS C 107 -8.13 -15.61 -2.90
C LYS C 107 -7.03 -15.89 -1.90
N ARG C 108 -6.24 -16.92 -2.18
CA ARG C 108 -5.14 -17.30 -1.30
C ARG C 108 -3.90 -17.70 -2.12
N LEU C 109 -2.73 -17.53 -1.52
CA LEU C 109 -1.48 -17.85 -2.18
C LEU C 109 -0.70 -18.89 -1.39
N PHE C 110 0.22 -19.58 -2.04
CA PHE C 110 1.01 -20.59 -1.36
C PHE C 110 2.50 -20.32 -1.57
N PHE C 111 3.29 -20.48 -0.51
CA PHE C 111 4.72 -20.25 -0.60
C PHE C 111 5.48 -21.24 0.26
N TRP C 112 6.75 -21.38 -0.04
CA TRP C 112 7.60 -22.28 0.72
C TRP C 112 8.94 -21.61 0.99
N MET C 113 9.47 -21.82 2.19
CA MET C 113 10.74 -21.20 2.56
C MET C 113 11.90 -21.88 1.84
N GLN C 114 12.84 -21.07 1.38
CA GLN C 114 14.01 -21.58 0.69
C GLN C 114 15.28 -21.33 1.49
N GLU C 115 15.13 -20.78 2.70
CA GLU C 115 16.30 -20.50 3.53
C GLU C 115 16.92 -21.81 4.05
N PRO C 116 18.23 -21.87 4.22
CA PRO C 116 18.90 -23.11 4.71
C PRO C 116 18.41 -23.52 6.10
N LYS C 117 18.19 -22.53 6.96
CA LYS C 117 17.72 -22.80 8.32
C LYS C 117 16.37 -22.16 8.57
N THR C 118 15.56 -22.83 9.38
CA THR C 118 14.23 -22.33 9.71
C THR C 118 14.28 -21.49 10.98
N ASP C 119 15.48 -21.35 11.55
CA ASP C 119 15.64 -20.58 12.78
C ASP C 119 15.19 -19.15 12.55
N GLN C 120 15.12 -18.73 11.29
CA GLN C 120 14.69 -17.39 10.96
C GLN C 120 13.40 -17.41 10.15
N ASP C 121 13.09 -18.57 9.57
CA ASP C 121 11.89 -18.69 8.77
C ASP C 121 10.65 -18.41 9.60
N GLU C 122 10.64 -18.91 10.82
CA GLU C 122 9.50 -18.70 11.70
C GLU C 122 9.32 -17.22 12.04
N GLU C 123 10.43 -16.54 12.27
CA GLU C 123 10.40 -15.14 12.60
C GLU C 123 9.90 -14.33 11.41
N HIS C 124 10.37 -14.69 10.23
CA HIS C 124 9.98 -14.01 9.02
C HIS C 124 8.51 -14.20 8.79
N CYS C 125 8.06 -15.41 9.08
CA CYS C 125 6.67 -15.75 8.94
C CYS C 125 5.84 -14.89 9.89
N ARG C 126 6.34 -14.73 11.11
CA ARG C 126 5.64 -13.92 12.09
C ARG C 126 5.60 -12.47 11.64
N LYS C 127 6.74 -11.99 11.14
CA LYS C 127 6.84 -10.62 10.66
C LYS C 127 5.91 -10.39 9.48
N VAL C 128 5.78 -11.40 8.63
CA VAL C 128 4.92 -11.27 7.46
C VAL C 128 3.49 -10.94 7.86
N ASN C 129 2.95 -11.69 8.82
CA ASN C 129 1.57 -11.44 9.24
C ASN C 129 1.51 -10.26 10.19
N GLU C 130 2.59 -10.05 10.90
CA GLU C 130 2.64 -8.95 11.83
C GLU C 130 2.65 -7.61 11.12
N TYR C 131 3.35 -7.53 10.00
CA TYR C 131 3.41 -6.28 9.27
C TYR C 131 2.17 -6.09 8.41
N LEU C 132 1.61 -7.20 7.94
CA LEU C 132 0.43 -7.14 7.10
C LEU C 132 -0.84 -7.00 7.94
N ASN C 133 -0.76 -7.37 9.22
CA ASN C 133 -1.92 -7.26 10.09
C ASN C 133 -1.67 -6.23 11.17
N ASN C 134 -0.40 -5.90 11.36
CA ASN C 134 -0.03 -4.93 12.38
C ASN C 134 1.19 -4.11 11.94
N PRO C 135 0.98 -3.23 11.00
CA PRO C 135 2.07 -2.36 10.46
C PRO C 135 2.49 -1.27 11.45
N PRO C 136 3.65 -0.70 11.28
CA PRO C 136 4.17 0.37 12.19
C PRO C 136 3.14 1.46 12.45
N GLN D 5 22.53 -27.07 2.89
CA GLN D 5 21.93 -25.73 2.63
C GLN D 5 21.09 -25.77 1.36
N GLU D 6 20.45 -24.67 1.04
CA GLU D 6 19.63 -24.59 -0.16
C GLU D 6 18.66 -25.77 -0.21
N PRO D 7 17.66 -25.77 0.63
CA PRO D 7 16.65 -26.87 0.70
C PRO D 7 15.90 -27.05 -0.62
N GLU D 8 15.59 -28.29 -0.95
CA GLU D 8 14.86 -28.58 -2.18
C GLU D 8 13.40 -28.13 -2.03
N PRO D 9 12.75 -27.84 -3.12
CA PRO D 9 11.32 -27.37 -3.10
C PRO D 9 10.38 -28.45 -2.54
N PRO D 10 9.29 -28.07 -1.91
CA PRO D 10 8.32 -29.04 -1.34
C PRO D 10 7.80 -30.04 -2.39
N GLU D 11 6.78 -30.80 -2.03
CA GLU D 11 6.21 -31.77 -2.95
C GLU D 11 4.69 -31.56 -3.06
N PRO D 12 4.08 -31.95 -4.15
CA PRO D 12 2.60 -31.77 -4.34
C PRO D 12 1.79 -32.57 -3.33
N PHE D 13 0.68 -31.98 -2.90
CA PHE D 13 -0.19 -32.63 -1.92
C PHE D 13 -1.61 -32.09 -2.01
N GLU D 14 -2.55 -32.80 -1.40
CA GLU D 14 -3.95 -32.36 -1.41
C GLU D 14 -4.22 -31.43 -0.23
N TYR D 15 -4.88 -30.32 -0.50
CA TYR D 15 -5.21 -29.35 0.53
C TYR D 15 -6.72 -29.15 0.60
N ILE D 16 -7.27 -29.33 1.79
CA ILE D 16 -8.69 -29.16 1.99
C ILE D 16 -8.93 -28.25 3.18
N ASP D 17 -9.61 -27.14 2.93
CA ASP D 17 -9.88 -26.22 4.02
C ASP D 17 -11.08 -26.68 4.81
N ASP D 18 -10.84 -27.60 5.75
CA ASP D 18 -11.92 -28.12 6.59
C ASP D 18 -11.84 -27.51 7.99
#